data_1BWM
#
_entry.id   1BWM
#
_cell.length_a   1.000
_cell.length_b   1.000
_cell.length_c   1.000
_cell.angle_alpha   90.00
_cell.angle_beta   90.00
_cell.angle_gamma   90.00
#
_symmetry.space_group_name_H-M   'P 1'
#
_entity_poly.entity_id   1
_entity_poly.type   'polypeptide(L)'
_entity_poly.pdbx_seq_one_letter_code
;AVTQSPRNKVAVTGGKVTLSCNQTNNHNNMYWYRQDTGHGLRLIHYSYGAGSTEKGDIPDGYKASRPSQENFSLILELAT
PSQTSVYFCASGGQGRAEQFFGPGTRLTVLGSDYKDDDDKRSGGGGSGGGGSGGSGAQQQVRQSPQSLTVWEGETTILNC
SYEDSTFDYFPWYRQFPGKSPALLIAISLVSNKKEDGRFTIFFNKREKKLSLHITDSQPGDSATYFCAATGSFNKLTFGA
GTRLAVSPY
;
_entity_poly.pdbx_strand_id   A
#
# COMPACT_ATOMS: atom_id res chain seq x y z
N ALA A 1 21.69 -3.32 2.88
CA ALA A 1 20.55 -3.85 2.08
C ALA A 1 19.30 -3.00 2.33
N VAL A 2 18.18 -3.40 1.79
CA VAL A 2 16.93 -2.61 1.99
C VAL A 2 16.66 -2.44 3.49
N THR A 3 16.84 -1.24 4.00
CA THR A 3 16.61 -1.02 5.46
C THR A 3 15.91 0.31 5.68
N GLN A 4 15.63 0.62 6.92
CA GLN A 4 14.94 1.91 7.25
C GLN A 4 15.41 2.42 8.61
N SER A 5 15.15 3.66 8.93
CA SER A 5 15.58 4.22 10.24
C SER A 5 15.26 3.26 11.39
N PRO A 6 16.28 2.60 11.92
CA PRO A 6 16.08 1.64 13.03
C PRO A 6 15.54 2.36 14.27
N ARG A 7 15.82 3.63 14.40
CA ARG A 7 15.32 4.38 15.60
C ARG A 7 13.79 4.30 15.67
N ASN A 8 13.23 4.66 16.80
CA ASN A 8 11.74 4.61 16.95
C ASN A 8 11.26 5.78 17.81
N LYS A 9 10.43 6.63 17.28
CA LYS A 9 9.93 7.79 18.08
C LYS A 9 8.63 8.33 17.47
N VAL A 10 7.89 9.11 18.22
CA VAL A 10 6.63 9.68 17.69
C VAL A 10 6.76 11.19 17.53
N ALA A 11 5.85 11.80 16.81
CA ALA A 11 5.92 13.28 16.62
C ALA A 11 4.57 13.91 16.97
N VAL A 12 4.54 15.21 17.08
CA VAL A 12 3.28 15.91 17.40
C VAL A 12 2.91 16.85 16.25
N THR A 13 1.89 17.65 16.41
CA THR A 13 1.48 18.58 15.30
C THR A 13 2.71 19.26 14.69
N GLY A 14 3.03 18.93 13.47
CA GLY A 14 4.22 19.53 12.81
C GLY A 14 5.46 19.25 13.66
N GLY A 15 5.62 18.04 14.13
CA GLY A 15 6.80 17.71 14.97
C GLY A 15 8.02 17.48 14.07
N LYS A 16 8.25 16.26 13.67
CA LYS A 16 9.42 15.97 12.78
C LYS A 16 9.46 14.48 12.45
N VAL A 17 9.93 14.12 11.28
CA VAL A 17 9.99 12.68 10.91
C VAL A 17 11.38 12.34 10.38
N THR A 18 12.15 11.59 11.11
CA THR A 18 13.52 11.23 10.64
C THR A 18 13.52 9.79 10.11
N LEU A 19 13.81 9.61 8.86
CA LEU A 19 13.83 8.24 8.27
C LEU A 19 15.10 8.02 7.44
N SER A 20 15.63 6.83 7.48
CA SER A 20 16.86 6.55 6.69
C SER A 20 16.78 5.12 6.12
N CYS A 21 16.80 5.00 4.82
CA CYS A 21 16.72 3.64 4.20
C CYS A 21 17.93 3.40 3.29
N ASN A 22 18.35 2.17 3.17
CA ASN A 22 19.52 1.86 2.30
C ASN A 22 19.09 0.92 1.18
N GLN A 23 19.81 0.90 0.09
CA GLN A 23 19.43 0.00 -1.03
C GLN A 23 20.64 -0.76 -1.56
N THR A 24 20.64 -2.06 -1.42
CA THR A 24 21.78 -2.89 -1.93
C THR A 24 21.47 -4.36 -1.68
N ASN A 25 20.32 -4.80 -2.12
CA ASN A 25 19.94 -6.23 -1.94
C ASN A 25 19.69 -6.87 -3.30
N ASN A 26 20.38 -6.38 -4.31
CA ASN A 26 20.20 -6.92 -5.69
C ASN A 26 18.84 -6.51 -6.24
N HIS A 27 18.44 -5.28 -6.01
CA HIS A 27 17.12 -4.82 -6.52
C HIS A 27 17.33 -3.67 -7.52
N ASN A 28 16.81 -3.81 -8.72
CA ASN A 28 16.99 -2.73 -9.73
C ASN A 28 15.90 -1.66 -9.56
N ASN A 29 15.08 -1.78 -8.54
CA ASN A 29 14.00 -0.75 -8.34
C ASN A 29 13.63 -0.68 -6.85
N MET A 30 13.55 0.50 -6.31
CA MET A 30 13.18 0.65 -4.88
C MET A 30 11.89 1.45 -4.75
N TYR A 31 10.81 0.82 -4.35
CA TYR A 31 9.51 1.55 -4.21
C TYR A 31 9.31 1.99 -2.75
N TRP A 32 8.54 3.01 -2.54
CA TRP A 32 8.30 3.50 -1.14
C TRP A 32 6.80 3.58 -0.86
N TYR A 33 6.33 2.86 0.14
CA TYR A 33 4.88 2.90 0.47
C TYR A 33 4.67 3.28 1.94
N ARG A 34 3.44 3.47 2.34
CA ARG A 34 3.16 3.83 3.76
C ARG A 34 1.81 3.24 4.20
N GLN A 35 1.77 2.61 5.33
CA GLN A 35 0.48 2.01 5.80
C GLN A 35 -0.54 3.11 6.09
N ASP A 36 -1.52 3.24 5.23
CA ASP A 36 -2.56 4.29 5.45
C ASP A 36 -3.92 3.75 5.05
N THR A 37 -4.79 3.56 5.99
CA THR A 37 -6.14 3.01 5.67
C THR A 37 -6.85 3.87 4.62
N GLY A 38 -8.13 3.69 4.45
CA GLY A 38 -8.87 4.47 3.43
C GLY A 38 -8.54 3.86 2.07
N HIS A 39 -7.28 3.85 1.73
CA HIS A 39 -6.85 3.25 0.45
C HIS A 39 -5.83 2.13 0.72
N GLY A 40 -5.44 1.94 1.96
CA GLY A 40 -4.46 0.87 2.28
C GLY A 40 -3.03 1.33 1.94
N LEU A 41 -2.46 0.78 0.91
CA LEU A 41 -1.07 1.17 0.52
C LEU A 41 -1.03 2.65 0.10
N ARG A 42 -0.04 3.38 0.57
CA ARG A 42 0.06 4.81 0.20
C ARG A 42 1.42 5.10 -0.44
N LEU A 43 1.49 5.10 -1.74
CA LEU A 43 2.79 5.38 -2.42
C LEU A 43 3.15 6.86 -2.26
N ILE A 44 4.38 7.17 -1.97
CA ILE A 44 4.78 8.60 -1.79
C ILE A 44 6.14 8.87 -2.42
N HIS A 45 7.05 7.94 -2.29
CA HIS A 45 8.41 8.14 -2.88
C HIS A 45 8.72 7.04 -3.89
N TYR A 46 9.53 7.34 -4.87
CA TYR A 46 9.89 6.33 -5.89
C TYR A 46 11.37 6.43 -6.26
N SER A 47 12.14 5.39 -6.01
CA SER A 47 13.59 5.45 -6.34
C SER A 47 14.03 4.12 -6.97
N TYR A 48 14.63 4.20 -8.14
CA TYR A 48 15.09 2.95 -8.81
C TYR A 48 16.47 3.15 -9.45
N GLY A 49 16.71 4.30 -10.01
CA GLY A 49 18.02 4.56 -10.66
C GLY A 49 18.70 5.77 -10.02
N ALA A 50 18.66 5.85 -8.71
CA ALA A 50 19.32 7.00 -8.00
C ALA A 50 18.73 8.32 -8.49
N GLY A 51 18.92 9.38 -7.74
CA GLY A 51 18.39 10.71 -8.16
C GLY A 51 16.88 10.60 -8.44
N SER A 52 16.19 9.79 -7.68
CA SER A 52 14.73 9.64 -7.90
C SER A 52 14.04 9.22 -6.59
N THR A 53 13.13 10.03 -6.11
CA THR A 53 12.42 9.69 -4.84
C THR A 53 11.32 10.71 -4.55
N GLU A 54 10.46 10.93 -5.49
CA GLU A 54 9.36 11.92 -5.27
C GLU A 54 8.29 11.79 -6.37
N LYS A 55 7.63 10.67 -6.43
CA LYS A 55 6.58 10.48 -7.48
C LYS A 55 5.55 9.44 -7.03
N GLY A 56 5.26 9.40 -5.75
CA GLY A 56 4.25 8.41 -5.26
C GLY A 56 2.86 8.83 -5.72
N ASP A 57 1.92 8.89 -4.82
CA ASP A 57 0.53 9.29 -5.21
C ASP A 57 0.33 10.79 -4.95
N ILE A 58 0.45 11.21 -3.73
CA ILE A 58 0.27 12.66 -3.40
C ILE A 58 1.34 13.14 -2.43
N PRO A 59 2.57 13.13 -2.88
CA PRO A 59 3.70 13.59 -2.02
C PRO A 59 3.52 15.05 -1.62
N ASP A 60 3.53 15.33 -0.34
CA ASP A 60 3.36 16.75 0.12
C ASP A 60 3.68 16.86 1.61
N GLY A 61 4.54 17.77 1.96
CA GLY A 61 4.90 17.95 3.40
C GLY A 61 6.05 17.00 3.78
N TYR A 62 6.74 16.47 2.80
CA TYR A 62 7.86 15.53 3.10
C TYR A 62 9.11 15.93 2.31
N LYS A 63 10.27 15.58 2.81
CA LYS A 63 11.53 15.92 2.08
C LYS A 63 12.36 14.66 1.89
N ALA A 64 12.72 14.36 0.66
CA ALA A 64 13.53 13.13 0.41
C ALA A 64 14.70 13.43 -0.53
N SER A 65 15.77 12.71 -0.38
CA SER A 65 16.95 12.93 -1.26
C SER A 65 17.63 11.60 -1.58
N ARG A 66 18.11 11.45 -2.78
CA ARG A 66 18.78 10.17 -3.17
C ARG A 66 20.14 10.47 -3.81
N PRO A 67 21.07 10.90 -2.99
CA PRO A 67 22.43 11.22 -3.49
C PRO A 67 23.05 9.99 -4.15
N SER A 68 22.88 8.85 -3.53
CA SER A 68 23.45 7.59 -4.10
C SER A 68 22.34 6.56 -4.31
N GLN A 69 22.44 5.77 -5.34
CA GLN A 69 21.39 4.74 -5.60
C GLN A 69 21.32 3.75 -4.43
N GLU A 70 22.36 3.67 -3.64
CA GLU A 70 22.33 2.72 -2.49
C GLU A 70 22.00 3.46 -1.19
N ASN A 71 22.31 4.73 -1.12
CA ASN A 71 22.01 5.50 0.12
C ASN A 71 20.78 6.40 -0.10
N PHE A 72 19.92 6.48 0.86
CA PHE A 72 18.71 7.35 0.71
C PHE A 72 18.24 7.86 2.08
N SER A 73 17.54 8.97 2.10
CA SER A 73 17.06 9.52 3.39
C SER A 73 15.98 10.58 3.15
N LEU A 74 15.02 10.67 4.03
CA LEU A 74 13.94 11.69 3.84
C LEU A 74 13.27 12.00 5.19
N ILE A 75 12.72 13.17 5.34
CA ILE A 75 12.05 13.53 6.62
C ILE A 75 10.85 14.45 6.37
N LEU A 76 10.16 14.83 7.41
CA LEU A 76 9.00 15.75 7.25
C LEU A 76 9.06 16.83 8.34
N GLU A 77 8.40 17.93 8.13
CA GLU A 77 8.44 19.03 9.15
C GLU A 77 7.06 19.67 9.29
N LEU A 78 6.02 18.97 8.92
CA LEU A 78 4.65 19.55 9.03
C LEU A 78 3.61 18.45 8.82
N ALA A 79 3.48 17.55 9.75
CA ALA A 79 2.47 16.45 9.60
C ALA A 79 1.14 16.85 10.24
N THR A 80 0.06 16.24 9.80
CA THR A 80 -1.27 16.58 10.38
C THR A 80 -1.81 15.37 11.18
N PRO A 81 -2.80 15.61 11.98
CA PRO A 81 -3.41 14.53 12.81
C PRO A 81 -4.13 13.50 11.94
N SER A 82 -3.62 13.20 10.77
CA SER A 82 -4.30 12.19 9.89
C SER A 82 -3.44 11.92 8.64
N GLN A 83 -2.15 12.09 8.75
CA GLN A 83 -1.26 11.84 7.58
C GLN A 83 -0.10 10.92 7.98
N THR A 84 0.36 11.02 9.20
CA THR A 84 1.50 10.15 9.65
C THR A 84 1.16 8.68 9.39
N SER A 85 2.07 7.78 9.69
CA SER A 85 1.82 6.32 9.46
C SER A 85 3.13 5.54 9.58
N VAL A 86 3.16 4.33 9.06
CA VAL A 86 4.41 3.53 9.15
C VAL A 86 5.17 3.59 7.82
N TYR A 87 6.36 4.14 7.83
CA TYR A 87 7.16 4.25 6.57
C TYR A 87 7.79 2.89 6.23
N PHE A 88 7.53 2.39 5.05
CA PHE A 88 8.11 1.07 4.66
C PHE A 88 8.95 1.22 3.39
N CYS A 89 10.23 0.98 3.48
CA CYS A 89 11.11 1.08 2.28
C CYS A 89 11.15 -0.26 1.55
N ALA A 90 10.27 -0.45 0.59
CA ALA A 90 10.25 -1.74 -0.17
C ALA A 90 11.26 -1.69 -1.31
N SER A 91 11.80 -2.83 -1.68
CA SER A 91 12.79 -2.87 -2.79
C SER A 91 12.79 -4.25 -3.45
N GLY A 92 12.39 -4.33 -4.69
CA GLY A 92 12.36 -5.64 -5.39
C GLY A 92 12.97 -5.50 -6.79
N GLY A 93 12.99 -6.57 -7.54
CA GLY A 93 13.57 -6.50 -8.92
C GLY A 93 12.44 -6.37 -9.95
N GLN A 94 12.75 -6.56 -11.20
CA GLN A 94 11.69 -6.46 -12.25
C GLN A 94 11.21 -7.85 -12.66
N GLY A 95 10.02 -7.94 -13.18
CA GLY A 95 9.48 -9.27 -13.60
C GLY A 95 8.52 -9.79 -12.54
N ARG A 96 9.02 -10.60 -11.63
CA ARG A 96 8.14 -11.14 -10.57
C ARG A 96 8.95 -11.42 -9.29
N ALA A 97 9.03 -10.47 -8.41
CA ALA A 97 9.81 -10.68 -7.15
C ALA A 97 9.02 -10.17 -5.95
N GLU A 98 9.33 -10.65 -4.77
CA GLU A 98 8.59 -10.20 -3.56
C GLU A 98 9.22 -8.92 -3.01
N GLN A 99 8.41 -7.97 -2.61
CA GLN A 99 8.97 -6.69 -2.08
C GLN A 99 9.77 -6.96 -0.80
N PHE A 100 11.07 -6.91 -0.88
CA PHE A 100 11.91 -7.16 0.33
C PHE A 100 11.73 -6.03 1.34
N PHE A 101 10.61 -5.98 2.00
CA PHE A 101 10.37 -4.90 3.01
C PHE A 101 11.35 -5.03 4.18
N GLY A 102 12.03 -3.96 4.51
CA GLY A 102 12.99 -4.02 5.64
C GLY A 102 12.35 -3.41 6.89
N PRO A 103 13.12 -3.29 7.94
CA PRO A 103 12.61 -2.71 9.21
C PRO A 103 12.15 -1.26 8.99
N GLY A 104 10.93 -1.07 8.58
CA GLY A 104 10.41 0.31 8.34
C GLY A 104 10.21 1.03 9.68
N THR A 105 9.76 2.25 9.62
CA THR A 105 9.52 3.01 10.89
C THR A 105 8.03 3.26 11.09
N ARG A 106 7.62 3.52 12.31
CA ARG A 106 6.17 3.76 12.57
C ARG A 106 6.00 4.93 13.56
N LEU A 107 5.44 6.01 13.11
CA LEU A 107 5.23 7.17 14.03
C LEU A 107 3.93 7.91 13.69
N THR A 108 3.30 8.49 14.67
CA THR A 108 2.03 9.22 14.42
C THR A 108 2.15 10.67 14.91
N VAL A 109 1.56 11.59 14.19
CA VAL A 109 1.64 13.02 14.59
C VAL A 109 0.29 13.47 15.17
N LEU A 110 0.21 13.65 16.46
CA LEU A 110 -1.08 14.08 17.09
C LEU A 110 -2.16 13.01 16.86
N GLY A 111 -3.02 12.81 17.82
CA GLY A 111 -4.08 11.78 17.66
C GLY A 111 -4.10 10.86 18.87
N SER A 112 -5.21 10.20 19.11
CA SER A 112 -5.30 9.28 20.28
C SER A 112 -6.47 8.30 20.09
N ASP A 113 -7.65 8.82 19.85
CA ASP A 113 -8.83 7.93 19.65
C ASP A 113 -8.96 6.93 20.82
N TYR A 114 -8.85 7.41 22.03
CA TYR A 114 -8.97 6.49 23.20
C TYR A 114 -10.39 6.54 23.77
N LYS A 115 -10.95 7.71 23.90
CA LYS A 115 -12.34 7.82 24.45
C LYS A 115 -13.22 8.63 23.50
N ASP A 116 -13.06 8.43 22.21
CA ASP A 116 -13.90 9.19 21.24
C ASP A 116 -15.19 8.42 20.93
N ASP A 117 -16.03 8.24 21.92
CA ASP A 117 -17.31 7.51 21.70
C ASP A 117 -18.49 8.47 21.76
N ASP A 118 -18.38 9.51 22.55
CA ASP A 118 -19.50 10.49 22.66
C ASP A 118 -19.07 11.84 22.09
N ASP A 119 -18.45 11.85 20.95
CA ASP A 119 -18.00 13.14 20.34
C ASP A 119 -18.09 13.06 18.82
N LYS A 120 -18.33 14.18 18.17
CA LYS A 120 -18.43 14.16 16.68
C LYS A 120 -17.05 13.91 16.05
N ARG A 121 -17.02 13.34 14.89
CA ARG A 121 -15.70 13.05 14.23
C ARG A 121 -15.32 14.22 13.31
N SER A 122 -15.37 15.42 13.81
CA SER A 122 -15.00 16.60 12.99
C SER A 122 -14.54 17.76 13.87
N GLY A 123 -13.27 17.83 14.15
CA GLY A 123 -12.75 18.93 15.02
C GLY A 123 -12.71 20.23 14.22
N GLY A 124 -13.79 20.96 14.20
CA GLY A 124 -13.82 22.24 13.43
C GLY A 124 -13.05 23.31 14.21
N GLY A 125 -11.75 23.20 14.27
CA GLY A 125 -10.95 24.22 15.01
C GLY A 125 -9.55 24.31 14.39
N GLY A 126 -9.46 24.77 13.17
CA GLY A 126 -8.14 24.89 12.50
C GLY A 126 -7.67 23.51 12.03
N SER A 127 -6.38 23.27 12.04
CA SER A 127 -5.85 21.95 11.59
C SER A 127 -6.41 21.60 10.20
N GLY A 128 -6.42 22.54 9.30
CA GLY A 128 -6.95 22.27 7.93
C GLY A 128 -8.47 22.22 7.97
N GLY A 129 -9.05 21.12 7.53
CA GLY A 129 -10.54 21.01 7.55
C GLY A 129 -11.08 21.18 6.13
N GLY A 130 -10.85 20.21 5.28
CA GLY A 130 -11.35 20.32 3.87
C GLY A 130 -10.56 21.38 3.12
N GLY A 131 -11.21 22.46 2.75
CA GLY A 131 -10.49 23.54 2.02
C GLY A 131 -10.50 23.24 0.51
N SER A 132 -9.55 23.74 -0.21
CA SER A 132 -9.50 23.49 -1.69
C SER A 132 -9.04 22.05 -1.96
N GLY A 133 -9.39 21.51 -3.10
CA GLY A 133 -8.98 20.12 -3.42
C GLY A 133 -9.83 19.14 -2.62
N GLY A 134 -11.12 19.09 -2.86
CA GLY A 134 -12.00 18.16 -2.10
C GLY A 134 -11.92 16.76 -2.72
N SER A 135 -12.04 16.67 -4.02
CA SER A 135 -11.98 15.34 -4.69
C SER A 135 -10.94 15.36 -5.81
N GLY A 136 -10.57 14.21 -6.32
CA GLY A 136 -9.56 14.18 -7.41
C GLY A 136 -8.94 12.77 -7.49
N ALA A 137 -7.93 12.61 -8.30
CA ALA A 137 -7.27 11.27 -8.42
C ALA A 137 -8.29 10.21 -8.85
N GLN A 138 -8.24 9.79 -10.09
CA GLN A 138 -9.20 8.76 -10.57
C GLN A 138 -8.96 7.44 -9.82
N GLN A 139 -9.68 6.40 -10.18
CA GLN A 139 -9.50 5.09 -9.48
C GLN A 139 -9.71 3.94 -10.47
N GLN A 140 -8.87 2.94 -10.41
CA GLN A 140 -9.02 1.78 -11.34
C GLN A 140 -9.29 0.51 -10.53
N VAL A 141 -8.36 0.14 -9.69
CA VAL A 141 -8.56 -1.09 -8.87
C VAL A 141 -9.75 -0.90 -7.93
N ARG A 142 -10.76 -1.70 -8.09
CA ARG A 142 -11.96 -1.57 -7.21
C ARG A 142 -12.21 -2.88 -6.47
N GLN A 143 -11.70 -3.01 -5.27
CA GLN A 143 -11.90 -4.26 -4.49
C GLN A 143 -13.17 -4.14 -3.65
N SER A 144 -13.93 -5.20 -3.57
CA SER A 144 -15.20 -5.17 -2.76
C SER A 144 -14.95 -4.48 -1.40
N PRO A 145 -15.42 -3.26 -1.27
CA PRO A 145 -15.23 -2.51 -0.01
C PRO A 145 -15.95 -3.21 1.15
N GLN A 146 -16.13 -2.52 2.25
CA GLN A 146 -16.83 -3.13 3.42
C GLN A 146 -16.18 -4.46 3.80
N SER A 147 -15.16 -4.42 4.61
CA SER A 147 -14.48 -5.69 5.02
C SER A 147 -15.44 -6.56 5.83
N LEU A 148 -15.05 -7.75 6.19
CA LEU A 148 -15.95 -8.64 6.98
C LEU A 148 -15.14 -9.70 7.73
N THR A 149 -15.68 -10.19 8.82
CA THR A 149 -14.95 -11.23 9.60
C THR A 149 -15.77 -12.52 9.63
N VAL A 150 -15.17 -13.63 9.29
CA VAL A 150 -15.92 -14.92 9.29
C VAL A 150 -15.59 -15.72 10.56
N TRP A 151 -16.47 -16.60 10.96
CA TRP A 151 -16.20 -17.41 12.19
C TRP A 151 -14.93 -18.25 11.99
N GLU A 152 -14.05 -18.24 12.96
CA GLU A 152 -12.79 -19.03 12.84
C GLU A 152 -12.08 -18.69 11.52
N GLY A 153 -11.01 -19.38 11.22
CA GLY A 153 -10.26 -19.09 9.96
C GLY A 153 -10.90 -19.87 8.80
N GLU A 154 -12.19 -19.73 8.61
CA GLU A 154 -12.87 -20.45 7.50
C GLU A 154 -12.41 -19.89 6.15
N THR A 155 -13.08 -20.26 5.08
CA THR A 155 -12.68 -19.75 3.74
C THR A 155 -13.41 -18.44 3.45
N THR A 156 -13.09 -17.81 2.34
CA THR A 156 -13.77 -16.51 2.00
C THR A 156 -13.60 -16.22 0.51
N ILE A 157 -14.30 -15.22 0.01
CA ILE A 157 -14.18 -14.88 -1.43
C ILE A 157 -13.80 -13.40 -1.60
N LEU A 158 -12.96 -13.09 -2.55
CA LEU A 158 -12.55 -11.67 -2.75
C LEU A 158 -12.93 -11.20 -4.16
N ASN A 159 -13.08 -9.91 -4.34
CA ASN A 159 -13.45 -9.37 -5.67
C ASN A 159 -12.59 -8.16 -6.02
N CYS A 160 -12.11 -8.07 -7.23
CA CYS A 160 -11.26 -6.91 -7.62
C CYS A 160 -11.70 -6.36 -8.99
N SER A 161 -11.46 -5.10 -9.23
CA SER A 161 -11.86 -4.52 -10.55
C SER A 161 -10.70 -3.72 -11.15
N TYR A 162 -10.87 -3.16 -12.31
CA TYR A 162 -9.78 -2.38 -12.94
C TYR A 162 -10.31 -1.57 -14.14
N GLU A 163 -9.73 -0.43 -14.39
CA GLU A 163 -10.20 0.41 -15.53
C GLU A 163 -9.03 0.77 -16.45
N ASP A 164 -8.01 -0.07 -16.48
CA ASP A 164 -6.84 0.24 -17.35
C ASP A 164 -6.95 -0.53 -18.67
N SER A 165 -6.28 -0.06 -19.70
CA SER A 165 -6.36 -0.75 -21.01
C SER A 165 -4.97 -1.27 -21.42
N THR A 166 -4.15 -1.60 -20.47
CA THR A 166 -2.78 -2.10 -20.79
C THR A 166 -2.19 -2.81 -19.57
N PHE A 167 -3.01 -3.38 -18.73
CA PHE A 167 -2.49 -4.09 -17.53
C PHE A 167 -1.99 -5.48 -17.92
N ASP A 168 -0.97 -5.96 -17.25
CA ASP A 168 -0.44 -7.32 -17.57
C ASP A 168 -0.86 -8.32 -16.49
N TYR A 169 -0.54 -8.05 -15.26
CA TYR A 169 -0.93 -8.97 -14.17
C TYR A 169 -1.11 -8.21 -12.85
N PHE A 170 -1.62 -8.87 -11.85
CA PHE A 170 -1.83 -8.19 -10.54
C PHE A 170 -1.21 -9.01 -9.40
N PRO A 171 -0.03 -8.60 -8.96
CA PRO A 171 0.66 -9.32 -7.86
C PRO A 171 -0.20 -9.32 -6.60
N TRP A 172 -1.04 -10.31 -6.44
CA TRP A 172 -1.91 -10.37 -5.22
C TRP A 172 -1.06 -10.45 -3.96
N TYR A 173 -1.06 -9.41 -3.16
CA TYR A 173 -0.25 -9.43 -1.90
C TYR A 173 -0.51 -8.17 -1.07
N ARG A 174 0.18 -8.03 0.04
CA ARG A 174 0.00 -6.82 0.91
C ARG A 174 0.67 -7.06 2.28
N GLN A 175 -0.03 -7.67 3.20
CA GLN A 175 0.57 -7.91 4.55
C GLN A 175 -0.38 -8.76 5.40
N PHE A 176 0.13 -9.77 6.06
CA PHE A 176 -0.76 -10.64 6.89
C PHE A 176 -0.68 -10.25 8.40
N PRO A 177 0.52 -10.20 8.95
CA PRO A 177 0.66 -9.85 10.39
C PRO A 177 0.18 -8.42 10.66
N GLY A 178 0.96 -7.45 10.30
CA GLY A 178 0.56 -6.03 10.54
C GLY A 178 1.72 -5.10 10.19
N LYS A 179 2.93 -5.54 10.39
CA LYS A 179 4.11 -4.68 10.07
C LYS A 179 5.11 -5.47 9.23
N SER A 180 4.64 -6.37 8.40
CA SER A 180 5.56 -7.16 7.55
C SER A 180 4.85 -7.58 6.24
N PRO A 181 4.77 -6.65 5.31
CA PRO A 181 4.12 -6.93 4.02
C PRO A 181 4.88 -8.03 3.26
N ALA A 182 4.24 -8.67 2.30
CA ALA A 182 4.95 -9.74 1.54
C ALA A 182 4.19 -10.08 0.25
N LEU A 183 4.88 -10.58 -0.74
CA LEU A 183 4.21 -10.93 -2.02
C LEU A 183 3.67 -12.37 -1.97
N LEU A 184 2.54 -12.61 -2.59
CA LEU A 184 1.97 -13.98 -2.59
C LEU A 184 2.06 -14.59 -4.00
N ILE A 185 1.33 -14.06 -4.94
CA ILE A 185 1.39 -14.61 -6.33
C ILE A 185 1.05 -13.53 -7.35
N ALA A 186 0.70 -13.94 -8.55
CA ALA A 186 0.35 -12.95 -9.60
C ALA A 186 -0.54 -13.61 -10.66
N ILE A 187 -1.70 -13.05 -10.91
CA ILE A 187 -2.61 -13.65 -11.93
C ILE A 187 -2.31 -13.06 -13.31
N SER A 188 -3.30 -12.97 -14.16
CA SER A 188 -3.07 -12.40 -15.53
C SER A 188 -4.40 -12.30 -16.29
N LEU A 189 -5.40 -12.90 -15.74
CA LEU A 189 -6.74 -12.87 -16.37
C LEU A 189 -6.66 -13.32 -17.84
N VAL A 190 -6.12 -14.48 -18.08
CA VAL A 190 -6.01 -14.98 -19.49
C VAL A 190 -6.55 -16.40 -19.61
N SER A 191 -6.55 -17.15 -18.54
CA SER A 191 -7.07 -18.56 -18.60
C SER A 191 -8.45 -18.66 -17.99
N ASN A 192 -8.91 -17.58 -17.43
CA ASN A 192 -10.27 -17.54 -16.78
C ASN A 192 -10.25 -18.34 -15.46
N LYS A 193 -9.21 -19.09 -15.20
CA LYS A 193 -9.15 -19.86 -13.92
C LYS A 193 -7.70 -20.25 -13.61
N LYS A 194 -7.24 -19.93 -12.42
CA LYS A 194 -5.83 -20.28 -12.06
C LYS A 194 -5.76 -20.75 -10.60
N GLU A 195 -4.65 -21.31 -10.20
CA GLU A 195 -4.52 -21.80 -8.80
C GLU A 195 -3.06 -21.71 -8.35
N ASP A 196 -2.79 -20.97 -7.30
CA ASP A 196 -1.39 -20.84 -6.81
C ASP A 196 -1.34 -21.10 -5.30
N GLY A 197 -1.15 -22.33 -4.91
CA GLY A 197 -1.08 -22.65 -3.45
C GLY A 197 -2.37 -23.38 -3.04
N ARG A 198 -3.30 -22.67 -2.46
CA ARG A 198 -4.57 -23.32 -2.03
C ARG A 198 -5.79 -22.48 -2.45
N PHE A 199 -5.56 -21.43 -3.20
CA PHE A 199 -6.71 -20.57 -3.64
C PHE A 199 -6.71 -20.44 -5.17
N THR A 200 -7.86 -20.33 -5.76
CA THR A 200 -7.93 -20.20 -7.25
C THR A 200 -8.58 -18.87 -7.63
N ILE A 201 -8.43 -18.45 -8.85
CA ILE A 201 -9.02 -17.16 -9.29
C ILE A 201 -10.00 -17.38 -10.44
N PHE A 202 -10.99 -16.54 -10.56
CA PHE A 202 -11.98 -16.69 -11.67
C PHE A 202 -12.09 -15.39 -12.46
N PHE A 203 -12.50 -15.48 -13.70
CA PHE A 203 -12.64 -14.25 -14.53
C PHE A 203 -14.12 -13.96 -14.80
N ASN A 204 -14.64 -12.90 -14.23
CA ASN A 204 -16.07 -12.57 -14.45
C ASN A 204 -16.22 -11.58 -15.61
N LYS A 205 -16.68 -12.05 -16.74
CA LYS A 205 -16.85 -11.14 -17.92
C LYS A 205 -18.15 -10.36 -17.77
N ARG A 206 -19.19 -11.00 -17.30
CA ARG A 206 -20.50 -10.29 -17.13
C ARG A 206 -20.33 -9.09 -16.21
N GLU A 207 -19.37 -9.12 -15.33
CA GLU A 207 -19.16 -7.96 -14.40
C GLU A 207 -17.76 -7.38 -14.58
N LYS A 208 -16.94 -7.97 -15.42
CA LYS A 208 -15.56 -7.44 -15.64
C LYS A 208 -14.83 -7.29 -14.29
N LYS A 209 -14.68 -8.36 -13.57
CA LYS A 209 -13.97 -8.28 -12.26
C LYS A 209 -13.25 -9.60 -11.96
N LEU A 210 -12.36 -9.60 -11.00
CA LEU A 210 -11.63 -10.86 -10.66
C LEU A 210 -12.11 -11.40 -9.32
N SER A 211 -12.54 -12.63 -9.30
CA SER A 211 -13.03 -13.23 -8.01
C SER A 211 -12.26 -14.51 -7.71
N LEU A 212 -11.71 -14.63 -6.54
CA LEU A 212 -10.94 -15.85 -6.18
C LEU A 212 -11.46 -16.46 -4.87
N HIS A 213 -10.99 -17.62 -4.51
CA HIS A 213 -11.46 -18.26 -3.25
C HIS A 213 -10.27 -18.66 -2.37
N ILE A 214 -10.34 -18.36 -1.10
CA ILE A 214 -9.22 -18.72 -0.19
C ILE A 214 -9.73 -19.59 0.97
N THR A 215 -9.30 -20.82 1.02
CA THR A 215 -9.76 -21.73 2.11
C THR A 215 -8.64 -21.95 3.14
N ASP A 216 -8.98 -22.50 4.28
CA ASP A 216 -7.95 -22.75 5.33
C ASP A 216 -7.29 -21.45 5.76
N SER A 217 -7.84 -20.77 6.74
CA SER A 217 -7.24 -19.49 7.20
C SER A 217 -6.95 -19.57 8.71
N GLN A 218 -6.22 -18.62 9.23
CA GLN A 218 -5.90 -18.64 10.69
C GLN A 218 -6.38 -17.34 11.35
N PRO A 219 -6.54 -17.39 12.66
CA PRO A 219 -7.00 -16.19 13.41
C PRO A 219 -6.00 -15.04 13.25
N GLY A 220 -6.01 -14.11 14.17
CA GLY A 220 -5.07 -12.95 14.07
C GLY A 220 -5.54 -12.01 12.97
N ASP A 221 -6.74 -11.49 13.08
CA ASP A 221 -7.27 -10.57 12.03
C ASP A 221 -7.13 -11.21 10.65
N SER A 222 -7.09 -12.51 10.61
CA SER A 222 -6.96 -13.23 9.29
C SER A 222 -5.79 -12.66 8.48
N ALA A 223 -6.03 -11.71 7.61
CA ALA A 223 -4.91 -11.12 6.80
C ALA A 223 -5.47 -10.11 5.80
N THR A 224 -4.64 -9.21 5.34
CA THR A 224 -5.09 -8.18 4.36
C THR A 224 -4.46 -8.44 2.99
N TYR A 225 -5.28 -8.57 1.98
CA TYR A 225 -4.73 -8.82 0.60
C TYR A 225 -5.12 -7.67 -0.34
N PHE A 226 -4.19 -7.22 -1.14
CA PHE A 226 -4.51 -6.10 -2.08
C PHE A 226 -4.43 -6.58 -3.52
N CYS A 227 -5.15 -5.93 -4.41
CA CYS A 227 -5.15 -6.35 -5.84
C CYS A 227 -4.73 -5.17 -6.73
N ALA A 228 -3.46 -4.98 -6.93
CA ALA A 228 -2.98 -3.85 -7.78
C ALA A 228 -2.53 -4.37 -9.16
N ALA A 229 -2.31 -3.49 -10.09
CA ALA A 229 -1.87 -3.92 -11.44
C ALA A 229 -0.52 -3.26 -11.79
N THR A 230 0.21 -3.84 -12.70
CA THR A 230 1.53 -3.24 -13.08
C THR A 230 1.85 -3.53 -14.54
N GLY A 231 0.90 -3.42 -15.42
CA GLY A 231 1.16 -3.70 -16.86
C GLY A 231 2.24 -2.76 -17.38
N SER A 232 2.36 -1.60 -16.80
CA SER A 232 3.41 -0.64 -17.26
C SER A 232 4.70 -0.85 -16.48
N PHE A 233 5.65 0.04 -16.60
CA PHE A 233 6.93 -0.12 -15.86
C PHE A 233 6.97 0.84 -14.67
N ASN A 234 7.48 0.39 -13.54
CA ASN A 234 7.56 1.28 -12.34
C ASN A 234 6.23 1.98 -12.10
N LYS A 235 5.14 1.25 -12.06
CA LYS A 235 3.82 1.89 -11.82
C LYS A 235 2.82 0.86 -11.29
N LEU A 236 2.60 0.85 -10.00
CA LEU A 236 1.63 -0.13 -9.42
C LEU A 236 0.35 0.60 -8.99
N THR A 237 -0.77 0.25 -9.56
CA THR A 237 -2.04 0.93 -9.18
C THR A 237 -2.87 0.06 -8.24
N PHE A 238 -2.96 0.44 -6.99
CA PHE A 238 -3.75 -0.35 -6.02
C PHE A 238 -5.07 0.38 -5.71
N GLY A 239 -6.06 -0.33 -5.23
CA GLY A 239 -7.36 0.33 -4.92
C GLY A 239 -7.86 -0.13 -3.55
N ALA A 240 -7.00 -0.13 -2.57
CA ALA A 240 -7.41 -0.58 -1.21
C ALA A 240 -8.13 -1.93 -1.28
N GLY A 241 -7.40 -3.01 -1.20
CA GLY A 241 -8.02 -4.35 -1.27
C GLY A 241 -8.97 -4.55 -0.08
N THR A 242 -9.13 -5.76 0.36
CA THR A 242 -10.04 -6.03 1.51
C THR A 242 -9.24 -6.51 2.73
N ARG A 243 -9.78 -6.35 3.90
CA ARG A 243 -9.06 -6.80 5.13
C ARG A 243 -9.86 -7.92 5.81
N LEU A 244 -9.58 -9.15 5.48
CA LEU A 244 -10.32 -10.28 6.11
C LEU A 244 -10.01 -10.35 7.61
N ALA A 245 -10.98 -10.68 8.41
CA ALA A 245 -10.74 -10.77 9.88
C ALA A 245 -11.41 -12.01 10.46
N VAL A 246 -11.06 -12.40 11.65
CA VAL A 246 -11.69 -13.60 12.28
C VAL A 246 -12.50 -13.18 13.51
N SER A 247 -13.64 -13.79 13.71
CA SER A 247 -14.48 -13.43 14.89
C SER A 247 -13.77 -13.84 16.19
N PRO A 248 -14.06 -13.14 17.26
CA PRO A 248 -13.44 -13.45 18.56
C PRO A 248 -13.82 -14.86 19.02
N TYR A 249 -15.06 -15.25 18.80
CA TYR A 249 -15.49 -16.61 19.21
C TYR A 249 -15.05 -17.65 18.17
N ALA A 1 20.36 -6.24 4.00
CA ALA A 1 19.27 -6.02 3.01
C ALA A 1 18.61 -4.65 3.24
N VAL A 2 17.65 -4.31 2.44
CA VAL A 2 16.96 -2.99 2.60
C VAL A 2 16.42 -2.86 4.02
N THR A 3 16.47 -1.70 4.61
CA THR A 3 15.97 -1.54 6.00
C THR A 3 15.27 -0.21 6.19
N GLN A 4 15.10 0.17 7.42
CA GLN A 4 14.43 1.47 7.75
C GLN A 4 14.60 1.77 9.23
N SER A 5 14.74 3.04 9.58
CA SER A 5 14.92 3.40 11.03
C SER A 5 13.89 2.68 11.91
N PRO A 6 14.35 1.68 12.63
CA PRO A 6 13.44 0.91 13.51
C PRO A 6 12.91 1.79 14.65
N ARG A 7 11.66 2.16 14.61
CA ARG A 7 11.09 3.02 15.69
C ARG A 7 9.57 3.12 15.53
N ASN A 8 8.84 2.47 16.41
CA ASN A 8 7.34 2.53 16.33
C ASN A 8 6.81 3.58 17.30
N LYS A 9 7.18 4.81 17.11
CA LYS A 9 6.69 5.89 18.03
C LYS A 9 5.76 6.85 17.28
N VAL A 10 5.03 7.65 17.99
CA VAL A 10 4.10 8.61 17.32
C VAL A 10 4.67 10.03 17.38
N ALA A 11 4.21 10.89 16.51
CA ALA A 11 4.71 12.30 16.52
C ALA A 11 3.59 13.25 16.92
N VAL A 12 3.94 14.44 17.30
CA VAL A 12 2.92 15.44 17.71
C VAL A 12 2.86 16.57 16.68
N THR A 13 2.10 17.59 16.94
CA THR A 13 2.00 18.73 15.96
C THR A 13 3.39 19.12 15.45
N GLY A 14 3.64 18.89 14.18
CA GLY A 14 4.98 19.24 13.63
C GLY A 14 6.06 18.45 14.37
N GLY A 15 5.85 17.16 14.57
CA GLY A 15 6.87 16.34 15.29
C GLY A 15 8.01 15.97 14.33
N LYS A 16 7.92 16.37 13.09
CA LYS A 16 9.00 16.03 12.11
C LYS A 16 9.11 14.50 11.98
N VAL A 17 9.73 14.03 10.94
CA VAL A 17 9.85 12.55 10.76
C VAL A 17 11.23 12.20 10.18
N THR A 18 11.97 11.35 10.85
CA THR A 18 13.31 10.97 10.33
C THR A 18 13.35 9.45 10.08
N LEU A 19 13.50 9.05 8.85
CA LEU A 19 13.54 7.59 8.54
C LEU A 19 14.69 7.29 7.55
N SER A 20 15.55 6.37 7.90
CA SER A 20 16.68 6.02 6.99
C SER A 20 16.49 4.61 6.43
N CYS A 21 16.28 4.50 5.15
CA CYS A 21 16.09 3.14 4.54
C CYS A 21 17.33 2.74 3.76
N ASN A 22 17.77 1.52 3.94
CA ASN A 22 18.98 1.04 3.21
C ASN A 22 18.55 0.19 2.01
N GLN A 23 19.49 -0.22 1.19
CA GLN A 23 19.12 -1.06 0.01
C GLN A 23 20.28 -2.00 -0.35
N THR A 24 20.02 -3.28 -0.40
CA THR A 24 21.07 -4.26 -0.76
C THR A 24 20.46 -5.66 -0.81
N ASN A 25 19.40 -5.82 -1.56
CA ASN A 25 18.75 -7.15 -1.68
C ASN A 25 18.84 -7.62 -3.13
N ASN A 26 19.86 -7.19 -3.82
CA ASN A 26 20.03 -7.60 -5.26
C ASN A 26 18.90 -6.99 -6.11
N HIS A 27 18.59 -5.75 -5.88
CA HIS A 27 17.50 -5.09 -6.66
C HIS A 27 18.05 -3.82 -7.34
N ASN A 28 17.92 -3.72 -8.63
CA ASN A 28 18.42 -2.52 -9.34
C ASN A 28 17.38 -1.39 -9.31
N ASN A 29 16.28 -1.60 -8.62
CA ASN A 29 15.23 -0.54 -8.56
C ASN A 29 14.51 -0.58 -7.20
N MET A 30 14.44 0.53 -6.53
CA MET A 30 13.75 0.56 -5.20
C MET A 30 12.55 1.51 -5.25
N TYR A 31 11.51 1.22 -4.53
CA TYR A 31 10.30 2.10 -4.54
C TYR A 31 9.97 2.56 -3.12
N TRP A 32 9.25 3.65 -3.01
CA TRP A 32 8.89 4.17 -1.66
C TRP A 32 7.37 4.36 -1.58
N TYR A 33 6.70 3.62 -0.73
CA TYR A 33 5.22 3.76 -0.63
C TYR A 33 4.80 4.12 0.80
N ARG A 34 3.54 4.44 0.98
CA ARG A 34 3.04 4.80 2.34
C ARG A 34 1.61 4.28 2.51
N GLN A 35 1.25 3.89 3.70
CA GLN A 35 -0.14 3.37 3.92
C GLN A 35 -1.12 4.54 3.96
N ASP A 36 -2.01 4.61 2.99
CA ASP A 36 -3.00 5.71 2.97
C ASP A 36 -4.35 5.23 3.50
N THR A 37 -4.46 5.10 4.80
CA THR A 37 -5.74 4.64 5.40
C THR A 37 -6.23 3.36 4.70
N GLY A 38 -7.52 3.16 4.63
CA GLY A 38 -8.04 1.94 3.95
C GLY A 38 -8.13 2.17 2.44
N HIS A 39 -7.98 3.41 2.01
CA HIS A 39 -8.04 3.71 0.54
C HIS A 39 -7.16 2.76 -0.25
N GLY A 40 -6.13 2.24 0.35
CA GLY A 40 -5.23 1.28 -0.37
C GLY A 40 -3.77 1.67 -0.15
N LEU A 41 -3.28 2.63 -0.89
CA LEU A 41 -1.86 3.03 -0.73
C LEU A 41 -1.58 4.36 -1.44
N ARG A 42 -0.34 4.76 -1.50
CA ARG A 42 0.00 6.04 -2.18
C ARG A 42 1.52 6.19 -2.34
N LEU A 43 2.00 6.21 -3.55
CA LEU A 43 3.47 6.34 -3.77
C LEU A 43 3.92 7.78 -3.48
N ILE A 44 5.14 7.95 -3.02
CA ILE A 44 5.63 9.33 -2.72
C ILE A 44 7.06 9.51 -3.24
N HIS A 45 7.81 8.44 -3.30
CA HIS A 45 9.21 8.54 -3.81
C HIS A 45 9.65 7.21 -4.42
N TYR A 46 10.66 7.24 -5.25
CA TYR A 46 11.14 5.98 -5.89
C TYR A 46 12.44 6.25 -6.66
N SER A 47 13.48 5.52 -6.36
CA SER A 47 14.78 5.73 -7.07
C SER A 47 15.43 4.38 -7.39
N TYR A 48 16.26 4.33 -8.40
CA TYR A 48 16.92 3.04 -8.76
C TYR A 48 18.44 3.24 -8.85
N GLY A 49 18.88 4.39 -9.28
CA GLY A 49 20.35 4.63 -9.39
C GLY A 49 20.80 5.60 -8.30
N ALA A 50 22.00 6.09 -8.38
CA ALA A 50 22.51 7.04 -7.35
C ALA A 50 22.24 8.48 -7.78
N GLY A 51 21.96 9.36 -6.86
CA GLY A 51 21.70 10.78 -7.22
C GLY A 51 20.47 10.84 -8.14
N SER A 52 19.40 10.21 -7.75
CA SER A 52 18.17 10.23 -8.60
C SER A 52 16.92 10.27 -7.71
N THR A 53 16.51 11.44 -7.29
CA THR A 53 15.31 11.54 -6.43
C THR A 53 14.11 12.02 -7.25
N GLU A 54 12.95 11.49 -6.98
CA GLU A 54 11.73 11.88 -7.73
C GLU A 54 10.53 11.98 -6.80
N LYS A 55 9.55 12.77 -7.15
CA LYS A 55 8.34 12.91 -6.27
C LYS A 55 7.26 11.90 -6.69
N GLY A 56 6.48 11.45 -5.75
CA GLY A 56 5.41 10.46 -6.09
C GLY A 56 4.17 11.18 -6.61
N ASP A 57 3.10 11.15 -5.86
CA ASP A 57 1.85 11.84 -6.32
C ASP A 57 1.51 13.01 -5.39
N ILE A 58 2.05 13.03 -4.20
CA ILE A 58 1.74 14.15 -3.26
C ILE A 58 3.02 14.81 -2.72
N PRO A 59 3.84 15.31 -3.61
CA PRO A 59 5.10 15.98 -3.19
C PRO A 59 4.81 17.14 -2.25
N ASP A 60 5.78 17.99 -2.02
CA ASP A 60 5.56 19.16 -1.10
C ASP A 60 5.04 18.68 0.26
N GLY A 61 5.93 18.50 1.21
CA GLY A 61 5.49 18.03 2.56
C GLY A 61 6.61 17.23 3.21
N TYR A 62 7.48 16.66 2.43
CA TYR A 62 8.61 15.87 3.01
C TYR A 62 9.88 16.07 2.18
N LYS A 63 11.01 15.61 2.67
CA LYS A 63 12.28 15.78 1.93
C LYS A 63 12.91 14.42 1.65
N ALA A 64 13.80 14.35 0.70
CA ALA A 64 14.45 13.05 0.39
C ALA A 64 15.90 13.28 -0.08
N SER A 65 16.73 12.28 0.02
CA SER A 65 18.14 12.44 -0.41
C SER A 65 18.70 11.11 -0.92
N ARG A 66 19.55 11.15 -1.91
CA ARG A 66 20.14 9.90 -2.45
C ARG A 66 21.65 10.08 -2.70
N PRO A 67 22.39 10.15 -1.61
CA PRO A 67 23.86 10.32 -1.71
C PRO A 67 24.48 9.15 -2.49
N SER A 68 24.05 7.96 -2.19
CA SER A 68 24.60 6.77 -2.91
C SER A 68 23.50 6.08 -3.71
N GLN A 69 23.83 4.98 -4.34
CA GLN A 69 22.80 4.25 -5.15
C GLN A 69 21.98 3.30 -4.25
N GLU A 70 22.53 2.92 -3.12
CA GLU A 70 21.79 2.00 -2.21
C GLU A 70 21.34 2.74 -0.95
N ASN A 71 22.01 3.81 -0.61
CA ASN A 71 21.62 4.56 0.62
C ASN A 71 20.55 5.61 0.29
N PHE A 72 19.44 5.58 0.98
CA PHE A 72 18.37 6.57 0.72
C PHE A 72 17.72 7.00 2.04
N SER A 73 17.25 8.21 2.13
CA SER A 73 16.63 8.67 3.41
C SER A 73 15.41 9.56 3.13
N LEU A 74 14.40 9.44 3.96
CA LEU A 74 13.17 10.26 3.77
C LEU A 74 12.76 10.88 5.11
N ILE A 75 12.51 12.16 5.14
CA ILE A 75 12.10 12.81 6.42
C ILE A 75 11.09 13.93 6.16
N LEU A 76 10.38 14.33 7.19
CA LEU A 76 9.39 15.44 7.01
C LEU A 76 9.75 16.61 7.91
N GLU A 77 9.18 17.75 7.68
CA GLU A 77 9.51 18.94 8.53
C GLU A 77 8.29 19.41 9.31
N LEU A 78 7.13 18.92 8.97
CA LEU A 78 5.89 19.34 9.70
C LEU A 78 4.69 18.53 9.21
N ALA A 79 3.97 17.91 10.11
CA ALA A 79 2.79 17.10 9.71
C ALA A 79 1.54 17.61 10.43
N THR A 80 0.38 17.34 9.88
CA THR A 80 -0.88 17.79 10.53
C THR A 80 -1.71 16.56 10.96
N PRO A 81 -2.68 16.80 11.81
CA PRO A 81 -3.55 15.69 12.29
C PRO A 81 -4.43 15.13 11.16
N SER A 82 -3.87 14.87 10.01
CA SER A 82 -4.68 14.32 8.89
C SER A 82 -3.80 14.00 7.68
N GLN A 83 -2.53 13.76 7.88
CA GLN A 83 -1.64 13.45 6.71
C GLN A 83 -0.52 12.48 7.11
N THR A 84 -0.53 11.98 8.32
CA THR A 84 0.54 11.03 8.74
C THR A 84 0.21 9.63 8.21
N SER A 85 1.00 8.63 8.57
CA SER A 85 0.74 7.24 8.08
C SER A 85 1.97 6.36 8.31
N VAL A 86 2.07 5.27 7.59
CA VAL A 86 3.25 4.37 7.75
C VAL A 86 4.19 4.53 6.55
N TYR A 87 5.40 4.97 6.79
CA TYR A 87 6.36 5.16 5.67
C TYR A 87 7.30 3.95 5.56
N PHE A 88 7.26 3.24 4.46
CA PHE A 88 8.16 2.06 4.30
C PHE A 88 8.79 2.06 2.91
N CYS A 89 9.80 1.25 2.71
CA CYS A 89 10.48 1.20 1.38
C CYS A 89 10.77 -0.24 0.99
N ALA A 90 10.31 -0.66 -0.17
CA ALA A 90 10.55 -2.06 -0.61
C ALA A 90 11.37 -2.08 -1.91
N SER A 91 12.19 -3.09 -2.08
CA SER A 91 13.01 -3.17 -3.32
C SER A 91 12.84 -4.55 -3.98
N GLY A 92 12.93 -4.61 -5.29
CA GLY A 92 12.77 -5.91 -5.98
C GLY A 92 13.45 -5.84 -7.36
N GLY A 93 13.76 -6.97 -7.92
CA GLY A 93 14.43 -6.98 -9.26
C GLY A 93 13.37 -6.90 -10.36
N GLN A 94 13.38 -5.83 -11.13
CA GLN A 94 12.37 -5.66 -12.24
C GLN A 94 11.00 -5.36 -11.66
N GLY A 95 10.10 -4.86 -12.47
CA GLY A 95 8.73 -4.54 -11.97
C GLY A 95 7.96 -5.83 -11.74
N ARG A 96 8.25 -6.85 -12.50
CA ARG A 96 7.53 -8.15 -12.34
C ARG A 96 8.20 -8.98 -11.24
N ALA A 97 8.31 -8.45 -10.06
CA ALA A 97 8.96 -9.21 -8.95
C ALA A 97 8.36 -8.78 -7.60
N GLU A 98 8.58 -9.56 -6.57
CA GLU A 98 8.03 -9.20 -5.23
C GLU A 98 8.93 -8.18 -4.54
N GLN A 99 8.36 -7.34 -3.71
CA GLN A 99 9.19 -6.33 -2.99
C GLN A 99 9.53 -6.81 -1.58
N PHE A 100 10.68 -6.44 -1.07
CA PHE A 100 11.07 -6.89 0.30
C PHE A 100 11.41 -5.70 1.20
N PHE A 101 10.47 -4.85 1.49
CA PHE A 101 10.78 -3.68 2.37
C PHE A 101 11.13 -4.16 3.78
N GLY A 102 11.80 -3.33 4.53
CA GLY A 102 12.20 -3.72 5.92
C GLY A 102 11.13 -3.24 6.91
N PRO A 103 11.53 -3.05 8.15
CA PRO A 103 10.58 -2.58 9.19
C PRO A 103 9.96 -1.23 8.79
N GLY A 104 8.71 -1.23 8.45
CA GLY A 104 8.04 0.04 8.05
C GLY A 104 7.69 0.85 9.30
N THR A 105 7.93 2.13 9.28
CA THR A 105 7.60 2.98 10.46
C THR A 105 6.18 3.53 10.35
N ARG A 106 5.43 3.48 11.42
CA ARG A 106 4.03 3.99 11.37
C ARG A 106 3.80 4.97 12.52
N LEU A 107 3.61 6.22 12.21
CA LEU A 107 3.38 7.24 13.29
C LEU A 107 2.31 8.25 12.87
N THR A 108 1.67 8.87 13.83
CA THR A 108 0.62 9.87 13.52
C THR A 108 0.94 11.20 14.21
N VAL A 109 0.79 12.30 13.52
CA VAL A 109 1.08 13.62 14.15
C VAL A 109 -0.21 14.23 14.70
N LEU A 110 -0.25 14.52 15.98
CA LEU A 110 -1.47 15.12 16.58
C LEU A 110 -1.40 16.64 16.53
N GLY A 111 -2.53 17.31 16.56
CA GLY A 111 -2.51 18.80 16.51
C GLY A 111 -3.95 19.32 16.65
N SER A 112 -4.28 20.34 15.91
CA SER A 112 -5.65 20.91 15.99
C SER A 112 -6.38 20.73 14.65
N ASP A 113 -7.39 19.91 14.62
CA ASP A 113 -8.14 19.69 13.34
C ASP A 113 -9.13 20.83 13.10
N TYR A 114 -8.62 22.00 12.76
CA TYR A 114 -9.53 23.16 12.52
C TYR A 114 -10.08 23.10 11.09
N LYS A 115 -11.38 23.13 10.94
CA LYS A 115 -11.98 23.08 9.57
C LYS A 115 -11.70 24.38 8.82
N ASP A 116 -10.66 24.41 8.04
CA ASP A 116 -10.33 25.66 7.28
C ASP A 116 -11.27 25.81 6.08
N ASP A 117 -11.05 26.80 5.26
CA ASP A 117 -11.93 27.01 4.08
C ASP A 117 -11.14 26.81 2.79
N ASP A 118 -11.61 25.97 1.91
CA ASP A 118 -10.89 25.73 0.63
C ASP A 118 -11.28 26.78 -0.40
N ASP A 119 -10.32 27.32 -1.12
CA ASP A 119 -10.62 28.35 -2.15
C ASP A 119 -11.45 29.49 -1.54
N LYS A 120 -10.87 30.25 -0.66
CA LYS A 120 -11.63 31.38 -0.02
C LYS A 120 -10.66 32.35 0.64
N ARG A 121 -10.96 33.63 0.57
CA ARG A 121 -10.05 34.64 1.20
C ARG A 121 -10.87 35.77 1.83
N SER A 122 -10.22 36.73 2.42
CA SER A 122 -10.96 37.86 3.06
C SER A 122 -11.56 38.78 1.98
N GLY A 123 -12.86 38.91 1.96
CA GLY A 123 -13.50 39.79 0.94
C GLY A 123 -14.92 39.28 0.64
N GLY A 124 -15.40 39.51 -0.54
CA GLY A 124 -16.77 39.03 -0.90
C GLY A 124 -16.68 38.06 -2.07
N GLY A 125 -17.62 37.15 -2.17
CA GLY A 125 -17.60 36.17 -3.31
C GLY A 125 -18.32 36.77 -4.51
N GLY A 126 -17.57 37.25 -5.47
CA GLY A 126 -18.20 37.85 -6.69
C GLY A 126 -17.50 37.33 -7.94
N SER A 127 -18.20 36.61 -8.77
CA SER A 127 -17.57 36.07 -10.02
C SER A 127 -18.52 36.26 -11.21
N GLY A 128 -19.71 35.73 -11.12
CA GLY A 128 -20.68 35.88 -12.23
C GLY A 128 -21.78 34.82 -12.11
N GLY A 129 -21.41 33.63 -11.72
CA GLY A 129 -22.43 32.55 -11.57
C GLY A 129 -22.03 31.33 -12.41
N GLY A 130 -20.77 30.97 -12.37
CA GLY A 130 -20.30 29.80 -13.15
C GLY A 130 -19.57 28.83 -12.23
N GLY A 131 -19.76 27.55 -12.42
CA GLY A 131 -19.07 26.55 -11.56
C GLY A 131 -17.69 26.26 -12.12
N SER A 132 -16.77 25.83 -11.29
CA SER A 132 -15.39 25.54 -11.76
C SER A 132 -15.23 24.03 -12.01
N GLY A 133 -15.48 23.23 -11.01
CA GLY A 133 -15.35 21.76 -11.19
C GLY A 133 -13.86 21.39 -11.31
N GLY A 134 -13.38 20.55 -10.42
CA GLY A 134 -11.94 20.16 -10.48
C GLY A 134 -11.67 19.08 -9.42
N SER A 135 -12.27 17.92 -9.58
CA SER A 135 -12.04 16.82 -8.60
C SER A 135 -12.34 15.47 -9.24
N GLY A 136 -12.36 14.42 -8.47
CA GLY A 136 -12.64 13.06 -9.03
C GLY A 136 -11.33 12.29 -9.19
N ALA A 137 -10.92 11.60 -8.16
CA ALA A 137 -9.65 10.81 -8.24
C ALA A 137 -9.84 9.59 -9.12
N GLN A 138 -8.92 9.34 -10.02
CA GLN A 138 -9.06 8.15 -10.92
C GLN A 138 -8.96 6.86 -10.11
N GLN A 139 -10.05 6.14 -9.97
CA GLN A 139 -10.02 4.87 -9.19
C GLN A 139 -10.35 3.69 -10.10
N GLN A 140 -9.52 2.68 -10.10
CA GLN A 140 -9.79 1.49 -10.96
C GLN A 140 -10.05 0.27 -10.08
N VAL A 141 -9.07 -0.14 -9.32
CA VAL A 141 -9.23 -1.32 -8.43
C VAL A 141 -10.34 -1.05 -7.41
N ARG A 142 -11.31 -1.92 -7.33
CA ARG A 142 -12.43 -1.73 -6.36
C ARG A 142 -12.86 -3.07 -5.78
N GLN A 143 -12.34 -3.42 -4.63
CA GLN A 143 -12.71 -4.72 -4.02
C GLN A 143 -14.22 -4.76 -3.71
N SER A 144 -14.76 -5.92 -3.44
CA SER A 144 -16.22 -6.02 -3.14
C SER A 144 -16.60 -4.99 -2.06
N PRO A 145 -17.43 -4.03 -2.42
CA PRO A 145 -17.86 -2.98 -1.46
C PRO A 145 -18.65 -3.58 -0.30
N GLN A 146 -18.00 -4.31 0.56
CA GLN A 146 -18.70 -4.91 1.73
C GLN A 146 -17.76 -5.82 2.54
N SER A 147 -16.47 -5.58 2.47
CA SER A 147 -15.49 -6.42 3.23
C SER A 147 -15.83 -7.91 3.10
N LEU A 148 -15.28 -8.73 3.95
CA LEU A 148 -15.56 -10.19 3.90
C LEU A 148 -14.95 -10.89 5.10
N THR A 149 -15.50 -12.00 5.51
CA THR A 149 -14.94 -12.73 6.68
C THR A 149 -14.57 -14.16 6.31
N VAL A 150 -14.39 -15.02 7.27
CA VAL A 150 -14.04 -16.43 6.98
C VAL A 150 -14.72 -17.37 7.98
N TRP A 151 -14.69 -18.65 7.73
CA TRP A 151 -15.33 -19.61 8.67
C TRP A 151 -14.30 -20.14 9.67
N GLU A 152 -13.20 -19.46 9.83
CA GLU A 152 -12.15 -19.92 10.80
C GLU A 152 -11.63 -21.29 10.38
N GLY A 153 -10.41 -21.36 9.91
CA GLY A 153 -9.83 -22.67 9.48
C GLY A 153 -10.57 -23.17 8.24
N GLU A 154 -10.93 -22.28 7.36
CA GLU A 154 -11.65 -22.70 6.12
C GLU A 154 -11.08 -21.96 4.91
N THR A 155 -11.86 -21.84 3.86
CA THR A 155 -11.36 -21.14 2.64
C THR A 155 -11.90 -19.72 2.59
N THR A 156 -11.20 -18.83 1.92
CA THR A 156 -11.68 -17.42 1.84
C THR A 156 -11.93 -17.03 0.38
N ILE A 157 -12.79 -16.07 0.15
CA ILE A 157 -13.09 -15.65 -1.25
C ILE A 157 -13.06 -14.13 -1.36
N LEU A 158 -12.07 -13.60 -2.03
CA LEU A 158 -11.99 -12.11 -2.18
C LEU A 158 -12.39 -11.70 -3.60
N ASN A 159 -12.66 -10.45 -3.81
CA ASN A 159 -13.07 -9.99 -5.17
C ASN A 159 -12.47 -8.60 -5.47
N CYS A 160 -12.08 -8.37 -6.69
CA CYS A 160 -11.49 -7.05 -7.04
C CYS A 160 -12.08 -6.54 -8.36
N SER A 161 -12.13 -5.24 -8.55
CA SER A 161 -12.69 -4.69 -9.81
C SER A 161 -11.65 -3.82 -10.51
N TYR A 162 -11.99 -3.22 -11.61
CA TYR A 162 -11.03 -2.35 -12.34
C TYR A 162 -11.75 -1.49 -13.37
N GLU A 163 -11.44 -0.22 -13.43
CA GLU A 163 -12.11 0.67 -14.41
C GLU A 163 -11.08 1.29 -15.36
N ASP A 164 -10.01 0.59 -15.61
CA ASP A 164 -8.96 1.14 -16.52
C ASP A 164 -8.56 0.08 -17.56
N SER A 165 -7.89 0.49 -18.61
CA SER A 165 -7.47 -0.49 -19.66
C SER A 165 -6.04 -0.20 -20.10
N THR A 166 -5.25 0.38 -19.24
CA THR A 166 -3.83 0.68 -19.60
C THR A 166 -2.88 -0.02 -18.63
N PHE A 167 -3.31 -1.11 -18.07
CA PHE A 167 -2.43 -1.86 -17.12
C PHE A 167 -2.07 -3.22 -17.70
N ASP A 168 -0.97 -3.79 -17.27
CA ASP A 168 -0.56 -5.12 -17.80
C ASP A 168 -1.08 -6.24 -16.90
N TYR A 169 -0.90 -6.12 -15.62
CA TYR A 169 -1.39 -7.19 -14.68
C TYR A 169 -1.72 -6.57 -13.32
N PHE A 170 -2.18 -7.38 -12.40
CA PHE A 170 -2.52 -6.85 -11.05
C PHE A 170 -1.77 -7.63 -9.96
N PRO A 171 -0.66 -7.10 -9.51
CA PRO A 171 0.13 -7.77 -8.45
C PRO A 171 -0.71 -7.96 -7.19
N TRP A 172 -1.29 -9.11 -7.01
CA TRP A 172 -2.13 -9.36 -5.79
C TRP A 172 -1.27 -9.25 -4.53
N TYR A 173 -1.12 -8.07 -4.00
CA TYR A 173 -0.29 -7.90 -2.77
C TYR A 173 -1.05 -8.39 -1.53
N ARG A 174 -0.47 -8.24 -0.37
CA ARG A 174 -1.15 -8.68 0.88
C ARG A 174 -0.49 -8.05 2.11
N GLN A 175 -1.15 -8.11 3.23
CA GLN A 175 -0.58 -7.52 4.48
C GLN A 175 -1.15 -8.22 5.71
N PHE A 176 -0.30 -8.69 6.58
CA PHE A 176 -0.79 -9.40 7.80
C PHE A 176 -0.83 -8.43 8.99
N PRO A 177 -1.63 -8.74 9.98
CA PRO A 177 -1.74 -7.88 11.18
C PRO A 177 -0.40 -7.80 11.91
N GLY A 178 0.38 -8.85 11.84
CA GLY A 178 1.70 -8.84 12.52
C GLY A 178 2.82 -9.03 11.50
N LYS A 179 2.70 -10.02 10.65
CA LYS A 179 3.75 -10.25 9.62
C LYS A 179 3.79 -9.07 8.64
N SER A 180 4.95 -8.76 8.13
CA SER A 180 5.05 -7.61 7.17
C SER A 180 4.41 -8.00 5.82
N PRO A 181 3.82 -7.02 5.17
CA PRO A 181 3.16 -7.28 3.86
C PRO A 181 4.18 -7.78 2.83
N ALA A 182 3.74 -8.00 1.62
CA ALA A 182 4.66 -8.49 0.55
C ALA A 182 3.86 -8.81 -0.72
N LEU A 183 4.52 -8.95 -1.84
CA LEU A 183 3.81 -9.26 -3.11
C LEU A 183 3.55 -10.77 -3.20
N LEU A 184 2.45 -11.16 -3.78
CA LEU A 184 2.14 -12.62 -3.90
C LEU A 184 2.37 -13.08 -5.34
N ILE A 185 1.55 -12.64 -6.26
CA ILE A 185 1.72 -13.07 -7.68
C ILE A 185 1.21 -11.97 -8.62
N ALA A 186 0.94 -12.32 -9.85
CA ALA A 186 0.45 -11.32 -10.83
C ALA A 186 -0.48 -11.99 -11.85
N ILE A 187 -1.71 -11.56 -11.94
CA ILE A 187 -2.66 -12.17 -12.91
C ILE A 187 -2.58 -11.45 -14.26
N SER A 188 -3.67 -11.40 -14.98
CA SER A 188 -3.65 -10.70 -16.31
C SER A 188 -5.06 -10.58 -16.86
N LEU A 189 -5.99 -11.17 -16.19
CA LEU A 189 -7.40 -11.13 -16.62
C LEU A 189 -7.55 -11.71 -18.02
N VAL A 190 -7.16 -12.94 -18.22
CA VAL A 190 -7.27 -13.56 -19.58
C VAL A 190 -7.89 -14.95 -19.47
N SER A 191 -7.57 -15.69 -18.43
CA SER A 191 -8.14 -17.06 -18.28
C SER A 191 -9.25 -17.06 -17.22
N ASN A 192 -10.22 -17.92 -17.37
CA ASN A 192 -11.32 -17.97 -16.36
C ASN A 192 -10.78 -18.38 -14.99
N LYS A 193 -9.61 -18.97 -14.95
CA LYS A 193 -9.03 -19.40 -13.64
C LYS A 193 -7.50 -19.48 -13.74
N LYS A 194 -6.82 -19.34 -12.64
CA LYS A 194 -5.33 -19.40 -12.68
C LYS A 194 -4.78 -19.71 -11.28
N GLU A 195 -4.10 -20.81 -11.13
CA GLU A 195 -3.55 -21.17 -9.79
C GLU A 195 -2.05 -20.82 -9.73
N ASP A 196 -1.63 -20.10 -8.72
CA ASP A 196 -0.20 -19.73 -8.59
C ASP A 196 0.37 -20.21 -7.26
N GLY A 197 0.43 -21.51 -7.07
CA GLY A 197 0.98 -22.04 -5.79
C GLY A 197 -0.12 -22.81 -5.05
N ARG A 198 -1.08 -22.11 -4.48
CA ARG A 198 -2.17 -22.79 -3.75
C ARG A 198 -3.52 -22.17 -4.12
N PHE A 199 -3.67 -20.89 -3.96
CA PHE A 199 -4.95 -20.22 -4.31
C PHE A 199 -5.11 -20.13 -5.83
N THR A 200 -6.29 -19.85 -6.30
CA THR A 200 -6.50 -19.75 -7.77
C THR A 200 -7.45 -18.58 -8.10
N ILE A 201 -6.94 -17.57 -8.75
CA ILE A 201 -7.79 -16.40 -9.10
C ILE A 201 -8.71 -16.75 -10.26
N PHE A 202 -9.95 -16.32 -10.20
CA PHE A 202 -10.91 -16.62 -11.30
C PHE A 202 -11.32 -15.33 -12.00
N PHE A 203 -11.93 -15.44 -13.16
CA PHE A 203 -12.36 -14.21 -13.88
C PHE A 203 -13.87 -14.28 -14.18
N ASN A 204 -14.64 -13.45 -13.55
CA ASN A 204 -16.11 -13.45 -13.79
C ASN A 204 -16.45 -12.46 -14.90
N LYS A 205 -16.81 -12.94 -16.06
CA LYS A 205 -17.15 -12.03 -17.18
C LYS A 205 -18.51 -11.38 -16.93
N ARG A 206 -19.46 -12.16 -16.49
CA ARG A 206 -20.82 -11.60 -16.23
C ARG A 206 -20.75 -10.46 -15.21
N GLU A 207 -19.77 -10.49 -14.35
CA GLU A 207 -19.64 -9.40 -13.34
C GLU A 207 -18.35 -8.60 -13.54
N LYS A 208 -17.51 -9.03 -14.45
CA LYS A 208 -16.23 -8.29 -14.70
C LYS A 208 -15.44 -8.12 -13.40
N LYS A 209 -15.29 -9.16 -12.63
CA LYS A 209 -14.54 -9.06 -11.35
C LYS A 209 -13.59 -10.24 -11.18
N LEU A 210 -12.56 -10.08 -10.40
CA LEU A 210 -11.59 -11.21 -10.19
C LEU A 210 -11.81 -11.83 -8.80
N SER A 211 -12.17 -13.09 -8.75
CA SER A 211 -12.40 -13.74 -7.44
C SER A 211 -11.30 -14.76 -7.15
N LEU A 212 -10.53 -14.55 -6.11
CA LEU A 212 -9.44 -15.51 -5.78
C LEU A 212 -9.89 -16.43 -4.63
N HIS A 213 -9.44 -17.66 -4.65
CA HIS A 213 -9.83 -18.62 -3.57
C HIS A 213 -8.60 -19.15 -2.84
N ILE A 214 -8.65 -19.22 -1.54
CA ILE A 214 -7.49 -19.73 -0.76
C ILE A 214 -7.98 -20.67 0.34
N THR A 215 -7.40 -21.84 0.44
CA THR A 215 -7.84 -22.81 1.49
C THR A 215 -6.84 -22.81 2.66
N ASP A 216 -7.23 -23.39 3.77
CA ASP A 216 -6.32 -23.43 4.95
C ASP A 216 -5.94 -22.02 5.39
N SER A 217 -6.74 -21.40 6.21
CA SER A 217 -6.42 -20.02 6.67
C SER A 217 -6.15 -20.03 8.18
N GLN A 218 -5.57 -18.98 8.71
CA GLN A 218 -5.28 -18.93 10.17
C GLN A 218 -6.10 -17.82 10.83
N PRO A 219 -6.35 -17.97 12.12
CA PRO A 219 -7.14 -16.96 12.87
C PRO A 219 -6.40 -15.61 12.89
N GLY A 220 -6.71 -14.78 13.84
CA GLY A 220 -6.03 -13.45 13.92
C GLY A 220 -6.52 -12.56 12.78
N ASP A 221 -7.76 -12.17 12.80
CA ASP A 221 -8.32 -11.30 11.72
C ASP A 221 -8.00 -11.90 10.34
N SER A 222 -7.78 -13.19 10.30
CA SER A 222 -7.48 -13.86 8.99
C SER A 222 -6.31 -13.15 8.29
N ALA A 223 -6.60 -12.23 7.40
CA ALA A 223 -5.51 -11.51 6.68
C ALA A 223 -6.10 -10.47 5.73
N THR A 224 -5.33 -9.47 5.39
CA THR A 224 -5.84 -8.41 4.48
C THR A 224 -5.12 -8.49 3.13
N TYR A 225 -5.84 -8.64 2.06
CA TYR A 225 -5.19 -8.75 0.72
C TYR A 225 -5.24 -7.39 -0.01
N PHE A 226 -4.24 -7.10 -0.80
CA PHE A 226 -4.23 -5.81 -1.55
C PHE A 226 -4.40 -6.06 -3.05
N CYS A 227 -5.13 -5.20 -3.72
CA CYS A 227 -5.34 -5.38 -5.18
C CYS A 227 -4.92 -4.12 -5.94
N ALA A 228 -3.99 -4.23 -6.85
CA ALA A 228 -3.55 -3.04 -7.61
C ALA A 228 -3.18 -3.43 -9.05
N ALA A 229 -2.80 -2.47 -9.85
CA ALA A 229 -2.43 -2.78 -11.26
C ALA A 229 -1.18 -1.99 -11.67
N THR A 230 -0.47 -2.45 -12.65
CA THR A 230 0.76 -1.73 -13.09
C THR A 230 1.19 -2.19 -14.49
N GLY A 231 1.82 -1.33 -15.23
CA GLY A 231 2.29 -1.71 -16.60
C GLY A 231 3.72 -1.22 -16.79
N SER A 232 4.01 -0.01 -16.36
CA SER A 232 5.38 0.54 -16.50
C SER A 232 5.90 0.97 -15.13
N PHE A 233 6.79 1.93 -15.08
CA PHE A 233 7.33 2.39 -13.77
C PHE A 233 6.38 3.42 -13.14
N ASN A 234 6.34 3.46 -11.83
CA ASN A 234 5.44 4.44 -11.14
C ASN A 234 4.00 4.32 -11.67
N LYS A 235 3.47 3.13 -11.74
CA LYS A 235 2.07 2.96 -12.24
C LYS A 235 1.32 1.93 -11.38
N LEU A 236 1.61 1.90 -10.10
CA LEU A 236 0.92 0.91 -9.22
C LEU A 236 -0.33 1.53 -8.59
N THR A 237 -1.47 1.31 -9.17
CA THR A 237 -2.73 1.88 -8.61
C THR A 237 -3.42 0.84 -7.73
N PHE A 238 -3.72 1.18 -6.51
CA PHE A 238 -4.40 0.20 -5.60
C PHE A 238 -5.89 0.53 -5.45
N GLY A 239 -6.66 -0.39 -4.92
CA GLY A 239 -8.12 -0.13 -4.73
C GLY A 239 -8.50 -0.45 -3.30
N ALA A 240 -7.74 0.04 -2.36
CA ALA A 240 -8.03 -0.22 -0.91
C ALA A 240 -8.06 -1.73 -0.62
N GLY A 241 -7.45 -2.51 -1.47
CA GLY A 241 -7.40 -3.99 -1.26
C GLY A 241 -8.71 -4.50 -0.66
N THR A 242 -8.61 -5.37 0.31
CA THR A 242 -9.84 -5.91 0.96
C THR A 242 -9.51 -6.38 2.39
N ARG A 243 -10.44 -6.24 3.30
CA ARG A 243 -10.17 -6.67 4.70
C ARG A 243 -10.89 -8.00 4.99
N LEU A 244 -10.14 -9.03 5.27
CA LEU A 244 -10.77 -10.35 5.56
C LEU A 244 -10.60 -10.70 7.04
N ALA A 245 -11.69 -10.99 7.72
CA ALA A 245 -11.59 -11.34 9.17
C ALA A 245 -12.16 -12.74 9.41
N VAL A 246 -11.85 -13.33 10.52
CA VAL A 246 -12.38 -14.70 10.82
C VAL A 246 -13.78 -14.61 11.41
N SER A 247 -14.66 -15.50 11.03
CA SER A 247 -16.05 -15.48 11.57
C SER A 247 -16.47 -16.88 12.01
N PRO A 248 -16.09 -17.26 13.21
CA PRO A 248 -16.44 -18.59 13.74
C PRO A 248 -17.96 -18.77 13.80
N TYR A 249 -18.64 -17.86 14.45
CA TYR A 249 -20.13 -17.97 14.55
C TYR A 249 -20.77 -17.79 13.18
N ALA A 1 21.54 -3.81 4.05
CA ALA A 1 20.41 -4.45 3.33
C ALA A 1 19.22 -3.49 3.26
N VAL A 2 18.19 -3.86 2.55
CA VAL A 2 16.98 -2.98 2.45
C VAL A 2 16.46 -2.68 3.86
N THR A 3 16.67 -1.49 4.34
CA THR A 3 16.20 -1.15 5.72
C THR A 3 15.42 0.16 5.71
N GLN A 4 15.00 0.60 6.86
CA GLN A 4 14.23 1.88 6.94
C GLN A 4 14.02 2.27 8.40
N SER A 5 14.65 3.33 8.84
CA SER A 5 14.49 3.77 10.26
C SER A 5 14.77 2.60 11.23
N PRO A 6 16.00 2.50 11.68
CA PRO A 6 16.38 1.40 12.60
C PRO A 6 15.54 1.48 13.89
N ARG A 7 15.02 2.63 14.20
CA ARG A 7 14.20 2.76 15.43
C ARG A 7 12.89 3.51 15.12
N ASN A 8 11.88 3.30 15.92
CA ASN A 8 10.58 3.99 15.67
C ASN A 8 10.44 5.21 16.59
N LYS A 9 9.68 6.19 16.16
CA LYS A 9 9.50 7.42 17.00
C LYS A 9 8.25 8.18 16.55
N VAL A 10 7.61 8.87 17.45
CA VAL A 10 6.39 9.63 17.08
C VAL A 10 6.69 11.13 17.01
N ALA A 11 5.83 11.89 16.38
CA ALA A 11 6.05 13.35 16.28
C ALA A 11 4.79 14.11 16.68
N VAL A 12 4.91 15.36 16.99
CA VAL A 12 3.71 16.15 17.38
C VAL A 12 3.28 17.04 16.21
N THR A 13 2.21 17.77 16.37
CA THR A 13 1.72 18.66 15.26
C THR A 13 2.89 19.40 14.62
N GLY A 14 3.20 19.07 13.39
CA GLY A 14 4.33 19.74 12.69
C GLY A 14 5.63 19.48 13.47
N GLY A 15 5.93 18.23 13.73
CA GLY A 15 7.18 17.91 14.49
C GLY A 15 8.29 17.54 13.51
N LYS A 16 8.49 16.28 13.27
CA LYS A 16 9.56 15.85 12.32
C LYS A 16 9.52 14.33 12.15
N VAL A 17 10.05 13.83 11.06
CA VAL A 17 10.03 12.35 10.85
C VAL A 17 11.39 11.89 10.31
N THR A 18 12.04 10.98 10.99
CA THR A 18 13.36 10.50 10.51
C THR A 18 13.28 9.05 10.06
N LEU A 19 13.49 8.79 8.80
CA LEU A 19 13.42 7.38 8.29
C LEU A 19 14.61 7.11 7.37
N SER A 20 15.61 6.43 7.85
CA SER A 20 16.79 6.13 7.00
C SER A 20 16.62 4.77 6.31
N CYS A 21 16.50 4.79 5.01
CA CYS A 21 16.33 3.50 4.26
C CYS A 21 17.58 3.21 3.43
N ASN A 22 18.05 2.00 3.47
CA ASN A 22 19.26 1.65 2.67
C ASN A 22 18.90 0.61 1.60
N GLN A 23 19.77 0.40 0.65
CA GLN A 23 19.48 -0.60 -0.42
C GLN A 23 20.74 -1.37 -0.80
N THR A 24 20.69 -2.67 -0.68
CA THR A 24 21.87 -3.51 -1.04
C THR A 24 21.50 -4.98 -0.87
N ASN A 25 20.42 -5.39 -1.48
CA ASN A 25 19.98 -6.81 -1.39
C ASN A 25 19.88 -7.38 -2.79
N ASN A 26 20.74 -6.93 -3.67
CA ASN A 26 20.73 -7.41 -5.09
C ASN A 26 19.52 -6.81 -5.83
N HIS A 27 19.18 -5.60 -5.53
CA HIS A 27 18.02 -4.94 -6.20
C HIS A 27 18.47 -3.63 -6.85
N ASN A 28 18.33 -3.51 -8.14
CA ASN A 28 18.75 -2.25 -8.82
C ASN A 28 17.62 -1.21 -8.77
N ASN A 29 16.47 -1.58 -8.28
CA ASN A 29 15.34 -0.61 -8.22
C ASN A 29 14.85 -0.45 -6.78
N MET A 30 14.45 0.74 -6.40
CA MET A 30 13.97 0.96 -5.01
C MET A 30 12.56 1.56 -5.05
N TYR A 31 11.68 1.09 -4.19
CA TYR A 31 10.30 1.64 -4.17
C TYR A 31 9.95 2.18 -2.78
N TRP A 32 9.15 3.21 -2.72
CA TRP A 32 8.77 3.78 -1.40
C TRP A 32 7.25 3.96 -1.33
N TYR A 33 6.62 3.37 -0.36
CA TYR A 33 5.14 3.50 -0.25
C TYR A 33 4.75 4.13 1.09
N ARG A 34 3.50 4.49 1.24
CA ARG A 34 3.05 5.12 2.51
C ARG A 34 1.58 4.77 2.77
N GLN A 35 1.24 4.46 3.99
CA GLN A 35 -0.17 4.10 4.30
C GLN A 35 -1.06 5.35 4.27
N ASP A 36 -2.34 5.17 4.11
CA ASP A 36 -3.27 6.34 4.06
C ASP A 36 -4.60 5.97 4.73
N THR A 37 -5.33 5.08 4.14
CA THR A 37 -6.63 4.66 4.72
C THR A 37 -6.46 3.35 5.49
N GLY A 38 -7.54 2.71 5.86
CA GLY A 38 -7.42 1.42 6.61
C GLY A 38 -6.66 0.41 5.77
N HIS A 39 -6.82 0.46 4.47
CA HIS A 39 -6.10 -0.50 3.59
C HIS A 39 -5.69 0.18 2.27
N GLY A 40 -5.69 1.49 2.25
CA GLY A 40 -5.29 2.21 1.00
C GLY A 40 -3.84 2.65 1.10
N LEU A 41 -3.00 2.18 0.23
CA LEU A 41 -1.55 2.58 0.26
C LEU A 41 -1.38 3.96 -0.39
N ARG A 42 -0.16 4.39 -0.57
CA ARG A 42 0.08 5.72 -1.19
C ARG A 42 1.57 5.89 -1.53
N LEU A 43 1.93 5.65 -2.76
CA LEU A 43 3.36 5.80 -3.15
C LEU A 43 3.79 7.27 -3.04
N ILE A 44 5.05 7.51 -2.76
CA ILE A 44 5.52 8.92 -2.64
C ILE A 44 6.95 9.05 -3.19
N HIS A 45 7.75 8.05 -2.98
CA HIS A 45 9.16 8.10 -3.48
C HIS A 45 9.49 6.81 -4.22
N TYR A 46 10.40 6.87 -5.16
CA TYR A 46 10.79 5.65 -5.92
C TYR A 46 11.97 5.97 -6.85
N SER A 47 12.96 5.12 -6.90
CA SER A 47 14.13 5.40 -7.79
C SER A 47 14.94 4.12 -8.02
N TYR A 48 15.66 4.04 -9.10
CA TYR A 48 16.47 2.83 -9.38
C TYR A 48 17.93 3.22 -9.66
N GLY A 49 18.19 4.47 -9.97
CA GLY A 49 19.58 4.89 -10.24
C GLY A 49 19.96 6.06 -9.32
N ALA A 50 20.99 6.77 -9.67
CA ALA A 50 21.42 7.93 -8.82
C ALA A 50 20.79 9.23 -9.32
N GLY A 51 20.36 10.07 -8.42
CA GLY A 51 19.73 11.36 -8.85
C GLY A 51 18.24 11.13 -9.12
N SER A 52 17.61 10.29 -8.34
CA SER A 52 16.17 10.01 -8.55
C SER A 52 15.45 9.86 -7.20
N THR A 53 14.51 10.73 -6.91
CA THR A 53 13.79 10.63 -5.61
C THR A 53 12.66 11.66 -5.54
N GLU A 54 11.89 11.62 -4.47
CA GLU A 54 10.75 12.56 -4.27
C GLU A 54 9.97 12.77 -5.57
N LYS A 55 9.35 11.73 -6.07
CA LYS A 55 8.57 11.87 -7.31
C LYS A 55 7.48 10.79 -7.39
N GLY A 56 6.93 10.42 -6.27
CA GLY A 56 5.86 9.38 -6.27
C GLY A 56 4.64 9.88 -7.05
N ASP A 57 3.62 10.29 -6.36
CA ASP A 57 2.40 10.80 -7.05
C ASP A 57 1.93 12.11 -6.41
N ILE A 58 1.62 12.09 -5.15
CA ILE A 58 1.15 13.34 -4.48
C ILE A 58 1.64 13.39 -3.02
N PRO A 59 2.94 13.31 -2.82
CA PRO A 59 3.50 13.38 -1.46
C PRO A 59 3.12 14.69 -0.78
N ASP A 60 3.70 15.78 -1.21
CA ASP A 60 3.38 17.11 -0.62
C ASP A 60 3.71 17.14 0.88
N GLY A 61 4.44 18.13 1.32
CA GLY A 61 4.79 18.23 2.76
C GLY A 61 5.75 17.10 3.15
N TYR A 62 6.88 17.01 2.50
CA TYR A 62 7.85 15.93 2.83
C TYR A 62 9.27 16.35 2.44
N LYS A 63 10.25 15.54 2.77
CA LYS A 63 11.66 15.88 2.42
C LYS A 63 12.50 14.61 2.33
N ALA A 64 13.46 14.58 1.44
CA ALA A 64 14.31 13.35 1.31
C ALA A 64 15.50 13.62 0.38
N SER A 65 16.37 12.67 0.23
CA SER A 65 17.56 12.87 -0.66
C SER A 65 18.10 11.52 -1.14
N ARG A 66 18.67 11.50 -2.31
CA ARG A 66 19.24 10.23 -2.85
C ARG A 66 20.68 10.46 -3.32
N PRO A 67 21.57 10.70 -2.38
CA PRO A 67 22.99 10.94 -2.71
C PRO A 67 23.57 9.76 -3.47
N SER A 68 23.25 8.56 -3.05
CA SER A 68 23.78 7.36 -3.74
C SER A 68 22.64 6.42 -4.14
N GLN A 69 22.82 5.68 -5.21
CA GLN A 69 21.74 4.75 -5.65
C GLN A 69 21.42 3.73 -4.55
N GLU A 70 22.32 3.54 -3.62
CA GLU A 70 22.07 2.56 -2.53
C GLU A 70 21.59 3.29 -1.27
N ASN A 71 21.92 4.56 -1.14
CA ASN A 71 21.48 5.32 0.06
C ASN A 71 20.18 6.08 -0.23
N PHE A 72 19.33 6.20 0.75
CA PHE A 72 18.04 6.92 0.54
C PHE A 72 17.44 7.33 1.88
N SER A 73 17.34 8.61 2.15
CA SER A 73 16.77 9.06 3.45
C SER A 73 15.43 9.76 3.23
N LEU A 74 14.47 9.48 4.06
CA LEU A 74 13.13 10.12 3.92
C LEU A 74 12.71 10.74 5.25
N ILE A 75 12.26 11.98 5.24
CA ILE A 75 11.82 12.60 6.52
C ILE A 75 10.64 13.54 6.27
N LEU A 76 10.07 14.08 7.32
CA LEU A 76 8.91 15.01 7.15
C LEU A 76 8.84 15.97 8.33
N GLU A 77 8.83 17.25 8.06
CA GLU A 77 8.75 18.23 9.19
C GLU A 77 7.56 19.17 8.99
N LEU A 78 6.44 18.63 8.60
CA LEU A 78 5.22 19.48 8.39
C LEU A 78 3.98 18.61 8.29
N ALA A 79 3.57 17.99 9.37
CA ALA A 79 2.36 17.13 9.33
C ALA A 79 1.27 17.69 10.25
N THR A 80 0.04 17.40 9.95
CA THR A 80 -1.08 17.90 10.79
C THR A 80 -1.58 16.77 11.72
N PRO A 81 -2.41 17.12 12.67
CA PRO A 81 -2.95 16.12 13.61
C PRO A 81 -3.91 15.12 12.92
N SER A 82 -3.62 14.77 11.68
CA SER A 82 -4.52 13.80 10.96
C SER A 82 -3.96 13.54 9.55
N GLN A 83 -2.67 13.54 9.39
CA GLN A 83 -2.08 13.30 8.05
C GLN A 83 -0.85 12.40 8.13
N THR A 84 -0.57 11.84 9.29
CA THR A 84 0.62 10.95 9.41
C THR A 84 0.31 9.59 8.79
N SER A 85 1.10 8.57 9.09
CA SER A 85 0.83 7.22 8.51
C SER A 85 2.02 6.29 8.74
N VAL A 86 2.13 5.23 7.96
CA VAL A 86 3.27 4.29 8.14
C VAL A 86 4.20 4.35 6.93
N TYR A 87 5.47 4.54 7.14
CA TYR A 87 6.43 4.61 6.00
C TYR A 87 7.07 3.25 5.75
N PHE A 88 6.92 2.72 4.56
CA PHE A 88 7.52 1.38 4.26
C PHE A 88 8.53 1.50 3.11
N CYS A 89 9.67 0.88 3.26
CA CYS A 89 10.70 0.94 2.18
C CYS A 89 10.95 -0.45 1.61
N ALA A 90 10.79 -0.62 0.32
CA ALA A 90 11.00 -1.96 -0.29
C ALA A 90 11.76 -1.81 -1.62
N SER A 91 12.29 -2.89 -2.12
CA SER A 91 13.03 -2.83 -3.41
C SER A 91 12.51 -3.90 -4.38
N GLY A 92 13.31 -4.31 -5.32
CA GLY A 92 12.87 -5.34 -6.30
C GLY A 92 13.82 -5.36 -7.50
N GLY A 93 13.81 -6.42 -8.26
CA GLY A 93 14.71 -6.49 -9.44
C GLY A 93 14.09 -5.75 -10.62
N GLN A 94 14.63 -5.91 -11.80
CA GLN A 94 14.07 -5.21 -12.99
C GLN A 94 13.36 -6.21 -13.90
N GLY A 95 12.17 -5.88 -14.35
CA GLY A 95 11.42 -6.81 -15.24
C GLY A 95 10.28 -7.45 -14.47
N ARG A 96 10.50 -8.62 -13.93
CA ARG A 96 9.42 -9.31 -13.15
C ARG A 96 9.96 -9.85 -11.84
N ALA A 97 9.80 -9.11 -10.77
CA ALA A 97 10.31 -9.58 -9.44
C ALA A 97 9.44 -9.01 -8.31
N GLU A 98 9.19 -9.79 -7.30
CA GLU A 98 8.36 -9.29 -6.16
C GLU A 98 9.09 -8.14 -5.44
N GLN A 99 8.47 -7.56 -4.45
CA GLN A 99 9.11 -6.43 -3.72
C GLN A 99 9.68 -6.93 -2.38
N PHE A 100 10.89 -6.57 -2.06
CA PHE A 100 11.48 -7.01 -0.77
C PHE A 100 11.15 -6.00 0.33
N PHE A 101 9.94 -6.01 0.80
CA PHE A 101 9.54 -5.05 1.87
C PHE A 101 10.38 -5.26 3.13
N GLY A 102 11.21 -4.31 3.46
CA GLY A 102 12.06 -4.44 4.68
C GLY A 102 11.30 -3.88 5.89
N PRO A 103 12.05 -3.46 6.90
CA PRO A 103 11.42 -2.90 8.11
C PRO A 103 10.60 -1.65 7.76
N GLY A 104 9.59 -1.35 8.53
CA GLY A 104 8.76 -0.16 8.25
C GLY A 104 8.58 0.67 9.53
N THR A 105 7.80 1.72 9.47
CA THR A 105 7.59 2.56 10.67
C THR A 105 6.20 3.21 10.63
N ARG A 106 5.52 3.24 11.74
CA ARG A 106 4.16 3.88 11.77
C ARG A 106 4.08 4.90 12.90
N LEU A 107 3.97 6.16 12.56
CA LEU A 107 3.90 7.20 13.63
C LEU A 107 2.81 8.24 13.32
N THR A 108 2.39 8.95 14.33
CA THR A 108 1.34 10.00 14.14
C THR A 108 1.89 11.37 14.53
N VAL A 109 1.48 12.40 13.84
CA VAL A 109 1.99 13.77 14.16
C VAL A 109 0.92 14.55 14.94
N LEU A 110 1.08 14.66 16.22
CA LEU A 110 0.08 15.40 17.05
C LEU A 110 0.56 15.53 18.50
N GLY A 111 0.02 16.46 19.24
CA GLY A 111 0.43 16.63 20.66
C GLY A 111 -0.19 15.52 21.51
N SER A 112 0.61 14.61 21.99
CA SER A 112 0.07 13.50 22.82
C SER A 112 0.70 13.53 24.22
N ASP A 113 0.54 12.49 24.98
CA ASP A 113 1.12 12.46 26.36
C ASP A 113 1.17 11.03 26.89
N TYR A 114 1.81 10.15 26.16
CA TYR A 114 1.91 8.73 26.61
C TYR A 114 3.12 8.06 25.98
N LYS A 115 3.24 8.13 24.68
CA LYS A 115 4.41 7.50 23.99
C LYS A 115 4.52 6.02 24.37
N ASP A 116 3.98 5.14 23.55
CA ASP A 116 4.05 3.68 23.85
C ASP A 116 5.38 3.10 23.35
N ASP A 117 5.46 1.81 23.18
CA ASP A 117 6.71 1.19 22.70
C ASP A 117 6.44 -0.21 22.14
N ASP A 118 6.12 -0.29 20.87
CA ASP A 118 5.84 -1.62 20.26
C ASP A 118 7.06 -2.11 19.48
N ASP A 119 7.42 -3.36 19.63
CA ASP A 119 8.60 -3.90 18.91
C ASP A 119 8.17 -4.94 17.87
N LYS A 120 9.02 -5.23 16.93
CA LYS A 120 8.66 -6.23 15.88
C LYS A 120 9.93 -6.84 15.26
N ARG A 121 9.78 -7.73 14.33
CA ARG A 121 10.99 -8.36 13.70
C ARG A 121 10.98 -8.09 12.18
N SER A 122 10.32 -8.91 11.41
CA SER A 122 10.28 -8.70 9.94
C SER A 122 9.43 -9.78 9.27
N GLY A 123 8.83 -9.47 8.15
CA GLY A 123 7.98 -10.47 7.45
C GLY A 123 8.87 -11.42 6.65
N GLY A 124 9.04 -11.15 5.38
CA GLY A 124 9.90 -12.03 4.53
C GLY A 124 9.12 -12.49 3.30
N GLY A 125 9.54 -13.56 2.69
CA GLY A 125 8.82 -14.06 1.48
C GLY A 125 9.61 -15.22 0.87
N GLY A 126 9.73 -15.25 -0.44
CA GLY A 126 10.49 -16.35 -1.10
C GLY A 126 10.58 -16.08 -2.60
N SER A 127 10.58 -17.11 -3.39
CA SER A 127 10.66 -16.92 -4.88
C SER A 127 9.28 -17.06 -5.50
N GLY A 128 8.51 -15.99 -5.52
CA GLY A 128 7.14 -16.05 -6.12
C GLY A 128 7.20 -15.57 -7.57
N GLY A 129 6.08 -15.25 -8.14
CA GLY A 129 6.06 -14.77 -9.56
C GLY A 129 6.79 -13.43 -9.64
N GLY A 130 6.41 -12.59 -10.56
CA GLY A 130 7.07 -11.27 -10.70
C GLY A 130 6.04 -10.15 -10.53
N GLY A 131 6.46 -8.92 -10.69
CA GLY A 131 5.50 -7.78 -10.53
C GLY A 131 6.25 -6.46 -10.66
N SER A 132 5.94 -5.70 -11.68
CA SER A 132 6.64 -4.39 -11.87
C SER A 132 5.84 -3.27 -11.21
N GLY A 133 6.50 -2.27 -10.71
CA GLY A 133 5.78 -1.13 -10.05
C GLY A 133 6.64 0.13 -10.11
N GLY A 134 6.06 1.26 -9.82
CA GLY A 134 6.83 2.54 -9.86
C GLY A 134 5.90 3.71 -9.53
N SER A 135 4.67 3.64 -9.98
CA SER A 135 3.71 4.75 -9.70
C SER A 135 2.29 4.19 -9.54
N GLY A 136 1.32 5.05 -9.44
CA GLY A 136 -0.09 4.59 -9.28
C GLY A 136 -1.02 5.79 -9.19
N ALA A 137 -1.13 6.54 -10.25
CA ALA A 137 -2.03 7.73 -10.24
C ALA A 137 -3.50 7.31 -10.38
N GLN A 138 -4.42 8.18 -10.05
CA GLN A 138 -5.87 7.83 -10.15
C GLN A 138 -6.17 6.55 -9.37
N GLN A 139 -7.41 6.16 -9.33
CA GLN A 139 -7.78 4.91 -8.58
C GLN A 139 -8.72 4.05 -9.43
N GLN A 140 -8.26 2.92 -9.88
CA GLN A 140 -9.12 2.02 -10.71
C GLN A 140 -9.42 0.74 -9.94
N VAL A 141 -8.42 0.13 -9.37
CA VAL A 141 -8.65 -1.13 -8.60
C VAL A 141 -9.71 -0.92 -7.53
N ARG A 142 -10.61 -1.86 -7.38
CA ARG A 142 -11.67 -1.72 -6.35
C ARG A 142 -11.89 -3.06 -5.63
N GLN A 143 -11.34 -3.20 -4.45
CA GLN A 143 -11.51 -4.47 -3.69
C GLN A 143 -12.76 -4.39 -2.81
N SER A 144 -13.53 -5.45 -2.78
CA SER A 144 -14.78 -5.46 -1.94
C SER A 144 -14.52 -4.81 -0.55
N PRO A 145 -14.96 -3.58 -0.39
CA PRO A 145 -14.76 -2.87 0.89
C PRO A 145 -15.54 -3.54 2.02
N GLN A 146 -15.85 -2.81 3.07
CA GLN A 146 -16.61 -3.40 4.21
C GLN A 146 -15.84 -4.57 4.84
N SER A 147 -14.58 -4.71 4.53
CA SER A 147 -13.78 -5.83 5.11
C SER A 147 -14.53 -7.16 4.99
N LEU A 148 -14.10 -8.16 5.71
CA LEU A 148 -14.80 -9.48 5.64
C LEU A 148 -14.27 -10.41 6.74
N THR A 149 -15.14 -10.92 7.57
CA THR A 149 -14.68 -11.84 8.65
C THR A 149 -14.91 -13.30 8.25
N VAL A 150 -13.98 -14.16 8.55
CA VAL A 150 -14.13 -15.59 8.18
C VAL A 150 -13.68 -16.49 9.34
N TRP A 151 -14.08 -17.74 9.33
CA TRP A 151 -13.68 -18.66 10.43
C TRP A 151 -12.39 -19.39 10.05
N GLU A 152 -11.46 -19.49 10.97
CA GLU A 152 -10.17 -20.18 10.66
C GLU A 152 -10.45 -21.65 10.27
N GLY A 153 -9.92 -22.07 9.16
CA GLY A 153 -10.15 -23.49 8.73
C GLY A 153 -11.07 -23.50 7.50
N GLU A 154 -12.06 -22.65 7.48
CA GLU A 154 -12.99 -22.60 6.32
C GLU A 154 -12.29 -21.99 5.11
N THR A 155 -13.05 -21.45 4.18
CA THR A 155 -12.44 -20.84 2.98
C THR A 155 -12.69 -19.32 2.96
N THR A 156 -12.12 -18.63 2.01
CA THR A 156 -12.32 -17.15 1.94
C THR A 156 -12.50 -16.72 0.48
N ILE A 157 -13.07 -15.56 0.26
CA ILE A 157 -13.27 -15.09 -1.13
C ILE A 157 -12.84 -13.62 -1.26
N LEU A 158 -12.25 -13.27 -2.37
CA LEU A 158 -11.81 -11.86 -2.57
C LEU A 158 -12.39 -11.32 -3.88
N ASN A 159 -12.62 -10.03 -3.95
CA ASN A 159 -13.19 -9.45 -5.20
C ASN A 159 -12.46 -8.15 -5.58
N CYS A 160 -11.55 -8.23 -6.52
CA CYS A 160 -10.80 -7.01 -6.95
C CYS A 160 -11.41 -6.45 -8.25
N SER A 161 -11.27 -5.18 -8.47
CA SER A 161 -11.84 -4.57 -9.72
C SER A 161 -10.78 -3.73 -10.42
N TYR A 162 -11.15 -3.02 -11.46
CA TYR A 162 -10.16 -2.18 -12.17
C TYR A 162 -10.86 -1.28 -13.20
N GLU A 163 -10.14 -0.39 -13.82
CA GLU A 163 -10.75 0.52 -14.82
C GLU A 163 -9.67 1.12 -15.71
N ASP A 164 -8.59 0.42 -15.91
CA ASP A 164 -7.49 0.95 -16.77
C ASP A 164 -7.71 0.54 -18.23
N SER A 165 -7.09 1.25 -19.14
CA SER A 165 -7.27 0.91 -20.58
C SER A 165 -5.95 0.38 -21.16
N THR A 166 -5.13 -0.22 -20.33
CA THR A 166 -3.83 -0.77 -20.81
C THR A 166 -3.24 -1.73 -19.79
N PHE A 167 -4.07 -2.38 -19.03
CA PHE A 167 -3.57 -3.33 -18.00
C PHE A 167 -3.13 -4.64 -18.65
N ASP A 168 -2.63 -5.57 -17.87
CA ASP A 168 -2.18 -6.87 -18.44
C ASP A 168 -1.92 -7.88 -17.32
N TYR A 169 -1.35 -7.43 -16.23
CA TYR A 169 -1.07 -8.36 -15.11
C TYR A 169 -1.66 -7.79 -13.81
N PHE A 170 -1.94 -8.63 -12.85
CA PHE A 170 -2.52 -8.13 -11.57
C PHE A 170 -1.95 -8.89 -10.38
N PRO A 171 -0.68 -8.67 -10.10
CA PRO A 171 -0.03 -9.34 -8.95
C PRO A 171 -0.72 -8.94 -7.65
N TRP A 172 -1.31 -9.89 -6.96
CA TRP A 172 -2.00 -9.53 -5.68
C TRP A 172 -0.99 -9.55 -4.52
N TYR A 173 -1.07 -8.57 -3.65
CA TYR A 173 -0.11 -8.51 -2.52
C TYR A 173 -0.74 -8.94 -1.19
N ARG A 174 0.03 -8.89 -0.15
CA ARG A 174 -0.50 -9.29 1.20
C ARG A 174 0.17 -8.45 2.29
N GLN A 175 -0.50 -7.47 2.81
CA GLN A 175 0.10 -6.61 3.89
C GLN A 175 -0.42 -7.03 5.26
N PHE A 176 0.43 -7.05 6.25
CA PHE A 176 -0.01 -7.45 7.62
C PHE A 176 -0.01 -6.22 8.54
N PRO A 177 -0.74 -6.32 9.64
CA PRO A 177 -0.80 -5.20 10.61
C PRO A 177 0.58 -4.91 11.20
N GLY A 178 1.42 -5.91 11.28
CA GLY A 178 2.78 -5.68 11.85
C GLY A 178 3.83 -6.21 10.88
N LYS A 179 3.67 -7.41 10.39
CA LYS A 179 4.66 -7.98 9.42
C LYS A 179 4.77 -7.09 8.19
N SER A 180 5.84 -7.20 7.45
CA SER A 180 6.01 -6.36 6.23
C SER A 180 5.21 -6.97 5.07
N PRO A 181 4.72 -6.11 4.20
CA PRO A 181 3.93 -6.59 3.03
C PRO A 181 4.79 -7.48 2.12
N ALA A 182 4.18 -8.16 1.20
CA ALA A 182 4.95 -9.04 0.28
C ALA A 182 4.05 -9.51 -0.88
N LEU A 183 4.65 -9.86 -1.99
CA LEU A 183 3.84 -10.34 -3.15
C LEU A 183 3.62 -11.85 -3.06
N LEU A 184 2.56 -12.34 -3.66
CA LEU A 184 2.29 -13.81 -3.62
C LEU A 184 2.33 -14.38 -5.03
N ILE A 185 1.38 -14.00 -5.86
CA ILE A 185 1.36 -14.52 -7.26
C ILE A 185 0.79 -13.47 -8.22
N ALA A 186 0.40 -13.90 -9.38
CA ALA A 186 -0.18 -12.96 -10.39
C ALA A 186 -0.82 -13.75 -11.52
N ILE A 187 -1.62 -13.11 -12.33
CA ILE A 187 -2.28 -13.83 -13.46
C ILE A 187 -2.27 -12.96 -14.72
N SER A 188 -3.25 -13.09 -15.56
CA SER A 188 -3.30 -12.27 -16.81
C SER A 188 -4.74 -12.08 -17.25
N LEU A 189 -5.63 -12.68 -16.54
CA LEU A 189 -7.08 -12.60 -16.85
C LEU A 189 -7.35 -13.17 -18.25
N VAL A 190 -6.93 -14.39 -18.49
CA VAL A 190 -7.15 -15.01 -19.82
C VAL A 190 -7.77 -16.41 -19.65
N SER A 191 -8.33 -16.69 -18.51
CA SER A 191 -8.94 -18.03 -18.28
C SER A 191 -10.09 -17.92 -17.27
N ASN A 192 -11.06 -18.78 -17.37
CA ASN A 192 -12.21 -18.72 -16.41
C ASN A 192 -11.74 -19.04 -14.99
N LYS A 193 -10.61 -19.69 -14.86
CA LYS A 193 -10.11 -20.03 -13.49
C LYS A 193 -8.61 -20.34 -13.54
N LYS A 194 -7.91 -20.11 -12.46
CA LYS A 194 -6.45 -20.39 -12.43
C LYS A 194 -5.96 -20.53 -10.99
N GLU A 195 -5.12 -21.50 -10.73
CA GLU A 195 -4.60 -21.69 -9.34
C GLU A 195 -3.12 -21.35 -9.28
N ASP A 196 -2.70 -20.67 -8.24
CA ASP A 196 -1.25 -20.31 -8.13
C ASP A 196 -0.70 -20.78 -6.78
N GLY A 197 -0.65 -22.06 -6.56
CA GLY A 197 -0.13 -22.59 -5.26
C GLY A 197 -1.26 -23.27 -4.50
N ARG A 198 -2.33 -22.58 -4.25
CA ARG A 198 -3.47 -23.18 -3.51
C ARG A 198 -4.80 -22.54 -3.96
N PHE A 199 -4.98 -21.28 -3.66
CA PHE A 199 -6.25 -20.59 -4.06
C PHE A 199 -6.39 -20.60 -5.58
N THR A 200 -7.60 -20.50 -6.07
CA THR A 200 -7.82 -20.48 -7.55
C THR A 200 -8.59 -19.24 -7.97
N ILE A 201 -7.95 -18.32 -8.65
CA ILE A 201 -8.63 -17.08 -9.08
C ILE A 201 -9.64 -17.38 -10.20
N PHE A 202 -10.69 -16.63 -10.29
CA PHE A 202 -11.71 -16.87 -11.37
C PHE A 202 -11.93 -15.59 -12.19
N PHE A 203 -12.50 -15.72 -13.35
CA PHE A 203 -12.75 -14.52 -14.19
C PHE A 203 -14.25 -14.25 -14.31
N ASN A 204 -14.71 -13.13 -13.81
CA ASN A 204 -16.15 -12.80 -13.90
C ASN A 204 -16.40 -11.82 -15.05
N LYS A 205 -16.95 -12.29 -16.13
CA LYS A 205 -17.20 -11.38 -17.30
C LYS A 205 -18.44 -10.53 -17.03
N ARG A 206 -19.53 -11.16 -16.66
CA ARG A 206 -20.78 -10.40 -16.39
C ARG A 206 -20.54 -9.32 -15.33
N GLU A 207 -19.56 -9.50 -14.50
CA GLU A 207 -19.28 -8.47 -13.45
C GLU A 207 -17.94 -7.77 -13.73
N LYS A 208 -17.13 -8.33 -14.60
CA LYS A 208 -15.81 -7.70 -14.91
C LYS A 208 -14.98 -7.56 -13.64
N LYS A 209 -14.99 -8.57 -12.80
CA LYS A 209 -14.20 -8.49 -11.54
C LYS A 209 -13.39 -9.78 -11.34
N LEU A 210 -12.38 -9.75 -10.52
CA LEU A 210 -11.56 -10.96 -10.28
C LEU A 210 -11.97 -11.62 -8.95
N SER A 211 -12.39 -12.86 -8.99
CA SER A 211 -12.80 -13.54 -7.73
C SER A 211 -11.85 -14.68 -7.40
N LEU A 212 -11.15 -14.59 -6.31
CA LEU A 212 -10.20 -15.69 -5.93
C LEU A 212 -10.77 -16.49 -4.76
N HIS A 213 -10.46 -17.76 -4.70
CA HIS A 213 -10.98 -18.61 -3.59
C HIS A 213 -9.84 -19.36 -2.90
N ILE A 214 -9.98 -19.61 -1.63
CA ILE A 214 -8.90 -20.35 -0.89
C ILE A 214 -9.53 -21.19 0.24
N THR A 215 -9.43 -22.49 0.15
CA THR A 215 -10.02 -23.36 1.21
C THR A 215 -8.90 -24.05 2.00
N ASP A 216 -9.23 -24.62 3.13
CA ASP A 216 -8.20 -25.32 3.96
C ASP A 216 -7.05 -24.36 4.28
N SER A 217 -7.34 -23.18 4.74
CA SER A 217 -6.26 -22.21 5.07
C SER A 217 -6.08 -22.11 6.59
N GLN A 218 -4.93 -21.71 7.04
CA GLN A 218 -4.67 -21.60 8.50
C GLN A 218 -4.97 -20.17 8.98
N PRO A 219 -5.05 -19.99 10.28
CA PRO A 219 -5.33 -18.66 10.85
C PRO A 219 -4.23 -17.68 10.46
N GLY A 220 -4.53 -16.40 10.43
CA GLY A 220 -3.49 -15.40 10.05
C GLY A 220 -3.61 -14.17 10.95
N ASP A 221 -4.30 -14.29 12.07
CA ASP A 221 -4.45 -13.11 12.98
C ASP A 221 -4.90 -11.88 12.18
N SER A 222 -5.73 -12.09 11.19
CA SER A 222 -6.23 -10.96 10.35
C SER A 222 -5.08 -10.40 9.51
N ALA A 223 -5.39 -9.79 8.40
CA ALA A 223 -4.33 -9.22 7.52
C ALA A 223 -4.95 -8.37 6.43
N THR A 224 -4.21 -7.45 5.88
CA THR A 224 -4.78 -6.58 4.81
C THR A 224 -4.13 -6.88 3.46
N TYR A 225 -4.85 -7.53 2.59
CA TYR A 225 -4.28 -7.85 1.25
C TYR A 225 -4.47 -6.66 0.31
N PHE A 226 -3.67 -6.56 -0.72
CA PHE A 226 -3.80 -5.41 -1.66
C PHE A 226 -3.97 -5.92 -3.11
N CYS A 227 -4.57 -5.11 -3.95
CA CYS A 227 -4.76 -5.52 -5.37
C CYS A 227 -4.32 -4.39 -6.30
N ALA A 228 -3.60 -4.72 -7.34
CA ALA A 228 -3.13 -3.66 -8.29
C ALA A 228 -2.88 -4.25 -9.68
N ALA A 229 -2.46 -3.43 -10.61
CA ALA A 229 -2.19 -3.92 -11.98
C ALA A 229 -0.79 -3.49 -12.44
N THR A 230 -0.29 -4.08 -13.49
CA THR A 230 1.07 -3.70 -13.98
C THR A 230 1.16 -3.89 -15.50
N GLY A 231 0.13 -3.52 -16.20
CA GLY A 231 0.14 -3.67 -17.69
C GLY A 231 1.35 -2.94 -18.28
N SER A 232 1.81 -1.90 -17.61
CA SER A 232 2.99 -1.15 -18.12
C SER A 232 4.23 -1.51 -17.30
N PHE A 233 5.36 -0.95 -17.64
CA PHE A 233 6.60 -1.26 -16.88
C PHE A 233 6.78 -0.26 -15.73
N ASN A 234 7.35 -0.69 -14.64
CA ASN A 234 7.55 0.23 -13.47
C ASN A 234 6.26 0.97 -13.13
N LYS A 235 5.16 0.26 -13.07
CA LYS A 235 3.86 0.92 -12.73
C LYS A 235 2.96 -0.02 -11.94
N LEU A 236 2.61 0.34 -10.74
CA LEU A 236 1.73 -0.53 -9.91
C LEU A 236 0.53 0.27 -9.41
N THR A 237 -0.59 0.19 -10.08
CA THR A 237 -1.79 0.96 -9.62
C THR A 237 -2.62 0.12 -8.66
N PHE A 238 -2.67 0.51 -7.42
CA PHE A 238 -3.46 -0.26 -6.41
C PHE A 238 -4.76 0.51 -6.08
N GLY A 239 -5.73 -0.16 -5.51
CA GLY A 239 -7.01 0.54 -5.18
C GLY A 239 -7.48 0.15 -3.78
N ALA A 240 -6.60 0.20 -2.82
CA ALA A 240 -6.98 -0.15 -1.42
C ALA A 240 -7.64 -1.54 -1.38
N GLY A 241 -6.88 -2.56 -1.10
CA GLY A 241 -7.44 -3.93 -1.05
C GLY A 241 -8.45 -4.03 0.09
N THR A 242 -8.47 -5.13 0.79
CA THR A 242 -9.45 -5.29 1.92
C THR A 242 -8.74 -5.86 3.14
N ARG A 243 -9.37 -5.78 4.29
CA ARG A 243 -8.73 -6.32 5.53
C ARG A 243 -9.43 -7.61 5.96
N LEU A 244 -8.89 -8.74 5.59
CA LEU A 244 -9.51 -10.04 5.98
C LEU A 244 -9.23 -10.33 7.46
N ALA A 245 -10.21 -10.82 8.17
CA ALA A 245 -10.00 -11.13 9.62
C ALA A 245 -10.29 -12.61 9.88
N VAL A 246 -9.44 -13.26 10.63
CA VAL A 246 -9.67 -14.70 10.93
C VAL A 246 -9.61 -14.93 12.45
N SER A 247 -10.74 -15.17 13.06
CA SER A 247 -10.75 -15.40 14.54
C SER A 247 -10.18 -16.80 14.87
N PRO A 248 -9.55 -16.91 16.01
CA PRO A 248 -8.97 -18.21 16.42
C PRO A 248 -10.07 -19.26 16.59
N TYR A 249 -9.81 -20.28 17.37
CA TYR A 249 -10.86 -21.34 17.58
C TYR A 249 -11.64 -21.06 18.87
N ALA A 1 21.04 -5.97 4.32
CA ALA A 1 19.70 -6.01 3.65
C ALA A 1 19.00 -4.65 3.78
N VAL A 2 18.06 -4.38 2.93
CA VAL A 2 17.32 -3.07 3.01
C VAL A 2 16.73 -2.89 4.40
N THR A 3 16.70 -1.68 4.89
CA THR A 3 16.14 -1.45 6.27
C THR A 3 15.44 -0.10 6.35
N GLN A 4 15.37 0.46 7.52
CA GLN A 4 14.71 1.79 7.69
C GLN A 4 15.35 2.53 8.87
N SER A 5 15.09 3.82 8.99
CA SER A 5 15.69 4.61 10.10
C SER A 5 15.48 3.89 11.45
N PRO A 6 16.55 3.36 12.00
CA PRO A 6 16.46 2.66 13.30
C PRO A 6 16.06 3.64 14.41
N ARG A 7 14.80 3.98 14.50
CA ARG A 7 14.35 4.94 15.55
C ARG A 7 12.82 4.95 15.64
N ASN A 8 12.29 4.83 16.82
CA ASN A 8 10.80 4.84 16.97
C ASN A 8 10.37 6.02 17.85
N LYS A 9 9.84 7.06 17.25
CA LYS A 9 9.40 8.23 18.06
C LYS A 9 8.17 8.88 17.41
N VAL A 10 7.43 9.64 18.16
CA VAL A 10 6.22 10.31 17.60
C VAL A 10 6.48 11.80 17.39
N ALA A 11 5.64 12.45 16.63
CA ALA A 11 5.84 13.91 16.39
C ALA A 11 4.59 14.68 16.82
N VAL A 12 4.69 15.98 16.87
CA VAL A 12 3.52 16.81 17.27
C VAL A 12 3.09 17.68 16.08
N THR A 13 2.15 18.57 16.28
CA THR A 13 1.69 19.43 15.15
C THR A 13 2.89 20.01 14.40
N GLY A 14 3.08 19.60 13.18
CA GLY A 14 4.23 20.11 12.38
C GLY A 14 5.54 19.77 13.12
N GLY A 15 5.65 18.56 13.61
CA GLY A 15 6.90 18.17 14.33
C GLY A 15 7.99 17.84 13.32
N LYS A 16 8.15 16.60 12.97
CA LYS A 16 9.19 16.20 11.99
C LYS A 16 9.16 14.70 11.76
N VAL A 17 9.74 14.24 10.69
CA VAL A 17 9.74 12.76 10.41
C VAL A 17 11.08 12.34 9.81
N THR A 18 11.86 11.58 10.53
CA THR A 18 13.17 11.14 10.00
C THR A 18 13.04 9.72 9.43
N LEU A 19 13.38 9.54 8.18
CA LEU A 19 13.27 8.18 7.57
C LEU A 19 14.52 7.85 6.76
N SER A 20 15.08 6.69 6.97
CA SER A 20 16.30 6.28 6.21
C SER A 20 16.21 4.80 5.86
N CYS A 21 16.03 4.50 4.60
CA CYS A 21 15.90 3.07 4.18
C CYS A 21 17.17 2.63 3.43
N ASN A 22 17.72 1.51 3.82
CA ASN A 22 18.94 1.00 3.13
C ASN A 22 18.54 0.04 2.01
N GLN A 23 19.46 -0.31 1.15
CA GLN A 23 19.12 -1.24 0.04
C GLN A 23 20.33 -2.13 -0.31
N THR A 24 20.08 -3.39 -0.54
CA THR A 24 21.20 -4.32 -0.90
C THR A 24 20.64 -5.73 -1.13
N ASN A 25 19.67 -5.86 -1.99
CA ASN A 25 19.09 -7.21 -2.26
C ASN A 25 19.03 -7.46 -3.77
N ASN A 26 19.83 -6.76 -4.54
CA ASN A 26 19.83 -6.95 -6.02
C ASN A 26 18.41 -6.76 -6.58
N HIS A 27 17.83 -5.61 -6.35
CA HIS A 27 16.45 -5.35 -6.86
C HIS A 27 16.50 -4.53 -8.16
N ASN A 28 15.64 -4.84 -9.09
CA ASN A 28 15.63 -4.07 -10.37
C ASN A 28 14.78 -2.81 -10.19
N ASN A 29 14.15 -2.67 -9.05
CA ASN A 29 13.31 -1.47 -8.79
C ASN A 29 12.93 -1.41 -7.30
N MET A 30 12.93 -0.24 -6.73
CA MET A 30 12.57 -0.11 -5.29
C MET A 30 11.27 0.68 -5.12
N TYR A 31 10.50 0.36 -4.12
CA TYR A 31 9.21 1.09 -3.91
C TYR A 31 9.18 1.71 -2.51
N TRP A 32 8.54 2.84 -2.38
CA TRP A 32 8.44 3.51 -1.04
C TRP A 32 7.01 3.97 -0.83
N TYR A 33 6.37 3.52 0.21
CA TYR A 33 4.95 3.94 0.45
C TYR A 33 4.63 3.98 1.94
N ARG A 34 3.53 4.58 2.29
CA ARG A 34 3.14 4.66 3.73
C ARG A 34 1.66 4.34 3.89
N GLN A 35 1.32 3.52 4.85
CA GLN A 35 -0.11 3.16 5.06
C GLN A 35 -0.90 4.40 5.53
N ASP A 36 -2.00 4.68 4.89
CA ASP A 36 -2.81 5.87 5.30
C ASP A 36 -3.96 5.43 6.20
N THR A 37 -5.02 4.92 5.64
CA THR A 37 -6.17 4.47 6.48
C THR A 37 -5.96 3.00 6.88
N GLY A 38 -6.98 2.35 7.36
CA GLY A 38 -6.83 0.92 7.76
C GLY A 38 -6.31 0.11 6.56
N HIS A 39 -6.74 0.46 5.38
CA HIS A 39 -6.29 -0.26 4.16
C HIS A 39 -5.97 0.73 3.02
N GLY A 40 -6.15 2.00 3.24
CA GLY A 40 -5.86 3.00 2.17
C GLY A 40 -4.35 3.14 1.99
N LEU A 41 -3.87 2.81 0.83
CA LEU A 41 -2.40 2.92 0.57
C LEU A 41 -2.04 4.37 0.19
N ARG A 42 -0.80 4.74 0.35
CA ARG A 42 -0.39 6.13 0.01
C ARG A 42 1.08 6.18 -0.41
N LEU A 43 1.40 5.63 -1.56
CA LEU A 43 2.81 5.64 -2.03
C LEU A 43 3.31 7.08 -2.16
N ILE A 44 4.59 7.30 -2.04
CA ILE A 44 5.12 8.70 -2.16
C ILE A 44 6.44 8.70 -2.94
N HIS A 45 7.25 7.70 -2.74
CA HIS A 45 8.55 7.65 -3.47
C HIS A 45 8.74 6.27 -4.11
N TYR A 46 9.36 6.23 -5.26
CA TYR A 46 9.59 4.93 -5.94
C TYR A 46 10.62 5.10 -7.07
N SER A 47 11.73 4.44 -6.98
CA SER A 47 12.77 4.59 -8.04
C SER A 47 13.67 3.35 -8.07
N TYR A 48 14.68 3.36 -8.90
CA TYR A 48 15.60 2.19 -8.97
C TYR A 48 17.04 2.64 -9.18
N GLY A 49 17.26 3.71 -9.88
CA GLY A 49 18.65 4.20 -10.12
C GLY A 49 19.03 5.23 -9.06
N ALA A 50 20.26 5.66 -9.05
CA ALA A 50 20.70 6.66 -8.05
C ALA A 50 20.30 8.06 -8.51
N GLY A 51 19.94 8.92 -7.59
CA GLY A 51 19.52 10.30 -7.97
C GLY A 51 18.29 10.24 -8.87
N SER A 52 17.31 9.48 -8.47
CA SER A 52 16.07 9.37 -9.30
C SER A 52 14.83 9.44 -8.41
N THR A 53 14.54 10.60 -7.88
CA THR A 53 13.35 10.74 -6.99
C THR A 53 12.09 11.05 -7.82
N GLU A 54 10.96 10.60 -7.38
CA GLU A 54 9.70 10.86 -8.13
C GLU A 54 8.54 11.08 -7.17
N LYS A 55 7.52 11.77 -7.61
CA LYS A 55 6.35 12.04 -6.71
C LYS A 55 5.39 10.85 -6.76
N GLY A 56 5.12 10.24 -5.63
CA GLY A 56 4.19 9.08 -5.60
C GLY A 56 2.80 9.51 -6.07
N ASP A 57 1.89 9.74 -5.17
CA ASP A 57 0.53 10.17 -5.56
C ASP A 57 0.37 11.69 -5.40
N ILE A 58 0.47 12.18 -4.20
CA ILE A 58 0.33 13.65 -3.99
C ILE A 58 1.22 14.14 -2.83
N PRO A 59 2.50 13.85 -2.90
CA PRO A 59 3.43 14.28 -1.83
C PRO A 59 3.44 15.81 -1.73
N ASP A 60 3.50 16.34 -0.54
CA ASP A 60 3.51 17.83 -0.38
C ASP A 60 4.21 18.21 0.93
N GLY A 61 5.05 19.20 0.88
CA GLY A 61 5.77 19.65 2.11
C GLY A 61 6.66 18.51 2.63
N TYR A 62 7.56 18.04 1.80
CA TYR A 62 8.47 16.93 2.24
C TYR A 62 9.85 17.12 1.63
N LYS A 63 10.80 16.29 1.99
CA LYS A 63 12.18 16.43 1.42
C LYS A 63 12.86 15.06 1.37
N ALA A 64 13.19 14.60 0.19
CA ALA A 64 13.86 13.28 0.07
C ALA A 64 15.09 13.39 -0.81
N SER A 65 15.90 12.36 -0.87
CA SER A 65 17.13 12.42 -1.71
C SER A 65 17.70 11.02 -1.92
N ARG A 66 18.29 10.78 -3.07
CA ARG A 66 18.88 9.44 -3.35
C ARG A 66 20.31 9.61 -3.88
N PRO A 67 21.20 10.03 -3.01
CA PRO A 67 22.62 10.23 -3.40
C PRO A 67 23.20 8.94 -3.95
N SER A 68 22.92 7.84 -3.31
CA SER A 68 23.46 6.53 -3.79
C SER A 68 22.31 5.64 -4.27
N GLN A 69 22.60 4.73 -5.17
CA GLN A 69 21.53 3.82 -5.67
C GLN A 69 21.12 2.82 -4.58
N GLU A 70 21.91 2.70 -3.54
CA GLU A 70 21.55 1.74 -2.45
C GLU A 70 21.14 2.49 -1.19
N ASN A 71 21.42 3.76 -1.10
CA ASN A 71 21.03 4.53 0.12
C ASN A 71 19.98 5.59 -0.23
N PHE A 72 18.81 5.48 0.34
CA PHE A 72 17.73 6.48 0.07
C PHE A 72 17.10 6.93 1.39
N SER A 73 16.85 8.21 1.53
CA SER A 73 16.23 8.71 2.79
C SER A 73 15.45 10.00 2.55
N LEU A 74 14.54 10.32 3.44
CA LEU A 74 13.74 11.56 3.28
C LEU A 74 13.06 11.91 4.61
N ILE A 75 12.48 13.07 4.72
CA ILE A 75 11.81 13.46 6.00
C ILE A 75 10.63 14.40 5.73
N LEU A 76 9.89 14.72 6.75
CA LEU A 76 8.72 15.64 6.57
C LEU A 76 8.85 16.84 7.52
N GLU A 77 8.30 17.96 7.15
CA GLU A 77 8.40 19.17 8.04
C GLU A 77 7.04 19.85 8.15
N LEU A 78 5.98 19.11 8.02
CA LEU A 78 4.62 19.72 8.13
C LEU A 78 3.56 18.62 8.25
N ALA A 79 3.49 17.97 9.38
CA ALA A 79 2.48 16.89 9.56
C ALA A 79 1.35 17.38 10.47
N THR A 80 0.12 17.11 10.09
CA THR A 80 -1.03 17.53 10.92
C THR A 80 -1.75 16.31 11.50
N PRO A 81 -2.66 16.53 12.43
CA PRO A 81 -3.41 15.42 13.05
C PRO A 81 -4.32 14.72 12.03
N SER A 82 -3.79 14.33 10.90
CA SER A 82 -4.62 13.66 9.85
C SER A 82 -3.78 13.44 8.59
N GLN A 83 -2.49 13.26 8.74
CA GLN A 83 -1.62 13.06 7.54
C GLN A 83 -0.48 12.08 7.86
N THR A 84 0.02 12.10 9.07
CA THR A 84 1.13 11.17 9.43
C THR A 84 0.74 9.73 9.12
N SER A 85 1.60 8.77 9.42
CA SER A 85 1.27 7.34 9.12
C SER A 85 2.51 6.46 9.31
N VAL A 86 2.51 5.28 8.75
CA VAL A 86 3.69 4.38 8.89
C VAL A 86 4.53 4.40 7.60
N TYR A 87 5.80 4.64 7.72
CA TYR A 87 6.68 4.67 6.51
C TYR A 87 7.34 3.30 6.31
N PHE A 88 7.35 2.81 5.10
CA PHE A 88 7.97 1.47 4.84
C PHE A 88 8.64 1.47 3.45
N CYS A 89 9.56 0.57 3.23
CA CYS A 89 10.24 0.50 1.90
C CYS A 89 10.73 -0.91 1.62
N ALA A 90 10.55 -1.40 0.42
CA ALA A 90 11.01 -2.79 0.11
C ALA A 90 11.61 -2.87 -1.29
N SER A 91 12.41 -3.87 -1.55
CA SER A 91 13.04 -4.03 -2.88
C SER A 91 12.85 -5.47 -3.38
N GLY A 92 12.60 -5.63 -4.66
CA GLY A 92 12.41 -6.99 -5.21
C GLY A 92 13.05 -7.09 -6.59
N GLY A 93 12.98 -8.24 -7.22
CA GLY A 93 13.57 -8.39 -8.57
C GLY A 93 12.48 -8.63 -9.60
N GLN A 94 12.78 -9.31 -10.66
CA GLN A 94 11.75 -9.58 -11.71
C GLN A 94 11.41 -11.07 -11.76
N GLY A 95 10.21 -11.40 -12.15
CA GLY A 95 9.81 -12.84 -12.23
C GLY A 95 9.06 -13.23 -10.95
N ARG A 96 8.08 -12.45 -10.57
CA ARG A 96 7.31 -12.77 -9.33
C ARG A 96 8.26 -13.01 -8.15
N ALA A 97 8.60 -11.97 -7.42
CA ALA A 97 9.52 -12.14 -6.26
C ALA A 97 8.94 -11.46 -5.02
N GLU A 98 9.16 -12.02 -3.86
CA GLU A 98 8.62 -11.41 -2.61
C GLU A 98 9.52 -10.26 -2.17
N GLN A 99 8.94 -9.24 -1.59
CA GLN A 99 9.76 -8.06 -1.13
C GLN A 99 10.72 -8.50 -0.02
N PHE A 100 11.79 -7.77 0.16
CA PHE A 100 12.77 -8.14 1.23
C PHE A 100 13.03 -6.94 2.16
N PHE A 101 12.02 -6.14 2.41
CA PHE A 101 12.21 -4.96 3.29
C PHE A 101 12.53 -5.37 4.73
N GLY A 102 12.97 -4.45 5.54
CA GLY A 102 13.30 -4.76 6.96
C GLY A 102 12.35 -3.99 7.88
N PRO A 103 12.75 -3.84 9.12
CA PRO A 103 11.92 -3.11 10.11
C PRO A 103 11.68 -1.66 9.65
N GLY A 104 10.45 -1.28 9.45
CA GLY A 104 10.16 0.10 9.00
C GLY A 104 9.86 1.00 10.20
N THR A 105 9.37 2.20 9.96
CA THR A 105 9.06 3.12 11.08
C THR A 105 7.59 3.58 10.99
N ARG A 106 7.01 3.93 12.11
CA ARG A 106 5.60 4.40 12.10
C ARG A 106 5.38 5.47 13.16
N LEU A 107 5.06 6.67 12.74
CA LEU A 107 4.84 7.76 13.74
C LEU A 107 3.62 8.62 13.37
N THR A 108 3.00 9.20 14.36
CA THR A 108 1.80 10.06 14.08
C THR A 108 2.03 11.47 14.63
N VAL A 109 1.23 12.42 14.21
CA VAL A 109 1.41 13.81 14.70
C VAL A 109 0.13 14.28 15.41
N LEU A 110 0.26 14.93 16.54
CA LEU A 110 -0.94 15.40 17.28
C LEU A 110 -1.10 16.92 17.10
N GLY A 111 -2.29 17.41 17.24
CA GLY A 111 -2.53 18.88 17.08
C GLY A 111 -2.43 19.57 18.44
N SER A 112 -3.53 19.74 19.12
CA SER A 112 -3.50 20.41 20.45
C SER A 112 -3.62 19.37 21.56
N ASP A 113 -3.25 19.73 22.77
CA ASP A 113 -3.34 18.76 23.90
C ASP A 113 -4.81 18.39 24.15
N TYR A 114 -5.70 19.32 23.96
CA TYR A 114 -7.15 19.02 24.19
C TYR A 114 -7.86 18.83 22.85
N LYS A 115 -7.79 17.65 22.29
CA LYS A 115 -8.46 17.39 20.98
C LYS A 115 -9.97 17.22 21.20
N ASP A 116 -10.36 16.60 22.28
CA ASP A 116 -11.81 16.39 22.55
C ASP A 116 -12.50 15.71 21.35
N ASP A 117 -13.78 15.49 21.43
CA ASP A 117 -14.49 14.85 20.30
C ASP A 117 -15.61 15.76 19.78
N ASP A 118 -16.05 15.55 18.56
CA ASP A 118 -17.13 16.41 18.00
C ASP A 118 -17.78 15.71 16.81
N ASP A 119 -19.08 15.80 16.71
CA ASP A 119 -19.78 15.14 15.55
C ASP A 119 -20.40 16.21 14.64
N LYS A 120 -19.68 17.26 14.37
CA LYS A 120 -20.23 18.33 13.48
C LYS A 120 -19.08 19.07 12.78
N ARG A 121 -18.07 19.44 13.52
CA ARG A 121 -16.92 20.16 12.89
C ARG A 121 -15.74 19.20 12.71
N SER A 122 -16.01 17.95 12.48
CA SER A 122 -14.89 16.96 12.31
C SER A 122 -14.76 16.58 10.83
N GLY A 123 -13.80 15.75 10.51
CA GLY A 123 -13.62 15.33 9.09
C GLY A 123 -14.78 14.42 8.66
N GLY A 124 -15.86 15.00 8.20
CA GLY A 124 -17.03 14.16 7.78
C GLY A 124 -17.78 14.87 6.66
N GLY A 125 -17.43 14.59 5.43
CA GLY A 125 -18.12 15.26 4.29
C GLY A 125 -18.82 14.20 3.43
N GLY A 126 -19.12 14.52 2.20
CA GLY A 126 -19.81 13.53 1.32
C GLY A 126 -18.76 12.75 0.52
N SER A 127 -17.77 13.43 0.01
CA SER A 127 -16.71 12.73 -0.77
C SER A 127 -15.41 13.52 -0.74
N GLY A 128 -15.38 14.66 -1.38
CA GLY A 128 -14.13 15.49 -1.38
C GLY A 128 -14.38 16.80 -0.63
N GLY A 129 -14.32 17.90 -1.32
CA GLY A 129 -14.56 19.21 -0.64
C GLY A 129 -15.73 19.94 -1.32
N GLY A 130 -16.92 19.80 -0.79
CA GLY A 130 -18.10 20.48 -1.40
C GLY A 130 -18.47 19.77 -2.70
N GLY A 131 -18.57 20.50 -3.78
CA GLY A 131 -18.95 19.86 -5.08
C GLY A 131 -18.39 20.70 -6.24
N SER A 132 -17.10 20.69 -6.42
CA SER A 132 -16.49 21.48 -7.52
C SER A 132 -15.56 20.59 -8.36
N GLY A 133 -15.90 19.34 -8.51
CA GLY A 133 -15.05 18.42 -9.32
C GLY A 133 -15.48 16.98 -9.08
N GLY A 134 -16.67 16.63 -9.49
CA GLY A 134 -17.15 15.23 -9.28
C GLY A 134 -16.97 14.43 -10.58
N SER A 135 -15.76 14.21 -10.99
CA SER A 135 -15.52 13.45 -12.25
C SER A 135 -14.27 12.58 -12.11
N GLY A 136 -14.43 11.29 -12.04
CA GLY A 136 -13.25 10.39 -11.91
C GLY A 136 -13.12 9.93 -10.45
N ALA A 137 -11.97 9.42 -10.07
CA ALA A 137 -11.79 8.96 -8.67
C ALA A 137 -10.30 8.85 -8.34
N GLN A 138 -9.95 8.98 -7.09
CA GLN A 138 -8.51 8.88 -6.70
C GLN A 138 -8.09 7.41 -6.60
N GLN A 139 -9.02 6.53 -6.31
CA GLN A 139 -8.68 5.09 -6.19
C GLN A 139 -9.52 4.27 -7.17
N GLN A 140 -8.94 3.25 -7.75
CA GLN A 140 -9.71 2.40 -8.71
C GLN A 140 -9.77 0.96 -8.19
N VAL A 141 -8.64 0.38 -7.88
CA VAL A 141 -8.62 -1.01 -7.38
C VAL A 141 -9.55 -1.17 -6.17
N ARG A 142 -10.23 -2.28 -6.10
CA ARG A 142 -11.17 -2.50 -4.96
C ARG A 142 -11.32 -4.00 -4.69
N GLN A 143 -10.71 -4.48 -3.64
CA GLN A 143 -10.80 -5.94 -3.32
C GLN A 143 -11.81 -6.19 -2.20
N SER A 144 -13.03 -6.51 -2.54
CA SER A 144 -14.07 -6.79 -1.50
C SER A 144 -14.09 -5.67 -0.45
N PRO A 145 -14.84 -4.63 -0.72
CA PRO A 145 -14.93 -3.49 0.23
C PRO A 145 -15.64 -3.92 1.52
N GLN A 146 -15.04 -4.83 2.26
CA GLN A 146 -15.67 -5.29 3.53
C GLN A 146 -14.83 -6.42 4.14
N SER A 147 -13.94 -6.09 5.04
CA SER A 147 -13.09 -7.14 5.67
C SER A 147 -13.94 -8.06 6.54
N LEU A 148 -13.48 -9.27 6.77
CA LEU A 148 -14.26 -10.22 7.62
C LEU A 148 -13.34 -11.31 8.19
N THR A 149 -13.90 -12.26 8.88
CA THR A 149 -13.06 -13.35 9.46
C THR A 149 -13.41 -14.69 8.81
N VAL A 150 -12.42 -15.45 8.42
CA VAL A 150 -12.69 -16.77 7.78
C VAL A 150 -13.42 -17.70 8.76
N TRP A 151 -13.93 -18.80 8.29
CA TRP A 151 -14.65 -19.74 9.19
C TRP A 151 -13.68 -20.76 9.80
N GLU A 152 -12.40 -20.51 9.71
CA GLU A 152 -11.39 -21.46 10.27
C GLU A 152 -11.51 -22.82 9.58
N GLY A 153 -10.55 -23.17 8.76
CA GLY A 153 -10.60 -24.48 8.06
C GLY A 153 -11.76 -24.47 7.06
N GLU A 154 -12.17 -23.32 6.62
CA GLU A 154 -13.31 -23.24 5.65
C GLU A 154 -12.82 -22.62 4.33
N THR A 155 -13.72 -22.02 3.59
CA THR A 155 -13.31 -21.38 2.30
C THR A 155 -13.69 -19.89 2.29
N THR A 156 -13.30 -19.18 1.26
CA THR A 156 -13.64 -17.73 1.18
C THR A 156 -13.62 -17.28 -0.28
N ILE A 157 -14.25 -16.18 -0.58
CA ILE A 157 -14.27 -15.68 -1.99
C ILE A 157 -13.91 -14.19 -2.03
N LEU A 158 -12.82 -13.86 -2.68
CA LEU A 158 -12.41 -12.44 -2.77
C LEU A 158 -12.81 -11.86 -4.14
N ASN A 159 -12.78 -10.56 -4.28
CA ASN A 159 -13.17 -9.94 -5.58
C ASN A 159 -12.47 -8.59 -5.77
N CYS A 160 -11.55 -8.51 -6.69
CA CYS A 160 -10.83 -7.23 -6.94
C CYS A 160 -11.38 -6.55 -8.19
N SER A 161 -11.20 -5.26 -8.31
CA SER A 161 -11.71 -4.54 -9.51
C SER A 161 -10.71 -3.47 -9.96
N TYR A 162 -10.93 -2.86 -11.09
CA TYR A 162 -10.00 -1.81 -11.57
C TYR A 162 -10.64 -1.01 -12.70
N GLU A 163 -10.58 0.30 -12.64
CA GLU A 163 -11.18 1.14 -13.71
C GLU A 163 -10.08 1.80 -14.54
N ASP A 164 -8.99 1.10 -14.77
CA ASP A 164 -7.89 1.68 -15.57
C ASP A 164 -7.66 0.85 -16.84
N SER A 165 -6.94 1.38 -17.79
CA SER A 165 -6.68 0.63 -19.05
C SER A 165 -5.22 0.78 -19.47
N THR A 166 -4.34 0.96 -18.51
CA THR A 166 -2.90 1.11 -18.84
C THR A 166 -2.05 0.23 -17.91
N PHE A 167 -2.61 -0.84 -17.44
CA PHE A 167 -1.85 -1.74 -16.52
C PHE A 167 -1.90 -3.19 -17.05
N ASP A 168 -1.40 -4.12 -16.28
CA ASP A 168 -1.43 -5.55 -16.75
C ASP A 168 -1.00 -6.49 -15.61
N TYR A 169 -0.06 -6.09 -14.80
CA TYR A 169 0.39 -6.96 -13.69
C TYR A 169 -0.27 -6.54 -12.37
N PHE A 170 -0.85 -7.45 -11.66
CA PHE A 170 -1.52 -7.11 -10.37
C PHE A 170 -0.95 -7.97 -9.24
N PRO A 171 0.23 -7.64 -8.79
CA PRO A 171 0.88 -8.39 -7.69
C PRO A 171 0.03 -8.34 -6.41
N TRP A 172 -0.60 -9.43 -6.06
CA TRP A 172 -1.44 -9.44 -4.83
C TRP A 172 -0.55 -9.35 -3.59
N TYR A 173 -0.18 -8.16 -3.20
CA TYR A 173 0.70 -8.00 -2.00
C TYR A 173 -0.02 -8.49 -0.73
N ARG A 174 0.66 -8.46 0.39
CA ARG A 174 0.03 -8.91 1.66
C ARG A 174 0.53 -8.05 2.83
N GLN A 175 -0.38 -7.53 3.62
CA GLN A 175 0.04 -6.68 4.77
C GLN A 175 -0.45 -7.29 6.09
N PHE A 176 0.45 -7.69 6.94
CA PHE A 176 0.04 -8.29 8.25
C PHE A 176 -0.22 -7.18 9.27
N PRO A 177 -0.93 -7.53 10.32
CA PRO A 177 -1.24 -6.53 11.39
C PRO A 177 0.06 -6.00 12.00
N GLY A 178 1.09 -6.80 12.00
CA GLY A 178 2.39 -6.36 12.58
C GLY A 178 3.37 -7.53 12.57
N LYS A 179 3.34 -8.34 11.54
CA LYS A 179 4.28 -9.50 11.47
C LYS A 179 5.35 -9.27 10.40
N SER A 180 5.00 -9.40 9.15
CA SER A 180 6.00 -9.18 8.07
C SER A 180 5.33 -9.24 6.69
N PRO A 181 4.94 -8.09 6.18
CA PRO A 181 4.28 -8.03 4.86
C PRO A 181 5.18 -8.62 3.76
N ALA A 182 4.64 -8.84 2.60
CA ALA A 182 5.45 -9.42 1.48
C ALA A 182 4.55 -9.72 0.28
N LEU A 183 5.12 -9.80 -0.89
CA LEU A 183 4.29 -10.09 -2.11
C LEU A 183 3.89 -11.57 -2.12
N LEU A 184 2.75 -11.88 -2.69
CA LEU A 184 2.31 -13.30 -2.73
C LEU A 184 2.49 -13.87 -4.14
N ILE A 185 1.70 -13.41 -5.09
CA ILE A 185 1.84 -13.92 -6.48
C ILE A 185 1.47 -12.82 -7.48
N ALA A 186 1.13 -13.21 -8.67
CA ALA A 186 0.73 -12.21 -9.71
C ALA A 186 0.00 -12.91 -10.85
N ILE A 187 -0.77 -12.18 -11.62
CA ILE A 187 -1.53 -12.80 -12.74
C ILE A 187 -1.55 -11.86 -13.95
N SER A 188 -2.60 -11.92 -14.73
CA SER A 188 -2.68 -11.04 -15.94
C SER A 188 -4.13 -10.83 -16.33
N LEU A 189 -5.01 -11.38 -15.55
CA LEU A 189 -6.47 -11.30 -15.80
C LEU A 189 -6.80 -11.44 -17.29
N VAL A 190 -6.24 -12.43 -17.93
CA VAL A 190 -6.51 -12.64 -19.38
C VAL A 190 -6.92 -14.09 -19.65
N SER A 191 -7.12 -14.87 -18.61
CA SER A 191 -7.52 -16.29 -18.80
C SER A 191 -8.79 -16.59 -17.99
N ASN A 192 -9.56 -17.53 -18.43
CA ASN A 192 -10.82 -17.88 -17.69
C ASN A 192 -10.50 -18.18 -16.22
N LYS A 193 -9.31 -18.65 -15.95
CA LYS A 193 -8.94 -18.98 -14.55
C LYS A 193 -7.41 -19.04 -14.40
N LYS A 194 -6.90 -18.68 -13.25
CA LYS A 194 -5.43 -18.73 -13.03
C LYS A 194 -5.13 -19.27 -11.63
N GLU A 195 -4.01 -19.91 -11.44
CA GLU A 195 -3.68 -20.45 -10.10
C GLU A 195 -2.23 -20.09 -9.73
N ASP A 196 -2.01 -19.72 -8.50
CA ASP A 196 -0.63 -19.36 -8.06
C ASP A 196 -0.31 -19.97 -6.69
N GLY A 197 0.11 -21.20 -6.67
CA GLY A 197 0.42 -21.87 -5.37
C GLY A 197 -0.74 -22.79 -4.98
N ARG A 198 -1.90 -22.22 -4.75
CA ARG A 198 -3.07 -23.06 -4.37
C ARG A 198 -4.37 -22.36 -4.78
N PHE A 199 -4.61 -21.18 -4.27
CA PHE A 199 -5.85 -20.43 -4.63
C PHE A 199 -5.84 -20.09 -6.12
N THR A 200 -7.01 -19.90 -6.70
CA THR A 200 -7.07 -19.56 -8.16
C THR A 200 -7.97 -18.33 -8.36
N ILE A 201 -7.90 -17.73 -9.52
CA ILE A 201 -8.76 -16.53 -9.80
C ILE A 201 -9.75 -16.85 -10.92
N PHE A 202 -10.86 -16.15 -10.95
CA PHE A 202 -11.87 -16.41 -12.02
C PHE A 202 -12.19 -15.09 -12.75
N PHE A 203 -12.45 -15.16 -14.03
CA PHE A 203 -12.76 -13.93 -14.80
C PHE A 203 -14.24 -13.55 -14.63
N ASN A 204 -14.51 -12.31 -14.28
CA ASN A 204 -15.92 -11.88 -14.09
C ASN A 204 -16.26 -10.76 -15.06
N LYS A 205 -16.93 -11.06 -16.13
CA LYS A 205 -17.30 -10.00 -17.13
C LYS A 205 -18.63 -9.36 -16.73
N ARG A 206 -19.51 -10.14 -16.16
CA ARG A 206 -20.84 -9.58 -15.75
C ARG A 206 -20.64 -8.38 -14.82
N GLU A 207 -19.55 -8.35 -14.10
CA GLU A 207 -19.30 -7.20 -13.17
C GLU A 207 -17.93 -6.57 -13.45
N LYS A 208 -17.17 -7.12 -14.37
CA LYS A 208 -15.82 -6.55 -14.68
C LYS A 208 -14.92 -6.62 -13.45
N LYS A 209 -14.78 -7.79 -12.88
CA LYS A 209 -13.90 -7.94 -11.67
C LYS A 209 -13.27 -9.32 -11.64
N LEU A 210 -12.40 -9.57 -10.69
CA LEU A 210 -11.74 -10.90 -10.60
C LEU A 210 -12.01 -11.53 -9.24
N SER A 211 -12.50 -12.75 -9.22
CA SER A 211 -12.78 -13.41 -7.91
C SER A 211 -11.89 -14.64 -7.75
N LEU A 212 -11.26 -14.78 -6.60
CA LEU A 212 -10.38 -15.96 -6.39
C LEU A 212 -10.97 -16.87 -5.30
N HIS A 213 -10.63 -18.13 -5.35
CA HIS A 213 -11.16 -19.09 -4.34
C HIS A 213 -10.07 -19.51 -3.36
N ILE A 214 -10.41 -19.68 -2.11
CA ILE A 214 -9.39 -20.10 -1.11
C ILE A 214 -10.02 -21.08 -0.11
N THR A 215 -9.80 -22.36 -0.29
CA THR A 215 -10.38 -23.36 0.64
C THR A 215 -9.28 -24.12 1.39
N ASP A 216 -9.63 -24.83 2.43
CA ASP A 216 -8.61 -25.60 3.20
C ASP A 216 -7.50 -24.66 3.69
N SER A 217 -7.86 -23.61 4.38
CA SER A 217 -6.83 -22.67 4.89
C SER A 217 -6.99 -22.48 6.40
N GLN A 218 -6.03 -21.87 7.04
CA GLN A 218 -6.11 -21.64 8.51
C GLN A 218 -4.89 -20.86 9.02
N PRO A 219 -3.70 -21.39 8.80
CA PRO A 219 -2.47 -20.68 9.25
C PRO A 219 -2.37 -19.32 8.56
N GLY A 220 -1.72 -18.38 9.19
CA GLY A 220 -1.59 -17.03 8.57
C GLY A 220 -1.70 -15.95 9.66
N ASP A 221 -2.37 -16.26 10.74
CA ASP A 221 -2.53 -15.24 11.82
C ASP A 221 -3.11 -13.95 11.24
N SER A 222 -4.12 -14.07 10.42
CA SER A 222 -4.76 -12.87 9.80
C SER A 222 -3.81 -12.23 8.78
N ALA A 223 -4.32 -11.82 7.65
CA ALA A 223 -3.46 -11.19 6.62
C ALA A 223 -4.32 -10.37 5.66
N THR A 224 -3.78 -9.30 5.14
CA THR A 224 -4.56 -8.44 4.21
C THR A 224 -4.02 -8.56 2.78
N TYR A 225 -4.79 -9.14 1.90
CA TYR A 225 -4.32 -9.28 0.49
C TYR A 225 -4.49 -7.95 -0.25
N PHE A 226 -3.39 -7.26 -0.48
CA PHE A 226 -3.48 -5.95 -1.20
C PHE A 226 -3.62 -6.15 -2.70
N CYS A 227 -4.52 -5.44 -3.33
CA CYS A 227 -4.70 -5.58 -4.80
C CYS A 227 -4.23 -4.32 -5.51
N ALA A 228 -3.42 -4.45 -6.53
CA ALA A 228 -2.92 -3.25 -7.25
C ALA A 228 -2.58 -3.60 -8.71
N ALA A 229 -2.06 -2.65 -9.45
CA ALA A 229 -1.71 -2.91 -10.87
C ALA A 229 -0.34 -2.28 -11.19
N THR A 230 0.36 -2.83 -12.14
CA THR A 230 1.70 -2.28 -12.51
C THR A 230 2.14 -2.79 -13.88
N GLY A 231 1.25 -2.82 -14.83
CA GLY A 231 1.61 -3.31 -16.19
C GLY A 231 2.83 -2.54 -16.71
N SER A 232 2.96 -1.30 -16.33
CA SER A 232 4.13 -0.49 -16.80
C SER A 232 5.32 -0.68 -15.85
N PHE A 233 6.24 0.25 -15.83
CA PHE A 233 7.41 0.13 -14.92
C PHE A 233 7.44 1.28 -13.93
N ASN A 234 8.04 1.07 -12.78
CA ASN A 234 8.09 2.16 -11.75
C ASN A 234 6.69 2.72 -11.48
N LYS A 235 5.71 1.85 -11.43
CA LYS A 235 4.32 2.33 -11.16
C LYS A 235 3.52 1.25 -10.43
N LEU A 236 2.78 1.63 -9.42
CA LEU A 236 1.98 0.63 -8.65
C LEU A 236 0.75 1.31 -8.05
N THR A 237 -0.42 0.99 -8.54
CA THR A 237 -1.66 1.62 -7.99
C THR A 237 -2.41 0.63 -7.09
N PHE A 238 -2.57 0.96 -5.83
CA PHE A 238 -3.30 0.04 -4.91
C PHE A 238 -4.69 0.59 -4.61
N GLY A 239 -5.58 -0.23 -4.12
CA GLY A 239 -6.96 0.24 -3.81
C GLY A 239 -7.45 -0.40 -2.52
N ALA A 240 -6.62 -0.46 -1.52
CA ALA A 240 -7.02 -1.07 -0.22
C ALA A 240 -7.63 -2.46 -0.44
N GLY A 241 -6.82 -3.48 -0.41
CA GLY A 241 -7.34 -4.86 -0.63
C GLY A 241 -8.29 -5.24 0.50
N THR A 242 -8.31 -6.49 0.89
CA THR A 242 -9.22 -6.93 1.99
C THR A 242 -8.40 -7.39 3.20
N ARG A 243 -8.99 -7.38 4.36
CA ARG A 243 -8.24 -7.82 5.59
C ARG A 243 -8.83 -9.13 6.12
N LEU A 244 -8.26 -10.24 5.73
CA LEU A 244 -8.78 -11.56 6.22
C LEU A 244 -8.22 -11.87 7.61
N ALA A 245 -9.05 -12.36 8.49
CA ALA A 245 -8.57 -12.69 9.86
C ALA A 245 -9.05 -14.08 10.28
N VAL A 246 -8.20 -14.86 10.90
CA VAL A 246 -8.61 -16.23 11.33
C VAL A 246 -9.02 -16.20 12.81
N SER A 247 -10.08 -16.88 13.16
CA SER A 247 -10.53 -16.87 14.58
C SER A 247 -9.39 -17.31 15.52
N PRO A 248 -8.83 -18.48 15.31
CA PRO A 248 -7.72 -18.95 16.16
C PRO A 248 -6.54 -17.98 16.11
N TYR A 249 -5.74 -17.95 17.14
CA TYR A 249 -4.58 -17.01 17.16
C TYR A 249 -3.26 -17.79 17.14
N ALA A 1 19.60 -6.73 2.52
CA ALA A 1 18.50 -6.34 1.58
C ALA A 1 17.94 -4.97 1.97
N VAL A 2 17.06 -4.43 1.16
CA VAL A 2 16.47 -3.09 1.48
C VAL A 2 15.84 -3.10 2.87
N THR A 3 15.94 -2.02 3.60
CA THR A 3 15.35 -1.99 4.97
C THR A 3 14.81 -0.61 5.31
N GLN A 4 14.73 -0.30 6.57
CA GLN A 4 14.23 1.03 7.00
C GLN A 4 14.83 1.40 8.36
N SER A 5 14.84 2.65 8.72
CA SER A 5 15.42 3.07 10.03
C SER A 5 14.78 2.26 11.18
N PRO A 6 15.57 1.39 11.78
CA PRO A 6 15.07 0.57 12.90
C PRO A 6 14.64 1.46 14.07
N ARG A 7 13.46 1.99 14.04
CA ARG A 7 13.01 2.87 15.16
C ARG A 7 11.48 3.01 15.14
N ASN A 8 10.79 2.23 15.92
CA ASN A 8 9.31 2.31 15.95
C ASN A 8 8.86 3.38 16.96
N LYS A 9 9.29 4.59 16.77
CA LYS A 9 8.90 5.68 17.72
C LYS A 9 7.77 6.52 17.12
N VAL A 10 7.12 7.33 17.93
CA VAL A 10 6.01 8.18 17.41
C VAL A 10 6.38 9.66 17.58
N ALA A 11 5.65 10.53 16.92
CA ALA A 11 5.95 11.98 17.04
C ALA A 11 4.69 12.72 17.49
N VAL A 12 4.85 13.93 17.94
CA VAL A 12 3.68 14.73 18.39
C VAL A 12 3.40 15.85 17.38
N THR A 13 2.47 16.72 17.67
CA THR A 13 2.16 17.83 16.73
C THR A 13 3.45 18.50 16.23
N GLY A 14 3.74 18.35 14.97
CA GLY A 14 4.99 18.97 14.41
C GLY A 14 6.21 18.46 15.18
N GLY A 15 6.32 17.17 15.36
CA GLY A 15 7.49 16.62 16.10
C GLY A 15 8.64 16.37 15.12
N LYS A 16 8.72 15.18 14.57
CA LYS A 16 9.80 14.87 13.61
C LYS A 16 9.60 13.47 13.04
N VAL A 17 10.19 13.17 11.91
CA VAL A 17 10.03 11.81 11.31
C VAL A 17 11.36 11.34 10.71
N THR A 18 12.00 10.39 11.34
CA THR A 18 13.28 9.89 10.80
C THR A 18 13.07 8.58 10.04
N LEU A 19 13.36 8.58 8.76
CA LEU A 19 13.16 7.33 7.96
C LEU A 19 14.38 7.08 7.07
N SER A 20 15.00 5.94 7.20
CA SER A 20 16.19 5.63 6.36
C SER A 20 16.03 4.24 5.75
N CYS A 21 15.85 4.16 4.46
CA CYS A 21 15.69 2.84 3.80
C CYS A 21 16.96 2.45 3.05
N ASN A 22 17.39 1.22 3.20
CA ASN A 22 18.62 0.76 2.51
C ASN A 22 18.23 -0.04 1.25
N GLN A 23 19.20 -0.46 0.49
CA GLN A 23 18.88 -1.25 -0.75
C GLN A 23 20.05 -2.15 -1.12
N THR A 24 19.80 -3.41 -1.37
CA THR A 24 20.89 -4.34 -1.76
C THR A 24 20.30 -5.71 -2.08
N ASN A 25 19.34 -5.74 -2.96
CA ASN A 25 18.71 -7.03 -3.36
C ASN A 25 18.79 -7.20 -4.88
N ASN A 26 19.77 -6.58 -5.49
CA ASN A 26 19.93 -6.67 -6.97
C ASN A 26 18.73 -6.03 -7.68
N HIS A 27 18.26 -4.92 -7.17
CA HIS A 27 17.10 -4.23 -7.80
C HIS A 27 17.54 -2.88 -8.36
N ASN A 28 17.35 -2.67 -9.63
CA ASN A 28 17.75 -1.37 -10.25
C ASN A 28 16.64 -0.33 -10.09
N ASN A 29 15.64 -0.63 -9.31
CA ASN A 29 14.53 0.35 -9.12
C ASN A 29 13.89 0.20 -7.73
N MET A 30 13.78 1.26 -7.00
CA MET A 30 13.16 1.18 -5.63
C MET A 30 11.95 2.11 -5.55
N TYR A 31 10.82 1.57 -5.14
CA TYR A 31 9.59 2.42 -5.04
C TYR A 31 9.37 2.87 -3.59
N TRP A 32 8.44 3.76 -3.37
CA TRP A 32 8.17 4.24 -1.99
C TRP A 32 6.67 4.47 -1.82
N TYR A 33 6.06 3.85 -0.84
CA TYR A 33 4.59 4.02 -0.64
C TYR A 33 4.29 4.42 0.81
N ARG A 34 3.04 4.69 1.10
CA ARG A 34 2.66 5.09 2.49
C ARG A 34 1.20 4.73 2.75
N GLN A 35 0.90 4.24 3.92
CA GLN A 35 -0.51 3.86 4.22
C GLN A 35 -1.23 5.01 4.95
N ASP A 36 -2.24 5.56 4.35
CA ASP A 36 -2.98 6.69 4.99
C ASP A 36 -4.32 6.20 5.54
N THR A 37 -5.20 5.77 4.67
CA THR A 37 -6.53 5.28 5.12
C THR A 37 -6.37 3.92 5.81
N GLY A 38 -7.46 3.32 6.22
CA GLY A 38 -7.38 1.99 6.90
C GLY A 38 -6.65 0.99 6.01
N HIS A 39 -6.87 1.07 4.72
CA HIS A 39 -6.18 0.12 3.80
C HIS A 39 -5.92 0.77 2.44
N GLY A 40 -5.93 2.08 2.39
CA GLY A 40 -5.68 2.78 1.10
C GLY A 40 -4.19 3.16 1.00
N LEU A 41 -3.51 2.64 0.02
CA LEU A 41 -2.06 2.97 -0.15
C LEU A 41 -1.89 4.39 -0.68
N ARG A 42 -0.68 4.81 -0.89
CA ARG A 42 -0.43 6.19 -1.42
C ARG A 42 1.05 6.38 -1.75
N LEU A 43 1.38 6.28 -3.02
CA LEU A 43 2.81 6.45 -3.43
C LEU A 43 3.25 7.90 -3.22
N ILE A 44 4.49 8.12 -2.89
CA ILE A 44 4.98 9.52 -2.67
C ILE A 44 6.37 9.70 -3.29
N HIS A 45 7.15 8.66 -3.29
CA HIS A 45 8.52 8.76 -3.87
C HIS A 45 8.83 7.50 -4.69
N TYR A 46 9.73 7.60 -5.63
CA TYR A 46 10.09 6.42 -6.46
C TYR A 46 11.30 6.73 -7.35
N SER A 47 12.46 6.25 -6.97
CA SER A 47 13.69 6.51 -7.78
C SER A 47 14.34 5.18 -8.18
N TYR A 48 15.31 5.24 -9.07
CA TYR A 48 15.99 3.98 -9.50
C TYR A 48 17.51 4.20 -9.61
N GLY A 49 17.92 5.34 -10.08
CA GLY A 49 19.39 5.59 -10.22
C GLY A 49 19.89 6.37 -8.99
N ALA A 50 21.14 6.74 -9.00
CA ALA A 50 21.71 7.50 -7.85
C ALA A 50 21.51 9.00 -8.06
N GLY A 51 21.21 9.72 -7.00
CA GLY A 51 21.00 11.18 -7.14
C GLY A 51 19.82 11.44 -8.07
N SER A 52 18.70 10.81 -7.81
CA SER A 52 17.51 11.01 -8.67
C SER A 52 16.24 11.05 -7.82
N THR A 53 15.69 12.22 -7.62
CA THR A 53 14.45 12.33 -6.79
C THR A 53 13.25 12.68 -7.67
N GLU A 54 12.06 12.54 -7.17
CA GLU A 54 10.86 12.87 -7.98
C GLU A 54 9.60 12.86 -7.09
N LYS A 55 8.59 13.58 -7.50
CA LYS A 55 7.33 13.63 -6.69
C LYS A 55 6.43 12.44 -7.05
N GLY A 56 6.13 11.61 -6.09
CA GLY A 56 5.27 10.43 -6.37
C GLY A 56 3.83 10.88 -6.65
N ASP A 57 3.05 11.12 -5.63
CA ASP A 57 1.64 11.56 -5.84
C ASP A 57 1.44 12.96 -5.27
N ILE A 58 1.63 13.12 -3.98
CA ILE A 58 1.42 14.46 -3.36
C ILE A 58 2.40 14.72 -2.20
N PRO A 59 3.69 14.47 -2.43
CA PRO A 59 4.70 14.70 -1.37
C PRO A 59 4.70 16.17 -0.96
N ASP A 60 4.76 16.46 0.31
CA ASP A 60 4.77 17.87 0.77
C ASP A 60 5.04 17.96 2.28
N GLY A 61 5.90 18.86 2.68
CA GLY A 61 6.21 19.01 4.12
C GLY A 61 7.23 17.95 4.56
N TYR A 62 8.20 17.68 3.72
CA TYR A 62 9.22 16.65 4.09
C TYR A 62 10.53 16.90 3.33
N LYS A 63 11.60 16.26 3.74
CA LYS A 63 12.90 16.45 3.04
C LYS A 63 13.51 15.09 2.71
N ALA A 64 13.85 14.86 1.46
CA ALA A 64 14.43 13.55 1.08
C ALA A 64 15.72 13.75 0.28
N SER A 65 16.54 12.75 0.21
CA SER A 65 17.82 12.86 -0.56
C SER A 65 18.33 11.48 -0.97
N ARG A 66 18.88 11.38 -2.15
CA ARG A 66 19.40 10.07 -2.62
C ARG A 66 20.88 10.20 -3.03
N PRO A 67 21.73 10.32 -2.04
CA PRO A 67 23.19 10.46 -2.30
C PRO A 67 23.68 9.25 -3.09
N SER A 68 23.22 8.08 -2.72
CA SER A 68 23.65 6.85 -3.43
C SER A 68 22.43 6.10 -3.97
N GLN A 69 22.59 5.35 -5.03
CA GLN A 69 21.43 4.62 -5.61
C GLN A 69 20.97 3.51 -4.66
N GLU A 70 21.83 3.06 -3.78
CA GLU A 70 21.43 1.98 -2.83
C GLU A 70 21.04 2.57 -1.48
N ASN A 71 21.51 3.74 -1.15
CA ASN A 71 21.16 4.36 0.15
C ASN A 71 20.25 5.57 -0.04
N PHE A 72 19.17 5.64 0.69
CA PHE A 72 18.24 6.79 0.56
C PHE A 72 17.63 7.12 1.93
N SER A 73 17.37 8.37 2.20
CA SER A 73 16.79 8.73 3.53
C SER A 73 16.03 10.06 3.45
N LEU A 74 15.01 10.21 4.25
CA LEU A 74 14.23 11.49 4.24
C LEU A 74 13.52 11.67 5.60
N ILE A 75 13.13 12.85 5.92
CA ILE A 75 12.44 13.08 7.23
C ILE A 75 11.44 14.23 7.13
N LEU A 76 10.77 14.53 8.22
CA LEU A 76 9.79 15.65 8.21
C LEU A 76 10.01 16.54 9.44
N GLU A 77 9.57 17.77 9.37
CA GLU A 77 9.75 18.69 10.53
C GLU A 77 8.48 19.52 10.76
N LEU A 78 7.36 19.01 10.32
CA LEU A 78 6.08 19.76 10.50
C LEU A 78 4.90 18.86 10.16
N ALA A 79 4.69 17.82 10.93
CA ALA A 79 3.56 16.89 10.65
C ALA A 79 2.25 17.48 11.20
N THR A 80 1.15 17.13 10.59
CA THR A 80 -0.18 17.63 11.05
C THR A 80 -1.08 16.45 11.43
N PRO A 81 -2.19 16.75 12.07
CA PRO A 81 -3.15 15.68 12.47
C PRO A 81 -3.82 15.04 11.25
N SER A 82 -3.07 14.77 10.20
CA SER A 82 -3.67 14.15 8.99
C SER A 82 -2.59 13.99 7.90
N GLN A 83 -1.38 13.70 8.30
CA GLN A 83 -0.29 13.53 7.30
C GLN A 83 0.59 12.34 7.65
N THR A 84 0.92 12.17 8.91
CA THR A 84 1.78 11.02 9.31
C THR A 84 1.18 9.71 8.81
N SER A 85 1.87 8.61 8.98
CA SER A 85 1.34 7.28 8.51
C SER A 85 2.46 6.24 8.52
N VAL A 86 2.28 5.17 7.81
CA VAL A 86 3.35 4.12 7.76
C VAL A 86 4.26 4.34 6.55
N TYR A 87 5.50 4.67 6.77
CA TYR A 87 6.43 4.90 5.63
C TYR A 87 7.17 3.61 5.27
N PHE A 88 7.01 3.15 4.06
CA PHE A 88 7.69 1.89 3.65
C PHE A 88 8.42 2.08 2.31
N CYS A 89 9.31 1.19 1.97
CA CYS A 89 10.05 1.31 0.68
C CYS A 89 10.32 -0.09 0.12
N ALA A 90 9.86 -0.36 -1.08
CA ALA A 90 10.08 -1.72 -1.66
C ALA A 90 10.88 -1.64 -2.95
N SER A 91 11.58 -2.69 -3.27
CA SER A 91 12.39 -2.72 -4.53
C SER A 91 12.26 -4.10 -5.18
N GLY A 92 12.41 -4.18 -6.47
CA GLY A 92 12.29 -5.50 -7.15
C GLY A 92 12.95 -5.43 -8.54
N GLY A 93 12.22 -4.97 -9.52
CA GLY A 93 12.81 -4.88 -10.88
C GLY A 93 12.05 -3.83 -11.71
N GLN A 94 12.66 -3.33 -12.74
CA GLN A 94 11.99 -2.30 -13.60
C GLN A 94 11.00 -2.98 -14.55
N GLY A 95 10.03 -2.24 -15.03
CA GLY A 95 9.02 -2.84 -15.96
C GLY A 95 7.89 -3.46 -15.15
N ARG A 96 7.79 -4.77 -15.17
CA ARG A 96 6.70 -5.44 -14.40
C ARG A 96 7.29 -6.24 -13.23
N ALA A 97 7.24 -5.69 -12.05
CA ALA A 97 7.81 -6.42 -10.87
C ALA A 97 6.97 -6.13 -9.62
N GLU A 98 7.06 -6.98 -8.63
CA GLU A 98 6.27 -6.76 -7.38
C GLU A 98 7.08 -5.92 -6.40
N GLN A 99 6.82 -6.02 -5.13
CA GLN A 99 7.58 -5.20 -4.14
C GLN A 99 8.13 -6.09 -3.01
N PHE A 100 9.38 -5.91 -2.66
CA PHE A 100 9.98 -6.74 -1.58
C PHE A 100 10.58 -5.83 -0.50
N PHE A 101 9.82 -4.90 0.00
CA PHE A 101 10.35 -3.98 1.06
C PHE A 101 10.68 -4.77 2.33
N GLY A 102 11.43 -4.16 3.21
CA GLY A 102 11.79 -4.86 4.49
C GLY A 102 11.00 -4.23 5.64
N PRO A 103 11.50 -4.38 6.84
CA PRO A 103 10.82 -3.81 8.03
C PRO A 103 10.72 -2.29 7.90
N GLY A 104 9.61 -1.80 7.40
CA GLY A 104 9.43 -0.33 7.24
C GLY A 104 9.18 0.31 8.61
N THR A 105 8.67 1.52 8.60
CA THR A 105 8.40 2.22 9.89
C THR A 105 6.96 2.77 9.89
N ARG A 106 6.40 2.96 11.06
CA ARG A 106 5.02 3.51 11.13
C ARG A 106 4.87 4.43 12.35
N LEU A 107 4.63 5.70 12.11
CA LEU A 107 4.49 6.64 13.26
C LEU A 107 3.38 7.68 12.99
N THR A 108 2.75 8.15 14.02
CA THR A 108 1.67 9.16 13.85
C THR A 108 2.01 10.44 14.60
N VAL A 109 1.47 11.56 14.18
CA VAL A 109 1.77 12.84 14.87
C VAL A 109 0.50 13.39 15.53
N LEU A 110 0.55 13.62 16.83
CA LEU A 110 -0.65 14.14 17.54
C LEU A 110 -1.06 15.50 16.96
N GLY A 111 -2.19 16.01 17.35
CA GLY A 111 -2.64 17.33 16.83
C GLY A 111 -4.16 17.46 17.00
N SER A 112 -4.61 17.64 18.21
CA SER A 112 -6.08 17.77 18.46
C SER A 112 -6.40 19.16 18.99
N ASP A 113 -6.88 20.04 18.15
CA ASP A 113 -7.22 21.42 18.60
C ASP A 113 -8.52 21.89 17.96
N TYR A 114 -9.04 23.00 18.41
CA TYR A 114 -10.31 23.51 17.82
C TYR A 114 -10.42 25.03 18.05
N LYS A 115 -10.12 25.80 17.04
CA LYS A 115 -10.21 27.29 17.19
C LYS A 115 -11.66 27.74 17.14
N ASP A 116 -12.35 27.46 16.07
CA ASP A 116 -13.78 27.88 15.96
C ASP A 116 -14.44 27.18 14.77
N ASP A 117 -15.59 27.63 14.36
CA ASP A 117 -16.30 27.00 13.21
C ASP A 117 -15.64 27.42 11.89
N ASP A 118 -15.59 28.70 11.62
CA ASP A 118 -14.96 29.17 10.36
C ASP A 118 -14.57 30.65 10.48
N ASP A 119 -13.47 31.03 9.89
CA ASP A 119 -13.04 32.46 9.98
C ASP A 119 -12.08 32.79 8.84
N LYS A 120 -12.35 32.28 7.65
CA LYS A 120 -11.45 32.57 6.50
C LYS A 120 -12.25 32.62 5.21
N ARG A 121 -11.61 32.88 4.10
CA ARG A 121 -12.34 32.95 2.80
C ARG A 121 -11.56 32.20 1.72
N SER A 122 -10.81 31.20 2.09
CA SER A 122 -10.02 30.43 1.08
C SER A 122 -10.58 29.01 0.95
N GLY A 123 -11.23 28.72 -0.15
CA GLY A 123 -11.80 27.36 -0.36
C GLY A 123 -12.93 27.12 0.65
N GLY A 124 -13.99 26.52 0.24
CA GLY A 124 -15.13 26.25 1.17
C GLY A 124 -16.31 25.66 0.40
N GLY A 125 -16.07 24.62 -0.35
CA GLY A 125 -17.18 24.00 -1.14
C GLY A 125 -16.85 24.07 -2.63
N GLY A 126 -16.15 25.09 -3.05
CA GLY A 126 -15.80 25.23 -4.49
C GLY A 126 -14.60 24.32 -4.80
N SER A 127 -14.76 23.03 -4.62
CA SER A 127 -13.64 22.10 -4.92
C SER A 127 -14.15 20.66 -4.95
N GLY A 128 -14.95 20.33 -5.94
CA GLY A 128 -15.49 18.94 -6.04
C GLY A 128 -16.50 18.87 -7.18
N GLY A 129 -16.18 18.14 -8.22
CA GLY A 129 -17.13 18.03 -9.36
C GLY A 129 -17.31 19.39 -10.02
N GLY A 130 -16.23 20.01 -10.43
CA GLY A 130 -16.34 21.35 -11.08
C GLY A 130 -16.24 21.19 -12.59
N GLY A 131 -15.24 20.49 -13.06
CA GLY A 131 -15.09 20.29 -14.53
C GLY A 131 -15.14 18.80 -14.86
N SER A 132 -15.92 18.05 -14.12
CA SER A 132 -16.01 16.58 -14.38
C SER A 132 -14.62 15.95 -14.43
N GLY A 133 -13.73 16.38 -13.57
CA GLY A 133 -12.36 15.81 -13.56
C GLY A 133 -11.33 16.92 -13.77
N GLY A 134 -10.24 16.88 -13.07
CA GLY A 134 -9.20 17.94 -13.22
C GLY A 134 -7.92 17.52 -12.51
N SER A 135 -7.94 17.50 -11.20
CA SER A 135 -6.74 17.09 -10.43
C SER A 135 -7.11 16.12 -9.32
N GLY A 136 -6.44 15.00 -9.25
CA GLY A 136 -6.75 14.01 -8.19
C GLY A 136 -6.09 12.66 -8.52
N ALA A 137 -6.81 11.59 -8.42
CA ALA A 137 -6.22 10.25 -8.72
C ALA A 137 -7.19 9.43 -9.56
N GLN A 138 -6.69 8.49 -10.33
CA GLN A 138 -7.58 7.65 -11.18
C GLN A 138 -8.28 6.60 -10.32
N GLN A 139 -7.52 5.77 -9.65
CA GLN A 139 -8.12 4.71 -8.79
C GLN A 139 -9.13 3.89 -9.59
N GLN A 140 -8.68 2.82 -10.22
CA GLN A 140 -9.61 1.97 -11.01
C GLN A 140 -9.91 0.67 -10.26
N VAL A 141 -8.88 -0.07 -9.93
CA VAL A 141 -9.08 -1.35 -9.18
C VAL A 141 -9.89 -1.09 -7.91
N ARG A 142 -10.67 -2.06 -7.50
CA ARG A 142 -11.48 -1.88 -6.27
C ARG A 142 -11.75 -3.24 -5.61
N GLN A 143 -11.10 -3.52 -4.53
CA GLN A 143 -11.31 -4.82 -3.83
C GLN A 143 -12.52 -4.73 -2.91
N SER A 144 -13.24 -5.80 -2.74
CA SER A 144 -14.45 -5.80 -1.85
C SER A 144 -14.16 -5.02 -0.55
N PRO A 145 -14.67 -3.80 -0.48
CA PRO A 145 -14.44 -2.96 0.73
C PRO A 145 -15.15 -3.56 1.95
N GLN A 146 -15.31 -2.78 2.98
CA GLN A 146 -15.99 -3.28 4.22
C GLN A 146 -15.32 -4.55 4.74
N SER A 147 -14.10 -4.80 4.36
CA SER A 147 -13.37 -6.03 4.85
C SER A 147 -14.27 -7.26 4.72
N LEU A 148 -13.96 -8.30 5.44
CA LEU A 148 -14.79 -9.54 5.37
C LEU A 148 -14.43 -10.48 6.52
N THR A 149 -15.31 -10.62 7.48
CA THR A 149 -15.02 -11.54 8.63
C THR A 149 -15.87 -12.80 8.53
N VAL A 150 -15.44 -13.87 9.15
CA VAL A 150 -16.22 -15.14 9.10
C VAL A 150 -15.64 -16.17 10.07
N TRP A 151 -16.35 -17.22 10.33
CA TRP A 151 -15.85 -18.26 11.27
C TRP A 151 -14.79 -19.12 10.59
N GLU A 152 -13.93 -19.77 11.35
CA GLU A 152 -12.88 -20.62 10.74
C GLU A 152 -13.49 -21.94 10.24
N GLY A 153 -12.69 -22.75 9.59
CA GLY A 153 -13.22 -24.05 9.08
C GLY A 153 -14.23 -23.78 7.95
N GLU A 154 -14.03 -22.74 7.20
CA GLU A 154 -14.98 -22.42 6.10
C GLU A 154 -14.21 -21.88 4.88
N THR A 155 -14.87 -21.73 3.77
CA THR A 155 -14.19 -21.23 2.54
C THR A 155 -14.19 -19.69 2.54
N THR A 156 -13.54 -19.11 1.57
CA THR A 156 -13.50 -17.61 1.50
C THR A 156 -13.31 -17.17 0.04
N ILE A 157 -13.87 -16.05 -0.33
CA ILE A 157 -13.72 -15.58 -1.73
C ILE A 157 -13.40 -14.08 -1.78
N LEU A 158 -12.37 -13.72 -2.51
CA LEU A 158 -12.00 -12.28 -2.61
C LEU A 158 -12.60 -11.68 -3.88
N ASN A 159 -12.65 -10.39 -3.99
CA ASN A 159 -13.24 -9.77 -5.22
C ASN A 159 -12.52 -8.46 -5.58
N CYS A 160 -11.75 -8.47 -6.62
CA CYS A 160 -11.03 -7.23 -7.04
C CYS A 160 -11.72 -6.64 -8.28
N SER A 161 -11.57 -5.37 -8.52
CA SER A 161 -12.24 -4.76 -9.71
C SER A 161 -11.22 -3.95 -10.52
N TYR A 162 -11.67 -3.32 -11.58
CA TYR A 162 -10.75 -2.50 -12.42
C TYR A 162 -11.54 -1.73 -13.48
N GLU A 163 -11.01 -0.62 -13.93
CA GLU A 163 -11.73 0.18 -14.96
C GLU A 163 -10.96 0.18 -16.29
N ASP A 164 -9.72 -0.24 -16.27
CA ASP A 164 -8.92 -0.26 -17.54
C ASP A 164 -8.54 -1.69 -17.89
N SER A 165 -8.09 -1.92 -19.10
CA SER A 165 -7.69 -3.29 -19.52
C SER A 165 -6.32 -3.25 -20.18
N THR A 166 -5.52 -2.27 -19.87
CA THR A 166 -4.17 -2.17 -20.47
C THR A 166 -3.10 -2.45 -19.41
N PHE A 167 -3.47 -3.17 -18.39
CA PHE A 167 -2.48 -3.50 -17.31
C PHE A 167 -1.55 -4.63 -17.76
N ASP A 168 -0.57 -4.96 -16.97
CA ASP A 168 0.36 -6.05 -17.36
C ASP A 168 0.52 -7.05 -16.21
N TYR A 169 0.67 -6.57 -15.01
CA TYR A 169 0.83 -7.51 -13.85
C TYR A 169 0.05 -7.00 -12.64
N PHE A 170 -0.22 -7.86 -11.69
CA PHE A 170 -0.98 -7.43 -10.48
C PHE A 170 -0.43 -8.17 -9.24
N PRO A 171 0.59 -7.62 -8.64
CA PRO A 171 1.19 -8.25 -7.44
C PRO A 171 0.17 -8.34 -6.31
N TRP A 172 -0.31 -9.52 -6.02
CA TRP A 172 -1.32 -9.67 -4.92
C TRP A 172 -0.62 -9.88 -3.58
N TYR A 173 -0.65 -8.90 -2.71
CA TYR A 173 0.03 -9.06 -1.39
C TYR A 173 -0.27 -7.86 -0.48
N ARG A 174 0.30 -7.83 0.71
CA ARG A 174 0.03 -6.66 1.62
C ARG A 174 0.64 -6.88 3.02
N GLN A 175 -0.17 -7.18 4.02
CA GLN A 175 0.39 -7.39 5.38
C GLN A 175 -0.18 -8.66 6.02
N PHE A 176 0.49 -9.17 7.03
CA PHE A 176 0.01 -10.40 7.71
C PHE A 176 -0.25 -10.09 9.19
N PRO A 177 -0.84 -11.04 9.89
CA PRO A 177 -1.13 -10.84 11.33
C PRO A 177 0.15 -10.54 12.11
N GLY A 178 0.99 -11.52 12.29
CA GLY A 178 2.27 -11.28 13.03
C GLY A 178 3.43 -11.20 12.03
N LYS A 179 3.32 -11.87 10.92
CA LYS A 179 4.42 -11.83 9.91
C LYS A 179 4.46 -10.44 9.25
N SER A 180 5.61 -9.98 8.87
CA SER A 180 5.71 -8.64 8.22
C SER A 180 5.05 -8.67 6.85
N PRO A 181 4.71 -7.50 6.34
CA PRO A 181 4.06 -7.39 5.01
C PRO A 181 5.00 -7.93 3.92
N ALA A 182 4.45 -8.35 2.80
CA ALA A 182 5.33 -8.89 1.71
C ALA A 182 4.50 -9.40 0.53
N LEU A 183 5.15 -9.66 -0.58
CA LEU A 183 4.45 -10.17 -1.79
C LEU A 183 3.99 -11.61 -1.58
N LEU A 184 2.90 -12.00 -2.20
CA LEU A 184 2.41 -13.41 -2.05
C LEU A 184 2.49 -14.12 -3.41
N ILE A 185 1.80 -13.62 -4.39
CA ILE A 185 1.85 -14.25 -5.75
C ILE A 185 1.64 -13.20 -6.83
N ALA A 186 1.31 -13.64 -8.01
CA ALA A 186 1.08 -12.68 -9.13
C ALA A 186 0.38 -13.40 -10.30
N ILE A 187 -0.30 -12.67 -11.13
CA ILE A 187 -0.99 -13.32 -12.29
C ILE A 187 -0.93 -12.39 -13.52
N SER A 188 -1.93 -12.43 -14.36
CA SER A 188 -1.93 -11.55 -15.57
C SER A 188 -3.35 -11.24 -15.99
N LEU A 189 -4.28 -11.85 -15.33
CA LEU A 189 -5.71 -11.65 -15.62
C LEU A 189 -5.99 -11.94 -17.11
N VAL A 190 -5.60 -13.09 -17.57
CA VAL A 190 -5.84 -13.43 -19.01
C VAL A 190 -6.50 -14.81 -19.12
N SER A 191 -6.12 -15.73 -18.27
CA SER A 191 -6.72 -17.09 -18.32
C SER A 191 -8.04 -17.11 -17.54
N ASN A 192 -8.96 -17.96 -17.93
CA ASN A 192 -10.26 -18.02 -17.21
C ASN A 192 -10.04 -18.35 -15.73
N LYS A 193 -8.91 -18.91 -15.39
CA LYS A 193 -8.64 -19.25 -13.97
C LYS A 193 -7.13 -19.38 -13.72
N LYS A 194 -6.70 -19.15 -12.51
CA LYS A 194 -5.25 -19.26 -12.20
C LYS A 194 -5.05 -19.67 -10.74
N GLU A 195 -4.01 -20.41 -10.44
CA GLU A 195 -3.77 -20.84 -9.04
C GLU A 195 -2.36 -20.45 -8.59
N ASP A 196 -2.21 -20.06 -7.35
CA ASP A 196 -0.86 -19.67 -6.85
C ASP A 196 -0.72 -20.06 -5.37
N GLY A 197 -0.74 -21.33 -5.08
CA GLY A 197 -0.60 -21.79 -3.66
C GLY A 197 -1.76 -22.71 -3.31
N ARG A 198 -2.71 -22.24 -2.56
CA ARG A 198 -3.87 -23.10 -2.17
C ARG A 198 -5.18 -22.47 -2.67
N PHE A 199 -5.10 -21.39 -3.39
CA PHE A 199 -6.35 -20.74 -3.90
C PHE A 199 -6.29 -20.58 -5.42
N THR A 200 -7.42 -20.47 -6.06
CA THR A 200 -7.43 -20.31 -7.54
C THR A 200 -8.22 -19.06 -7.94
N ILE A 201 -7.54 -18.05 -8.41
CA ILE A 201 -8.22 -16.79 -8.81
C ILE A 201 -8.97 -17.01 -10.13
N PHE A 202 -10.12 -16.41 -10.27
CA PHE A 202 -10.90 -16.59 -11.54
C PHE A 202 -11.21 -15.21 -12.16
N PHE A 203 -11.51 -15.18 -13.43
CA PHE A 203 -11.82 -13.88 -14.08
C PHE A 203 -13.31 -13.81 -14.47
N ASN A 204 -13.91 -12.66 -14.31
CA ASN A 204 -15.35 -12.51 -14.66
C ASN A 204 -15.54 -11.39 -15.68
N LYS A 205 -15.64 -11.72 -16.93
CA LYS A 205 -15.83 -10.67 -17.98
C LYS A 205 -17.22 -10.06 -17.86
N ARG A 206 -18.22 -10.88 -17.75
CA ARG A 206 -19.62 -10.35 -17.64
C ARG A 206 -19.74 -9.42 -16.44
N GLU A 207 -18.89 -9.58 -15.45
CA GLU A 207 -18.96 -8.69 -14.25
C GLU A 207 -17.78 -7.71 -14.25
N LYS A 208 -16.88 -7.83 -15.19
CA LYS A 208 -15.70 -6.91 -15.21
C LYS A 208 -14.95 -6.96 -13.89
N LYS A 209 -14.64 -8.14 -13.42
CA LYS A 209 -13.91 -8.27 -12.12
C LYS A 209 -13.44 -9.71 -11.93
N LEU A 210 -12.66 -9.97 -10.92
CA LEU A 210 -12.16 -11.36 -10.68
C LEU A 210 -12.44 -11.79 -9.24
N SER A 211 -12.36 -13.06 -8.97
CA SER A 211 -12.61 -13.54 -7.57
C SER A 211 -11.71 -14.74 -7.26
N LEU A 212 -11.18 -14.80 -6.07
CA LEU A 212 -10.30 -15.94 -5.71
C LEU A 212 -11.08 -16.93 -4.84
N HIS A 213 -10.71 -18.18 -4.87
CA HIS A 213 -11.45 -19.19 -4.05
C HIS A 213 -10.48 -19.96 -3.16
N ILE A 214 -10.88 -20.24 -1.94
CA ILE A 214 -10.00 -21.00 -1.00
C ILE A 214 -10.85 -21.85 -0.06
N THR A 215 -10.94 -23.14 -0.31
CA THR A 215 -11.76 -24.02 0.56
C THR A 215 -10.88 -25.07 1.26
N ASP A 216 -11.40 -25.73 2.25
CA ASP A 216 -10.60 -26.76 2.97
C ASP A 216 -9.34 -26.13 3.57
N SER A 217 -9.49 -25.02 4.24
CA SER A 217 -8.32 -24.34 4.85
C SER A 217 -8.54 -24.15 6.35
N GLN A 218 -7.57 -23.60 7.03
CA GLN A 218 -7.72 -23.38 8.50
C GLN A 218 -6.63 -22.43 9.01
N PRO A 219 -5.37 -22.78 8.84
CA PRO A 219 -4.27 -21.90 9.30
C PRO A 219 -4.35 -20.55 8.58
N GLY A 220 -3.91 -19.50 9.22
CA GLY A 220 -3.96 -18.16 8.58
C GLY A 220 -4.12 -17.07 9.64
N ASP A 221 -5.01 -17.28 10.57
CA ASP A 221 -5.22 -16.25 11.64
C ASP A 221 -5.51 -14.89 10.99
N SER A 222 -6.39 -14.86 10.03
CA SER A 222 -6.72 -13.57 9.35
C SER A 222 -5.50 -13.05 8.57
N ALA A 223 -5.73 -12.21 7.59
CA ALA A 223 -4.59 -11.67 6.79
C ALA A 223 -5.10 -10.55 5.88
N THR A 224 -4.26 -9.61 5.57
CA THR A 224 -4.70 -8.48 4.69
C THR A 224 -4.01 -8.60 3.32
N TYR A 225 -4.72 -8.27 2.27
CA TYR A 225 -4.12 -8.37 0.91
C TYR A 225 -4.43 -7.10 0.09
N PHE A 226 -3.58 -6.76 -0.83
CA PHE A 226 -3.82 -5.55 -1.65
C PHE A 226 -3.88 -5.94 -3.14
N CYS A 227 -4.83 -5.40 -3.86
CA CYS A 227 -4.98 -5.75 -5.31
C CYS A 227 -4.79 -4.49 -6.17
N ALA A 228 -3.85 -4.51 -7.06
CA ALA A 228 -3.63 -3.31 -7.93
C ALA A 228 -3.05 -3.75 -9.28
N ALA A 229 -2.72 -2.79 -10.12
CA ALA A 229 -2.15 -3.14 -11.46
C ALA A 229 -0.92 -2.27 -11.75
N THR A 230 -0.02 -2.75 -12.56
CA THR A 230 1.20 -1.96 -12.89
C THR A 230 1.32 -1.76 -14.39
N GLY A 231 0.23 -1.49 -15.06
CA GLY A 231 0.27 -1.27 -16.54
C GLY A 231 1.21 -0.11 -16.86
N SER A 232 1.37 0.81 -15.95
CA SER A 232 2.28 1.96 -16.21
C SER A 232 3.55 1.83 -15.36
N PHE A 233 4.67 2.23 -15.89
CA PHE A 233 5.94 2.12 -15.12
C PHE A 233 5.95 3.12 -13.96
N ASN A 234 6.57 2.77 -12.86
CA ASN A 234 6.63 3.69 -11.69
C ASN A 234 5.24 4.27 -11.37
N LYS A 235 4.20 3.51 -11.62
CA LYS A 235 2.82 4.02 -11.34
C LYS A 235 1.85 2.85 -11.17
N LEU A 236 1.73 2.33 -9.98
CA LEU A 236 0.80 1.19 -9.75
C LEU A 236 -0.54 1.71 -9.23
N THR A 237 -1.62 1.34 -9.86
CA THR A 237 -2.96 1.81 -9.39
C THR A 237 -3.55 0.84 -8.38
N PHE A 238 -3.64 1.23 -7.14
CA PHE A 238 -4.21 0.32 -6.10
C PHE A 238 -5.62 0.77 -5.72
N GLY A 239 -6.44 -0.12 -5.25
CA GLY A 239 -7.83 0.27 -4.86
C GLY A 239 -8.09 -0.09 -3.41
N ALA A 240 -7.10 0.10 -2.58
CA ALA A 240 -7.25 -0.22 -1.13
C ALA A 240 -7.80 -1.64 -0.94
N GLY A 241 -6.93 -2.59 -0.75
CA GLY A 241 -7.40 -4.00 -0.55
C GLY A 241 -8.26 -4.09 0.70
N THR A 242 -8.33 -5.23 1.32
CA THR A 242 -9.16 -5.37 2.55
C THR A 242 -8.54 -6.38 3.52
N ARG A 243 -8.99 -6.39 4.74
CA ARG A 243 -8.42 -7.33 5.75
C ARG A 243 -9.35 -8.53 5.91
N LEU A 244 -8.81 -9.73 5.76
CA LEU A 244 -9.65 -10.95 5.90
C LEU A 244 -9.52 -11.50 7.33
N ALA A 245 -10.62 -11.80 7.97
CA ALA A 245 -10.55 -12.36 9.35
C ALA A 245 -11.17 -13.75 9.40
N VAL A 246 -10.44 -14.73 9.88
CA VAL A 246 -10.99 -16.11 9.95
C VAL A 246 -11.03 -16.58 11.41
N SER A 247 -11.97 -16.08 12.17
CA SER A 247 -12.08 -16.49 13.60
C SER A 247 -13.22 -15.70 14.30
N PRO A 248 -13.13 -14.38 14.28
CA PRO A 248 -14.19 -13.56 14.93
C PRO A 248 -15.56 -13.83 14.29
N TYR A 249 -16.51 -14.24 15.08
CA TYR A 249 -17.87 -14.52 14.53
C TYR A 249 -17.78 -15.50 13.34
N ALA A 1 21.82 -4.16 4.91
CA ALA A 1 20.57 -4.83 4.43
C ALA A 1 19.44 -3.81 4.31
N VAL A 2 18.42 -4.13 3.57
CA VAL A 2 17.27 -3.19 3.41
C VAL A 2 16.71 -2.82 4.79
N THR A 3 16.85 -1.60 5.19
CA THR A 3 16.34 -1.21 6.55
C THR A 3 15.52 0.07 6.49
N GLN A 4 15.10 0.54 7.63
CA GLN A 4 14.29 1.80 7.68
C GLN A 4 14.45 2.46 9.05
N SER A 5 14.08 3.71 9.18
CA SER A 5 14.21 4.41 10.50
C SER A 5 13.56 3.57 11.61
N PRO A 6 13.78 3.99 12.84
CA PRO A 6 13.21 3.27 13.99
C PRO A 6 11.68 3.28 13.93
N ARG A 7 11.03 2.62 14.85
CA ARG A 7 9.54 2.59 14.85
C ARG A 7 8.98 3.57 15.89
N ASN A 8 9.52 3.54 17.08
CA ASN A 8 9.02 4.46 18.14
C ASN A 8 9.32 5.92 17.76
N LYS A 9 8.37 6.59 17.17
CA LYS A 9 8.60 8.01 16.77
C LYS A 9 7.26 8.70 16.49
N VAL A 10 6.93 9.71 17.25
CA VAL A 10 5.65 10.42 17.02
C VAL A 10 5.89 11.91 16.78
N ALA A 11 4.92 12.60 16.24
CA ALA A 11 5.10 14.06 15.99
C ALA A 11 3.85 14.82 16.45
N VAL A 12 3.92 16.11 16.44
CA VAL A 12 2.75 16.94 16.86
C VAL A 12 2.31 17.81 15.69
N THR A 13 1.37 18.69 15.91
CA THR A 13 0.89 19.57 14.80
C THR A 13 2.08 20.16 14.04
N GLY A 14 2.26 19.74 12.81
CA GLY A 14 3.41 20.26 12.01
C GLY A 14 4.72 19.94 12.76
N GLY A 15 4.92 18.71 13.13
CA GLY A 15 6.16 18.35 13.86
C GLY A 15 7.27 18.03 12.87
N LYS A 16 7.43 16.78 12.53
CA LYS A 16 8.51 16.40 11.56
C LYS A 16 8.53 14.87 11.39
N VAL A 17 9.21 14.39 10.39
CA VAL A 17 9.27 12.91 10.18
C VAL A 17 10.69 12.49 9.78
N THR A 18 11.34 11.72 10.60
CA THR A 18 12.72 11.27 10.27
C THR A 18 12.68 9.85 9.69
N LEU A 19 13.13 9.67 8.48
CA LEU A 19 13.10 8.31 7.87
C LEU A 19 14.48 7.96 7.28
N SER A 20 14.97 6.80 7.59
CA SER A 20 16.30 6.37 7.05
C SER A 20 16.20 4.93 6.56
N CYS A 21 16.34 4.73 5.27
CA CYS A 21 16.25 3.34 4.72
C CYS A 21 17.46 3.06 3.82
N ASN A 22 17.93 1.85 3.84
CA ASN A 22 19.09 1.49 2.98
C ASN A 22 18.69 0.39 2.01
N GLN A 23 19.40 0.24 0.93
CA GLN A 23 19.05 -0.82 -0.07
C GLN A 23 20.27 -1.70 -0.37
N THR A 24 20.12 -2.98 -0.25
CA THR A 24 21.26 -3.91 -0.53
C THR A 24 20.78 -5.35 -0.36
N ASN A 25 19.70 -5.70 -1.03
CA ASN A 25 19.19 -7.09 -0.94
C ASN A 25 19.19 -7.72 -2.33
N ASN A 26 20.11 -7.29 -3.16
CA ASN A 26 20.20 -7.83 -4.55
C ASN A 26 19.02 -7.34 -5.39
N HIS A 27 18.68 -6.09 -5.27
CA HIS A 27 17.55 -5.53 -6.05
C HIS A 27 17.98 -4.25 -6.77
N ASN A 28 17.82 -4.20 -8.07
CA ASN A 28 18.22 -2.98 -8.82
C ASN A 28 17.09 -1.94 -8.81
N ASN A 29 16.04 -2.19 -8.06
CA ASN A 29 14.93 -1.20 -8.01
C ASN A 29 14.45 -1.01 -6.57
N MET A 30 14.20 0.21 -6.18
CA MET A 30 13.73 0.48 -4.79
C MET A 30 12.37 1.19 -4.83
N TYR A 31 11.57 1.03 -3.81
CA TYR A 31 10.23 1.70 -3.79
C TYR A 31 9.97 2.34 -2.43
N TRP A 32 9.02 3.22 -2.35
CA TRP A 32 8.69 3.89 -1.05
C TRP A 32 7.19 4.17 -0.98
N TYR A 33 6.52 3.64 0.01
CA TYR A 33 5.05 3.87 0.12
C TYR A 33 4.68 4.35 1.53
N ARG A 34 3.45 4.74 1.73
CA ARG A 34 2.99 5.19 3.07
C ARG A 34 1.64 4.54 3.39
N GLN A 35 1.53 3.89 4.52
CA GLN A 35 0.24 3.22 4.88
C GLN A 35 -0.86 4.25 5.08
N ASP A 36 -1.83 4.27 4.20
CA ASP A 36 -2.96 5.24 4.33
C ASP A 36 -4.26 4.59 3.87
N THR A 37 -5.13 4.27 4.79
CA THR A 37 -6.42 3.62 4.39
C THR A 37 -7.20 4.53 3.43
N GLY A 38 -8.47 4.25 3.24
CA GLY A 38 -9.28 5.09 2.29
C GLY A 38 -8.56 5.10 0.94
N HIS A 39 -7.75 4.10 0.70
CA HIS A 39 -6.99 4.02 -0.57
C HIS A 39 -6.05 2.80 -0.49
N GLY A 40 -5.60 2.47 0.69
CA GLY A 40 -4.69 1.29 0.83
C GLY A 40 -3.24 1.78 0.96
N LEU A 41 -2.52 1.84 -0.12
CA LEU A 41 -1.11 2.30 -0.06
C LEU A 41 -0.86 3.39 -1.11
N ARG A 42 0.06 4.27 -0.85
CA ARG A 42 0.35 5.36 -1.84
C ARG A 42 1.87 5.48 -2.06
N LEU A 43 2.27 5.89 -3.23
CA LEU A 43 3.73 6.02 -3.51
C LEU A 43 4.16 7.48 -3.45
N ILE A 44 5.34 7.75 -2.98
CA ILE A 44 5.83 9.16 -2.90
C ILE A 44 7.30 9.21 -3.34
N HIS A 45 8.05 8.21 -3.01
CA HIS A 45 9.49 8.17 -3.41
C HIS A 45 9.82 6.82 -4.03
N TYR A 46 10.76 6.78 -4.94
CA TYR A 46 11.14 5.48 -5.58
C TYR A 46 12.33 5.70 -6.54
N SER A 47 13.21 4.75 -6.62
CA SER A 47 14.38 4.90 -7.52
C SER A 47 15.06 3.54 -7.75
N TYR A 48 15.73 3.39 -8.86
CA TYR A 48 16.42 2.09 -9.15
C TYR A 48 17.90 2.32 -9.44
N GLY A 49 18.32 3.55 -9.58
CA GLY A 49 19.76 3.83 -9.87
C GLY A 49 20.30 4.85 -8.87
N ALA A 50 21.40 5.47 -9.18
CA ALA A 50 21.98 6.48 -8.26
C ALA A 50 21.62 7.89 -8.72
N GLY A 51 21.04 8.69 -7.85
CA GLY A 51 20.67 10.08 -8.24
C GLY A 51 19.19 10.11 -8.63
N SER A 52 18.37 9.36 -7.94
CA SER A 52 16.91 9.35 -8.28
C SER A 52 16.08 9.30 -7.00
N THR A 53 15.16 10.20 -6.84
CA THR A 53 14.31 10.21 -5.61
C THR A 53 13.25 11.31 -5.69
N GLU A 54 12.37 11.38 -4.73
CA GLU A 54 11.31 12.43 -4.72
C GLU A 54 10.58 12.46 -6.06
N LYS A 55 9.90 11.40 -6.41
CA LYS A 55 9.18 11.38 -7.70
C LYS A 55 8.02 10.37 -7.65
N GLY A 56 7.39 10.22 -6.52
CA GLY A 56 6.27 9.24 -6.41
C GLY A 56 5.11 9.70 -7.31
N ASP A 57 4.00 10.05 -6.71
CA ASP A 57 2.83 10.51 -7.53
C ASP A 57 2.32 11.86 -7.03
N ILE A 58 2.21 12.02 -5.73
CA ILE A 58 1.71 13.32 -5.19
C ILE A 58 2.60 13.82 -4.03
N PRO A 59 3.87 14.00 -4.31
CA PRO A 59 4.81 14.49 -3.27
C PRO A 59 4.37 15.86 -2.76
N ASP A 60 4.11 15.97 -1.48
CA ASP A 60 3.67 17.29 -0.92
C ASP A 60 4.36 17.54 0.43
N GLY A 61 5.40 18.33 0.42
CA GLY A 61 6.12 18.63 1.70
C GLY A 61 7.02 17.45 2.07
N TYR A 62 7.88 17.04 1.17
CA TYR A 62 8.79 15.90 1.46
C TYR A 62 10.24 16.27 1.14
N LYS A 63 11.18 15.61 1.77
CA LYS A 63 12.61 15.92 1.49
C LYS A 63 13.43 14.62 1.56
N ALA A 64 13.92 14.16 0.44
CA ALA A 64 14.71 12.90 0.45
C ALA A 64 16.03 13.08 -0.31
N SER A 65 16.92 12.14 -0.18
CA SER A 65 18.23 12.23 -0.88
C SER A 65 18.78 10.83 -1.17
N ARG A 66 19.43 10.65 -2.29
CA ARG A 66 19.98 9.32 -2.63
C ARG A 66 21.43 9.46 -3.11
N PRO A 67 22.32 9.67 -2.17
CA PRO A 67 23.76 9.81 -2.50
C PRO A 67 24.26 8.56 -3.21
N SER A 68 23.85 7.41 -2.73
CA SER A 68 24.29 6.14 -3.37
C SER A 68 23.08 5.24 -3.64
N GLN A 69 23.19 4.34 -4.58
CA GLN A 69 22.04 3.43 -4.88
C GLN A 69 21.67 2.60 -3.65
N GLU A 70 22.56 2.50 -2.69
CA GLU A 70 22.25 1.71 -1.48
C GLU A 70 21.78 2.62 -0.34
N ASN A 71 22.10 3.89 -0.41
CA ASN A 71 21.67 4.82 0.67
C ASN A 71 20.36 5.52 0.29
N PHE A 72 19.48 5.71 1.23
CA PHE A 72 18.19 6.39 0.94
C PHE A 72 17.61 6.98 2.22
N SER A 73 17.62 8.28 2.34
CA SER A 73 17.06 8.92 3.58
C SER A 73 16.15 10.09 3.20
N LEU A 74 15.16 10.37 4.01
CA LEU A 74 14.24 11.49 3.70
C LEU A 74 13.41 11.86 4.92
N ILE A 75 12.74 12.98 4.89
CA ILE A 75 11.90 13.40 6.05
C ILE A 75 10.73 14.26 5.58
N LEU A 76 9.96 14.78 6.51
CA LEU A 76 8.81 15.66 6.12
C LEU A 76 8.78 16.88 7.04
N GLU A 77 8.21 17.96 6.58
CA GLU A 77 8.14 19.19 7.41
C GLU A 77 6.76 19.83 7.30
N LEU A 78 5.72 19.04 7.29
CA LEU A 78 4.34 19.60 7.19
C LEU A 78 3.32 18.50 7.54
N ALA A 79 3.19 18.17 8.79
CA ALA A 79 2.22 17.12 9.19
C ALA A 79 1.01 17.75 9.88
N THR A 80 -0.18 17.41 9.43
CA THR A 80 -1.39 17.98 10.07
C THR A 80 -2.10 16.89 10.90
N PRO A 81 -2.86 17.30 11.89
CA PRO A 81 -3.57 16.32 12.75
C PRO A 81 -4.62 15.55 11.97
N SER A 82 -4.24 14.92 10.87
CA SER A 82 -5.22 14.14 10.06
C SER A 82 -4.56 13.62 8.77
N GLN A 83 -3.26 13.44 8.76
CA GLN A 83 -2.60 12.93 7.52
C GLN A 83 -1.36 12.07 7.85
N THR A 84 -1.06 11.87 9.11
CA THR A 84 0.14 11.04 9.45
C THR A 84 -0.10 9.60 9.02
N SER A 85 0.84 8.71 9.28
CA SER A 85 0.67 7.28 8.87
C SER A 85 2.00 6.53 9.02
N VAL A 86 2.16 5.42 8.34
CA VAL A 86 3.43 4.65 8.44
C VAL A 86 4.26 4.86 7.17
N TYR A 87 5.46 5.35 7.32
CA TYR A 87 6.32 5.58 6.12
C TYR A 87 7.44 4.53 6.07
N PHE A 88 7.41 3.67 5.08
CA PHE A 88 8.47 2.62 4.97
C PHE A 88 8.98 2.51 3.53
N CYS A 89 9.97 1.70 3.30
CA CYS A 89 10.52 1.53 1.92
C CYS A 89 10.53 0.05 1.54
N ALA A 90 11.17 -0.29 0.44
CA ALA A 90 11.21 -1.71 0.02
C ALA A 90 12.23 -1.90 -1.10
N SER A 91 12.67 -3.13 -1.30
CA SER A 91 13.67 -3.39 -2.38
C SER A 91 13.41 -4.77 -3.00
N GLY A 92 13.31 -4.84 -4.31
CA GLY A 92 13.06 -6.15 -4.97
C GLY A 92 13.60 -6.11 -6.40
N GLY A 93 13.70 -7.24 -7.03
CA GLY A 93 14.21 -7.27 -8.44
C GLY A 93 13.13 -6.75 -9.40
N GLN A 94 13.18 -7.15 -10.63
CA GLN A 94 12.17 -6.69 -11.62
C GLN A 94 11.62 -7.88 -12.41
N GLY A 95 10.38 -7.81 -12.83
CA GLY A 95 9.79 -8.93 -13.61
C GLY A 95 9.37 -10.06 -12.66
N ARG A 96 8.21 -9.95 -12.07
CA ARG A 96 7.75 -11.01 -11.12
C ARG A 96 8.81 -11.27 -10.05
N ALA A 97 8.90 -10.42 -9.06
CA ALA A 97 9.92 -10.63 -7.99
C ALA A 97 9.28 -10.36 -6.61
N GLU A 98 9.71 -11.09 -5.62
CA GLU A 98 9.14 -10.89 -4.24
C GLU A 98 9.70 -9.61 -3.63
N GLN A 99 8.85 -8.80 -3.03
CA GLN A 99 9.34 -7.53 -2.42
C GLN A 99 9.78 -7.78 -0.97
N PHE A 100 11.01 -7.46 -0.66
CA PHE A 100 11.49 -7.66 0.74
C PHE A 100 11.24 -6.41 1.57
N PHE A 101 10.01 -6.14 1.89
CA PHE A 101 9.68 -4.92 2.69
C PHE A 101 10.44 -4.94 4.02
N GLY A 102 11.33 -3.99 4.21
CA GLY A 102 12.09 -3.94 5.48
C GLY A 102 11.22 -3.32 6.58
N PRO A 103 11.85 -2.88 7.64
CA PRO A 103 11.10 -2.25 8.76
C PRO A 103 10.37 -1.00 8.28
N GLY A 104 9.45 -0.50 9.06
CA GLY A 104 8.69 0.72 8.64
C GLY A 104 8.53 1.65 9.84
N THR A 105 8.36 2.93 9.59
CA THR A 105 8.19 3.89 10.71
C THR A 105 6.71 4.28 10.85
N ARG A 106 6.17 4.17 12.03
CA ARG A 106 4.73 4.54 12.23
C ARG A 106 4.65 5.75 13.15
N LEU A 107 4.26 6.88 12.63
CA LEU A 107 4.16 8.10 13.48
C LEU A 107 2.80 8.79 13.31
N THR A 108 2.31 9.38 14.37
CA THR A 108 1.00 10.09 14.30
C THR A 108 1.17 11.54 14.76
N VAL A 109 0.66 12.47 14.01
CA VAL A 109 0.81 13.90 14.39
C VAL A 109 -0.44 14.38 15.15
N LEU A 110 -0.33 14.57 16.44
CA LEU A 110 -1.50 15.04 17.24
C LEU A 110 -2.74 14.19 16.92
N GLY A 111 -3.92 14.75 17.13
CA GLY A 111 -5.16 13.99 16.84
C GLY A 111 -6.14 14.16 18.00
N SER A 112 -6.78 15.29 18.10
CA SER A 112 -7.74 15.51 19.21
C SER A 112 -9.09 16.01 18.67
N ASP A 113 -9.80 15.18 17.96
CA ASP A 113 -11.12 15.60 17.40
C ASP A 113 -12.02 14.38 17.19
N TYR A 114 -11.83 13.66 16.10
CA TYR A 114 -12.67 12.45 15.84
C TYR A 114 -14.16 12.79 15.98
N LYS A 115 -14.78 13.21 14.91
CA LYS A 115 -16.23 13.55 14.98
C LYS A 115 -17.05 12.61 14.09
N ASP A 116 -16.60 12.38 12.89
CA ASP A 116 -17.34 11.48 11.97
C ASP A 116 -16.40 10.41 11.41
N ASP A 117 -16.86 9.67 10.42
CA ASP A 117 -16.00 8.61 9.83
C ASP A 117 -15.67 8.95 8.38
N ASP A 118 -15.02 8.05 7.68
CA ASP A 118 -14.67 8.31 6.25
C ASP A 118 -13.96 9.66 6.12
N ASP A 119 -13.72 10.09 4.90
CA ASP A 119 -13.04 11.40 4.70
C ASP A 119 -14.07 12.52 4.54
N LYS A 120 -14.02 13.51 5.38
CA LYS A 120 -15.00 14.64 5.27
C LYS A 120 -14.75 15.43 4.00
N ARG A 121 -15.74 16.14 3.52
CA ARG A 121 -15.56 16.94 2.28
C ARG A 121 -14.81 18.24 2.59
N SER A 122 -13.53 18.27 2.32
CA SER A 122 -12.74 19.51 2.60
C SER A 122 -12.70 20.41 1.36
N GLY A 123 -11.75 21.29 1.29
CA GLY A 123 -11.66 22.19 0.11
C GLY A 123 -10.31 21.99 -0.59
N GLY A 124 -9.27 22.62 -0.09
CA GLY A 124 -7.94 22.45 -0.71
C GLY A 124 -7.41 23.83 -1.16
N GLY A 125 -8.29 24.68 -1.62
CA GLY A 125 -7.85 26.03 -2.09
C GLY A 125 -8.29 26.26 -3.53
N GLY A 126 -7.60 25.68 -4.47
CA GLY A 126 -7.97 25.86 -5.90
C GLY A 126 -8.00 24.50 -6.60
N SER A 127 -8.82 23.61 -6.16
CA SER A 127 -8.89 22.27 -6.81
C SER A 127 -10.35 21.79 -6.91
N GLY A 128 -10.91 21.79 -8.08
CA GLY A 128 -12.32 21.35 -8.25
C GLY A 128 -12.90 21.96 -9.52
N GLY A 129 -12.17 21.90 -10.60
CA GLY A 129 -12.68 22.48 -11.87
C GLY A 129 -13.12 21.35 -12.82
N GLY A 130 -13.10 21.59 -14.11
CA GLY A 130 -13.51 20.54 -15.07
C GLY A 130 -13.71 21.16 -16.45
N GLY A 131 -12.95 20.73 -17.43
CA GLY A 131 -13.11 21.30 -18.80
C GLY A 131 -13.88 20.32 -19.68
N SER A 132 -13.36 19.14 -19.87
CA SER A 132 -14.07 18.13 -20.72
C SER A 132 -15.18 17.45 -19.92
N GLY A 133 -14.82 16.72 -18.90
CA GLY A 133 -15.87 16.02 -18.07
C GLY A 133 -15.25 15.57 -16.75
N GLY A 134 -14.28 16.30 -16.26
CA GLY A 134 -13.64 15.91 -14.97
C GLY A 134 -12.88 14.60 -15.16
N SER A 135 -11.69 14.66 -15.70
CA SER A 135 -10.89 13.41 -15.91
C SER A 135 -9.73 13.36 -14.91
N GLY A 136 -9.86 12.55 -13.88
CA GLY A 136 -8.77 12.46 -12.87
C GLY A 136 -9.24 11.62 -11.69
N ALA A 137 -9.25 10.32 -11.82
CA ALA A 137 -9.71 9.45 -10.70
C ALA A 137 -8.50 9.00 -9.86
N GLN A 138 -8.72 8.76 -8.60
CA GLN A 138 -7.59 8.33 -7.72
C GLN A 138 -7.95 7.00 -7.02
N GLN A 139 -8.71 6.16 -7.68
CA GLN A 139 -9.09 4.86 -7.05
C GLN A 139 -9.65 3.91 -8.12
N GLN A 140 -8.85 2.96 -8.55
CA GLN A 140 -9.33 2.00 -9.59
C GLN A 140 -9.56 0.62 -8.94
N VAL A 141 -8.51 0.04 -8.43
CA VAL A 141 -8.64 -1.30 -7.78
C VAL A 141 -9.71 -1.24 -6.68
N ARG A 142 -10.70 -2.08 -6.77
CA ARG A 142 -11.77 -2.10 -5.73
C ARG A 142 -11.88 -3.49 -5.12
N GLN A 143 -11.22 -3.70 -4.01
CA GLN A 143 -11.29 -5.05 -3.36
C GLN A 143 -12.48 -5.10 -2.40
N SER A 144 -13.14 -6.23 -2.33
CA SER A 144 -14.33 -6.37 -1.42
C SER A 144 -14.07 -5.70 -0.07
N PRO A 145 -14.61 -4.52 0.13
CA PRO A 145 -14.41 -3.79 1.40
C PRO A 145 -15.06 -4.54 2.56
N GLN A 146 -15.40 -3.84 3.62
CA GLN A 146 -16.03 -4.51 4.80
C GLN A 146 -15.18 -5.67 5.30
N SER A 147 -13.90 -5.66 5.00
CA SER A 147 -13.00 -6.77 5.46
C SER A 147 -13.62 -8.13 5.16
N LEU A 148 -13.17 -9.16 5.83
CA LEU A 148 -13.74 -10.52 5.59
C LEU A 148 -13.25 -11.50 6.67
N THR A 149 -14.03 -11.69 7.70
CA THR A 149 -13.61 -12.63 8.78
C THR A 149 -14.26 -14.00 8.60
N VAL A 150 -13.66 -15.04 9.12
CA VAL A 150 -14.24 -16.40 8.97
C VAL A 150 -13.67 -17.33 10.04
N TRP A 151 -14.51 -18.17 10.62
CA TRP A 151 -14.01 -19.10 11.66
C TRP A 151 -12.97 -20.06 11.08
N GLU A 152 -11.87 -20.24 11.77
CA GLU A 152 -10.81 -21.16 11.27
C GLU A 152 -10.43 -20.82 9.82
N GLY A 153 -9.57 -21.58 9.22
CA GLY A 153 -9.17 -21.31 7.81
C GLY A 153 -10.09 -22.06 6.85
N GLU A 154 -11.37 -21.95 7.04
CA GLU A 154 -12.33 -22.67 6.14
C GLU A 154 -12.20 -22.12 4.72
N THR A 155 -13.23 -22.25 3.93
CA THR A 155 -13.17 -21.74 2.52
C THR A 155 -13.30 -20.21 2.52
N THR A 156 -12.85 -19.56 1.49
CA THR A 156 -12.95 -18.08 1.42
C THR A 156 -12.90 -17.60 -0.03
N ILE A 157 -13.56 -16.52 -0.33
CA ILE A 157 -13.55 -16.00 -1.73
C ILE A 157 -13.29 -14.49 -1.75
N LEU A 158 -12.17 -14.08 -2.28
CA LEU A 158 -11.87 -12.62 -2.33
C LEU A 158 -12.34 -12.02 -3.65
N ASN A 159 -12.42 -10.72 -3.74
CA ASN A 159 -12.88 -10.09 -5.02
C ASN A 159 -12.14 -8.78 -5.27
N CYS A 160 -11.67 -8.58 -6.47
CA CYS A 160 -10.94 -7.32 -6.80
C CYS A 160 -11.59 -6.65 -8.01
N SER A 161 -11.42 -5.35 -8.15
CA SER A 161 -12.03 -4.64 -9.32
C SER A 161 -11.00 -3.72 -9.95
N TYR A 162 -11.40 -2.96 -10.94
CA TYR A 162 -10.46 -2.02 -11.60
C TYR A 162 -11.22 -0.98 -12.43
N GLU A 163 -10.54 0.03 -12.89
CA GLU A 163 -11.22 1.07 -13.71
C GLU A 163 -10.25 1.64 -14.76
N ASP A 164 -9.36 0.82 -15.25
CA ASP A 164 -8.39 1.30 -16.27
C ASP A 164 -8.19 0.22 -17.35
N SER A 165 -7.60 0.58 -18.46
CA SER A 165 -7.39 -0.42 -19.54
C SER A 165 -5.97 -0.31 -20.10
N THR A 166 -5.02 0.09 -19.28
CA THR A 166 -3.63 0.21 -19.77
C THR A 166 -2.67 -0.55 -18.85
N PHE A 167 -3.19 -1.49 -18.11
CA PHE A 167 -2.32 -2.29 -17.18
C PHE A 167 -2.01 -3.66 -17.79
N ASP A 168 -0.93 -4.26 -17.38
CA ASP A 168 -0.58 -5.60 -17.94
C ASP A 168 -1.15 -6.70 -17.05
N TYR A 169 -0.94 -6.62 -15.76
CA TYR A 169 -1.48 -7.67 -14.84
C TYR A 169 -1.75 -7.07 -13.46
N PHE A 170 -2.18 -7.88 -12.53
CA PHE A 170 -2.47 -7.35 -11.17
C PHE A 170 -1.79 -8.24 -10.11
N PRO A 171 -0.59 -7.85 -9.71
CA PRO A 171 0.15 -8.62 -8.69
C PRO A 171 -0.64 -8.67 -7.37
N TRP A 172 -1.29 -9.77 -7.10
CA TRP A 172 -2.08 -9.88 -5.84
C TRP A 172 -1.13 -9.77 -4.63
N TYR A 173 -0.81 -8.58 -4.23
CA TYR A 173 0.11 -8.40 -3.06
C TYR A 173 -0.61 -8.70 -1.75
N ARG A 174 0.08 -8.59 -0.65
CA ARG A 174 -0.53 -8.87 0.67
C ARG A 174 0.18 -8.08 1.77
N GLN A 175 -0.57 -7.52 2.69
CA GLN A 175 0.08 -6.74 3.79
C GLN A 175 -0.46 -7.19 5.14
N PHE A 176 0.41 -7.44 6.09
CA PHE A 176 -0.06 -7.89 7.43
C PHE A 176 -0.19 -6.68 8.37
N PRO A 177 -0.93 -6.86 9.44
CA PRO A 177 -1.13 -5.77 10.43
C PRO A 177 0.21 -5.35 11.04
N GLY A 178 1.14 -6.26 11.14
CA GLY A 178 2.47 -5.92 11.72
C GLY A 178 3.58 -6.45 10.82
N LYS A 179 3.45 -7.67 10.35
CA LYS A 179 4.50 -8.24 9.45
C LYS A 179 4.64 -7.40 8.18
N SER A 180 5.70 -7.58 7.45
CA SER A 180 5.90 -6.79 6.20
C SER A 180 5.09 -7.42 5.05
N PRO A 181 4.61 -6.59 4.16
CA PRO A 181 3.82 -7.09 3.00
C PRO A 181 4.67 -8.01 2.12
N ALA A 182 4.05 -8.76 1.25
CA ALA A 182 4.82 -9.66 0.36
C ALA A 182 4.03 -9.95 -0.92
N LEU A 183 4.70 -10.05 -2.04
CA LEU A 183 3.99 -10.33 -3.31
C LEU A 183 3.56 -11.80 -3.37
N LEU A 184 2.35 -12.05 -3.77
CA LEU A 184 1.88 -13.47 -3.85
C LEU A 184 2.01 -14.00 -5.27
N ILE A 185 1.25 -13.45 -6.20
CA ILE A 185 1.34 -13.92 -7.61
C ILE A 185 0.95 -12.79 -8.56
N ALA A 186 0.61 -13.13 -9.78
CA ALA A 186 0.22 -12.07 -10.77
C ALA A 186 -0.72 -12.66 -11.82
N ILE A 187 -1.91 -12.12 -11.93
CA ILE A 187 -2.88 -12.65 -12.93
C ILE A 187 -2.71 -11.90 -14.26
N SER A 188 -3.76 -11.74 -15.02
CA SER A 188 -3.66 -11.02 -16.33
C SER A 188 -5.03 -10.75 -16.90
N LEU A 189 -6.02 -11.29 -16.27
CA LEU A 189 -7.43 -11.10 -16.72
C LEU A 189 -7.58 -11.49 -18.20
N VAL A 190 -7.11 -12.64 -18.57
CA VAL A 190 -7.22 -13.07 -20.00
C VAL A 190 -7.76 -14.50 -20.09
N SER A 191 -8.41 -14.97 -19.06
CA SER A 191 -8.95 -16.36 -19.09
C SER A 191 -10.16 -16.47 -18.15
N ASN A 192 -11.12 -17.28 -18.50
CA ASN A 192 -12.32 -17.44 -17.64
C ASN A 192 -11.92 -17.97 -16.25
N LYS A 193 -10.78 -18.60 -16.15
CA LYS A 193 -10.34 -19.13 -14.83
C LYS A 193 -8.82 -19.29 -14.80
N LYS A 194 -8.22 -19.06 -13.66
CA LYS A 194 -6.74 -19.19 -13.55
C LYS A 194 -6.36 -19.64 -12.13
N GLU A 195 -5.14 -20.06 -11.94
CA GLU A 195 -4.71 -20.50 -10.57
C GLU A 195 -3.19 -20.48 -10.45
N ASP A 196 -2.69 -20.20 -9.28
CA ASP A 196 -1.21 -20.17 -9.09
C ASP A 196 -0.84 -20.59 -7.66
N GLY A 197 -0.78 -21.88 -7.42
CA GLY A 197 -0.43 -22.36 -6.05
C GLY A 197 -1.55 -23.26 -5.52
N ARG A 198 -2.37 -22.75 -4.64
CA ARG A 198 -3.49 -23.58 -4.09
C ARG A 198 -4.84 -22.89 -4.31
N PHE A 199 -4.85 -21.74 -4.96
CA PHE A 199 -6.14 -21.04 -5.19
C PHE A 199 -6.34 -20.79 -6.69
N THR A 200 -7.56 -20.57 -7.10
CA THR A 200 -7.83 -20.32 -8.55
C THR A 200 -8.70 -19.07 -8.73
N ILE A 201 -8.18 -18.08 -9.41
CA ILE A 201 -8.95 -16.83 -9.62
C ILE A 201 -9.95 -17.01 -10.77
N PHE A 202 -11.16 -16.57 -10.60
CA PHE A 202 -12.19 -16.71 -11.68
C PHE A 202 -12.41 -15.36 -12.36
N PHE A 203 -13.09 -15.37 -13.48
CA PHE A 203 -13.35 -14.09 -14.21
C PHE A 203 -14.85 -13.89 -14.38
N ASN A 204 -15.41 -12.89 -13.74
CA ASN A 204 -16.87 -12.63 -13.88
C ASN A 204 -17.12 -11.35 -14.67
N LYS A 205 -17.55 -11.48 -15.90
CA LYS A 205 -17.82 -10.26 -16.73
C LYS A 205 -19.02 -9.50 -16.17
N ARG A 206 -20.11 -10.20 -15.96
CA ARG A 206 -21.33 -9.53 -15.42
C ARG A 206 -21.01 -8.83 -14.09
N GLU A 207 -20.03 -9.33 -13.38
CA GLU A 207 -19.67 -8.69 -12.08
C GLU A 207 -18.57 -7.65 -12.28
N LYS A 208 -17.96 -7.63 -13.43
CA LYS A 208 -16.87 -6.63 -13.71
C LYS A 208 -15.78 -6.75 -12.64
N LYS A 209 -15.48 -7.94 -12.20
CA LYS A 209 -14.43 -8.12 -11.15
C LYS A 209 -13.96 -9.57 -11.11
N LEU A 210 -12.84 -9.82 -10.48
CA LEU A 210 -12.32 -11.23 -10.40
C LEU A 210 -12.58 -11.80 -9.00
N SER A 211 -12.75 -13.10 -8.92
CA SER A 211 -13.00 -13.71 -7.58
C SER A 211 -12.07 -14.92 -7.39
N LEU A 212 -11.22 -14.87 -6.39
CA LEU A 212 -10.29 -16.00 -6.13
C LEU A 212 -10.86 -16.92 -5.04
N HIS A 213 -10.60 -18.19 -5.13
CA HIS A 213 -11.12 -19.13 -4.10
C HIS A 213 -9.98 -19.66 -3.23
N ILE A 214 -10.31 -20.20 -2.08
CA ILE A 214 -9.24 -20.73 -1.18
C ILE A 214 -9.85 -21.77 -0.22
N THR A 215 -9.38 -22.99 -0.28
CA THR A 215 -9.92 -24.05 0.61
C THR A 215 -8.79 -24.70 1.41
N ASP A 216 -9.12 -25.45 2.43
CA ASP A 216 -8.06 -26.11 3.26
C ASP A 216 -7.05 -25.08 3.76
N SER A 217 -7.52 -23.96 4.23
CA SER A 217 -6.60 -22.90 4.74
C SER A 217 -6.52 -22.96 6.26
N GLN A 218 -5.70 -22.12 6.85
CA GLN A 218 -5.57 -22.12 8.33
C GLN A 218 -4.73 -20.92 8.80
N PRO A 219 -3.49 -20.82 8.33
CA PRO A 219 -2.63 -19.69 8.72
C PRO A 219 -3.26 -18.36 8.29
N GLY A 220 -2.97 -17.30 8.99
CA GLY A 220 -3.56 -15.98 8.62
C GLY A 220 -3.16 -14.93 9.65
N ASP A 221 -3.59 -15.09 10.88
CA ASP A 221 -3.24 -14.10 11.93
C ASP A 221 -3.55 -12.67 11.46
N SER A 222 -4.72 -12.48 10.91
CA SER A 222 -5.11 -11.12 10.41
C SER A 222 -4.17 -10.67 9.30
N ALA A 223 -4.69 -10.48 8.12
CA ALA A 223 -3.84 -10.04 6.97
C ALA A 223 -4.71 -9.37 5.90
N THR A 224 -4.17 -8.42 5.21
CA THR A 224 -4.96 -7.71 4.16
C THR A 224 -4.44 -8.05 2.76
N TYR A 225 -5.25 -8.69 1.96
CA TYR A 225 -4.80 -9.06 0.57
C TYR A 225 -4.84 -7.83 -0.33
N PHE A 226 -3.74 -7.48 -0.94
CA PHE A 226 -3.71 -6.28 -1.83
C PHE A 226 -3.88 -6.69 -3.29
N CYS A 227 -4.48 -5.85 -4.09
CA CYS A 227 -4.67 -6.19 -5.53
C CYS A 227 -4.36 -4.97 -6.41
N ALA A 228 -3.11 -4.69 -6.62
CA ALA A 228 -2.73 -3.51 -7.46
C ALA A 228 -2.56 -3.92 -8.93
N ALA A 229 -2.12 -3.00 -9.75
CA ALA A 229 -1.92 -3.31 -11.20
C ALA A 229 -0.61 -2.69 -11.70
N THR A 230 -0.15 -3.12 -12.84
CA THR A 230 1.12 -2.56 -13.39
C THR A 230 0.87 -1.93 -14.76
N GLY A 231 1.88 -1.78 -15.56
CA GLY A 231 1.70 -1.18 -16.91
C GLY A 231 3.06 -0.68 -17.42
N SER A 232 3.90 -0.25 -16.53
CA SER A 232 5.26 0.23 -16.95
C SER A 232 6.26 -0.03 -15.83
N PHE A 233 7.42 0.57 -15.90
CA PHE A 233 8.43 0.35 -14.82
C PHE A 233 8.05 1.15 -13.57
N ASN A 234 8.34 0.62 -12.42
CA ASN A 234 8.01 1.34 -11.15
C ASN A 234 6.56 1.84 -11.18
N LYS A 235 5.63 1.02 -11.60
CA LYS A 235 4.20 1.45 -11.65
C LYS A 235 3.32 0.46 -10.90
N LEU A 236 2.86 0.83 -9.73
CA LEU A 236 1.99 -0.09 -8.95
C LEU A 236 0.79 0.70 -8.37
N THR A 237 -0.37 0.54 -8.95
CA THR A 237 -1.56 1.28 -8.44
C THR A 237 -2.35 0.41 -7.46
N PHE A 238 -2.48 0.83 -6.23
CA PHE A 238 -3.24 0.04 -5.24
C PHE A 238 -4.64 0.63 -5.04
N GLY A 239 -5.57 -0.17 -4.59
CA GLY A 239 -6.96 0.35 -4.37
C GLY A 239 -7.52 -0.19 -3.06
N ALA A 240 -6.75 -0.11 -2.01
CA ALA A 240 -7.21 -0.60 -0.67
C ALA A 240 -7.71 -2.05 -0.79
N GLY A 241 -6.84 -3.00 -0.59
CA GLY A 241 -7.26 -4.42 -0.68
C GLY A 241 -8.30 -4.72 0.40
N THR A 242 -8.54 -5.98 0.69
CA THR A 242 -9.53 -6.34 1.74
C THR A 242 -8.82 -6.76 3.02
N ARG A 243 -9.44 -6.55 4.15
CA ARG A 243 -8.80 -6.94 5.44
C ARG A 243 -9.27 -8.34 5.86
N LEU A 244 -8.47 -9.34 5.60
CA LEU A 244 -8.86 -10.73 5.97
C LEU A 244 -8.56 -10.96 7.46
N ALA A 245 -9.25 -11.89 8.07
CA ALA A 245 -9.01 -12.17 9.52
C ALA A 245 -9.47 -13.58 9.87
N VAL A 246 -8.64 -14.32 10.55
CA VAL A 246 -9.03 -15.72 10.93
C VAL A 246 -9.20 -15.82 12.45
N SER A 247 -10.30 -16.37 12.89
CA SER A 247 -10.54 -16.51 14.36
C SER A 247 -9.61 -17.58 14.95
N PRO A 248 -9.42 -17.54 16.25
CA PRO A 248 -8.55 -18.53 16.92
C PRO A 248 -9.11 -19.94 16.75
N TYR A 249 -8.63 -20.87 17.53
CA TYR A 249 -9.14 -22.27 17.42
C TYR A 249 -9.11 -22.96 18.79
N ALA A 1 21.55 -3.62 3.59
CA ALA A 1 20.38 -4.13 2.83
C ALA A 1 19.16 -3.21 3.06
N VAL A 2 18.04 -3.56 2.50
CA VAL A 2 16.82 -2.71 2.68
C VAL A 2 16.54 -2.51 4.19
N THR A 3 16.82 -1.34 4.70
CA THR A 3 16.58 -1.11 6.16
C THR A 3 15.82 0.19 6.38
N GLN A 4 15.67 0.57 7.62
CA GLN A 4 14.94 1.84 7.95
C GLN A 4 15.35 2.32 9.34
N SER A 5 15.15 3.58 9.64
CA SER A 5 15.54 4.09 10.99
C SER A 5 14.30 4.59 11.74
N PRO A 6 13.56 3.67 12.32
CA PRO A 6 12.34 4.04 13.08
C PRO A 6 12.68 4.94 14.26
N ARG A 7 11.81 5.84 14.62
CA ARG A 7 12.07 6.75 15.77
C ARG A 7 11.11 6.44 16.92
N ASN A 8 10.08 5.68 16.66
CA ASN A 8 9.09 5.35 17.74
C ASN A 8 8.60 6.62 18.42
N LYS A 9 7.84 7.43 17.73
CA LYS A 9 7.32 8.69 18.33
C LYS A 9 6.22 9.29 17.45
N VAL A 10 5.40 10.12 18.01
CA VAL A 10 4.30 10.75 17.21
C VAL A 10 4.65 12.22 16.91
N ALA A 11 4.00 12.79 15.94
CA ALA A 11 4.30 14.22 15.60
C ALA A 11 3.04 15.06 15.77
N VAL A 12 3.20 16.35 15.85
CA VAL A 12 2.03 17.26 16.00
C VAL A 12 1.83 18.04 14.70
N THR A 13 0.91 18.96 14.68
CA THR A 13 0.68 19.76 13.43
C THR A 13 2.00 20.26 12.86
N GLY A 14 2.39 19.77 11.72
CA GLY A 14 3.69 20.19 11.12
C GLY A 14 4.82 19.84 12.08
N GLY A 15 4.85 18.63 12.55
CA GLY A 15 5.93 18.22 13.51
C GLY A 15 7.21 17.91 12.73
N LYS A 16 7.43 16.66 12.41
CA LYS A 16 8.66 16.27 11.66
C LYS A 16 8.68 14.76 11.43
N VAL A 17 9.42 14.32 10.45
CA VAL A 17 9.49 12.85 10.17
C VAL A 17 10.90 12.47 9.71
N THR A 18 11.62 11.74 10.51
CA THR A 18 13.00 11.33 10.12
C THR A 18 13.04 9.84 9.78
N LEU A 19 13.28 9.50 8.55
CA LEU A 19 13.33 8.06 8.17
C LEU A 19 14.53 7.78 7.27
N SER A 20 15.40 6.89 7.69
CA SER A 20 16.60 6.56 6.88
C SER A 20 16.53 5.09 6.43
N CYS A 21 16.39 4.86 5.16
CA CYS A 21 16.30 3.46 4.64
C CYS A 21 17.49 3.16 3.72
N ASN A 22 18.04 1.98 3.81
CA ASN A 22 19.19 1.64 2.94
C ASN A 22 18.74 0.67 1.85
N GLN A 23 19.61 0.37 0.91
CA GLN A 23 19.22 -0.57 -0.18
C GLN A 23 20.45 -1.26 -0.77
N THR A 24 20.51 -2.56 -0.69
CA THR A 24 21.67 -3.30 -1.26
C THR A 24 21.44 -4.80 -1.08
N ASN A 25 20.30 -5.28 -1.52
CA ASN A 25 20.00 -6.72 -1.42
C ASN A 25 19.89 -7.31 -2.83
N ASN A 26 20.68 -6.77 -3.74
CA ASN A 26 20.66 -7.26 -5.16
C ASN A 26 19.38 -6.78 -5.86
N HIS A 27 18.95 -5.59 -5.58
CA HIS A 27 17.72 -5.06 -6.22
C HIS A 27 18.07 -3.87 -7.12
N ASN A 28 17.70 -3.93 -8.38
CA ASN A 28 18.02 -2.79 -9.30
C ASN A 28 16.94 -1.71 -9.21
N ASN A 29 15.99 -1.88 -8.33
CA ASN A 29 14.91 -0.84 -8.20
C ASN A 29 14.35 -0.84 -6.77
N MET A 30 14.07 0.31 -6.23
CA MET A 30 13.51 0.38 -4.86
C MET A 30 12.16 1.12 -4.86
N TYR A 31 11.22 0.68 -4.06
CA TYR A 31 9.89 1.35 -4.03
C TYR A 31 9.60 1.86 -2.62
N TRP A 32 8.70 2.81 -2.50
CA TRP A 32 8.36 3.34 -1.15
C TRP A 32 6.83 3.53 -1.05
N TYR A 33 6.20 2.85 -0.14
CA TYR A 33 4.72 2.97 -0.01
C TYR A 33 4.34 3.50 1.38
N ARG A 34 3.09 3.79 1.58
CA ARG A 34 2.64 4.31 2.90
C ARG A 34 1.24 3.77 3.24
N GLN A 35 0.93 3.66 4.50
CA GLN A 35 -0.42 3.14 4.88
C GLN A 35 -1.19 4.20 5.68
N ASP A 36 -2.21 4.77 5.09
CA ASP A 36 -3.01 5.82 5.81
C ASP A 36 -4.50 5.50 5.76
N THR A 37 -4.86 4.24 5.69
CA THR A 37 -6.30 3.87 5.65
C THR A 37 -7.03 4.67 4.57
N GLY A 38 -8.33 4.54 4.48
CA GLY A 38 -9.09 5.29 3.43
C GLY A 38 -8.76 4.67 2.09
N HIS A 39 -7.50 4.72 1.74
CA HIS A 39 -7.04 4.09 0.48
C HIS A 39 -6.07 2.96 0.82
N GLY A 40 -5.83 2.72 2.10
CA GLY A 40 -4.91 1.62 2.49
C GLY A 40 -3.49 1.93 2.01
N LEU A 41 -3.14 1.48 0.84
CA LEU A 41 -1.77 1.74 0.32
C LEU A 41 -1.62 3.19 -0.16
N ARG A 42 -0.41 3.67 -0.30
CA ARG A 42 -0.20 5.06 -0.77
C ARG A 42 1.25 5.26 -1.22
N LEU A 43 1.49 5.21 -2.50
CA LEU A 43 2.88 5.41 -3.01
C LEU A 43 3.31 6.86 -2.81
N ILE A 44 4.54 7.08 -2.42
CA ILE A 44 5.00 8.49 -2.19
C ILE A 44 6.41 8.69 -2.75
N HIS A 45 7.21 7.66 -2.76
CA HIS A 45 8.59 7.79 -3.29
C HIS A 45 9.07 6.48 -3.89
N TYR A 46 10.15 6.53 -4.62
CA TYR A 46 10.71 5.29 -5.25
C TYR A 46 12.00 5.62 -6.01
N SER A 47 13.07 4.93 -5.75
CA SER A 47 14.35 5.22 -6.45
C SER A 47 15.00 3.92 -6.93
N TYR A 48 15.60 3.94 -8.09
CA TYR A 48 16.26 2.71 -8.61
C TYR A 48 17.76 2.97 -8.86
N GLY A 49 18.17 4.22 -8.87
CA GLY A 49 19.62 4.51 -9.11
C GLY A 49 20.10 5.53 -8.09
N ALA A 50 21.25 6.12 -8.31
CA ALA A 50 21.78 7.13 -7.35
C ALA A 50 21.48 8.54 -7.85
N GLY A 51 21.20 9.46 -6.97
CA GLY A 51 20.90 10.86 -7.40
C GLY A 51 19.67 10.86 -8.29
N SER A 52 18.64 10.15 -7.90
CA SER A 52 17.41 10.11 -8.73
C SER A 52 16.17 10.07 -7.82
N THR A 53 15.68 11.21 -7.40
CA THR A 53 14.48 11.24 -6.52
C THR A 53 13.24 11.61 -7.33
N GLU A 54 12.11 11.06 -6.97
CA GLU A 54 10.86 11.37 -7.72
C GLU A 54 9.65 11.38 -6.77
N LYS A 55 8.61 12.08 -7.12
CA LYS A 55 7.41 12.14 -6.25
C LYS A 55 6.50 10.93 -6.52
N GLY A 56 5.94 10.36 -5.48
CA GLY A 56 5.05 9.18 -5.67
C GLY A 56 3.81 9.58 -6.45
N ASP A 57 2.69 9.71 -5.80
CA ASP A 57 1.44 10.10 -6.50
C ASP A 57 1.12 11.57 -6.26
N ILE A 58 0.84 11.93 -5.02
CA ILE A 58 0.53 13.36 -4.72
C ILE A 58 1.04 13.75 -3.32
N PRO A 59 2.32 13.59 -3.10
CA PRO A 59 2.92 13.95 -1.80
C PRO A 59 2.69 15.44 -1.49
N ASP A 60 3.15 15.90 -0.35
CA ASP A 60 2.96 17.33 -0.01
C ASP A 60 3.81 17.70 1.22
N GLY A 61 4.67 18.67 1.09
CA GLY A 61 5.52 19.07 2.25
C GLY A 61 6.45 17.92 2.61
N TYR A 62 7.41 17.62 1.76
CA TYR A 62 8.35 16.50 2.06
C TYR A 62 9.71 16.78 1.42
N LYS A 63 10.73 16.06 1.84
CA LYS A 63 12.08 16.27 1.25
C LYS A 63 12.88 14.96 1.29
N ALA A 64 13.39 14.54 0.18
CA ALA A 64 14.18 13.27 0.16
C ALA A 64 15.52 13.49 -0.54
N SER A 65 16.44 12.57 -0.40
CA SER A 65 17.77 12.73 -1.05
C SER A 65 18.40 11.35 -1.29
N ARG A 66 19.13 11.21 -2.38
CA ARG A 66 19.78 9.91 -2.68
C ARG A 66 21.27 10.11 -2.93
N PRO A 67 22.02 10.31 -1.87
CA PRO A 67 23.48 10.53 -1.98
C PRO A 67 24.13 9.34 -2.68
N SER A 68 23.69 8.15 -2.36
CA SER A 68 24.28 6.95 -3.01
C SER A 68 23.17 6.03 -3.53
N GLN A 69 23.47 5.23 -4.51
CA GLN A 69 22.43 4.31 -5.07
C GLN A 69 21.93 3.34 -3.98
N GLU A 70 22.74 3.10 -2.99
CA GLU A 70 22.32 2.17 -1.90
C GLU A 70 21.83 2.97 -0.68
N ASN A 71 22.28 4.19 -0.53
CA ASN A 71 21.82 5.01 0.63
C ASN A 71 20.69 5.95 0.21
N PHE A 72 19.61 5.93 0.94
CA PHE A 72 18.45 6.82 0.59
C PHE A 72 17.70 7.22 1.86
N SER A 73 17.44 8.49 2.04
CA SER A 73 16.72 8.94 3.26
C SER A 73 15.89 10.19 2.95
N LEU A 74 14.81 10.39 3.67
CA LEU A 74 13.96 11.59 3.43
C LEU A 74 13.20 11.96 4.71
N ILE A 75 12.57 13.10 4.73
CA ILE A 75 11.83 13.51 5.96
C ILE A 75 10.61 14.36 5.59
N LEU A 76 9.82 14.72 6.56
CA LEU A 76 8.62 15.57 6.29
C LEU A 76 8.42 16.57 7.42
N GLU A 77 8.23 17.82 7.09
CA GLU A 77 8.03 18.84 8.15
C GLU A 77 6.74 19.63 7.91
N LEU A 78 5.71 18.96 7.46
CA LEU A 78 4.42 19.66 7.20
C LEU A 78 3.30 18.64 6.99
N ALA A 79 2.79 18.08 8.05
CA ALA A 79 1.70 17.08 7.91
C ALA A 79 0.40 17.59 8.55
N THR A 80 -0.71 17.09 8.11
CA THR A 80 -2.02 17.55 8.69
C THR A 80 -2.75 16.35 9.31
N PRO A 81 -3.78 16.63 10.08
CA PRO A 81 -4.57 15.55 10.72
C PRO A 81 -5.32 14.70 9.68
N SER A 82 -4.64 14.28 8.64
CA SER A 82 -5.31 13.44 7.59
C SER A 82 -4.30 13.09 6.49
N GLN A 83 -3.04 13.00 6.84
CA GLN A 83 -2.01 12.67 5.81
C GLN A 83 -0.93 11.74 6.39
N THR A 84 -0.64 11.88 7.67
CA THR A 84 0.41 11.01 8.29
C THR A 84 0.09 9.54 8.04
N SER A 85 0.90 8.63 8.53
CA SER A 85 0.64 7.17 8.30
C SER A 85 1.88 6.35 8.67
N VAL A 86 1.96 5.14 8.18
CA VAL A 86 3.14 4.29 8.48
C VAL A 86 4.07 4.23 7.26
N TYR A 87 5.31 4.59 7.44
CA TYR A 87 6.26 4.57 6.29
C TYR A 87 6.85 3.16 6.11
N PHE A 88 6.81 2.64 4.91
CA PHE A 88 7.37 1.28 4.67
C PHE A 88 8.37 1.31 3.50
N CYS A 89 9.58 0.91 3.74
CA CYS A 89 10.61 0.92 2.65
C CYS A 89 10.79 -0.50 2.10
N ALA A 90 10.46 -0.71 0.85
CA ALA A 90 10.61 -2.08 0.27
C ALA A 90 11.46 -2.00 -1.01
N SER A 91 12.05 -3.10 -1.40
CA SER A 91 12.90 -3.10 -2.63
C SER A 91 12.97 -4.51 -3.21
N GLY A 92 12.88 -4.63 -4.51
CA GLY A 92 12.94 -5.97 -5.16
C GLY A 92 13.35 -5.82 -6.62
N GLY A 93 13.99 -6.81 -7.17
CA GLY A 93 14.41 -6.74 -8.61
C GLY A 93 13.64 -7.77 -9.42
N GLN A 94 13.64 -7.64 -10.72
CA GLN A 94 12.92 -8.60 -11.61
C GLN A 94 11.41 -8.37 -11.52
N GLY A 95 10.66 -8.92 -12.44
CA GLY A 95 9.19 -8.72 -12.41
C GLY A 95 8.57 -9.63 -11.36
N ARG A 96 9.02 -10.85 -11.28
CA ARG A 96 8.45 -11.81 -10.27
C ARG A 96 9.44 -12.01 -9.12
N ALA A 97 9.45 -11.12 -8.17
CA ALA A 97 10.39 -11.27 -7.02
C ALA A 97 9.69 -10.86 -5.72
N GLU A 98 10.00 -11.53 -4.63
CA GLU A 98 9.36 -11.20 -3.33
C GLU A 98 9.94 -9.89 -2.78
N GLN A 99 9.12 -8.89 -2.62
CA GLN A 99 9.62 -7.60 -2.09
C GLN A 99 10.18 -7.78 -0.68
N PHE A 100 11.44 -7.48 -0.49
CA PHE A 100 12.05 -7.64 0.87
C PHE A 100 11.68 -6.45 1.74
N PHE A 101 10.49 -6.45 2.28
CA PHE A 101 10.05 -5.32 3.16
C PHE A 101 10.92 -5.26 4.43
N GLY A 102 11.47 -4.12 4.71
CA GLY A 102 12.32 -3.99 5.93
C GLY A 102 11.51 -3.32 7.05
N PRO A 103 12.20 -2.76 8.02
CA PRO A 103 11.51 -2.08 9.15
C PRO A 103 10.67 -0.91 8.63
N GLY A 104 9.78 -0.41 9.44
CA GLY A 104 8.93 0.73 9.00
C GLY A 104 8.60 1.63 10.19
N THR A 105 8.08 2.80 9.92
CA THR A 105 7.72 3.74 11.04
C THR A 105 6.23 4.05 10.99
N ARG A 106 5.62 4.24 12.13
CA ARG A 106 4.17 4.56 12.16
C ARG A 106 3.89 5.73 13.09
N LEU A 107 3.50 6.86 12.55
CA LEU A 107 3.21 8.03 13.42
C LEU A 107 2.09 8.91 12.81
N THR A 108 1.40 9.64 13.65
CA THR A 108 0.30 10.51 13.15
C THR A 108 0.56 11.96 13.56
N VAL A 109 0.26 12.90 12.70
CA VAL A 109 0.49 14.33 13.04
C VAL A 109 -0.83 14.96 13.52
N LEU A 110 -0.85 15.45 14.74
CA LEU A 110 -2.09 16.08 15.28
C LEU A 110 -2.42 17.37 14.51
N GLY A 111 -3.39 18.11 14.97
CA GLY A 111 -3.75 19.38 14.30
C GLY A 111 -5.25 19.63 14.46
N SER A 112 -5.75 19.56 15.67
CA SER A 112 -7.20 19.80 15.91
C SER A 112 -7.46 21.30 16.10
N ASP A 113 -8.23 21.89 15.22
CA ASP A 113 -8.52 23.34 15.35
C ASP A 113 -9.79 23.55 16.19
N TYR A 114 -10.06 24.77 16.59
CA TYR A 114 -11.28 25.04 17.41
C TYR A 114 -11.92 26.35 16.96
N LYS A 115 -11.20 27.44 17.05
CA LYS A 115 -11.76 28.76 16.63
C LYS A 115 -11.37 29.07 15.19
N ASP A 116 -12.32 29.42 14.36
CA ASP A 116 -12.00 29.74 12.94
C ASP A 116 -12.56 31.11 12.57
N ASP A 117 -11.97 32.16 13.06
CA ASP A 117 -12.47 33.53 12.73
C ASP A 117 -11.44 34.27 11.88
N ASP A 118 -11.82 34.64 10.68
CA ASP A 118 -10.87 35.38 9.79
C ASP A 118 -9.56 34.60 9.65
N ASP A 119 -9.62 33.30 9.76
CA ASP A 119 -8.38 32.47 9.64
C ASP A 119 -8.28 31.87 8.24
N LYS A 120 -9.39 31.60 7.61
CA LYS A 120 -9.36 31.01 6.24
C LYS A 120 -8.93 32.06 5.23
N ARG A 121 -7.67 32.42 5.22
CA ARG A 121 -7.18 33.44 4.25
C ARG A 121 -6.36 32.78 3.15
N SER A 122 -6.85 31.71 2.59
CA SER A 122 -6.10 31.01 1.51
C SER A 122 -6.61 31.46 0.13
N GLY A 123 -6.22 32.64 -0.30
CA GLY A 123 -6.67 33.14 -1.63
C GLY A 123 -5.59 32.88 -2.68
N GLY A 124 -5.11 31.67 -2.75
CA GLY A 124 -4.05 31.35 -3.75
C GLY A 124 -2.67 31.55 -3.12
N GLY A 125 -2.57 31.34 -1.84
CA GLY A 125 -1.25 31.52 -1.16
C GLY A 125 -0.79 30.18 -0.58
N GLY A 126 0.00 29.45 -1.31
CA GLY A 126 0.49 28.14 -0.81
C GLY A 126 -0.66 27.13 -0.78
N SER A 127 -0.54 26.08 -0.02
CA SER A 127 -1.63 25.06 0.05
C SER A 127 -2.51 25.31 1.28
N GLY A 128 -3.80 25.09 1.15
CA GLY A 128 -4.70 25.32 2.30
C GLY A 128 -4.91 24.00 3.05
N GLY A 129 -5.37 22.98 2.38
CA GLY A 129 -5.60 21.68 3.05
C GLY A 129 -7.07 21.53 3.42
N GLY A 130 -7.95 21.71 2.47
CA GLY A 130 -9.41 21.58 2.77
C GLY A 130 -10.04 20.58 1.81
N GLY A 131 -11.34 20.58 1.71
CA GLY A 131 -12.03 19.63 0.79
C GLY A 131 -13.51 19.54 1.15
N SER A 132 -14.33 20.33 0.51
CA SER A 132 -15.79 20.30 0.81
C SER A 132 -16.52 19.40 -0.19
N GLY A 133 -16.26 19.57 -1.46
CA GLY A 133 -16.93 18.72 -2.48
C GLY A 133 -16.20 17.38 -2.59
N GLY A 134 -16.14 16.62 -1.53
CA GLY A 134 -15.44 15.31 -1.58
C GLY A 134 -13.93 15.54 -1.69
N SER A 135 -13.26 14.77 -2.51
CA SER A 135 -11.80 14.95 -2.68
C SER A 135 -11.34 14.43 -4.04
N GLY A 136 -10.38 15.08 -4.65
CA GLY A 136 -9.89 14.63 -5.98
C GLY A 136 -8.92 13.47 -5.79
N ALA A 137 -9.38 12.35 -5.33
CA ALA A 137 -8.47 11.18 -5.13
C ALA A 137 -8.73 10.12 -6.19
N GLN A 138 -7.76 9.84 -7.01
CA GLN A 138 -7.94 8.80 -8.08
C GLN A 138 -8.06 7.41 -7.45
N GLN A 139 -9.09 6.69 -7.80
CA GLN A 139 -9.28 5.32 -7.22
C GLN A 139 -9.62 4.32 -8.33
N GLN A 140 -8.82 3.31 -8.50
CA GLN A 140 -9.10 2.28 -9.55
C GLN A 140 -9.38 0.93 -8.90
N VAL A 141 -8.43 0.43 -8.17
CA VAL A 141 -8.63 -0.89 -7.49
C VAL A 141 -9.77 -0.80 -6.48
N ARG A 142 -10.71 -1.70 -6.54
CA ARG A 142 -11.84 -1.66 -5.58
C ARG A 142 -12.21 -3.08 -5.13
N GLN A 143 -12.11 -3.35 -3.86
CA GLN A 143 -12.44 -4.70 -3.35
C GLN A 143 -13.94 -4.78 -3.01
N SER A 144 -14.58 -5.86 -3.39
CA SER A 144 -16.05 -5.99 -3.09
C SER A 144 -16.28 -6.41 -1.63
N PRO A 145 -15.61 -7.46 -1.18
CA PRO A 145 -15.80 -7.92 0.21
C PRO A 145 -15.36 -6.85 1.21
N GLN A 146 -14.23 -6.23 0.97
CA GLN A 146 -13.74 -5.16 1.89
C GLN A 146 -13.69 -5.69 3.33
N SER A 147 -12.59 -6.29 3.72
CA SER A 147 -12.47 -6.82 5.11
C SER A 147 -13.54 -7.89 5.36
N LEU A 148 -13.28 -8.82 6.26
CA LEU A 148 -14.28 -9.88 6.55
C LEU A 148 -13.82 -10.73 7.74
N THR A 149 -14.73 -11.37 8.41
CA THR A 149 -14.35 -12.22 9.57
C THR A 149 -14.86 -13.66 9.38
N VAL A 150 -14.21 -14.42 8.53
CA VAL A 150 -14.67 -15.81 8.28
C VAL A 150 -14.47 -16.67 9.54
N TRP A 151 -15.08 -17.82 9.59
CA TRP A 151 -14.93 -18.70 10.79
C TRP A 151 -13.55 -19.37 10.79
N GLU A 152 -13.32 -20.27 11.70
CA GLU A 152 -12.00 -20.96 11.76
C GLU A 152 -12.07 -22.29 10.99
N GLY A 153 -11.08 -22.56 10.18
CA GLY A 153 -11.08 -23.84 9.41
C GLY A 153 -12.12 -23.76 8.29
N GLU A 154 -12.36 -22.59 7.77
CA GLU A 154 -13.37 -22.44 6.68
C GLU A 154 -12.72 -21.79 5.45
N THR A 155 -13.45 -21.67 4.38
CA THR A 155 -12.88 -21.04 3.15
C THR A 155 -13.50 -19.65 2.94
N THR A 156 -13.04 -18.92 1.96
CA THR A 156 -13.60 -17.57 1.69
C THR A 156 -13.28 -17.14 0.26
N ILE A 157 -13.58 -15.93 -0.09
CA ILE A 157 -13.29 -15.46 -1.48
C ILE A 157 -12.94 -13.96 -1.47
N LEU A 158 -12.28 -13.49 -2.49
CA LEU A 158 -11.91 -12.05 -2.55
C LEU A 158 -12.10 -11.50 -3.96
N ASN A 159 -12.86 -10.45 -4.11
CA ASN A 159 -13.09 -9.88 -5.48
C ASN A 159 -12.35 -8.54 -5.61
N CYS A 160 -11.86 -8.25 -6.79
CA CYS A 160 -11.13 -6.97 -7.00
C CYS A 160 -11.64 -6.27 -8.26
N SER A 161 -11.40 -4.99 -8.39
CA SER A 161 -11.87 -4.26 -9.60
C SER A 161 -10.79 -3.28 -10.07
N TYR A 162 -11.00 -2.67 -11.21
CA TYR A 162 -9.98 -1.70 -11.72
C TYR A 162 -10.61 -0.78 -12.76
N GLU A 163 -10.15 0.45 -12.84
CA GLU A 163 -10.72 1.40 -13.82
C GLU A 163 -9.63 1.92 -14.76
N ASP A 164 -8.60 1.14 -14.96
CA ASP A 164 -7.50 1.58 -15.87
C ASP A 164 -7.60 0.87 -17.23
N SER A 165 -6.93 1.37 -18.22
CA SER A 165 -6.98 0.72 -19.56
C SER A 165 -5.57 0.55 -20.13
N THR A 166 -4.61 0.29 -19.30
CA THR A 166 -3.22 0.11 -19.79
C THR A 166 -2.37 -0.64 -18.76
N PHE A 167 -2.99 -1.47 -17.97
CA PHE A 167 -2.23 -2.25 -16.94
C PHE A 167 -1.76 -3.58 -17.52
N ASP A 168 -0.62 -4.06 -17.11
CA ASP A 168 -0.11 -5.35 -17.63
C ASP A 168 -0.67 -6.51 -16.80
N TYR A 169 -0.50 -6.46 -15.51
CA TYR A 169 -1.03 -7.55 -14.64
C TYR A 169 -1.39 -7.01 -13.25
N PHE A 170 -1.89 -7.86 -12.39
CA PHE A 170 -2.27 -7.41 -11.03
C PHE A 170 -1.51 -8.20 -9.96
N PRO A 171 -0.37 -7.69 -9.56
CA PRO A 171 0.45 -8.38 -8.53
C PRO A 171 -0.35 -8.52 -7.22
N TRP A 172 -0.94 -9.67 -7.00
CA TRP A 172 -1.72 -9.87 -5.74
C TRP A 172 -0.78 -9.87 -4.53
N TYR A 173 -0.33 -8.71 -4.11
CA TYR A 173 0.61 -8.64 -2.94
C TYR A 173 -0.09 -9.11 -1.65
N ARG A 174 0.63 -9.10 -0.56
CA ARG A 174 0.03 -9.54 0.74
C ARG A 174 0.72 -8.82 1.89
N GLN A 175 0.05 -8.65 3.00
CA GLN A 175 0.65 -7.95 4.16
C GLN A 175 0.18 -8.58 5.47
N PHE A 176 1.09 -8.82 6.39
CA PHE A 176 0.71 -9.42 7.69
C PHE A 176 0.55 -8.33 8.76
N PRO A 177 -0.11 -8.67 9.84
CA PRO A 177 -0.31 -7.71 10.95
C PRO A 177 1.03 -7.26 11.53
N GLY A 178 2.02 -8.10 11.46
CA GLY A 178 3.36 -7.73 12.02
C GLY A 178 3.96 -6.60 11.17
N LYS A 179 4.96 -6.90 10.38
CA LYS A 179 5.59 -5.84 9.55
C LYS A 179 6.52 -6.48 8.50
N SER A 180 5.97 -7.24 7.59
CA SER A 180 6.82 -7.89 6.55
C SER A 180 5.94 -8.47 5.43
N PRO A 181 5.31 -7.60 4.69
CA PRO A 181 4.45 -8.04 3.57
C PRO A 181 5.26 -8.81 2.53
N ALA A 182 4.60 -9.42 1.57
CA ALA A 182 5.34 -10.18 0.52
C ALA A 182 4.46 -10.38 -0.71
N LEU A 183 5.04 -10.28 -1.87
CA LEU A 183 4.23 -10.48 -3.12
C LEU A 183 3.83 -11.94 -3.27
N LEU A 184 2.61 -12.19 -3.66
CA LEU A 184 2.15 -13.61 -3.83
C LEU A 184 2.37 -14.07 -5.27
N ILE A 185 1.60 -13.55 -6.18
CA ILE A 185 1.77 -13.94 -7.62
C ILE A 185 1.39 -12.79 -8.54
N ALA A 186 1.17 -13.09 -9.79
CA ALA A 186 0.79 -12.03 -10.76
C ALA A 186 -0.10 -12.63 -11.86
N ILE A 187 -1.31 -12.18 -11.96
CA ILE A 187 -2.24 -12.73 -13.00
C ILE A 187 -2.11 -11.91 -14.30
N SER A 188 -3.16 -11.82 -15.06
CA SER A 188 -3.10 -11.05 -16.34
C SER A 188 -4.48 -10.99 -16.99
N LEU A 189 -5.40 -11.69 -16.43
CA LEU A 189 -6.78 -11.74 -16.96
C LEU A 189 -6.79 -12.31 -18.38
N VAL A 190 -6.26 -13.49 -18.54
CA VAL A 190 -6.22 -14.13 -19.90
C VAL A 190 -6.76 -15.56 -19.84
N SER A 191 -7.28 -15.96 -18.71
CA SER A 191 -7.83 -17.34 -18.59
C SER A 191 -9.11 -17.33 -17.75
N ASN A 192 -10.04 -18.19 -18.07
CA ASN A 192 -11.31 -18.23 -17.30
C ASN A 192 -11.03 -18.34 -15.79
N LYS A 193 -9.94 -18.97 -15.44
CA LYS A 193 -9.60 -19.12 -13.99
C LYS A 193 -8.12 -19.45 -13.83
N LYS A 194 -7.58 -19.23 -12.66
CA LYS A 194 -6.14 -19.53 -12.42
C LYS A 194 -5.96 -20.07 -10.99
N GLU A 195 -4.80 -20.58 -10.68
CA GLU A 195 -4.57 -21.13 -9.31
C GLU A 195 -3.07 -21.23 -9.01
N ASP A 196 -2.63 -20.57 -7.98
CA ASP A 196 -1.17 -20.62 -7.63
C ASP A 196 -0.98 -21.12 -6.20
N GLY A 197 -0.62 -22.36 -6.04
CA GLY A 197 -0.42 -22.92 -4.67
C GLY A 197 -1.71 -23.61 -4.20
N ARG A 198 -2.75 -22.86 -3.96
CA ARG A 198 -4.02 -23.48 -3.51
C ARG A 198 -5.22 -22.59 -3.91
N PHE A 199 -5.14 -21.32 -3.63
CA PHE A 199 -6.27 -20.40 -3.98
C PHE A 199 -6.42 -20.28 -5.50
N THR A 200 -7.62 -20.13 -5.98
CA THR A 200 -7.83 -20.01 -7.46
C THR A 200 -8.55 -18.68 -7.76
N ILE A 201 -8.48 -18.22 -8.98
CA ILE A 201 -9.15 -16.93 -9.34
C ILE A 201 -10.18 -17.16 -10.43
N PHE A 202 -11.17 -16.31 -10.50
CA PHE A 202 -12.22 -16.46 -11.55
C PHE A 202 -12.35 -15.17 -12.36
N PHE A 203 -12.91 -15.25 -13.55
CA PHE A 203 -13.07 -14.03 -14.38
C PHE A 203 -14.55 -13.66 -14.49
N ASN A 204 -14.94 -12.55 -13.91
CA ASN A 204 -16.36 -12.12 -13.98
C ASN A 204 -16.55 -11.10 -15.10
N LYS A 205 -17.16 -11.50 -16.19
CA LYS A 205 -17.38 -10.54 -17.32
C LYS A 205 -18.55 -9.61 -17.00
N ARG A 206 -19.65 -10.17 -16.58
CA ARG A 206 -20.84 -9.33 -16.25
C ARG A 206 -20.48 -8.26 -15.22
N GLU A 207 -19.50 -8.53 -14.40
CA GLU A 207 -19.08 -7.53 -13.37
C GLU A 207 -17.72 -6.94 -13.71
N LYS A 208 -16.99 -7.55 -14.60
CA LYS A 208 -15.64 -7.03 -14.97
C LYS A 208 -14.74 -6.97 -13.75
N LYS A 209 -14.75 -7.99 -12.93
CA LYS A 209 -13.90 -8.00 -11.70
C LYS A 209 -13.25 -9.37 -11.52
N LEU A 210 -12.21 -9.44 -10.73
CA LEU A 210 -11.53 -10.75 -10.49
C LEU A 210 -11.94 -11.32 -9.14
N SER A 211 -12.57 -12.47 -9.12
CA SER A 211 -13.00 -13.06 -7.82
C SER A 211 -12.25 -14.37 -7.59
N LEU A 212 -11.61 -14.50 -6.45
CA LEU A 212 -10.85 -15.74 -6.17
C LEU A 212 -11.41 -16.45 -4.93
N HIS A 213 -10.90 -17.62 -4.63
CA HIS A 213 -11.40 -18.37 -3.43
C HIS A 213 -10.23 -18.76 -2.52
N ILE A 214 -10.19 -18.23 -1.33
CA ILE A 214 -9.08 -18.59 -0.40
C ILE A 214 -9.53 -19.72 0.55
N THR A 215 -9.17 -20.94 0.24
CA THR A 215 -9.58 -22.08 1.11
C THR A 215 -8.43 -22.48 2.04
N ASP A 216 -8.72 -23.27 3.04
CA ASP A 216 -7.66 -23.71 4.00
C ASP A 216 -6.99 -22.48 4.63
N SER A 217 -7.68 -21.78 5.48
CA SER A 217 -7.08 -20.58 6.13
C SER A 217 -6.63 -20.92 7.55
N GLN A 218 -5.93 -20.02 8.19
CA GLN A 218 -5.45 -20.28 9.58
C GLN A 218 -5.72 -19.07 10.48
N PRO A 219 -5.68 -19.28 11.77
CA PRO A 219 -5.92 -18.17 12.72
C PRO A 219 -4.88 -17.07 12.54
N GLY A 220 -4.70 -16.24 13.54
CA GLY A 220 -3.70 -15.15 13.42
C GLY A 220 -4.24 -14.06 12.49
N ASP A 221 -5.47 -13.65 12.70
CA ASP A 221 -6.07 -12.60 11.82
C ASP A 221 -5.93 -12.98 10.34
N SER A 222 -5.79 -14.26 10.07
CA SER A 222 -5.64 -14.72 8.66
C SER A 222 -4.56 -13.91 7.93
N ALA A 223 -4.94 -12.89 7.19
CA ALA A 223 -3.92 -12.07 6.47
C ALA A 223 -4.63 -11.05 5.57
N THR A 224 -3.93 -10.01 5.19
CA THR A 224 -4.54 -8.97 4.32
C THR A 224 -3.92 -9.01 2.92
N TYR A 225 -4.73 -9.17 1.91
CA TYR A 225 -4.18 -9.23 0.52
C TYR A 225 -4.37 -7.88 -0.19
N PHE A 226 -3.44 -7.51 -1.03
CA PHE A 226 -3.57 -6.22 -1.76
C PHE A 226 -3.67 -6.47 -3.27
N CYS A 227 -4.70 -5.95 -3.89
CA CYS A 227 -4.86 -6.16 -5.36
C CYS A 227 -4.42 -4.91 -6.12
N ALA A 228 -3.17 -4.83 -6.49
CA ALA A 228 -2.68 -3.64 -7.23
C ALA A 228 -2.46 -3.98 -8.71
N ALA A 229 -2.02 -3.01 -9.49
CA ALA A 229 -1.78 -3.27 -10.94
C ALA A 229 -0.63 -2.39 -11.45
N THR A 230 -0.10 -2.71 -12.60
CA THR A 230 1.02 -1.89 -13.16
C THR A 230 0.52 -1.11 -14.38
N GLY A 231 1.36 -0.91 -15.36
CA GLY A 231 0.92 -0.15 -16.58
C GLY A 231 1.85 1.05 -16.75
N SER A 232 2.35 1.57 -15.67
CA SER A 232 3.28 2.74 -15.75
C SER A 232 4.57 2.41 -14.99
N PHE A 233 5.40 3.38 -14.74
CA PHE A 233 6.66 3.11 -14.00
C PHE A 233 6.53 3.52 -12.55
N ASN A 234 7.02 2.71 -11.66
CA ASN A 234 6.95 3.02 -10.20
C ASN A 234 5.56 3.56 -9.81
N LYS A 235 4.52 2.99 -10.33
CA LYS A 235 3.15 3.48 -9.99
C LYS A 235 2.38 2.41 -9.22
N LEU A 236 2.33 1.21 -9.75
CA LEU A 236 1.61 0.10 -9.07
C LEU A 236 0.23 0.57 -8.57
N THR A 237 -0.75 0.60 -9.43
CA THR A 237 -2.10 1.04 -8.98
C THR A 237 -2.60 0.10 -7.89
N PHE A 238 -2.59 0.55 -6.67
CA PHE A 238 -3.05 -0.31 -5.53
C PHE A 238 -4.43 0.10 -5.04
N GLY A 239 -4.86 -0.47 -3.95
CA GLY A 239 -6.19 -0.12 -3.39
C GLY A 239 -6.14 -0.25 -1.87
N ALA A 240 -7.25 -0.11 -1.20
CA ALA A 240 -7.26 -0.23 0.27
C ALA A 240 -6.86 -1.64 0.70
N GLY A 241 -6.90 -2.59 -0.20
CA GLY A 241 -6.52 -3.99 0.15
C GLY A 241 -7.66 -4.64 0.96
N THR A 242 -7.66 -5.95 1.05
CA THR A 242 -8.72 -6.65 1.81
C THR A 242 -8.19 -7.12 3.17
N ARG A 243 -8.96 -6.99 4.20
CA ARG A 243 -8.50 -7.44 5.55
C ARG A 243 -9.26 -8.69 5.99
N LEU A 244 -8.76 -9.85 5.65
CA LEU A 244 -9.45 -11.11 6.05
C LEU A 244 -9.02 -11.52 7.46
N ALA A 245 -9.96 -11.91 8.28
CA ALA A 245 -9.63 -12.31 9.68
C ALA A 245 -10.40 -13.57 10.07
N VAL A 246 -9.86 -14.36 10.97
CA VAL A 246 -10.56 -15.61 11.39
C VAL A 246 -10.96 -15.50 12.87
N SER A 247 -12.09 -16.04 13.22
CA SER A 247 -12.54 -15.98 14.65
C SER A 247 -12.06 -17.23 15.41
N PRO A 248 -12.04 -17.14 16.72
CA PRO A 248 -11.61 -18.29 17.54
C PRO A 248 -12.53 -19.49 17.33
N TYR A 249 -13.79 -19.34 17.62
CA TYR A 249 -14.74 -20.48 17.42
C TYR A 249 -16.18 -19.97 17.41
N ALA A 1 21.32 -4.12 4.05
CA ALA A 1 20.19 -4.53 3.16
C ALA A 1 19.07 -3.49 3.23
N VAL A 2 18.02 -3.69 2.47
CA VAL A 2 16.89 -2.71 2.49
C VAL A 2 16.38 -2.54 3.92
N THR A 3 16.62 -1.41 4.52
CA THR A 3 16.16 -1.21 5.92
C THR A 3 15.39 0.10 6.07
N GLN A 4 15.09 0.45 7.29
CA GLN A 4 14.33 1.71 7.55
C GLN A 4 14.50 2.13 9.01
N SER A 5 14.27 3.38 9.33
CA SER A 5 14.41 3.85 10.75
C SER A 5 13.71 2.89 11.71
N PRO A 6 14.49 2.11 12.44
CA PRO A 6 13.90 1.14 13.40
C PRO A 6 13.16 1.87 14.52
N ARG A 7 13.72 2.94 15.02
CA ARG A 7 13.05 3.70 16.12
C ARG A 7 11.68 4.23 15.65
N ASN A 8 10.68 4.12 16.48
CA ASN A 8 9.32 4.60 16.09
C ASN A 8 8.90 5.76 17.00
N LYS A 9 8.55 6.88 16.43
CA LYS A 9 8.12 8.04 17.25
C LYS A 9 6.88 8.70 16.64
N VAL A 10 6.14 9.44 17.43
CA VAL A 10 4.92 10.11 16.90
C VAL A 10 5.19 11.60 16.73
N ALA A 11 4.34 12.28 15.99
CA ALA A 11 4.52 13.75 15.79
C ALA A 11 3.23 14.49 16.11
N VAL A 12 3.29 15.79 16.13
CA VAL A 12 2.08 16.60 16.42
C VAL A 12 1.77 17.49 15.21
N THR A 13 0.80 18.36 15.32
CA THR A 13 0.46 19.25 14.17
C THR A 13 1.73 19.85 13.56
N GLY A 14 2.06 19.46 12.36
CA GLY A 14 3.29 20.00 11.71
C GLY A 14 4.51 19.67 12.58
N GLY A 15 4.62 18.45 13.04
CA GLY A 15 5.78 18.07 13.90
C GLY A 15 6.99 17.78 13.00
N LYS A 16 7.21 16.54 12.68
CA LYS A 16 8.37 16.16 11.81
C LYS A 16 8.42 14.65 11.61
N VAL A 17 9.11 14.19 10.60
CA VAL A 17 9.20 12.73 10.36
C VAL A 17 10.62 12.35 9.92
N THR A 18 11.31 11.58 10.71
CA THR A 18 12.69 11.19 10.33
C THR A 18 12.70 9.71 9.91
N LEU A 19 13.11 9.44 8.70
CA LEU A 19 13.13 8.02 8.23
C LEU A 19 14.44 7.73 7.49
N SER A 20 15.14 6.70 7.90
CA SER A 20 16.42 6.33 7.23
C SER A 20 16.31 4.92 6.64
N CYS A 21 16.35 4.82 5.34
CA CYS A 21 16.23 3.49 4.68
C CYS A 21 17.51 3.18 3.90
N ASN A 22 17.96 1.96 3.95
CA ASN A 22 19.20 1.58 3.21
C ASN A 22 18.84 0.68 2.03
N GLN A 23 19.81 0.34 1.21
CA GLN A 23 19.50 -0.54 0.04
C GLN A 23 20.76 -1.29 -0.41
N THR A 24 20.72 -2.59 -0.38
CA THR A 24 21.90 -3.40 -0.82
C THR A 24 21.54 -4.88 -0.75
N ASN A 25 20.45 -5.25 -1.38
CA ASN A 25 20.04 -6.68 -1.37
C ASN A 25 20.10 -7.21 -2.80
N ASN A 26 21.01 -6.69 -3.58
CA ASN A 26 21.16 -7.12 -5.01
C ASN A 26 19.96 -6.63 -5.83
N HIS A 27 19.54 -5.42 -5.61
CA HIS A 27 18.39 -4.86 -6.38
C HIS A 27 18.78 -3.52 -7.00
N ASN A 28 18.67 -3.40 -8.30
CA ASN A 28 19.05 -2.12 -8.96
C ASN A 28 17.86 -1.14 -8.95
N ASN A 29 16.79 -1.49 -8.29
CA ASN A 29 15.61 -0.58 -8.24
C ASN A 29 14.96 -0.61 -6.85
N MET A 30 14.57 0.54 -6.35
CA MET A 30 13.93 0.58 -5.00
C MET A 30 12.56 1.25 -5.09
N TYR A 31 11.61 0.80 -4.31
CA TYR A 31 10.25 1.40 -4.35
C TYR A 31 9.83 1.89 -2.96
N TRP A 32 9.00 2.90 -2.90
CA TRP A 32 8.56 3.42 -1.58
C TRP A 32 7.03 3.50 -1.52
N TYR A 33 6.43 2.88 -0.53
CA TYR A 33 4.94 2.92 -0.42
C TYR A 33 4.52 3.52 0.93
N ARG A 34 3.24 3.73 1.12
CA ARG A 34 2.76 4.31 2.39
C ARG A 34 1.32 3.85 2.67
N GLN A 35 0.93 3.80 3.92
CA GLN A 35 -0.45 3.36 4.25
C GLN A 35 -1.27 4.52 4.80
N ASP A 36 -2.28 4.95 4.10
CA ASP A 36 -3.12 6.08 4.58
C ASP A 36 -4.40 5.54 5.22
N THR A 37 -4.85 4.40 4.79
CA THR A 37 -6.10 3.81 5.36
C THR A 37 -5.77 2.51 6.11
N GLY A 38 -6.76 1.72 6.40
CA GLY A 38 -6.51 0.44 7.13
C GLY A 38 -5.78 -0.53 6.21
N HIS A 39 -6.00 -0.44 4.92
CA HIS A 39 -5.33 -1.37 3.98
C HIS A 39 -5.16 -0.71 2.59
N GLY A 40 -5.28 0.58 2.52
CA GLY A 40 -5.13 1.27 1.20
C GLY A 40 -3.66 1.65 0.97
N LEU A 41 -3.05 1.12 -0.04
CA LEU A 41 -1.62 1.45 -0.31
C LEU A 41 -1.52 2.80 -1.03
N ARG A 42 -0.34 3.35 -1.11
CA ARG A 42 -0.18 4.67 -1.80
C ARG A 42 1.32 4.95 -2.03
N LEU A 43 1.78 4.82 -3.24
CA LEU A 43 3.22 5.10 -3.52
C LEU A 43 3.52 6.58 -3.31
N ILE A 44 4.71 6.91 -2.88
CA ILE A 44 5.04 8.34 -2.63
C ILE A 44 6.48 8.63 -3.08
N HIS A 45 7.36 7.69 -2.88
CA HIS A 45 8.79 7.90 -3.27
C HIS A 45 9.23 6.83 -4.27
N TYR A 46 10.21 7.14 -5.08
CA TYR A 46 10.70 6.15 -6.08
C TYR A 46 12.19 6.37 -6.35
N SER A 47 13.01 5.40 -6.04
CA SER A 47 14.48 5.56 -6.28
C SER A 47 15.09 4.22 -6.70
N TYR A 48 16.02 4.26 -7.61
CA TYR A 48 16.66 2.99 -8.08
C TYR A 48 18.18 3.16 -8.15
N GLY A 49 18.66 4.29 -8.60
CA GLY A 49 20.12 4.51 -8.70
C GLY A 49 20.56 5.54 -7.67
N ALA A 50 21.74 6.09 -7.82
CA ALA A 50 22.22 7.11 -6.85
C ALA A 50 21.98 8.51 -7.40
N GLY A 51 21.57 9.43 -6.56
CA GLY A 51 21.31 10.81 -7.04
C GLY A 51 20.16 10.80 -8.04
N SER A 52 19.07 10.19 -7.70
CA SER A 52 17.90 10.13 -8.64
C SER A 52 16.61 9.88 -7.87
N THR A 53 15.98 10.93 -7.39
CA THR A 53 14.71 10.75 -6.63
C THR A 53 13.51 11.05 -7.54
N GLU A 54 12.39 10.44 -7.27
CA GLU A 54 11.18 10.69 -8.12
C GLU A 54 9.94 10.86 -7.24
N LYS A 55 8.95 11.55 -7.74
CA LYS A 55 7.70 11.75 -6.93
C LYS A 55 6.75 10.56 -7.11
N GLY A 56 6.16 10.10 -6.04
CA GLY A 56 5.22 8.94 -6.15
C GLY A 56 3.93 9.40 -6.83
N ASP A 57 2.83 9.36 -6.11
CA ASP A 57 1.53 9.78 -6.71
C ASP A 57 1.05 11.10 -6.10
N ILE A 58 1.48 11.39 -4.90
CA ILE A 58 1.04 12.66 -4.24
C ILE A 58 1.93 13.83 -4.69
N PRO A 59 1.44 15.04 -4.52
CA PRO A 59 2.21 16.23 -4.93
C PRO A 59 3.52 16.33 -4.14
N ASP A 60 4.04 17.52 -4.00
CA ASP A 60 5.32 17.68 -3.24
C ASP A 60 5.04 18.18 -1.82
N GLY A 61 6.00 18.09 -0.96
CA GLY A 61 5.79 18.55 0.45
C GLY A 61 6.89 17.96 1.34
N TYR A 62 7.38 16.79 1.00
CA TYR A 62 8.45 16.15 1.83
C TYR A 62 9.82 16.39 1.21
N LYS A 63 10.87 16.08 1.93
CA LYS A 63 12.23 16.29 1.37
C LYS A 63 13.05 15.00 1.48
N ALA A 64 13.57 14.52 0.38
CA ALA A 64 14.37 13.26 0.43
C ALA A 64 15.71 13.46 -0.29
N SER A 65 16.60 12.52 -0.16
CA SER A 65 17.92 12.65 -0.84
C SER A 65 18.53 11.27 -1.08
N ARG A 66 19.20 11.10 -2.20
CA ARG A 66 19.83 9.79 -2.50
C ARG A 66 21.31 9.99 -2.88
N PRO A 67 22.11 10.31 -1.88
CA PRO A 67 23.55 10.53 -2.11
C PRO A 67 24.18 9.28 -2.73
N SER A 68 23.81 8.13 -2.24
CA SER A 68 24.38 6.87 -2.79
C SER A 68 23.25 5.93 -3.20
N GLN A 69 23.51 5.01 -4.09
CA GLN A 69 22.45 4.06 -4.53
C GLN A 69 22.03 3.16 -3.37
N GLU A 70 22.90 2.98 -2.40
CA GLU A 70 22.55 2.11 -1.24
C GLU A 70 22.08 2.96 -0.06
N ASN A 71 22.46 4.22 -0.03
CA ASN A 71 22.03 5.10 1.09
C ASN A 71 20.89 6.01 0.65
N PHE A 72 19.82 6.06 1.40
CA PHE A 72 18.67 6.93 1.03
C PHE A 72 17.89 7.33 2.29
N SER A 73 17.53 8.58 2.40
CA SER A 73 16.77 9.02 3.60
C SER A 73 15.96 10.28 3.30
N LEU A 74 14.85 10.47 3.96
CA LEU A 74 14.01 11.67 3.72
C LEU A 74 13.19 12.00 4.97
N ILE A 75 12.56 13.15 5.00
CA ILE A 75 11.75 13.53 6.19
C ILE A 75 10.58 14.43 5.79
N LEU A 76 9.67 14.66 6.71
CA LEU A 76 8.50 15.54 6.41
C LEU A 76 8.54 16.76 7.33
N GLU A 77 7.99 17.86 6.90
CA GLU A 77 7.99 19.07 7.75
C GLU A 77 6.62 19.76 7.69
N LEU A 78 5.58 18.99 7.48
CA LEU A 78 4.21 19.59 7.41
C LEU A 78 3.15 18.49 7.44
N ALA A 79 2.97 17.87 8.58
CA ALA A 79 1.95 16.79 8.68
C ALA A 79 0.74 17.27 9.47
N THR A 80 -0.45 17.05 8.96
CA THR A 80 -1.68 17.49 9.68
C THR A 80 -2.45 16.25 10.17
N PRO A 81 -3.44 16.48 11.00
CA PRO A 81 -4.26 15.36 11.54
C PRO A 81 -5.08 14.69 10.42
N SER A 82 -4.46 14.34 9.34
CA SER A 82 -5.19 13.67 8.22
C SER A 82 -4.23 13.40 7.05
N GLN A 83 -2.96 13.21 7.34
CA GLN A 83 -1.98 12.95 6.25
C GLN A 83 -0.89 11.98 6.72
N THR A 84 -0.58 11.97 7.99
CA THR A 84 0.48 11.05 8.51
C THR A 84 0.16 9.60 8.10
N SER A 85 1.00 8.66 8.46
CA SER A 85 0.73 7.24 8.07
C SER A 85 1.95 6.36 8.39
N VAL A 86 2.04 5.21 7.77
CA VAL A 86 3.19 4.31 8.03
C VAL A 86 4.13 4.30 6.82
N TYR A 87 5.39 4.55 7.02
CA TYR A 87 6.35 4.56 5.89
C TYR A 87 6.95 3.17 5.67
N PHE A 88 6.90 2.67 4.47
CA PHE A 88 7.47 1.30 4.20
C PHE A 88 8.52 1.38 3.10
N CYS A 89 9.69 0.84 3.33
CA CYS A 89 10.75 0.87 2.29
C CYS A 89 10.96 -0.53 1.71
N ALA A 90 10.77 -0.70 0.43
CA ALA A 90 10.96 -2.04 -0.19
C ALA A 90 11.83 -1.92 -1.45
N SER A 91 12.40 -3.00 -1.90
CA SER A 91 13.25 -2.96 -3.12
C SER A 91 12.80 -4.01 -4.12
N GLY A 92 13.65 -4.37 -5.05
CA GLY A 92 13.27 -5.40 -6.05
C GLY A 92 14.29 -5.41 -7.20
N GLY A 93 14.43 -6.51 -7.88
CA GLY A 93 15.40 -6.58 -9.00
C GLY A 93 14.66 -6.68 -10.33
N GLN A 94 15.30 -7.20 -11.35
CA GLN A 94 14.62 -7.32 -12.67
C GLN A 94 14.69 -8.77 -13.15
N GLY A 95 13.60 -9.28 -13.66
CA GLY A 95 13.59 -10.69 -14.15
C GLY A 95 12.68 -11.54 -13.26
N ARG A 96 13.23 -12.16 -12.25
CA ARG A 96 12.40 -13.00 -11.34
C ARG A 96 12.67 -12.62 -9.88
N ALA A 97 12.19 -11.49 -9.46
CA ALA A 97 12.41 -11.05 -8.05
C ALA A 97 11.14 -10.43 -7.48
N GLU A 98 10.90 -10.59 -6.21
CA GLU A 98 9.68 -10.00 -5.59
C GLU A 98 10.03 -8.72 -4.84
N GLN A 99 9.13 -8.23 -4.02
CA GLN A 99 9.42 -6.98 -3.26
C GLN A 99 10.10 -7.31 -1.93
N PHE A 100 11.17 -6.63 -1.62
CA PHE A 100 11.89 -6.90 -0.34
C PHE A 100 11.52 -5.84 0.70
N PHE A 101 10.33 -5.89 1.21
CA PHE A 101 9.90 -4.88 2.22
C PHE A 101 10.72 -5.00 3.50
N GLY A 102 11.43 -3.97 3.87
CA GLY A 102 12.24 -4.02 5.12
C GLY A 102 11.33 -3.75 6.32
N PRO A 103 11.86 -3.11 7.34
CA PRO A 103 11.06 -2.79 8.55
C PRO A 103 9.87 -1.90 8.17
N GLY A 104 9.36 -1.14 9.11
CA GLY A 104 8.21 -0.25 8.80
C GLY A 104 7.98 0.72 9.95
N THR A 105 7.84 1.98 9.65
CA THR A 105 7.60 3.00 10.72
C THR A 105 6.16 3.52 10.62
N ARG A 106 5.52 3.71 11.74
CA ARG A 106 4.12 4.23 11.71
C ARG A 106 3.94 5.38 12.69
N LEU A 107 3.76 6.57 12.18
CA LEU A 107 3.57 7.74 13.09
C LEU A 107 2.35 8.57 12.68
N THR A 108 1.71 9.18 13.65
CA THR A 108 0.50 10.00 13.34
C THR A 108 0.68 11.42 13.89
N VAL A 109 0.16 12.40 13.21
CA VAL A 109 0.30 13.80 13.70
C VAL A 109 -1.04 14.30 14.26
N LEU A 110 -1.10 14.49 15.56
CA LEU A 110 -2.38 14.96 16.18
C LEU A 110 -3.49 13.93 15.97
N GLY A 111 -4.26 13.65 16.99
CA GLY A 111 -5.36 12.65 16.86
C GLY A 111 -6.69 13.37 16.66
N SER A 112 -7.43 12.97 15.67
CA SER A 112 -8.76 13.63 15.42
C SER A 112 -9.89 12.61 15.54
N ASP A 113 -9.71 11.44 14.99
CA ASP A 113 -10.77 10.38 15.06
C ASP A 113 -12.04 10.84 14.35
N TYR A 114 -12.54 10.06 13.43
CA TYR A 114 -13.77 10.45 12.70
C TYR A 114 -14.97 9.63 13.19
N LYS A 115 -16.16 9.99 12.78
CA LYS A 115 -17.37 9.24 13.24
C LYS A 115 -17.39 9.13 14.76
N ASP A 116 -17.86 10.15 15.44
CA ASP A 116 -17.90 10.11 16.93
C ASP A 116 -19.08 9.25 17.41
N ASP A 117 -20.28 9.72 17.21
CA ASP A 117 -21.47 8.93 17.67
C ASP A 117 -21.74 7.78 16.68
N ASP A 118 -22.34 8.08 15.56
CA ASP A 118 -22.63 6.99 14.57
C ASP A 118 -23.13 7.60 13.25
N ASP A 119 -23.24 6.81 12.23
CA ASP A 119 -23.71 7.34 10.91
C ASP A 119 -24.88 6.50 10.39
N LYS A 120 -26.09 6.94 10.59
CA LYS A 120 -27.27 6.16 10.11
C LYS A 120 -28.10 7.01 9.14
N ARG A 121 -29.27 6.54 8.78
CA ARG A 121 -30.13 7.33 7.86
C ARG A 121 -31.32 7.94 8.62
N SER A 122 -32.31 8.39 7.91
CA SER A 122 -33.51 9.00 8.58
C SER A 122 -33.07 10.09 9.57
N GLY A 123 -31.96 10.74 9.29
CA GLY A 123 -31.49 11.82 10.21
C GLY A 123 -30.00 11.62 10.50
N GLY A 124 -29.58 11.89 11.70
CA GLY A 124 -28.14 11.72 12.04
C GLY A 124 -27.32 12.85 11.42
N GLY A 125 -26.21 13.19 12.02
CA GLY A 125 -25.37 14.29 11.46
C GLY A 125 -24.71 13.83 10.16
N GLY A 126 -24.43 12.55 10.05
CA GLY A 126 -23.78 12.03 8.81
C GLY A 126 -22.40 12.67 8.65
N SER A 127 -21.36 11.93 8.92
CA SER A 127 -19.98 12.48 8.79
C SER A 127 -19.71 12.87 7.32
N GLY A 128 -20.31 12.16 6.40
CA GLY A 128 -20.08 12.47 4.95
C GLY A 128 -21.14 13.48 4.50
N GLY A 129 -21.27 14.59 5.18
CA GLY A 129 -22.27 15.61 4.79
C GLY A 129 -21.71 17.00 5.04
N GLY A 130 -20.47 17.22 4.66
CA GLY A 130 -19.86 18.56 4.86
C GLY A 130 -19.19 19.02 3.57
N GLY A 131 -18.28 18.24 3.04
CA GLY A 131 -17.59 18.62 1.78
C GLY A 131 -18.60 18.69 0.64
N SER A 132 -18.30 19.43 -0.39
CA SER A 132 -19.24 19.55 -1.53
C SER A 132 -19.10 18.33 -2.47
N GLY A 133 -17.89 17.98 -2.81
CA GLY A 133 -17.67 16.81 -3.71
C GLY A 133 -16.36 16.12 -3.34
N GLY A 134 -16.16 14.92 -3.82
CA GLY A 134 -14.90 14.18 -3.50
C GLY A 134 -14.08 14.01 -4.79
N SER A 135 -13.88 15.06 -5.53
CA SER A 135 -13.09 14.96 -6.80
C SER A 135 -13.64 13.83 -7.68
N GLY A 136 -12.97 13.54 -8.77
CA GLY A 136 -13.45 12.46 -9.67
C GLY A 136 -12.83 11.13 -9.26
N ALA A 137 -13.05 10.09 -10.02
CA ALA A 137 -12.46 8.76 -9.66
C ALA A 137 -10.94 8.82 -9.71
N GLN A 138 -10.30 8.79 -8.57
CA GLN A 138 -8.80 8.85 -8.55
C GLN A 138 -8.22 7.44 -8.39
N GLN A 139 -8.97 6.54 -7.83
CA GLN A 139 -8.47 5.15 -7.65
C GLN A 139 -9.16 4.20 -8.63
N GLN A 140 -8.46 3.19 -9.08
CA GLN A 140 -9.06 2.23 -10.04
C GLN A 140 -9.32 0.89 -9.34
N VAL A 141 -8.29 0.30 -8.78
CA VAL A 141 -8.45 -1.00 -8.07
C VAL A 141 -9.42 -0.83 -6.90
N ARG A 142 -10.24 -1.82 -6.65
CA ARG A 142 -11.20 -1.71 -5.51
C ARG A 142 -11.74 -3.09 -5.14
N GLN A 143 -11.52 -3.52 -3.93
CA GLN A 143 -12.02 -4.85 -3.51
C GLN A 143 -13.49 -4.76 -3.12
N SER A 144 -14.25 -5.80 -3.38
CA SER A 144 -15.71 -5.77 -3.04
C SER A 144 -15.94 -6.04 -1.54
N PRO A 145 -15.40 -7.13 -1.03
CA PRO A 145 -15.59 -7.46 0.40
C PRO A 145 -15.00 -6.37 1.29
N GLN A 146 -13.90 -5.78 0.89
CA GLN A 146 -13.28 -4.70 1.72
C GLN A 146 -13.08 -5.18 3.17
N SER A 147 -12.06 -5.95 3.41
CA SER A 147 -11.80 -6.46 4.79
C SER A 147 -12.97 -7.31 5.28
N LEU A 148 -12.72 -8.26 6.14
CA LEU A 148 -13.81 -9.13 6.67
C LEU A 148 -13.29 -10.04 7.78
N THR A 149 -14.18 -10.52 8.61
CA THR A 149 -13.75 -11.42 9.73
C THR A 149 -14.09 -12.87 9.39
N VAL A 150 -13.09 -13.70 9.23
CA VAL A 150 -13.35 -15.13 8.89
C VAL A 150 -13.07 -16.02 10.10
N TRP A 151 -13.73 -17.15 10.19
CA TRP A 151 -13.48 -18.07 11.34
C TRP A 151 -12.23 -18.90 11.10
N GLU A 152 -11.58 -19.34 12.15
CA GLU A 152 -10.35 -20.16 11.97
C GLU A 152 -10.68 -21.49 11.29
N GLY A 153 -10.12 -21.72 10.13
CA GLY A 153 -10.41 -22.99 9.41
C GLY A 153 -11.59 -22.79 8.47
N GLU A 154 -11.79 -21.59 7.99
CA GLU A 154 -12.93 -21.33 7.07
C GLU A 154 -12.40 -20.88 5.70
N THR A 155 -13.28 -20.65 4.76
CA THR A 155 -12.84 -20.21 3.41
C THR A 155 -13.19 -18.72 3.21
N THR A 156 -12.78 -18.16 2.10
CA THR A 156 -13.09 -16.72 1.85
C THR A 156 -13.05 -16.43 0.34
N ILE A 157 -13.78 -15.44 -0.10
CA ILE A 157 -13.78 -15.10 -1.55
C ILE A 157 -13.37 -13.64 -1.76
N LEU A 158 -12.14 -13.41 -2.13
CA LEU A 158 -11.67 -12.02 -2.33
C LEU A 158 -11.94 -11.56 -3.76
N ASN A 159 -12.57 -10.43 -3.92
CA ASN A 159 -12.88 -9.92 -5.29
C ASN A 159 -12.22 -8.56 -5.52
N CYS A 160 -11.62 -8.35 -6.66
CA CYS A 160 -10.95 -7.05 -6.94
C CYS A 160 -11.62 -6.35 -8.13
N SER A 161 -11.36 -5.08 -8.32
CA SER A 161 -11.98 -4.37 -9.46
C SER A 161 -10.95 -3.42 -10.09
N TYR A 162 -11.31 -2.76 -11.16
CA TYR A 162 -10.35 -1.82 -11.81
C TYR A 162 -11.08 -0.85 -12.73
N GLU A 163 -10.45 0.22 -13.09
CA GLU A 163 -11.12 1.22 -13.98
C GLU A 163 -10.10 1.80 -14.97
N ASP A 164 -9.07 1.07 -15.29
CA ASP A 164 -8.05 1.58 -16.25
C ASP A 164 -8.21 0.89 -17.60
N SER A 165 -7.60 1.42 -18.63
CA SER A 165 -7.73 0.80 -19.98
C SER A 165 -6.34 0.52 -20.56
N THR A 166 -5.38 0.25 -19.71
CA THR A 166 -4.00 -0.03 -20.21
C THR A 166 -3.22 -0.86 -19.18
N PHE A 167 -3.91 -1.65 -18.40
CA PHE A 167 -3.21 -2.48 -17.38
C PHE A 167 -2.87 -3.86 -17.95
N ASP A 168 -1.75 -4.42 -17.58
CA ASP A 168 -1.37 -5.76 -18.12
C ASP A 168 -1.92 -6.86 -17.21
N TYR A 169 -1.63 -6.80 -15.94
CA TYR A 169 -2.14 -7.84 -15.00
C TYR A 169 -2.32 -7.24 -13.60
N PHE A 170 -2.62 -8.07 -12.63
CA PHE A 170 -2.82 -7.54 -11.25
C PHE A 170 -2.01 -8.37 -10.24
N PRO A 171 -0.82 -7.90 -9.92
CA PRO A 171 0.04 -8.62 -8.94
C PRO A 171 -0.64 -8.68 -7.57
N TRP A 172 -1.29 -9.76 -7.26
CA TRP A 172 -1.96 -9.87 -5.94
C TRP A 172 -0.92 -9.80 -4.81
N TYR A 173 -0.63 -8.63 -4.33
CA TYR A 173 0.39 -8.49 -3.24
C TYR A 173 -0.18 -8.93 -1.90
N ARG A 174 0.58 -8.76 -0.85
CA ARG A 174 0.09 -9.18 0.51
C ARG A 174 0.73 -8.29 1.59
N GLN A 175 0.17 -8.31 2.78
CA GLN A 175 0.74 -7.48 3.87
C GLN A 175 0.35 -8.08 5.22
N PHE A 176 1.32 -8.37 6.06
CA PHE A 176 1.00 -8.96 7.40
C PHE A 176 0.94 -7.86 8.46
N PRO A 177 0.22 -8.13 9.53
CA PRO A 177 0.10 -7.14 10.62
C PRO A 177 1.46 -6.85 11.26
N GLY A 178 2.33 -7.83 11.27
CA GLY A 178 3.67 -7.63 11.87
C GLY A 178 4.76 -7.90 10.82
N LYS A 179 4.71 -9.04 10.19
CA LYS A 179 5.74 -9.37 9.16
C LYS A 179 5.69 -8.34 8.02
N SER A 180 6.66 -8.36 7.14
CA SER A 180 6.66 -7.39 6.02
C SER A 180 5.84 -7.92 4.83
N PRO A 181 5.25 -7.02 4.08
CA PRO A 181 4.43 -7.42 2.92
C PRO A 181 5.28 -8.18 1.89
N ALA A 182 4.64 -8.91 1.01
CA ALA A 182 5.41 -9.68 -0.02
C ALA A 182 4.51 -9.96 -1.23
N LEU A 183 5.11 -10.13 -2.39
CA LEU A 183 4.30 -10.42 -3.61
C LEU A 183 3.89 -11.89 -3.64
N LEU A 184 2.63 -12.16 -3.85
CA LEU A 184 2.17 -13.58 -3.89
C LEU A 184 2.21 -14.10 -5.33
N ILE A 185 1.36 -13.58 -6.18
CA ILE A 185 1.34 -14.04 -7.60
C ILE A 185 0.88 -12.91 -8.52
N ALA A 186 0.49 -13.25 -9.72
CA ALA A 186 0.02 -12.22 -10.69
C ALA A 186 -0.90 -12.85 -11.72
N ILE A 187 -2.10 -12.37 -11.84
CA ILE A 187 -3.06 -12.95 -12.84
C ILE A 187 -2.90 -12.24 -14.19
N SER A 188 -3.97 -12.14 -14.94
CA SER A 188 -3.88 -11.47 -16.27
C SER A 188 -5.26 -11.33 -16.89
N LEU A 189 -6.22 -11.94 -16.28
CA LEU A 189 -7.61 -11.89 -16.78
C LEU A 189 -7.69 -12.43 -18.21
N VAL A 190 -7.21 -13.63 -18.43
CA VAL A 190 -7.24 -14.22 -19.80
C VAL A 190 -7.85 -15.62 -19.78
N SER A 191 -7.83 -16.28 -18.64
CA SER A 191 -8.40 -17.66 -18.58
C SER A 191 -9.61 -17.68 -17.63
N ASN A 192 -10.53 -18.59 -17.83
CA ASN A 192 -11.72 -18.67 -16.95
C ASN A 192 -11.29 -18.78 -15.49
N LYS A 193 -10.12 -19.33 -15.25
CA LYS A 193 -9.64 -19.47 -13.84
C LYS A 193 -8.12 -19.66 -13.82
N LYS A 194 -7.46 -19.13 -12.83
CA LYS A 194 -5.98 -19.29 -12.76
C LYS A 194 -5.57 -19.79 -11.38
N GLU A 195 -4.81 -20.86 -11.34
CA GLU A 195 -4.38 -21.42 -10.02
C GLU A 195 -2.89 -21.11 -9.78
N ASP A 196 -2.57 -20.51 -8.67
CA ASP A 196 -1.15 -20.18 -8.39
C ASP A 196 -0.79 -20.55 -6.95
N GLY A 197 -0.72 -21.82 -6.66
CA GLY A 197 -0.39 -22.25 -5.27
C GLY A 197 -1.56 -23.04 -4.68
N ARG A 198 -2.35 -22.43 -3.85
CA ARG A 198 -3.51 -23.16 -3.24
C ARG A 198 -4.82 -22.42 -3.55
N PHE A 199 -4.75 -21.20 -4.00
CA PHE A 199 -5.99 -20.43 -4.32
C PHE A 199 -6.05 -20.10 -5.81
N THR A 200 -7.23 -19.85 -6.33
CA THR A 200 -7.35 -19.53 -7.77
C THR A 200 -8.32 -18.35 -7.97
N ILE A 201 -8.30 -17.73 -9.11
CA ILE A 201 -9.22 -16.58 -9.36
C ILE A 201 -10.26 -16.96 -10.42
N PHE A 202 -11.34 -16.25 -10.47
CA PHE A 202 -12.40 -16.56 -11.48
C PHE A 202 -12.71 -15.29 -12.28
N PHE A 203 -12.85 -15.41 -13.58
CA PHE A 203 -13.14 -14.21 -14.41
C PHE A 203 -14.64 -13.89 -14.38
N ASN A 204 -14.97 -12.64 -14.14
CA ASN A 204 -16.41 -12.25 -14.10
C ASN A 204 -16.66 -11.15 -15.14
N LYS A 205 -17.24 -11.51 -16.26
CA LYS A 205 -17.52 -10.48 -17.31
C LYS A 205 -18.74 -9.65 -16.91
N ARG A 206 -19.80 -10.29 -16.51
CA ARG A 206 -21.03 -9.55 -16.10
C ARG A 206 -20.71 -8.57 -14.97
N GLU A 207 -19.65 -8.80 -14.24
CA GLU A 207 -19.28 -7.88 -13.13
C GLU A 207 -17.92 -7.22 -13.38
N LYS A 208 -17.23 -7.63 -14.41
CA LYS A 208 -15.89 -7.03 -14.71
C LYS A 208 -14.98 -7.09 -13.48
N LYS A 209 -15.10 -8.12 -12.68
CA LYS A 209 -14.24 -8.22 -11.47
C LYS A 209 -13.60 -9.62 -11.40
N LEU A 210 -12.67 -9.80 -10.50
CA LEU A 210 -12.01 -11.14 -10.37
C LEU A 210 -12.11 -11.65 -8.94
N SER A 211 -12.75 -12.77 -8.74
CA SER A 211 -12.88 -13.32 -7.36
C SER A 211 -11.96 -14.52 -7.18
N LEU A 212 -11.43 -14.71 -5.99
CA LEU A 212 -10.51 -15.87 -5.77
C LEU A 212 -11.01 -16.71 -4.60
N HIS A 213 -10.71 -17.99 -4.62
CA HIS A 213 -11.17 -18.89 -3.52
C HIS A 213 -9.99 -19.28 -2.62
N ILE A 214 -10.22 -19.34 -1.33
CA ILE A 214 -9.11 -19.72 -0.40
C ILE A 214 -9.69 -20.50 0.80
N THR A 215 -9.49 -21.79 0.82
CA THR A 215 -10.03 -22.60 1.95
C THR A 215 -8.89 -23.22 2.77
N ASP A 216 -9.18 -23.72 3.93
CA ASP A 216 -8.11 -24.34 4.79
C ASP A 216 -6.94 -23.35 4.96
N SER A 217 -7.20 -22.23 5.57
CA SER A 217 -6.11 -21.23 5.77
C SER A 217 -5.93 -20.92 7.25
N GLN A 218 -4.72 -20.69 7.68
CA GLN A 218 -4.46 -20.37 9.10
C GLN A 218 -3.22 -19.47 9.23
N PRO A 219 -3.31 -18.29 8.64
CA PRO A 219 -2.18 -17.34 8.69
C PRO A 219 -1.88 -16.93 10.13
N GLY A 220 -0.64 -16.60 10.42
CA GLY A 220 -0.28 -16.19 11.80
C GLY A 220 -1.01 -14.90 12.14
N ASP A 221 -2.00 -14.98 12.97
CA ASP A 221 -2.79 -13.76 13.34
C ASP A 221 -3.49 -13.23 12.10
N SER A 222 -3.84 -14.10 11.19
CA SER A 222 -4.55 -13.68 9.94
C SER A 222 -3.60 -12.90 9.03
N ALA A 223 -4.12 -12.23 8.05
CA ALA A 223 -3.24 -11.45 7.12
C ALA A 223 -4.09 -10.63 6.15
N THR A 224 -3.52 -9.60 5.58
CA THR A 224 -4.31 -8.75 4.64
C THR A 224 -3.80 -8.92 3.21
N TYR A 225 -4.69 -9.14 2.28
CA TYR A 225 -4.27 -9.32 0.86
C TYR A 225 -4.41 -8.00 0.10
N PHE A 226 -3.44 -7.65 -0.70
CA PHE A 226 -3.51 -6.37 -1.46
C PHE A 226 -3.72 -6.65 -2.95
N CYS A 227 -4.41 -5.77 -3.63
CA CYS A 227 -4.67 -5.98 -5.09
C CYS A 227 -4.28 -4.72 -5.87
N ALA A 228 -3.43 -4.86 -6.86
CA ALA A 228 -3.01 -3.67 -7.66
C ALA A 228 -2.91 -4.04 -9.14
N ALA A 229 -2.53 -3.10 -9.97
CA ALA A 229 -2.41 -3.39 -11.43
C ALA A 229 -1.15 -2.73 -12.00
N THR A 230 -0.72 -3.16 -13.16
CA THR A 230 0.50 -2.54 -13.78
C THR A 230 0.15 -1.95 -15.14
N GLY A 231 1.07 -1.96 -16.07
CA GLY A 231 0.78 -1.40 -17.42
C GLY A 231 2.08 -0.88 -18.04
N SER A 232 2.85 -0.15 -17.29
CA SER A 232 4.14 0.37 -17.82
C SER A 232 5.27 0.06 -16.85
N PHE A 233 6.49 0.35 -17.21
CA PHE A 233 7.64 0.06 -16.30
C PHE A 233 7.49 0.88 -15.01
N ASN A 234 7.82 0.29 -13.89
CA ASN A 234 7.71 1.02 -12.58
C ASN A 234 6.32 1.65 -12.44
N LYS A 235 5.28 0.87 -12.59
CA LYS A 235 3.91 1.43 -12.47
C LYS A 235 2.99 0.43 -11.76
N LEU A 236 2.61 0.71 -10.54
CA LEU A 236 1.71 -0.22 -9.80
C LEU A 236 0.62 0.57 -9.07
N THR A 237 -0.62 0.37 -9.44
CA THR A 237 -1.73 1.10 -8.77
C THR A 237 -2.49 0.19 -7.81
N PHE A 238 -2.52 0.52 -6.55
CA PHE A 238 -3.25 -0.33 -5.56
C PHE A 238 -4.62 0.27 -5.27
N GLY A 239 -5.51 -0.49 -4.69
CA GLY A 239 -6.87 0.06 -4.39
C GLY A 239 -7.43 -0.60 -3.13
N ALA A 240 -6.64 -0.68 -2.10
CA ALA A 240 -7.11 -1.31 -0.82
C ALA A 240 -7.78 -2.66 -1.10
N GLY A 241 -7.00 -3.72 -1.14
CA GLY A 241 -7.58 -5.06 -1.41
C GLY A 241 -8.49 -5.46 -0.25
N THR A 242 -8.45 -6.71 0.14
CA THR A 242 -9.31 -7.18 1.26
C THR A 242 -8.50 -8.07 2.20
N ARG A 243 -8.62 -7.85 3.49
CA ARG A 243 -7.85 -8.69 4.46
C ARG A 243 -8.76 -9.72 5.12
N LEU A 244 -8.32 -10.28 6.21
CA LEU A 244 -9.15 -11.30 6.91
C LEU A 244 -8.58 -11.56 8.32
N ALA A 245 -9.45 -11.72 9.30
CA ALA A 245 -8.97 -11.98 10.68
C ALA A 245 -9.21 -13.44 11.07
N VAL A 246 -8.36 -14.00 11.90
CA VAL A 246 -8.56 -15.42 12.30
C VAL A 246 -9.27 -15.49 13.66
N SER A 247 -10.58 -15.45 13.66
CA SER A 247 -11.34 -15.51 14.94
C SER A 247 -10.79 -14.50 15.95
N PRO A 248 -11.23 -13.26 15.83
CA PRO A 248 -10.77 -12.19 16.75
C PRO A 248 -11.17 -12.52 18.20
N TYR A 249 -11.01 -11.58 19.09
CA TYR A 249 -11.38 -11.85 20.52
C TYR A 249 -12.90 -11.80 20.69
N ALA A 1 21.68 -2.08 4.52
CA ALA A 1 20.76 -3.06 3.88
C ALA A 1 19.31 -2.58 4.01
N VAL A 2 18.38 -3.28 3.42
CA VAL A 2 16.95 -2.86 3.51
C VAL A 2 16.57 -2.60 4.98
N THR A 3 16.54 -1.36 5.36
CA THR A 3 16.20 -1.01 6.77
C THR A 3 15.49 0.33 6.83
N GLN A 4 15.06 0.72 8.01
CA GLN A 4 14.37 2.02 8.17
C GLN A 4 14.46 2.48 9.63
N SER A 5 14.47 3.77 9.86
CA SER A 5 14.58 4.30 11.26
C SER A 5 13.62 3.53 12.19
N PRO A 6 14.17 2.66 13.01
CA PRO A 6 13.34 1.87 13.95
C PRO A 6 12.67 2.78 14.99
N ARG A 7 12.32 2.25 16.12
CA ARG A 7 11.67 3.07 17.19
C ARG A 7 10.34 3.64 16.70
N ASN A 8 9.40 3.81 17.58
CA ASN A 8 8.08 4.37 17.18
C ASN A 8 7.80 5.66 17.95
N LYS A 9 7.61 6.75 17.27
CA LYS A 9 7.33 8.04 17.96
C LYS A 9 6.23 8.81 17.23
N VAL A 10 5.53 9.67 17.93
CA VAL A 10 4.45 10.46 17.28
C VAL A 10 4.91 11.91 17.07
N ALA A 11 4.21 12.65 16.26
CA ALA A 11 4.61 14.07 16.02
C ALA A 11 3.39 14.98 16.21
N VAL A 12 3.63 16.26 16.25
CA VAL A 12 2.52 17.24 16.43
C VAL A 12 2.42 18.10 15.17
N THR A 13 1.57 19.11 15.19
CA THR A 13 1.44 19.99 13.98
C THR A 13 2.83 20.38 13.46
N GLY A 14 3.18 19.91 12.30
CA GLY A 14 4.52 20.24 11.74
C GLY A 14 5.59 19.63 12.65
N GLY A 15 5.39 18.40 13.06
CA GLY A 15 6.39 17.74 13.95
C GLY A 15 7.60 17.26 13.13
N LYS A 16 7.56 17.42 11.83
CA LYS A 16 8.72 16.97 10.98
C LYS A 16 8.90 15.46 11.12
N VAL A 17 9.54 14.83 10.17
CA VAL A 17 9.74 13.35 10.26
C VAL A 17 11.13 12.97 9.75
N THR A 18 11.86 12.20 10.52
CA THR A 18 13.22 11.78 10.08
C THR A 18 13.27 10.25 9.90
N LEU A 19 13.51 9.80 8.70
CA LEU A 19 13.56 8.33 8.47
C LEU A 19 14.83 7.97 7.69
N SER A 20 15.52 6.93 8.12
CA SER A 20 16.77 6.53 7.41
C SER A 20 16.64 5.09 6.92
N CYS A 21 16.70 4.89 5.62
CA CYS A 21 16.58 3.51 5.06
C CYS A 21 17.86 3.14 4.32
N ASN A 22 18.14 1.87 4.21
CA ASN A 22 19.38 1.43 3.50
C ASN A 22 19.06 0.21 2.62
N GLN A 23 19.99 -0.22 1.80
CA GLN A 23 19.72 -1.40 0.93
C GLN A 23 21.04 -2.08 0.52
N THR A 24 21.06 -3.39 0.53
CA THR A 24 22.28 -4.14 0.12
C THR A 24 21.98 -5.63 0.12
N ASN A 25 20.93 -6.03 -0.55
CA ASN A 25 20.57 -7.47 -0.62
C ASN A 25 20.62 -7.94 -2.08
N ASN A 26 21.45 -7.31 -2.86
CA ASN A 26 21.57 -7.70 -4.30
C ASN A 26 20.28 -7.34 -5.05
N HIS A 27 19.73 -6.19 -4.79
CA HIS A 27 18.48 -5.78 -5.48
C HIS A 27 18.77 -4.67 -6.50
N ASN A 28 18.43 -4.89 -7.74
CA ASN A 28 18.69 -3.85 -8.78
C ASN A 28 17.56 -2.82 -8.82
N ASN A 29 16.62 -2.91 -7.91
CA ASN A 29 15.49 -1.93 -7.91
C ASN A 29 14.93 -1.77 -6.49
N MET A 30 14.71 -0.55 -6.06
CA MET A 30 14.17 -0.33 -4.69
C MET A 30 12.82 0.40 -4.78
N TYR A 31 11.92 0.11 -3.88
CA TYR A 31 10.59 0.78 -3.91
C TYR A 31 10.31 1.51 -2.59
N TRP A 32 9.53 2.56 -2.63
CA TRP A 32 9.21 3.31 -1.39
C TRP A 32 7.72 3.67 -1.37
N TYR A 33 7.06 3.44 -0.27
CA TYR A 33 5.60 3.76 -0.21
C TYR A 33 5.16 3.95 1.24
N ARG A 34 4.00 4.54 1.44
CA ARG A 34 3.50 4.76 2.83
C ARG A 34 2.11 4.16 3.01
N GLN A 35 1.68 3.97 4.23
CA GLN A 35 0.33 3.38 4.46
C GLN A 35 -0.56 4.38 5.20
N ASP A 36 -1.85 4.15 5.22
CA ASP A 36 -2.76 5.10 5.93
C ASP A 36 -3.77 4.33 6.78
N THR A 37 -4.83 3.85 6.19
CA THR A 37 -5.86 3.08 6.96
C THR A 37 -5.51 1.59 6.94
N GLY A 38 -6.50 0.74 7.03
CA GLY A 38 -6.22 -0.73 7.02
C GLY A 38 -5.42 -1.08 5.77
N HIS A 39 -5.63 -0.36 4.70
CA HIS A 39 -4.87 -0.62 3.45
C HIS A 39 -4.10 0.64 3.04
N GLY A 40 -4.82 1.72 2.84
CA GLY A 40 -4.16 3.00 2.46
C GLY A 40 -3.33 2.80 1.19
N LEU A 41 -2.09 2.43 1.33
CA LEU A 41 -1.21 2.22 0.14
C LEU A 41 -1.04 3.53 -0.63
N ARG A 42 0.14 4.09 -0.63
CA ARG A 42 0.38 5.36 -1.35
C ARG A 42 1.86 5.50 -1.72
N LEU A 43 2.28 4.84 -2.76
CA LEU A 43 3.71 4.93 -3.18
C LEU A 43 4.09 6.40 -3.45
N ILE A 44 5.35 6.73 -3.30
CA ILE A 44 5.77 8.15 -3.54
C ILE A 44 7.14 8.17 -4.22
N HIS A 45 8.01 7.28 -3.86
CA HIS A 45 9.37 7.27 -4.48
C HIS A 45 9.80 5.84 -4.83
N TYR A 46 10.55 5.69 -5.88
CA TYR A 46 11.03 4.33 -6.28
C TYR A 46 12.00 4.45 -7.47
N SER A 47 13.16 3.85 -7.37
CA SER A 47 14.14 3.95 -8.49
C SER A 47 15.24 2.90 -8.34
N TYR A 48 16.16 2.84 -9.27
CA TYR A 48 17.26 1.85 -9.18
C TYR A 48 18.63 2.52 -9.36
N GLY A 49 18.66 3.74 -9.82
CA GLY A 49 19.96 4.42 -10.02
C GLY A 49 20.28 5.28 -8.80
N ALA A 50 21.40 5.98 -8.83
CA ALA A 50 21.77 6.84 -7.68
C ALA A 50 21.28 8.26 -7.90
N GLY A 51 20.54 8.80 -6.97
CA GLY A 51 20.03 10.19 -7.14
C GLY A 51 19.05 10.23 -8.32
N SER A 52 18.13 9.30 -8.36
CA SER A 52 17.16 9.28 -9.48
C SER A 52 15.79 8.80 -8.98
N THR A 53 15.31 9.35 -7.89
CA THR A 53 13.99 8.90 -7.36
C THR A 53 13.15 10.12 -6.95
N GLU A 54 11.89 10.12 -7.34
CA GLU A 54 10.94 11.23 -7.00
C GLU A 54 9.80 11.28 -8.04
N LYS A 55 9.02 10.24 -8.14
CA LYS A 55 7.89 10.26 -9.13
C LYS A 55 6.79 9.26 -8.74
N GLY A 56 6.56 9.08 -7.48
CA GLY A 56 5.50 8.11 -7.05
C GLY A 56 4.13 8.58 -7.56
N ASP A 57 3.20 8.81 -6.66
CA ASP A 57 1.85 9.25 -7.11
C ASP A 57 1.68 10.75 -6.86
N ILE A 58 1.74 11.17 -5.62
CA ILE A 58 1.57 12.62 -5.31
C ILE A 58 2.76 13.13 -4.48
N PRO A 59 3.88 13.31 -5.14
CA PRO A 59 5.10 13.80 -4.45
C PRO A 59 4.86 15.19 -3.85
N ASP A 60 4.31 15.25 -2.67
CA ASP A 60 4.05 16.58 -2.04
C ASP A 60 3.80 16.41 -0.54
N GLY A 61 4.29 17.31 0.27
CA GLY A 61 4.08 17.21 1.73
C GLY A 61 5.33 16.61 2.39
N TYR A 62 6.08 15.85 1.66
CA TYR A 62 7.32 15.24 2.24
C TYR A 62 8.49 15.39 1.27
N LYS A 63 9.68 15.03 1.69
CA LYS A 63 10.86 15.16 0.79
C LYS A 63 11.57 13.81 0.67
N ALA A 64 12.44 13.67 -0.29
CA ALA A 64 13.17 12.38 -0.46
C ALA A 64 14.46 12.60 -1.26
N SER A 65 15.40 11.71 -1.13
CA SER A 65 16.67 11.86 -1.89
C SER A 65 17.42 10.53 -1.97
N ARG A 66 18.05 10.27 -3.07
CA ARG A 66 18.82 9.00 -3.22
C ARG A 66 20.31 9.32 -3.38
N PRO A 67 20.97 9.58 -2.28
CA PRO A 67 22.42 9.90 -2.31
C PRO A 67 23.19 8.76 -2.97
N SER A 68 22.79 7.55 -2.71
CA SER A 68 23.48 6.38 -3.33
C SER A 68 22.45 5.34 -3.79
N GLN A 69 22.84 4.49 -4.69
CA GLN A 69 21.88 3.45 -5.19
C GLN A 69 21.38 2.57 -4.04
N GLU A 70 22.13 2.52 -2.96
CA GLU A 70 21.70 1.69 -1.80
C GLU A 70 21.22 2.59 -0.65
N ASN A 71 21.61 3.83 -0.64
CA ASN A 71 21.17 4.74 0.45
C ASN A 71 19.85 5.43 0.09
N PHE A 72 19.03 5.71 1.06
CA PHE A 72 17.73 6.38 0.78
C PHE A 72 17.23 7.09 2.04
N SER A 73 16.82 8.33 1.91
CA SER A 73 16.32 9.08 3.10
C SER A 73 14.96 9.71 2.83
N LEU A 74 14.08 9.68 3.79
CA LEU A 74 12.73 10.27 3.61
C LEU A 74 12.37 11.11 4.84
N ILE A 75 11.90 12.32 4.65
CA ILE A 75 11.53 13.16 5.82
C ILE A 75 10.37 14.09 5.47
N LEU A 76 9.81 14.75 6.45
CA LEU A 76 8.70 15.69 6.20
C LEU A 76 8.97 17.01 6.92
N GLU A 77 8.25 18.04 6.58
CA GLU A 77 8.48 19.36 7.25
C GLU A 77 7.16 20.09 7.47
N LEU A 78 6.06 19.39 7.34
CA LEU A 78 4.73 20.05 7.54
C LEU A 78 3.62 19.00 7.49
N ALA A 79 3.28 18.40 8.59
CA ALA A 79 2.20 17.37 8.59
C ALA A 79 0.98 17.88 9.36
N THR A 80 -0.20 17.59 8.88
CA THR A 80 -1.44 18.05 9.57
C THR A 80 -2.26 16.81 9.99
N PRO A 81 -3.35 17.03 10.69
CA PRO A 81 -4.21 15.89 11.14
C PRO A 81 -4.89 15.21 9.94
N SER A 82 -4.12 14.85 8.93
CA SER A 82 -4.70 14.18 7.73
C SER A 82 -3.64 14.01 6.65
N GLN A 83 -2.40 13.83 7.05
CA GLN A 83 -1.30 13.67 6.04
C GLN A 83 -0.27 12.65 6.55
N THR A 84 0.00 12.64 7.83
CA THR A 84 1.01 11.68 8.37
C THR A 84 0.65 10.24 7.95
N SER A 85 1.42 9.27 8.38
CA SER A 85 1.12 7.85 8.01
C SER A 85 2.31 6.95 8.37
N VAL A 86 2.39 5.79 7.78
CA VAL A 86 3.52 4.86 8.09
C VAL A 86 4.46 4.76 6.88
N TYR A 87 5.71 5.08 7.07
CA TYR A 87 6.67 5.01 5.94
C TYR A 87 7.24 3.59 5.83
N PHE A 88 7.21 3.02 4.66
CA PHE A 88 7.74 1.63 4.48
C PHE A 88 8.83 1.61 3.41
N CYS A 89 9.94 0.99 3.71
CA CYS A 89 11.06 0.92 2.71
C CYS A 89 11.30 -0.53 2.30
N ALA A 90 10.98 -0.87 1.08
CA ALA A 90 11.18 -2.27 0.61
C ALA A 90 12.21 -2.32 -0.52
N SER A 91 12.71 -3.48 -0.84
CA SER A 91 13.72 -3.60 -1.92
C SER A 91 13.57 -4.96 -2.63
N GLY A 92 13.46 -4.95 -3.94
CA GLY A 92 13.32 -6.24 -4.68
C GLY A 92 14.21 -6.21 -5.92
N GLY A 93 14.29 -7.31 -6.63
CA GLY A 93 15.14 -7.35 -7.85
C GLY A 93 14.24 -7.22 -9.09
N GLN A 94 14.64 -7.83 -10.19
CA GLN A 94 13.82 -7.73 -11.43
C GLN A 94 13.60 -9.13 -12.02
N GLY A 95 12.43 -9.40 -12.53
CA GLY A 95 12.15 -10.74 -13.12
C GLY A 95 12.03 -11.78 -12.00
N ARG A 96 10.83 -12.19 -11.69
CA ARG A 96 10.63 -13.20 -10.61
C ARG A 96 11.31 -12.74 -9.32
N ALA A 97 10.81 -11.72 -8.69
CA ALA A 97 11.43 -11.22 -7.44
C ALA A 97 10.34 -10.84 -6.42
N GLU A 98 10.66 -10.88 -5.15
CA GLU A 98 9.64 -10.53 -4.12
C GLU A 98 10.00 -9.19 -3.46
N GLN A 99 9.07 -8.61 -2.74
CA GLN A 99 9.36 -7.30 -2.08
C GLN A 99 9.86 -7.53 -0.65
N PHE A 100 11.14 -7.41 -0.43
CA PHE A 100 11.70 -7.61 0.93
C PHE A 100 11.35 -6.41 1.83
N PHE A 101 10.11 -6.30 2.22
CA PHE A 101 9.70 -5.15 3.08
C PHE A 101 10.44 -5.21 4.42
N GLY A 102 11.22 -4.21 4.72
CA GLY A 102 11.97 -4.20 6.01
C GLY A 102 11.16 -3.44 7.06
N PRO A 103 11.83 -3.00 8.10
CA PRO A 103 11.14 -2.24 9.18
C PRO A 103 10.51 -0.97 8.62
N GLY A 104 9.44 -0.51 9.22
CA GLY A 104 8.77 0.73 8.72
C GLY A 104 8.39 1.61 9.91
N THR A 105 8.40 2.91 9.70
CA THR A 105 8.03 3.84 10.82
C THR A 105 6.58 4.27 10.69
N ARG A 106 5.89 4.42 11.80
CA ARG A 106 4.47 4.84 11.74
C ARG A 106 4.21 5.96 12.76
N LEU A 107 3.94 7.14 12.28
CA LEU A 107 3.69 8.28 13.22
C LEU A 107 2.55 9.17 12.70
N THR A 108 1.84 9.81 13.59
CA THR A 108 0.73 10.70 13.17
C THR A 108 0.91 12.10 13.75
N VAL A 109 0.66 13.12 12.97
CA VAL A 109 0.82 14.51 13.49
C VAL A 109 -0.52 15.03 14.00
N LEU A 110 -0.62 15.31 15.28
CA LEU A 110 -1.90 15.82 15.85
C LEU A 110 -3.05 14.87 15.51
N GLY A 111 -4.24 15.16 15.96
CA GLY A 111 -5.40 14.27 15.67
C GLY A 111 -6.70 15.08 15.75
N SER A 112 -7.82 14.44 15.58
CA SER A 112 -9.12 15.18 15.65
C SER A 112 -9.81 14.88 16.99
N ASP A 113 -9.07 14.72 18.04
CA ASP A 113 -9.69 14.44 19.37
C ASP A 113 -9.61 15.68 20.26
N TYR A 114 -10.65 15.95 21.00
CA TYR A 114 -10.65 17.15 21.90
C TYR A 114 -10.64 16.70 23.37
N LYS A 115 -11.58 15.88 23.75
CA LYS A 115 -11.64 15.41 25.17
C LYS A 115 -11.65 16.60 26.12
N ASP A 116 -12.75 17.32 26.18
CA ASP A 116 -12.81 18.50 27.10
C ASP A 116 -14.11 18.46 27.92
N ASP A 117 -14.61 17.29 28.20
CA ASP A 117 -15.88 17.18 29.00
C ASP A 117 -16.98 18.04 28.36
N ASP A 118 -17.93 18.48 29.15
CA ASP A 118 -19.03 19.32 28.60
C ASP A 118 -19.80 18.56 27.51
N ASP A 119 -20.94 19.06 27.11
CA ASP A 119 -21.73 18.36 26.06
C ASP A 119 -21.19 18.70 24.67
N LYS A 120 -21.91 18.35 23.63
CA LYS A 120 -21.44 18.66 22.26
C LYS A 120 -22.15 19.91 21.72
N ARG A 121 -22.47 20.83 22.58
CA ARG A 121 -23.16 22.08 22.13
C ARG A 121 -22.37 23.31 22.58
N SER A 122 -22.84 24.48 22.23
CA SER A 122 -22.13 25.73 22.63
C SER A 122 -20.65 25.66 22.24
N GLY A 123 -20.35 25.03 21.15
CA GLY A 123 -18.92 24.91 20.70
C GLY A 123 -18.87 24.37 19.28
N GLY A 124 -17.86 24.72 18.54
CA GLY A 124 -17.74 24.24 17.14
C GLY A 124 -18.51 25.17 16.20
N GLY A 125 -19.45 24.64 15.46
CA GLY A 125 -20.23 25.49 14.52
C GLY A 125 -21.09 24.61 13.61
N GLY A 126 -22.24 25.07 13.22
CA GLY A 126 -23.11 24.26 12.33
C GLY A 126 -22.99 24.77 10.89
N SER A 127 -23.98 24.51 10.07
CA SER A 127 -23.93 24.97 8.65
C SER A 127 -22.63 24.51 7.99
N GLY A 128 -22.60 23.30 7.50
CA GLY A 128 -21.37 22.79 6.84
C GLY A 128 -21.13 23.56 5.54
N GLY A 129 -20.31 23.02 4.67
CA GLY A 129 -20.03 23.73 3.39
C GLY A 129 -19.44 22.75 2.38
N GLY A 130 -18.23 22.30 2.61
CA GLY A 130 -17.59 21.33 1.67
C GLY A 130 -16.43 22.03 0.94
N GLY A 131 -15.27 22.04 1.55
CA GLY A 131 -14.10 22.70 0.90
C GLY A 131 -13.08 21.63 0.50
N SER A 132 -13.47 20.69 -0.33
CA SER A 132 -12.52 19.63 -0.75
C SER A 132 -11.99 19.93 -2.15
N GLY A 133 -11.23 19.02 -2.72
CA GLY A 133 -10.68 19.25 -4.08
C GLY A 133 -9.64 18.17 -4.40
N GLY A 134 -8.39 18.46 -4.14
CA GLY A 134 -7.32 17.46 -4.43
C GLY A 134 -6.98 17.49 -5.92
N SER A 135 -5.93 16.82 -6.31
CA SER A 135 -5.54 16.80 -7.75
C SER A 135 -5.02 15.42 -8.15
N GLY A 136 -5.43 14.91 -9.28
CA GLY A 136 -4.96 13.57 -9.71
C GLY A 136 -5.65 12.49 -8.89
N ALA A 137 -4.96 11.93 -7.92
CA ALA A 137 -5.57 10.86 -7.08
C ALA A 137 -6.04 9.69 -7.93
N GLN A 138 -5.33 8.60 -7.91
CA GLN A 138 -5.74 7.41 -8.72
C GLN A 138 -6.69 6.52 -7.92
N GLN A 139 -7.66 5.94 -8.57
CA GLN A 139 -8.62 5.06 -7.84
C GLN A 139 -9.31 4.11 -8.82
N GLN A 140 -8.67 3.02 -9.16
CA GLN A 140 -9.30 2.06 -10.12
C GLN A 140 -9.57 0.73 -9.40
N VAL A 141 -8.56 0.14 -8.82
CA VAL A 141 -8.75 -1.15 -8.09
C VAL A 141 -9.79 -0.98 -6.98
N ARG A 142 -10.79 -1.82 -6.98
CA ARG A 142 -11.85 -1.72 -5.93
C ARG A 142 -12.07 -3.08 -5.27
N GLN A 143 -11.41 -3.34 -4.18
CA GLN A 143 -11.57 -4.65 -3.50
C GLN A 143 -12.78 -4.61 -2.55
N SER A 144 -13.52 -5.69 -2.47
CA SER A 144 -14.72 -5.72 -1.57
C SER A 144 -14.39 -5.11 -0.19
N PRO A 145 -14.86 -3.91 0.05
CA PRO A 145 -14.60 -3.23 1.33
C PRO A 145 -15.26 -3.98 2.49
N GLN A 146 -15.37 -3.34 3.64
CA GLN A 146 -16.02 -4.01 4.81
C GLN A 146 -15.23 -5.25 5.24
N SER A 147 -14.03 -5.42 4.74
CA SER A 147 -13.21 -6.61 5.14
C SER A 147 -14.04 -7.90 5.05
N LEU A 148 -13.65 -8.91 5.77
CA LEU A 148 -14.42 -10.20 5.75
C LEU A 148 -13.91 -11.14 6.84
N THR A 149 -14.79 -11.71 7.60
CA THR A 149 -14.36 -12.65 8.69
C THR A 149 -14.68 -14.09 8.31
N VAL A 150 -13.75 -14.99 8.53
CA VAL A 150 -13.98 -16.41 8.18
C VAL A 150 -14.32 -17.21 9.44
N TRP A 151 -14.71 -18.45 9.29
CA TRP A 151 -15.05 -19.28 10.49
C TRP A 151 -13.82 -20.04 10.99
N GLU A 152 -12.64 -19.61 10.60
CA GLU A 152 -11.39 -20.29 11.05
C GLU A 152 -11.33 -21.72 10.52
N GLY A 153 -10.23 -22.11 9.95
CA GLY A 153 -10.12 -23.50 9.41
C GLY A 153 -11.00 -23.65 8.17
N GLU A 154 -11.19 -22.58 7.44
CA GLU A 154 -12.06 -22.67 6.22
C GLU A 154 -11.42 -21.89 5.07
N THR A 155 -12.12 -21.73 3.98
CA THR A 155 -11.56 -20.97 2.82
C THR A 155 -12.19 -19.58 2.75
N THR A 156 -11.73 -18.75 1.84
CA THR A 156 -12.30 -17.38 1.72
C THR A 156 -12.30 -16.95 0.25
N ILE A 157 -13.18 -16.05 -0.11
CA ILE A 157 -13.23 -15.58 -1.53
C ILE A 157 -13.15 -14.05 -1.58
N LEU A 158 -12.09 -13.53 -2.16
CA LEU A 158 -11.95 -12.04 -2.24
C LEU A 158 -12.45 -11.54 -3.60
N ASN A 159 -12.67 -10.26 -3.74
CA ASN A 159 -13.17 -9.72 -5.03
C ASN A 159 -12.52 -8.36 -5.33
N CYS A 160 -11.87 -8.23 -6.45
CA CYS A 160 -11.22 -6.93 -6.79
C CYS A 160 -11.87 -6.32 -8.04
N SER A 161 -11.73 -5.05 -8.24
CA SER A 161 -12.34 -4.40 -9.45
C SER A 161 -11.28 -3.57 -10.19
N TYR A 162 -11.66 -2.96 -11.28
CA TYR A 162 -10.68 -2.14 -12.04
C TYR A 162 -11.41 -1.33 -13.13
N GLU A 163 -10.83 -0.25 -13.56
CA GLU A 163 -11.47 0.59 -14.62
C GLU A 163 -10.41 1.20 -15.53
N ASP A 164 -9.26 0.59 -15.62
CA ASP A 164 -8.18 1.14 -16.49
C ASP A 164 -8.36 0.63 -17.93
N SER A 165 -7.79 1.31 -18.89
CA SER A 165 -7.93 0.86 -20.30
C SER A 165 -6.57 0.48 -20.87
N THR A 166 -5.68 0.01 -20.05
CA THR A 166 -4.33 -0.39 -20.55
C THR A 166 -3.56 -1.16 -19.46
N PHE A 167 -4.26 -1.87 -18.63
CA PHE A 167 -3.57 -2.64 -17.55
C PHE A 167 -3.04 -3.97 -18.11
N ASP A 168 -1.93 -4.43 -17.61
CA ASP A 168 -1.36 -5.72 -18.11
C ASP A 168 -1.67 -6.85 -17.13
N TYR A 169 -1.35 -6.67 -15.87
CA TYR A 169 -1.63 -7.74 -14.87
C TYR A 169 -1.89 -7.10 -13.50
N PHE A 170 -2.14 -7.91 -12.51
CA PHE A 170 -2.40 -7.35 -11.15
C PHE A 170 -1.62 -8.15 -10.08
N PRO A 171 -0.47 -7.63 -9.70
CA PRO A 171 0.36 -8.31 -8.69
C PRO A 171 -0.40 -8.46 -7.36
N TRP A 172 -1.00 -9.60 -7.15
CA TRP A 172 -1.77 -9.81 -5.88
C TRP A 172 -0.81 -9.76 -4.67
N TYR A 173 -0.50 -8.59 -4.19
CA TYR A 173 0.42 -8.48 -3.02
C TYR A 173 -0.28 -8.94 -1.74
N ARG A 174 0.39 -8.80 -0.62
CA ARG A 174 -0.22 -9.23 0.67
C ARG A 174 0.37 -8.42 1.84
N GLN A 175 -0.32 -8.36 2.94
CA GLN A 175 0.20 -7.60 4.11
C GLN A 175 -0.31 -8.23 5.41
N PHE A 176 0.59 -8.66 6.26
CA PHE A 176 0.16 -9.28 7.56
C PHE A 176 0.07 -8.21 8.66
N PRO A 177 -0.57 -8.57 9.74
CA PRO A 177 -0.74 -7.63 10.87
C PRO A 177 0.62 -7.22 11.44
N GLY A 178 1.49 -8.16 11.65
CA GLY A 178 2.84 -7.82 12.20
C GLY A 178 3.90 -8.04 11.13
N LYS A 179 3.86 -9.16 10.45
CA LYS A 179 4.87 -9.43 9.38
C LYS A 179 4.80 -8.36 8.30
N SER A 180 5.82 -8.23 7.50
CA SER A 180 5.82 -7.20 6.42
C SER A 180 5.08 -7.74 5.18
N PRO A 181 4.67 -6.84 4.31
CA PRO A 181 3.96 -7.24 3.08
C PRO A 181 4.85 -8.11 2.20
N ALA A 182 4.26 -8.83 1.27
CA ALA A 182 5.08 -9.70 0.38
C ALA A 182 4.32 -9.97 -0.92
N LEU A 183 5.00 -10.04 -2.03
CA LEU A 183 4.32 -10.30 -3.33
C LEU A 183 3.91 -11.77 -3.42
N LEU A 184 2.71 -12.03 -3.84
CA LEU A 184 2.24 -13.45 -3.96
C LEU A 184 2.39 -13.92 -5.40
N ILE A 185 1.61 -13.38 -6.30
CA ILE A 185 1.71 -13.81 -7.73
C ILE A 185 1.29 -12.66 -8.65
N ALA A 186 0.96 -12.98 -9.88
CA ALA A 186 0.53 -11.93 -10.84
C ALA A 186 -0.39 -12.53 -11.90
N ILE A 187 -1.61 -12.05 -11.97
CA ILE A 187 -2.57 -12.60 -12.98
C ILE A 187 -2.46 -11.82 -14.29
N SER A 188 -3.54 -11.70 -15.02
CA SER A 188 -3.49 -10.95 -16.31
C SER A 188 -4.90 -10.70 -16.83
N LEU A 189 -5.85 -11.30 -16.20
CA LEU A 189 -7.27 -11.15 -16.60
C LEU A 189 -7.46 -11.57 -18.06
N VAL A 190 -7.08 -12.77 -18.40
CA VAL A 190 -7.24 -13.24 -19.81
C VAL A 190 -7.92 -14.60 -19.84
N SER A 191 -7.64 -15.45 -18.88
CA SER A 191 -8.28 -16.80 -18.85
C SER A 191 -9.44 -16.80 -17.86
N ASN A 192 -10.41 -17.66 -18.07
CA ASN A 192 -11.57 -17.72 -17.14
C ASN A 192 -11.07 -17.89 -15.69
N LYS A 193 -9.93 -18.50 -15.53
CA LYS A 193 -9.38 -18.71 -14.15
C LYS A 193 -7.88 -18.98 -14.22
N LYS A 194 -7.13 -18.48 -13.27
CA LYS A 194 -5.66 -18.71 -13.28
C LYS A 194 -5.21 -19.26 -11.92
N GLU A 195 -4.37 -20.27 -11.92
CA GLU A 195 -3.90 -20.86 -10.63
C GLU A 195 -2.40 -20.62 -10.47
N ASP A 196 -1.96 -20.36 -9.26
CA ASP A 196 -0.51 -20.12 -9.04
C ASP A 196 -0.04 -20.85 -7.77
N GLY A 197 0.04 -22.15 -7.82
CA GLY A 197 0.49 -22.91 -6.62
C GLY A 197 -0.72 -23.62 -5.98
N ARG A 198 -1.75 -22.87 -5.68
CA ARG A 198 -2.95 -23.49 -5.05
C ARG A 198 -4.18 -22.60 -5.30
N PHE A 199 -4.20 -21.43 -4.72
CA PHE A 199 -5.36 -20.52 -4.92
C PHE A 199 -5.45 -20.09 -6.38
N THR A 200 -6.61 -19.66 -6.83
CA THR A 200 -6.76 -19.24 -8.25
C THR A 200 -7.66 -18.00 -8.33
N ILE A 201 -7.66 -17.33 -9.46
CA ILE A 201 -8.53 -16.12 -9.61
C ILE A 201 -9.66 -16.42 -10.60
N PHE A 202 -10.70 -15.63 -10.58
CA PHE A 202 -11.83 -15.87 -11.51
C PHE A 202 -12.14 -14.59 -12.31
N PHE A 203 -12.80 -14.74 -13.42
CA PHE A 203 -13.15 -13.54 -14.25
C PHE A 203 -14.66 -13.45 -14.44
N ASN A 204 -15.25 -12.37 -14.01
CA ASN A 204 -16.73 -12.20 -14.16
C ASN A 204 -17.04 -10.97 -15.00
N LYS A 205 -17.44 -11.17 -16.24
CA LYS A 205 -17.76 -10.00 -17.11
C LYS A 205 -19.02 -9.31 -16.61
N ARG A 206 -20.04 -10.07 -16.32
CA ARG A 206 -21.32 -9.47 -15.82
C ARG A 206 -21.05 -8.55 -14.62
N GLU A 207 -19.97 -8.78 -13.92
CA GLU A 207 -19.66 -7.93 -12.74
C GLU A 207 -18.37 -7.13 -12.99
N LYS A 208 -17.69 -7.39 -14.08
CA LYS A 208 -16.43 -6.65 -14.38
C LYS A 208 -15.48 -6.70 -13.18
N LYS A 209 -15.56 -7.75 -12.40
CA LYS A 209 -14.67 -7.87 -11.21
C LYS A 209 -14.04 -9.25 -11.16
N LEU A 210 -12.92 -9.39 -10.50
CA LEU A 210 -12.25 -10.71 -10.41
C LEU A 210 -12.29 -11.23 -8.97
N SER A 211 -12.37 -12.52 -8.78
CA SER A 211 -12.42 -13.07 -7.40
C SER A 211 -11.48 -14.28 -7.28
N LEU A 212 -10.75 -14.36 -6.20
CA LEU A 212 -9.81 -15.51 -6.03
C LEU A 212 -10.23 -16.36 -4.82
N HIS A 213 -9.86 -17.61 -4.80
CA HIS A 213 -10.24 -18.49 -3.66
C HIS A 213 -8.99 -18.88 -2.85
N ILE A 214 -9.12 -19.01 -1.56
CA ILE A 214 -7.95 -19.39 -0.72
C ILE A 214 -8.38 -20.41 0.34
N THR A 215 -7.88 -21.61 0.26
CA THR A 215 -8.26 -22.65 1.26
C THR A 215 -7.09 -22.95 2.20
N ASP A 216 -7.35 -23.63 3.29
CA ASP A 216 -6.25 -23.94 4.26
C ASP A 216 -5.65 -22.65 4.81
N SER A 217 -6.32 -22.03 5.75
CA SER A 217 -5.78 -20.77 6.34
C SER A 217 -5.49 -20.96 7.83
N GLN A 218 -4.87 -20.00 8.46
CA GLN A 218 -4.56 -20.13 9.91
C GLN A 218 -5.05 -18.89 10.67
N PRO A 219 -5.16 -19.02 11.97
CA PRO A 219 -5.62 -17.89 12.81
C PRO A 219 -4.67 -16.69 12.68
N GLY A 220 -4.67 -15.81 13.64
CA GLY A 220 -3.77 -14.63 13.57
C GLY A 220 -4.36 -13.60 12.60
N ASP A 221 -5.60 -13.24 12.79
CA ASP A 221 -6.25 -12.25 11.88
C ASP A 221 -6.08 -12.67 10.42
N SER A 222 -5.88 -13.94 10.18
CA SER A 222 -5.71 -14.44 8.79
C SER A 222 -4.67 -13.60 8.04
N ALA A 223 -5.10 -12.61 7.28
CA ALA A 223 -4.14 -11.77 6.52
C ALA A 223 -4.91 -10.81 5.62
N THR A 224 -4.28 -9.75 5.19
CA THR A 224 -4.98 -8.77 4.30
C THR A 224 -4.39 -8.82 2.88
N TYR A 225 -5.19 -9.15 1.91
CA TYR A 225 -4.67 -9.23 0.51
C TYR A 225 -4.68 -7.85 -0.14
N PHE A 226 -3.66 -7.53 -0.89
CA PHE A 226 -3.61 -6.19 -1.56
C PHE A 226 -3.79 -6.35 -3.07
N CYS A 227 -4.68 -5.59 -3.65
CA CYS A 227 -4.92 -5.68 -5.12
C CYS A 227 -4.31 -4.47 -5.83
N ALA A 228 -3.82 -4.67 -7.03
CA ALA A 228 -3.21 -3.53 -7.78
C ALA A 228 -3.10 -3.89 -9.27
N ALA A 229 -2.89 -2.92 -10.11
CA ALA A 229 -2.77 -3.19 -11.57
C ALA A 229 -1.52 -2.54 -12.15
N THR A 230 -1.12 -2.94 -13.32
CA THR A 230 0.10 -2.34 -13.95
C THR A 230 -0.25 -1.76 -15.33
N GLY A 231 0.69 -1.68 -16.22
CA GLY A 231 0.40 -1.13 -17.57
C GLY A 231 1.66 -0.45 -18.13
N SER A 232 2.45 0.12 -17.27
CA SER A 232 3.70 0.80 -17.73
C SER A 232 4.90 0.28 -16.95
N PHE A 233 5.96 1.03 -16.88
CA PHE A 233 7.16 0.57 -16.12
C PHE A 233 7.07 1.04 -14.66
N ASN A 234 7.36 0.17 -13.74
CA ASN A 234 7.29 0.55 -12.29
C ASN A 234 5.98 1.28 -11.99
N LYS A 235 4.91 0.94 -12.67
CA LYS A 235 3.62 1.63 -12.42
C LYS A 235 2.61 0.65 -11.80
N LEU A 236 2.43 0.71 -10.50
CA LEU A 236 1.46 -0.21 -9.84
C LEU A 236 0.35 0.59 -9.17
N THR A 237 -0.85 0.49 -9.66
CA THR A 237 -1.98 1.25 -9.04
C THR A 237 -2.74 0.36 -8.05
N PHE A 238 -2.70 0.69 -6.79
CA PHE A 238 -3.42 -0.12 -5.77
C PHE A 238 -4.79 0.48 -5.48
N GLY A 239 -5.65 -0.24 -4.82
CA GLY A 239 -7.00 0.31 -4.52
C GLY A 239 -7.50 -0.24 -3.18
N ALA A 240 -6.69 -0.17 -2.16
CA ALA A 240 -7.11 -0.69 -0.82
C ALA A 240 -7.63 -2.12 -0.94
N GLY A 241 -6.77 -3.10 -0.78
CA GLY A 241 -7.21 -4.51 -0.88
C GLY A 241 -8.27 -4.81 0.19
N THR A 242 -8.53 -6.06 0.44
CA THR A 242 -9.55 -6.42 1.47
C THR A 242 -8.87 -7.02 2.71
N ARG A 243 -9.55 -6.98 3.83
CA ARG A 243 -8.95 -7.54 5.08
C ARG A 243 -9.64 -8.86 5.44
N LEU A 244 -8.88 -9.86 5.80
CA LEU A 244 -9.49 -11.17 6.18
C LEU A 244 -9.17 -11.49 7.64
N ALA A 245 -10.13 -11.94 8.39
CA ALA A 245 -9.87 -12.27 9.82
C ALA A 245 -10.65 -13.51 10.24
N VAL A 246 -9.97 -14.53 10.70
CA VAL A 246 -10.67 -15.77 11.12
C VAL A 246 -11.63 -15.47 12.27
N SER A 247 -12.61 -16.31 12.49
CA SER A 247 -13.59 -16.07 13.59
C SER A 247 -12.85 -15.75 14.90
N PRO A 248 -13.57 -15.19 15.85
CA PRO A 248 -12.97 -14.83 17.15
C PRO A 248 -12.44 -16.07 17.86
N TYR A 249 -11.64 -15.88 18.88
CA TYR A 249 -11.07 -17.06 19.61
C TYR A 249 -10.96 -16.74 21.11
N ALA A 1 21.51 -4.24 3.84
CA ALA A 1 20.23 -4.87 3.40
C ALA A 1 19.09 -3.85 3.46
N VAL A 2 18.01 -4.12 2.78
CA VAL A 2 16.86 -3.16 2.80
C VAL A 2 16.43 -2.91 4.25
N THR A 3 16.66 -1.72 4.75
CA THR A 3 16.29 -1.43 6.16
C THR A 3 15.49 -0.14 6.27
N GLN A 4 15.29 0.32 7.48
CA GLN A 4 14.54 1.59 7.70
C GLN A 4 14.77 2.09 9.12
N SER A 5 14.53 3.34 9.37
CA SER A 5 14.74 3.89 10.75
C SER A 5 14.04 3.01 11.79
N PRO A 6 14.34 3.25 13.05
CA PRO A 6 13.73 2.46 14.14
C PRO A 6 12.21 2.64 14.16
N ARG A 7 11.56 2.13 15.17
CA ARG A 7 10.07 2.27 15.24
C ARG A 7 9.66 2.76 16.64
N ASN A 8 8.42 2.55 17.01
CA ASN A 8 7.95 3.01 18.36
C ASN A 8 8.28 4.49 18.56
N LYS A 9 7.74 5.35 17.74
CA LYS A 9 8.03 6.80 17.89
C LYS A 9 6.94 7.63 17.20
N VAL A 10 6.20 8.40 17.95
CA VAL A 10 5.12 9.23 17.34
C VAL A 10 5.56 10.70 17.28
N ALA A 11 4.87 11.49 16.50
CA ALA A 11 5.24 12.93 16.41
C ALA A 11 4.05 13.81 16.79
N VAL A 12 4.30 15.04 17.12
CA VAL A 12 3.20 15.96 17.49
C VAL A 12 3.05 17.04 16.41
N THR A 13 2.20 18.01 16.63
CA THR A 13 2.03 19.09 15.60
C THR A 13 3.39 19.56 15.07
N GLY A 14 3.67 19.30 13.82
CA GLY A 14 4.98 19.70 13.25
C GLY A 14 6.10 19.04 14.03
N GLY A 15 5.99 17.75 14.27
CA GLY A 15 7.05 17.03 15.04
C GLY A 15 8.16 16.56 14.10
N LYS A 16 8.07 16.88 12.83
CA LYS A 16 9.13 16.44 11.87
C LYS A 16 9.20 14.91 11.84
N VAL A 17 9.82 14.35 10.84
CA VAL A 17 9.90 12.86 10.75
C VAL A 17 11.26 12.45 10.19
N THR A 18 11.95 11.56 10.87
CA THR A 18 13.28 11.11 10.37
C THR A 18 13.24 9.63 10.03
N LEU A 19 13.41 9.28 8.78
CA LEU A 19 13.38 7.84 8.38
C LEU A 19 14.55 7.51 7.46
N SER A 20 15.36 6.57 7.83
CA SER A 20 16.52 6.19 6.97
C SER A 20 16.37 4.75 6.48
N CYS A 21 16.31 4.55 5.19
CA CYS A 21 16.16 3.17 4.64
C CYS A 21 17.35 2.83 3.74
N ASN A 22 17.81 1.61 3.80
CA ASN A 22 18.96 1.20 2.94
C ASN A 22 18.47 0.23 1.87
N GLN A 23 19.31 -0.13 0.94
CA GLN A 23 18.86 -1.08 -0.14
C GLN A 23 20.06 -1.84 -0.72
N THR A 24 19.98 -3.14 -0.74
CA THR A 24 21.09 -3.96 -1.31
C THR A 24 20.69 -5.43 -1.28
N ASN A 25 19.55 -5.74 -1.82
CA ASN A 25 19.08 -7.15 -1.84
C ASN A 25 19.31 -7.71 -3.25
N ASN A 26 20.35 -7.25 -3.90
CA ASN A 26 20.66 -7.72 -5.29
C ASN A 26 19.57 -7.26 -6.25
N HIS A 27 19.12 -6.04 -6.11
CA HIS A 27 18.05 -5.51 -7.01
C HIS A 27 18.18 -4.00 -7.14
N ASN A 28 18.32 -3.51 -8.34
CA ASN A 28 18.44 -2.04 -8.54
C ASN A 28 17.05 -1.38 -8.63
N ASN A 29 16.01 -2.11 -8.34
CA ASN A 29 14.64 -1.53 -8.41
C ASN A 29 14.01 -1.46 -7.02
N MET A 30 14.08 -0.32 -6.38
CA MET A 30 13.49 -0.18 -5.02
C MET A 30 12.41 0.89 -5.03
N TYR A 31 11.51 0.87 -4.07
CA TYR A 31 10.44 1.91 -4.06
C TYR A 31 10.08 2.31 -2.62
N TRP A 32 9.37 3.39 -2.47
CA TRP A 32 8.97 3.85 -1.11
C TRP A 32 7.46 4.13 -1.09
N TYR A 33 6.75 3.56 -0.15
CA TYR A 33 5.28 3.81 -0.11
C TYR A 33 4.82 4.03 1.34
N ARG A 34 3.61 4.48 1.52
CA ARG A 34 3.08 4.71 2.89
C ARG A 34 1.60 4.33 2.96
N GLN A 35 1.10 4.09 4.15
CA GLN A 35 -0.34 3.72 4.28
C GLN A 35 -1.21 4.97 4.38
N ASP A 36 -2.40 4.92 3.84
CA ASP A 36 -3.30 6.10 3.90
C ASP A 36 -4.25 6.00 5.10
N THR A 37 -5.08 4.99 5.11
CA THR A 37 -6.01 4.82 6.25
C THR A 37 -5.82 3.45 6.91
N GLY A 38 -4.67 2.87 6.72
CA GLY A 38 -4.40 1.54 7.32
C GLY A 38 -4.28 0.51 6.19
N HIS A 39 -5.01 0.69 5.13
CA HIS A 39 -4.94 -0.28 4.00
C HIS A 39 -4.83 0.45 2.66
N GLY A 40 -5.32 1.65 2.56
CA GLY A 40 -5.24 2.41 1.28
C GLY A 40 -3.79 2.51 0.82
N LEU A 41 -3.37 1.65 -0.06
CA LEU A 41 -1.95 1.70 -0.55
C LEU A 41 -1.71 3.01 -1.30
N ARG A 42 -0.73 3.77 -0.90
CA ARG A 42 -0.45 5.06 -1.59
C ARG A 42 1.06 5.32 -1.67
N LEU A 43 1.67 4.91 -2.75
CA LEU A 43 3.15 5.13 -2.91
C LEU A 43 3.43 6.63 -3.00
N ILE A 44 4.65 7.04 -2.73
CA ILE A 44 4.96 8.49 -2.80
C ILE A 44 6.34 8.72 -3.45
N HIS A 45 7.27 7.86 -3.15
CA HIS A 45 8.64 8.03 -3.76
C HIS A 45 9.19 6.67 -4.20
N TYR A 46 10.05 6.66 -5.17
CA TYR A 46 10.64 5.38 -5.65
C TYR A 46 11.80 5.66 -6.61
N SER A 47 12.87 4.90 -6.50
CA SER A 47 14.03 5.13 -7.40
C SER A 47 14.64 3.77 -7.82
N TYR A 48 15.04 3.66 -9.05
CA TYR A 48 15.64 2.37 -9.52
C TYR A 48 16.92 2.61 -10.34
N GLY A 49 17.12 3.81 -10.84
CA GLY A 49 18.34 4.08 -11.63
C GLY A 49 19.28 5.01 -10.85
N ALA A 50 19.22 4.95 -9.54
CA ALA A 50 20.12 5.81 -8.70
C ALA A 50 19.81 7.30 -8.97
N GLY A 51 19.63 8.06 -7.92
CA GLY A 51 19.33 9.51 -8.10
C GLY A 51 18.05 9.67 -8.93
N SER A 52 16.94 9.25 -8.40
CA SER A 52 15.66 9.37 -9.16
C SER A 52 14.53 9.78 -8.21
N THR A 53 14.63 10.93 -7.61
CA THR A 53 13.56 11.38 -6.67
C THR A 53 12.38 11.95 -7.46
N GLU A 54 11.18 11.78 -6.95
CA GLU A 54 9.99 12.31 -7.66
C GLU A 54 8.75 12.16 -6.77
N LYS A 55 7.76 12.97 -6.99
CA LYS A 55 6.51 12.88 -6.17
C LYS A 55 5.57 11.81 -6.76
N GLY A 56 5.13 10.90 -5.94
CA GLY A 56 4.22 9.82 -6.45
C GLY A 56 2.80 10.36 -6.60
N ASP A 57 1.90 9.95 -5.75
CA ASP A 57 0.50 10.42 -5.85
C ASP A 57 0.19 11.48 -4.77
N ILE A 58 1.04 11.59 -3.77
CA ILE A 58 0.80 12.59 -2.70
C ILE A 58 1.37 13.96 -3.10
N PRO A 59 0.88 15.00 -2.44
CA PRO A 59 1.36 16.37 -2.74
C PRO A 59 2.84 16.51 -2.43
N ASP A 60 3.33 17.72 -2.36
CA ASP A 60 4.78 17.94 -2.05
C ASP A 60 4.94 18.57 -0.67
N GLY A 61 5.58 17.89 0.24
CA GLY A 61 5.78 18.45 1.61
C GLY A 61 7.04 17.87 2.24
N TYR A 62 7.22 16.58 2.15
CA TYR A 62 8.44 15.95 2.74
C TYR A 62 9.60 16.00 1.73
N LYS A 63 10.76 15.59 2.14
CA LYS A 63 11.92 15.61 1.20
C LYS A 63 12.54 14.21 1.11
N ALA A 64 13.03 13.85 -0.05
CA ALA A 64 13.64 12.50 -0.21
C ALA A 64 15.02 12.63 -0.87
N SER A 65 15.91 11.73 -0.57
CA SER A 65 17.28 11.80 -1.17
C SER A 65 17.70 10.42 -1.68
N ARG A 66 18.37 10.38 -2.81
CA ARG A 66 18.83 9.08 -3.36
C ARG A 66 20.21 9.25 -4.02
N PRO A 67 21.22 9.40 -3.18
CA PRO A 67 22.60 9.56 -3.70
C PRO A 67 23.01 8.37 -4.56
N SER A 68 22.71 7.18 -4.09
CA SER A 68 23.08 5.96 -4.87
C SER A 68 21.88 4.99 -4.92
N GLN A 69 22.08 3.83 -5.46
CA GLN A 69 20.96 2.83 -5.55
C GLN A 69 20.86 2.04 -4.24
N GLU A 70 21.63 2.38 -3.25
CA GLU A 70 21.57 1.62 -1.96
C GLU A 70 21.17 2.56 -0.81
N ASN A 71 21.26 3.85 -1.01
CA ASN A 71 20.89 4.80 0.08
C ASN A 71 19.56 5.50 -0.24
N PHE A 72 18.75 5.71 0.76
CA PHE A 72 17.45 6.39 0.54
C PHE A 72 16.92 6.94 1.87
N SER A 73 16.68 8.22 1.95
CA SER A 73 16.18 8.80 3.23
C SER A 73 14.93 9.64 2.99
N LEU A 74 13.99 9.60 3.90
CA LEU A 74 12.74 10.40 3.76
C LEU A 74 12.42 11.08 5.09
N ILE A 75 12.14 12.37 5.07
CA ILE A 75 11.83 13.08 6.34
C ILE A 75 10.79 14.19 6.09
N LEU A 76 10.07 14.56 7.10
CA LEU A 76 9.05 15.65 6.94
C LEU A 76 9.46 16.86 7.80
N GLU A 77 8.85 17.99 7.56
CA GLU A 77 9.21 19.19 8.36
C GLU A 77 7.95 19.88 8.90
N LEU A 78 6.79 19.32 8.65
CA LEU A 78 5.54 19.93 9.16
C LEU A 78 4.35 19.03 8.84
N ALA A 79 3.86 18.30 9.81
CA ALA A 79 2.71 17.39 9.56
C ALA A 79 1.46 17.89 10.30
N THR A 80 0.30 17.55 9.80
CA THR A 80 -0.96 17.99 10.46
C THR A 80 -1.74 16.77 10.94
N PRO A 81 -2.75 17.00 11.76
CA PRO A 81 -3.57 15.88 12.29
C PRO A 81 -4.38 15.19 11.17
N SER A 82 -3.75 14.85 10.08
CA SER A 82 -4.47 14.18 8.96
C SER A 82 -3.54 13.98 7.76
N GLN A 83 -2.26 13.88 7.99
CA GLN A 83 -1.29 13.70 6.87
C GLN A 83 -0.29 12.58 7.20
N THR A 84 0.05 12.42 8.45
CA THR A 84 1.02 11.35 8.83
C THR A 84 0.54 9.99 8.33
N SER A 85 1.22 8.93 8.67
CA SER A 85 0.82 7.57 8.21
C SER A 85 1.92 6.55 8.49
N VAL A 86 1.88 5.42 7.84
CA VAL A 86 2.94 4.39 8.06
C VAL A 86 3.94 4.41 6.91
N TYR A 87 5.12 4.90 7.15
CA TYR A 87 6.16 4.96 6.07
C TYR A 87 6.83 3.59 5.90
N PHE A 88 6.72 2.99 4.75
CA PHE A 88 7.36 1.67 4.52
C PHE A 88 8.38 1.74 3.38
N CYS A 89 9.44 0.98 3.48
CA CYS A 89 10.48 0.98 2.41
C CYS A 89 10.78 -0.46 2.00
N ALA A 90 10.82 -0.74 0.72
CA ALA A 90 11.11 -2.14 0.30
C ALA A 90 11.62 -2.20 -1.14
N SER A 91 12.26 -3.29 -1.50
CA SER A 91 12.79 -3.44 -2.89
C SER A 91 12.35 -4.79 -3.45
N GLY A 92 13.09 -5.33 -4.38
CA GLY A 92 12.69 -6.66 -4.97
C GLY A 92 13.95 -7.44 -5.35
N GLY A 93 13.88 -8.24 -6.38
CA GLY A 93 15.06 -9.02 -6.81
C GLY A 93 14.90 -9.44 -8.28
N GLN A 94 15.98 -9.67 -8.97
CA GLN A 94 15.90 -10.07 -10.40
C GLN A 94 15.34 -11.49 -10.53
N GLY A 95 14.82 -11.84 -11.67
CA GLY A 95 14.27 -13.21 -11.86
C GLY A 95 13.02 -13.39 -11.00
N ARG A 96 12.15 -12.41 -11.00
CA ARG A 96 10.89 -12.52 -10.18
C ARG A 96 11.24 -12.89 -8.74
N ALA A 97 11.39 -11.91 -7.89
CA ALA A 97 11.72 -12.19 -6.46
C ALA A 97 10.69 -11.54 -5.53
N GLU A 98 10.42 -12.14 -4.41
CA GLU A 98 9.43 -11.57 -3.46
C GLU A 98 9.94 -10.22 -2.92
N GLN A 99 9.06 -9.27 -2.77
CA GLN A 99 9.50 -7.93 -2.25
C GLN A 99 10.12 -8.07 -0.86
N PHE A 100 11.22 -7.41 -0.63
CA PHE A 100 11.89 -7.51 0.70
C PHE A 100 11.46 -6.33 1.59
N PHE A 101 10.25 -6.36 2.09
CA PHE A 101 9.77 -5.25 2.96
C PHE A 101 10.59 -5.19 4.25
N GLY A 102 11.31 -4.13 4.45
CA GLY A 102 12.13 -4.01 5.70
C GLY A 102 11.26 -3.49 6.84
N PRO A 103 11.86 -3.27 7.98
CA PRO A 103 11.11 -2.75 9.16
C PRO A 103 10.51 -1.39 8.85
N GLY A 104 9.27 -1.35 8.45
CA GLY A 104 8.61 -0.05 8.13
C GLY A 104 8.38 0.75 9.41
N THR A 105 7.86 1.93 9.30
CA THR A 105 7.61 2.77 10.50
C THR A 105 6.18 3.35 10.46
N ARG A 106 5.52 3.41 11.59
CA ARG A 106 4.14 3.95 11.61
C ARG A 106 4.01 5.03 12.70
N LEU A 107 3.82 6.25 12.31
CA LEU A 107 3.68 7.34 13.33
C LEU A 107 2.62 8.37 12.91
N THR A 108 2.03 9.04 13.86
CA THR A 108 1.00 10.06 13.55
C THR A 108 1.38 11.40 14.17
N VAL A 109 1.17 12.48 13.46
CA VAL A 109 1.51 13.82 14.02
C VAL A 109 0.27 14.47 14.63
N LEU A 110 0.25 14.62 15.93
CA LEU A 110 -0.94 15.24 16.59
C LEU A 110 -1.04 16.73 16.23
N GLY A 111 -2.15 17.35 16.54
CA GLY A 111 -2.31 18.79 16.22
C GLY A 111 -3.74 19.23 16.56
N SER A 112 -4.23 18.85 17.72
CA SER A 112 -5.62 19.23 18.13
C SER A 112 -6.61 18.94 17.01
N ASP A 113 -7.27 17.81 17.07
CA ASP A 113 -8.26 17.45 16.01
C ASP A 113 -9.31 18.56 15.88
N TYR A 114 -9.51 19.34 16.91
CA TYR A 114 -10.52 20.44 16.86
C TYR A 114 -11.93 19.86 16.64
N LYS A 115 -12.93 20.54 17.10
CA LYS A 115 -14.33 20.04 16.92
C LYS A 115 -15.07 20.92 15.91
N ASP A 116 -14.55 21.03 14.72
CA ASP A 116 -15.23 21.87 13.68
C ASP A 116 -16.52 21.20 13.21
N ASP A 117 -17.56 21.97 13.05
CA ASP A 117 -18.86 21.38 12.59
C ASP A 117 -19.42 22.19 11.42
N ASP A 118 -18.65 22.36 10.38
CA ASP A 118 -19.13 23.13 9.21
C ASP A 118 -18.80 22.39 7.90
N ASP A 119 -18.56 23.11 6.84
CA ASP A 119 -18.23 22.45 5.54
C ASP A 119 -19.33 21.44 5.16
N LYS A 120 -20.39 21.90 4.56
CA LYS A 120 -21.49 20.98 4.16
C LYS A 120 -21.61 20.94 2.63
N ARG A 121 -20.53 21.15 1.94
CA ARG A 121 -20.59 21.13 0.44
C ARG A 121 -21.05 19.76 -0.06
N SER A 122 -21.73 19.71 -1.16
CA SER A 122 -22.21 18.41 -1.70
C SER A 122 -22.65 18.57 -3.16
N GLY A 123 -23.58 19.45 -3.41
CA GLY A 123 -24.06 19.65 -4.80
C GLY A 123 -25.40 20.39 -4.78
N GLY A 124 -26.49 19.68 -4.63
CA GLY A 124 -27.83 20.33 -4.59
C GLY A 124 -28.14 20.94 -5.96
N GLY A 125 -28.11 22.23 -6.06
CA GLY A 125 -28.41 22.89 -7.38
C GLY A 125 -27.31 23.89 -7.71
N GLY A 126 -27.67 25.10 -8.03
CA GLY A 126 -26.65 26.13 -8.36
C GLY A 126 -26.57 27.17 -7.23
N SER A 127 -26.48 26.71 -6.02
CA SER A 127 -26.39 27.67 -4.87
C SER A 127 -25.04 27.54 -4.17
N GLY A 128 -24.03 28.20 -4.68
CA GLY A 128 -22.68 28.12 -4.05
C GLY A 128 -21.87 27.00 -4.71
N GLY A 129 -20.97 27.34 -5.59
CA GLY A 129 -20.15 26.30 -6.28
C GLY A 129 -18.74 26.84 -6.52
N GLY A 130 -18.05 27.22 -5.47
CA GLY A 130 -16.67 27.76 -5.65
C GLY A 130 -15.65 26.63 -5.44
N GLY A 131 -15.60 25.69 -6.35
CA GLY A 131 -14.63 24.57 -6.21
C GLY A 131 -14.67 23.69 -7.45
N SER A 132 -14.25 24.21 -8.57
CA SER A 132 -14.27 23.41 -9.83
C SER A 132 -12.95 23.60 -10.59
N GLY A 133 -11.88 23.82 -9.89
CA GLY A 133 -10.56 24.02 -10.57
C GLY A 133 -9.82 22.68 -10.63
N GLY A 134 -9.49 22.23 -11.81
CA GLY A 134 -8.77 20.93 -11.94
C GLY A 134 -9.69 19.79 -11.52
N SER A 135 -9.24 18.97 -10.60
CA SER A 135 -10.08 17.83 -10.14
C SER A 135 -9.54 17.27 -8.81
N GLY A 136 -10.19 16.28 -8.27
CA GLY A 136 -9.72 15.69 -6.98
C GLY A 136 -8.97 14.40 -7.26
N ALA A 137 -8.87 13.53 -6.28
CA ALA A 137 -8.14 12.24 -6.49
C ALA A 137 -9.04 11.06 -6.11
N GLN A 138 -8.96 9.99 -6.85
CA GLN A 138 -9.80 8.80 -6.54
C GLN A 138 -8.98 7.51 -6.67
N GLN A 139 -9.62 6.38 -6.54
CA GLN A 139 -8.88 5.09 -6.66
C GLN A 139 -9.50 4.22 -7.75
N GLN A 140 -8.79 3.23 -8.22
CA GLN A 140 -9.34 2.35 -9.28
C GLN A 140 -9.40 0.90 -8.78
N VAL A 141 -8.32 0.41 -8.25
CA VAL A 141 -8.30 -0.99 -7.72
C VAL A 141 -9.25 -1.12 -6.52
N ARG A 142 -10.30 -1.86 -6.67
CA ARG A 142 -11.26 -2.04 -5.54
C ARG A 142 -11.23 -3.51 -5.06
N GLN A 143 -10.58 -3.76 -3.97
CA GLN A 143 -10.50 -5.17 -3.46
C GLN A 143 -11.47 -5.37 -2.29
N SER A 144 -12.66 -5.86 -2.56
CA SER A 144 -13.67 -6.10 -1.49
C SER A 144 -13.69 -4.95 -0.48
N PRO A 145 -14.39 -3.90 -0.83
CA PRO A 145 -14.50 -2.71 0.07
C PRO A 145 -15.25 -3.07 1.36
N GLN A 146 -14.69 -3.93 2.17
CA GLN A 146 -15.36 -4.34 3.44
C GLN A 146 -14.54 -5.42 4.14
N SER A 147 -13.75 -5.04 5.12
CA SER A 147 -12.92 -6.06 5.84
C SER A 147 -13.82 -6.98 6.67
N LEU A 148 -13.43 -8.23 6.79
CA LEU A 148 -14.26 -9.19 7.59
C LEU A 148 -13.35 -10.15 8.36
N THR A 149 -13.92 -11.10 9.06
CA THR A 149 -13.09 -12.06 9.83
C THR A 149 -13.33 -13.48 9.33
N VAL A 150 -12.27 -14.18 8.98
CA VAL A 150 -12.42 -15.58 8.47
C VAL A 150 -13.02 -16.47 9.57
N TRP A 151 -13.40 -17.67 9.24
CA TRP A 151 -14.00 -18.58 10.25
C TRP A 151 -12.90 -19.38 10.97
N GLU A 152 -11.67 -18.98 10.83
CA GLU A 152 -10.55 -19.72 11.50
C GLU A 152 -10.52 -21.18 11.04
N GLY A 153 -9.56 -21.53 10.23
CA GLY A 153 -9.48 -22.94 9.74
C GLY A 153 -10.54 -23.19 8.67
N GLU A 154 -10.87 -22.17 7.91
CA GLU A 154 -11.90 -22.34 6.84
C GLU A 154 -11.41 -21.72 5.54
N THR A 155 -12.32 -21.34 4.67
CA THR A 155 -11.91 -20.72 3.38
C THR A 155 -12.43 -19.28 3.29
N THR A 156 -12.07 -18.58 2.24
CA THR A 156 -12.55 -17.17 2.09
C THR A 156 -12.46 -16.75 0.62
N ILE A 157 -13.14 -15.69 0.25
CA ILE A 157 -13.09 -15.23 -1.16
C ILE A 157 -12.91 -13.71 -1.21
N LEU A 158 -12.02 -13.23 -2.04
CA LEU A 158 -11.79 -11.76 -2.15
C LEU A 158 -11.92 -11.32 -3.62
N ASN A 159 -12.66 -10.27 -3.87
CA ASN A 159 -12.82 -9.80 -5.27
C ASN A 159 -12.02 -8.51 -5.50
N CYS A 160 -11.67 -8.23 -6.74
CA CYS A 160 -10.90 -6.99 -7.03
C CYS A 160 -11.56 -6.24 -8.20
N SER A 161 -11.19 -5.00 -8.40
CA SER A 161 -11.81 -4.22 -9.52
C SER A 161 -10.78 -3.26 -10.11
N TYR A 162 -11.15 -2.53 -11.13
CA TYR A 162 -10.20 -1.56 -11.75
C TYR A 162 -10.94 -0.63 -12.71
N GLU A 163 -10.76 0.65 -12.56
CA GLU A 163 -11.45 1.61 -13.46
C GLU A 163 -10.43 2.27 -14.40
N ASP A 164 -9.38 1.57 -14.72
CA ASP A 164 -8.35 2.15 -15.63
C ASP A 164 -8.43 1.48 -17.01
N SER A 165 -7.80 2.06 -18.00
CA SER A 165 -7.84 1.47 -19.36
C SER A 165 -6.42 1.33 -19.91
N THR A 166 -5.46 1.14 -19.05
CA THR A 166 -4.05 1.01 -19.52
C THR A 166 -3.28 0.06 -18.59
N PHE A 167 -3.96 -0.86 -17.98
CA PHE A 167 -3.27 -1.82 -17.06
C PHE A 167 -2.86 -3.08 -17.82
N ASP A 168 -1.95 -3.84 -17.28
CA ASP A 168 -1.50 -5.09 -17.98
C ASP A 168 -1.46 -6.27 -16.99
N TYR A 169 -0.85 -6.09 -15.86
CA TYR A 169 -0.78 -7.20 -14.86
C TYR A 169 -1.43 -6.77 -13.54
N PHE A 170 -1.56 -7.69 -12.62
CA PHE A 170 -2.19 -7.35 -11.30
C PHE A 170 -1.46 -8.11 -10.18
N PRO A 171 -0.33 -7.58 -9.76
CA PRO A 171 0.45 -8.23 -8.68
C PRO A 171 -0.36 -8.27 -7.38
N TRP A 172 -0.84 -9.43 -7.01
CA TRP A 172 -1.63 -9.54 -5.74
C TRP A 172 -0.68 -9.53 -4.54
N TYR A 173 -0.34 -8.35 -4.07
CA TYR A 173 0.60 -8.25 -2.90
C TYR A 173 -0.12 -8.65 -1.60
N ARG A 174 0.61 -8.66 -0.51
CA ARG A 174 -0.01 -9.03 0.79
C ARG A 174 0.64 -8.25 1.94
N GLN A 175 -0.08 -7.99 2.98
CA GLN A 175 0.50 -7.24 4.13
C GLN A 175 0.14 -7.94 5.45
N PHE A 176 0.94 -7.75 6.47
CA PHE A 176 0.65 -8.40 7.78
C PHE A 176 0.47 -7.34 8.88
N PRO A 177 -0.28 -7.68 9.90
CA PRO A 177 -0.54 -6.74 11.01
C PRO A 177 0.77 -6.40 11.74
N GLY A 178 1.70 -7.33 11.77
CA GLY A 178 2.98 -7.06 12.47
C GLY A 178 4.15 -7.44 11.54
N LYS A 179 4.12 -8.61 10.96
CA LYS A 179 5.22 -9.03 10.06
C LYS A 179 5.34 -8.04 8.88
N SER A 180 6.08 -8.41 7.87
CA SER A 180 6.25 -7.50 6.71
C SER A 180 5.45 -8.03 5.49
N PRO A 181 4.97 -7.12 4.67
CA PRO A 181 4.19 -7.53 3.47
C PRO A 181 5.06 -8.34 2.51
N ALA A 182 4.45 -9.04 1.59
CA ALA A 182 5.24 -9.86 0.63
C ALA A 182 4.44 -10.09 -0.66
N LEU A 183 5.09 -10.09 -1.79
CA LEU A 183 4.36 -10.32 -3.07
C LEU A 183 3.87 -11.77 -3.14
N LEU A 184 2.70 -11.98 -3.69
CA LEU A 184 2.17 -13.37 -3.79
C LEU A 184 2.37 -13.90 -5.21
N ILE A 185 1.59 -13.43 -6.16
CA ILE A 185 1.75 -13.91 -7.57
C ILE A 185 1.28 -12.82 -8.54
N ALA A 186 0.93 -13.23 -9.74
CA ALA A 186 0.46 -12.24 -10.75
C ALA A 186 -0.24 -12.96 -11.90
N ILE A 187 -1.11 -12.27 -12.60
CA ILE A 187 -1.82 -12.94 -13.74
C ILE A 187 -1.99 -11.95 -14.91
N SER A 188 -3.05 -12.08 -15.65
CA SER A 188 -3.27 -11.16 -16.81
C SER A 188 -4.76 -11.00 -17.08
N LEU A 189 -5.53 -11.72 -16.34
CA LEU A 189 -7.00 -11.68 -16.48
C LEU A 189 -7.40 -12.05 -17.92
N VAL A 190 -7.02 -13.23 -18.36
CA VAL A 190 -7.39 -13.65 -19.75
C VAL A 190 -8.03 -15.04 -19.72
N SER A 191 -7.58 -15.89 -18.83
CA SER A 191 -8.17 -17.26 -18.75
C SER A 191 -9.36 -17.26 -17.78
N ASN A 192 -10.30 -18.15 -17.99
CA ASN A 192 -11.49 -18.20 -17.09
C ASN A 192 -11.05 -18.30 -15.62
N LYS A 193 -9.89 -18.85 -15.39
CA LYS A 193 -9.39 -18.98 -13.98
C LYS A 193 -7.88 -19.20 -13.97
N LYS A 194 -7.24 -18.92 -12.86
CA LYS A 194 -5.76 -19.11 -12.78
C LYS A 194 -5.39 -19.67 -11.41
N GLU A 195 -4.40 -20.52 -11.34
CA GLU A 195 -3.99 -21.10 -10.03
C GLU A 195 -2.49 -20.91 -9.82
N ASP A 196 -2.10 -20.41 -8.67
CA ASP A 196 -0.65 -20.20 -8.40
C ASP A 196 -0.30 -20.68 -6.99
N GLY A 197 0.05 -21.94 -6.85
CA GLY A 197 0.39 -22.48 -5.51
C GLY A 197 -0.78 -23.28 -4.96
N ARG A 198 -1.77 -22.59 -4.44
CA ARG A 198 -2.96 -23.31 -3.88
C ARG A 198 -4.25 -22.54 -4.21
N PHE A 199 -4.26 -21.26 -3.97
CA PHE A 199 -5.47 -20.44 -4.28
C PHE A 199 -5.59 -20.19 -5.78
N THR A 200 -6.77 -19.88 -6.25
CA THR A 200 -6.95 -19.61 -7.70
C THR A 200 -7.82 -18.37 -7.92
N ILE A 201 -7.83 -17.85 -9.11
CA ILE A 201 -8.67 -16.65 -9.40
C ILE A 201 -9.78 -17.00 -10.39
N PHE A 202 -10.85 -16.26 -10.38
CA PHE A 202 -11.97 -16.54 -11.32
C PHE A 202 -12.30 -15.28 -12.13
N PHE A 203 -12.65 -15.44 -13.38
CA PHE A 203 -12.97 -14.24 -14.21
C PHE A 203 -14.46 -13.90 -14.11
N ASN A 204 -14.78 -12.64 -14.00
CA ASN A 204 -16.22 -12.24 -13.90
C ASN A 204 -16.54 -11.21 -14.99
N LYS A 205 -16.58 -11.62 -16.23
CA LYS A 205 -16.89 -10.67 -17.33
C LYS A 205 -18.20 -9.91 -17.06
N ARG A 206 -19.24 -10.61 -16.72
CA ARG A 206 -20.54 -9.95 -16.44
C ARG A 206 -20.39 -8.94 -15.29
N GLU A 207 -19.38 -9.09 -14.48
CA GLU A 207 -19.19 -8.14 -13.34
C GLU A 207 -17.97 -7.25 -13.57
N LYS A 208 -17.19 -7.53 -14.58
CA LYS A 208 -15.98 -6.69 -14.86
C LYS A 208 -15.02 -6.74 -13.66
N LYS A 209 -15.05 -7.80 -12.91
CA LYS A 209 -14.15 -7.91 -11.72
C LYS A 209 -13.61 -9.33 -11.60
N LEU A 210 -12.73 -9.57 -10.67
CA LEU A 210 -12.17 -10.95 -10.49
C LEU A 210 -12.14 -11.33 -9.01
N SER A 211 -12.20 -12.60 -8.72
CA SER A 211 -12.17 -13.04 -7.29
C SER A 211 -11.31 -14.29 -7.14
N LEU A 212 -10.67 -14.46 -6.01
CA LEU A 212 -9.82 -15.65 -5.81
C LEU A 212 -10.29 -16.44 -4.58
N HIS A 213 -10.02 -17.71 -4.54
CA HIS A 213 -10.45 -18.55 -3.38
C HIS A 213 -9.24 -18.98 -2.54
N ILE A 214 -9.44 -19.21 -1.27
CA ILE A 214 -8.31 -19.63 -0.40
C ILE A 214 -8.83 -20.57 0.69
N THR A 215 -8.34 -21.78 0.73
CA THR A 215 -8.81 -22.75 1.76
C THR A 215 -7.74 -22.94 2.85
N ASP A 216 -8.11 -23.53 3.96
CA ASP A 216 -7.14 -23.76 5.06
C ASP A 216 -6.55 -22.42 5.53
N SER A 217 -7.19 -21.78 6.46
CA SER A 217 -6.67 -20.47 6.96
C SER A 217 -5.75 -20.71 8.17
N GLN A 218 -5.09 -19.69 8.65
CA GLN A 218 -4.19 -19.87 9.82
C GLN A 218 -4.33 -18.66 10.77
N PRO A 219 -3.94 -18.87 12.01
CA PRO A 219 -4.02 -17.79 13.02
C PRO A 219 -3.17 -16.58 12.60
N GLY A 220 -2.81 -15.75 13.53
CA GLY A 220 -1.98 -14.55 13.18
C GLY A 220 -2.79 -13.61 12.29
N ASP A 221 -4.01 -13.32 12.67
CA ASP A 221 -4.85 -12.41 11.83
C ASP A 221 -4.90 -12.91 10.38
N SER A 222 -4.68 -14.18 10.19
CA SER A 222 -4.69 -14.76 8.80
C SER A 222 -3.78 -13.96 7.86
N ALA A 223 -4.29 -12.97 7.18
CA ALA A 223 -3.44 -12.16 6.25
C ALA A 223 -4.30 -11.13 5.51
N THR A 224 -3.69 -10.10 5.00
CA THR A 224 -4.47 -9.07 4.26
C THR A 224 -4.13 -9.12 2.77
N TYR A 225 -5.12 -9.18 1.92
CA TYR A 225 -4.86 -9.25 0.46
C TYR A 225 -4.80 -7.84 -0.15
N PHE A 226 -3.82 -7.58 -0.98
CA PHE A 226 -3.70 -6.23 -1.60
C PHE A 226 -3.72 -6.37 -3.12
N CYS A 227 -4.69 -5.79 -3.78
CA CYS A 227 -4.75 -5.87 -5.26
C CYS A 227 -4.09 -4.65 -5.90
N ALA A 228 -3.40 -4.83 -6.99
CA ALA A 228 -2.73 -3.67 -7.65
C ALA A 228 -2.76 -3.84 -9.17
N ALA A 229 -2.16 -2.94 -9.89
CA ALA A 229 -2.16 -3.04 -11.38
C ALA A 229 -1.01 -2.21 -11.97
N THR A 230 -0.52 -2.60 -13.12
CA THR A 230 0.61 -1.84 -13.74
C THR A 230 0.32 -1.62 -15.23
N GLY A 231 1.03 -0.71 -15.85
CA GLY A 231 0.81 -0.45 -17.30
C GLY A 231 2.10 0.08 -17.92
N SER A 232 3.23 -0.26 -17.36
CA SER A 232 4.52 0.22 -17.91
C SER A 232 5.68 -0.48 -17.19
N PHE A 233 6.80 0.18 -17.06
CA PHE A 233 7.96 -0.45 -16.36
C PHE A 233 8.31 0.33 -15.09
N ASN A 234 7.37 1.02 -14.55
CA ASN A 234 7.61 1.81 -13.31
C ASN A 234 6.32 2.46 -12.82
N LYS A 235 5.20 1.79 -12.99
CA LYS A 235 3.91 2.37 -12.53
C LYS A 235 2.99 1.26 -12.03
N LEU A 236 2.88 1.09 -10.74
CA LEU A 236 2.00 0.03 -10.18
C LEU A 236 0.94 0.65 -9.27
N THR A 237 -0.29 0.69 -9.72
CA THR A 237 -1.38 1.28 -8.88
C THR A 237 -1.93 0.23 -7.92
N PHE A 238 -1.68 0.38 -6.65
CA PHE A 238 -2.20 -0.62 -5.66
C PHE A 238 -3.62 -0.26 -5.25
N GLY A 239 -4.13 -0.90 -4.23
CA GLY A 239 -5.52 -0.60 -3.78
C GLY A 239 -5.60 -0.73 -2.26
N ALA A 240 -6.76 -0.49 -1.70
CA ALA A 240 -6.92 -0.61 -0.23
C ALA A 240 -7.05 -2.06 0.17
N GLY A 241 -6.04 -2.84 -0.10
CA GLY A 241 -6.06 -4.31 0.24
C GLY A 241 -6.84 -4.55 1.54
N THR A 242 -7.74 -5.49 1.52
CA THR A 242 -8.54 -5.79 2.73
C THR A 242 -7.70 -6.56 3.76
N ARG A 243 -8.15 -6.63 4.98
CA ARG A 243 -7.38 -7.36 6.03
C ARG A 243 -8.23 -8.51 6.60
N LEU A 244 -8.00 -9.72 6.15
CA LEU A 244 -8.78 -10.87 6.67
C LEU A 244 -8.28 -11.24 8.08
N ALA A 245 -9.03 -10.90 9.08
CA ALA A 245 -8.60 -11.23 10.47
C ALA A 245 -9.28 -12.51 10.97
N VAL A 246 -8.79 -13.08 12.04
CA VAL A 246 -9.40 -14.33 12.57
C VAL A 246 -9.91 -14.09 13.99
N SER A 247 -10.98 -14.75 14.37
CA SER A 247 -11.54 -14.55 15.74
C SER A 247 -10.83 -15.49 16.74
N PRO A 248 -10.66 -15.03 17.95
CA PRO A 248 -10.00 -15.85 18.99
C PRO A 248 -10.79 -17.14 19.26
N TYR A 249 -10.13 -18.18 19.69
CA TYR A 249 -10.85 -19.47 19.98
C TYR A 249 -11.69 -19.89 18.77
N ALA A 1 20.65 -5.54 4.85
CA ALA A 1 19.46 -5.46 3.95
C ALA A 1 18.78 -4.10 4.08
N VAL A 2 17.78 -3.85 3.28
CA VAL A 2 17.06 -2.54 3.35
C VAL A 2 16.54 -2.31 4.78
N THR A 3 16.56 -1.09 5.25
CA THR A 3 16.06 -0.84 6.63
C THR A 3 15.35 0.51 6.72
N GLN A 4 15.21 1.00 7.92
CA GLN A 4 14.53 2.31 8.13
C GLN A 4 14.94 2.90 9.49
N SER A 5 14.68 4.16 9.70
CA SER A 5 15.05 4.80 11.00
C SER A 5 14.59 3.92 12.18
N PRO A 6 15.53 3.29 12.85
CA PRO A 6 15.19 2.42 14.01
C PRO A 6 14.51 3.24 15.11
N ARG A 7 14.33 2.66 16.27
CA ARG A 7 13.68 3.40 17.40
C ARG A 7 12.35 3.99 16.95
N ASN A 8 11.78 4.86 17.73
CA ASN A 8 10.48 5.49 17.35
C ASN A 8 10.50 6.98 17.65
N LYS A 9 9.91 7.77 16.80
CA LYS A 9 9.90 9.25 17.02
C LYS A 9 8.60 9.85 16.47
N VAL A 10 7.90 10.62 17.26
CA VAL A 10 6.63 11.23 16.79
C VAL A 10 6.82 12.74 16.56
N ALA A 11 5.95 13.33 15.77
CA ALA A 11 6.06 14.78 15.51
C ALA A 11 4.78 15.49 15.97
N VAL A 12 4.83 16.78 16.11
CA VAL A 12 3.62 17.52 16.54
C VAL A 12 3.01 18.26 15.35
N THR A 13 1.91 18.94 15.56
CA THR A 13 1.25 19.68 14.44
C THR A 13 2.30 20.38 13.57
N GLY A 14 2.46 19.94 12.36
CA GLY A 14 3.46 20.57 11.44
C GLY A 14 4.83 20.58 12.14
N GLY A 15 5.32 19.44 12.55
CA GLY A 15 6.65 19.40 13.22
C GLY A 15 7.72 18.99 12.22
N LYS A 16 7.93 17.71 12.06
CA LYS A 16 8.98 17.23 11.09
C LYS A 16 8.96 15.70 11.03
N VAL A 17 9.60 15.13 10.04
CA VAL A 17 9.61 13.65 9.93
C VAL A 17 11.00 13.17 9.50
N THR A 18 11.66 12.41 10.33
CA THR A 18 13.01 11.92 9.97
C THR A 18 12.94 10.43 9.63
N LEU A 19 13.25 10.08 8.40
CA LEU A 19 13.20 8.64 8.00
C LEU A 19 14.46 8.24 7.24
N SER A 20 15.24 7.34 7.78
CA SER A 20 16.48 6.90 7.09
C SER A 20 16.31 5.44 6.63
N CYS A 21 16.29 5.22 5.34
CA CYS A 21 16.11 3.83 4.82
C CYS A 21 17.37 3.37 4.07
N ASN A 22 17.75 2.14 4.24
CA ASN A 22 18.95 1.61 3.54
C ASN A 22 18.52 0.63 2.45
N GLN A 23 19.44 0.17 1.64
CA GLN A 23 19.08 -0.79 0.55
C GLN A 23 20.27 -1.69 0.21
N THR A 24 20.05 -2.98 0.17
CA THR A 24 21.15 -3.92 -0.17
C THR A 24 20.60 -5.35 -0.21
N ASN A 25 19.55 -5.56 -0.96
CA ASN A 25 18.95 -6.93 -1.06
C ASN A 25 19.23 -7.49 -2.45
N ASN A 26 20.30 -7.06 -3.06
CA ASN A 26 20.66 -7.56 -4.43
C ASN A 26 19.63 -7.07 -5.45
N HIS A 27 19.17 -5.85 -5.31
CA HIS A 27 18.17 -5.30 -6.26
C HIS A 27 18.48 -3.83 -6.55
N ASN A 28 18.55 -3.47 -7.80
CA ASN A 28 18.84 -2.05 -8.15
C ASN A 28 17.55 -1.23 -8.15
N ASN A 29 16.47 -1.79 -7.68
CA ASN A 29 15.19 -1.01 -7.65
C ASN A 29 14.61 -1.00 -6.24
N MET A 30 14.54 0.16 -5.64
CA MET A 30 13.98 0.25 -4.26
C MET A 30 12.69 1.08 -4.28
N TYR A 31 11.57 0.46 -3.98
CA TYR A 31 10.28 1.21 -3.98
C TYR A 31 9.97 1.74 -2.58
N TRP A 32 9.26 2.83 -2.49
CA TRP A 32 8.93 3.40 -1.15
C TRP A 32 7.42 3.65 -1.04
N TYR A 33 6.74 2.94 -0.16
CA TYR A 33 5.28 3.16 -0.01
C TYR A 33 4.93 3.46 1.45
N ARG A 34 3.74 3.94 1.69
CA ARG A 34 3.33 4.26 3.09
C ARG A 34 1.91 3.74 3.36
N GLN A 35 1.63 3.41 4.60
CA GLN A 35 0.26 2.90 4.93
C GLN A 35 -0.57 3.99 5.62
N ASP A 36 -1.84 4.02 5.37
CA ASP A 36 -2.71 5.06 6.00
C ASP A 36 -3.81 4.40 6.84
N THR A 37 -4.84 3.91 6.20
CA THR A 37 -5.95 3.25 6.94
C THR A 37 -5.66 1.74 7.06
N GLY A 38 -6.69 0.92 7.08
CA GLY A 38 -6.47 -0.55 7.20
C GLY A 38 -5.55 -1.01 6.08
N HIS A 39 -5.60 -0.35 4.95
CA HIS A 39 -4.70 -0.73 3.81
C HIS A 39 -3.99 0.52 3.30
N GLY A 40 -4.74 1.50 2.88
CA GLY A 40 -4.14 2.77 2.37
C GLY A 40 -3.09 2.46 1.31
N LEU A 41 -1.84 2.36 1.71
CA LEU A 41 -0.75 2.07 0.74
C LEU A 41 -0.67 3.18 -0.32
N ARG A 42 0.39 3.96 -0.30
CA ARG A 42 0.53 5.06 -1.29
C ARG A 42 2.01 5.18 -1.72
N LEU A 43 2.24 5.71 -2.88
CA LEU A 43 3.65 5.86 -3.38
C LEU A 43 4.20 7.23 -3.00
N ILE A 44 5.49 7.30 -2.77
CA ILE A 44 6.12 8.60 -2.38
C ILE A 44 7.50 8.71 -3.03
N HIS A 45 8.40 7.90 -2.59
CA HIS A 45 9.79 7.94 -3.15
C HIS A 45 10.06 6.72 -4.04
N TYR A 46 11.02 6.82 -4.92
CA TYR A 46 11.34 5.68 -5.82
C TYR A 46 12.78 5.83 -6.35
N SER A 47 13.72 5.16 -5.72
CA SER A 47 15.14 5.27 -6.18
C SER A 47 15.65 3.90 -6.63
N TYR A 48 16.28 3.84 -7.78
CA TYR A 48 16.80 2.54 -8.29
C TYR A 48 18.20 2.71 -8.89
N GLY A 49 18.43 3.81 -9.58
CA GLY A 49 19.77 4.04 -10.20
C GLY A 49 20.61 4.97 -9.32
N ALA A 50 20.29 5.05 -8.06
CA ALA A 50 21.07 5.95 -7.13
C ALA A 50 20.96 7.40 -7.59
N GLY A 51 20.61 8.29 -6.68
CA GLY A 51 20.47 9.73 -7.06
C GLY A 51 19.47 9.86 -8.20
N SER A 52 18.24 9.47 -7.98
CA SER A 52 17.23 9.57 -9.06
C SER A 52 15.82 9.35 -8.49
N THR A 53 15.57 9.80 -7.29
CA THR A 53 14.22 9.62 -6.69
C THR A 53 13.33 10.81 -7.03
N GLU A 54 12.07 10.58 -7.28
CA GLU A 54 11.12 11.69 -7.61
C GLU A 54 9.74 11.12 -7.94
N LYS A 55 9.09 10.51 -6.97
CA LYS A 55 7.74 9.93 -7.22
C LYS A 55 6.74 10.44 -6.18
N GLY A 56 5.61 9.80 -6.05
CA GLY A 56 4.60 10.27 -5.06
C GLY A 56 3.30 10.61 -5.78
N ASP A 57 2.24 9.92 -5.46
CA ASP A 57 0.93 10.21 -6.12
C ASP A 57 0.22 11.37 -5.42
N ILE A 58 0.44 11.53 -4.14
CA ILE A 58 -0.22 12.64 -3.39
C ILE A 58 0.80 13.37 -2.50
N PRO A 59 1.88 13.84 -3.09
CA PRO A 59 2.91 14.57 -2.32
C PRO A 59 2.31 15.81 -1.63
N ASP A 60 2.95 16.29 -0.61
CA ASP A 60 2.41 17.49 0.11
C ASP A 60 3.45 18.02 1.10
N GLY A 61 4.55 18.52 0.62
CA GLY A 61 5.60 19.07 1.53
C GLY A 61 6.47 17.91 2.04
N TYR A 62 7.42 17.49 1.25
CA TYR A 62 8.31 16.38 1.67
C TYR A 62 9.73 16.56 1.11
N LYS A 63 10.69 15.85 1.64
CA LYS A 63 12.08 15.99 1.13
C LYS A 63 12.71 14.61 0.97
N ALA A 64 13.10 14.25 -0.22
CA ALA A 64 13.72 12.91 -0.43
C ALA A 64 15.03 13.03 -1.21
N SER A 65 15.89 12.06 -1.08
CA SER A 65 17.20 12.11 -1.81
C SER A 65 17.89 10.75 -1.78
N ARG A 66 18.58 10.40 -2.83
CA ARG A 66 19.29 9.10 -2.88
C ARG A 66 20.77 9.30 -3.20
N PRO A 67 21.51 9.73 -2.20
CA PRO A 67 22.97 9.96 -2.39
C PRO A 67 23.64 8.69 -2.87
N SER A 68 23.26 7.58 -2.32
CA SER A 68 23.86 6.27 -2.74
C SER A 68 22.76 5.25 -3.02
N GLN A 69 23.01 4.34 -3.92
CA GLN A 69 21.98 3.31 -4.25
C GLN A 69 21.67 2.46 -3.01
N GLU A 70 22.59 2.39 -2.09
CA GLU A 70 22.36 1.58 -0.85
C GLU A 70 21.91 2.48 0.30
N ASN A 71 22.17 3.76 0.22
CA ASN A 71 21.76 4.68 1.31
C ASN A 71 20.69 5.66 0.82
N PHE A 72 19.57 5.72 1.48
CA PHE A 72 18.49 6.66 1.06
C PHE A 72 17.89 7.34 2.29
N SER A 73 17.45 8.56 2.16
CA SER A 73 16.87 9.27 3.35
C SER A 73 15.92 10.38 2.89
N LEU A 74 14.85 10.59 3.60
CA LEU A 74 13.88 11.65 3.24
C LEU A 74 13.16 12.16 4.50
N ILE A 75 12.71 13.38 4.48
CA ILE A 75 12.00 13.92 5.68
C ILE A 75 10.86 14.84 5.26
N LEU A 76 10.18 15.43 6.21
CA LEU A 76 9.07 16.36 5.87
C LEU A 76 9.10 17.58 6.80
N GLU A 77 8.41 18.61 6.45
CA GLU A 77 8.40 19.85 7.31
C GLU A 77 7.03 20.52 7.25
N LEU A 78 6.00 19.75 7.03
CA LEU A 78 4.63 20.35 6.96
C LEU A 78 3.56 19.26 7.10
N ALA A 79 3.46 18.67 8.26
CA ALA A 79 2.43 17.61 8.46
C ALA A 79 1.24 18.16 9.24
N THR A 80 0.04 17.85 8.81
CA THR A 80 -1.17 18.36 9.52
C THR A 80 -1.67 17.32 10.53
N PRO A 81 -2.45 17.76 11.49
CA PRO A 81 -2.99 16.84 12.52
C PRO A 81 -4.03 15.86 11.91
N SER A 82 -3.70 15.22 10.82
CA SER A 82 -4.67 14.28 10.20
C SER A 82 -4.07 13.62 8.94
N GLN A 83 -2.76 13.54 8.86
CA GLN A 83 -2.14 12.91 7.66
C GLN A 83 -1.02 11.95 8.06
N THR A 84 -0.99 11.53 9.30
CA THR A 84 0.08 10.59 9.74
C THR A 84 0.07 9.33 8.90
N SER A 85 0.77 8.33 9.35
CA SER A 85 0.82 7.02 8.62
C SER A 85 2.10 6.24 8.97
N VAL A 86 2.37 5.19 8.24
CA VAL A 86 3.60 4.40 8.50
C VAL A 86 4.49 4.43 7.26
N TYR A 87 5.72 4.83 7.41
CA TYR A 87 6.63 4.91 6.24
C TYR A 87 7.54 3.67 6.18
N PHE A 88 7.46 2.91 5.12
CA PHE A 88 8.32 1.69 5.00
C PHE A 88 8.88 1.57 3.58
N CYS A 89 9.97 0.86 3.43
CA CYS A 89 10.58 0.69 2.08
C CYS A 89 10.18 -0.65 1.48
N ALA A 90 10.78 -1.02 0.37
CA ALA A 90 10.44 -2.32 -0.28
C ALA A 90 11.44 -2.65 -1.38
N SER A 91 12.29 -3.62 -1.15
CA SER A 91 13.29 -4.00 -2.20
C SER A 91 12.82 -5.23 -2.97
N GLY A 92 13.57 -5.66 -3.95
CA GLY A 92 13.15 -6.85 -4.74
C GLY A 92 14.39 -7.66 -5.14
N GLY A 93 14.48 -8.07 -6.37
CA GLY A 93 15.65 -8.86 -6.82
C GLY A 93 15.49 -9.22 -8.31
N GLN A 94 16.55 -9.61 -8.95
CA GLN A 94 16.46 -9.98 -10.40
C GLN A 94 16.46 -11.50 -10.55
N GLY A 95 15.65 -12.02 -11.44
CA GLY A 95 15.61 -13.50 -11.65
C GLY A 95 14.55 -14.10 -10.72
N ARG A 96 13.30 -13.83 -10.97
CA ARG A 96 12.21 -14.40 -10.11
C ARG A 96 12.48 -14.07 -8.64
N ALA A 97 12.23 -12.85 -8.23
CA ALA A 97 12.48 -12.48 -6.81
C ALA A 97 11.26 -11.75 -6.23
N GLU A 98 10.94 -12.00 -5.00
CA GLU A 98 9.76 -11.32 -4.38
C GLU A 98 10.18 -9.99 -3.74
N GLN A 99 9.25 -9.28 -3.18
CA GLN A 99 9.60 -7.97 -2.54
C GLN A 99 10.15 -8.20 -1.14
N PHE A 100 11.33 -7.69 -0.86
CA PHE A 100 11.92 -7.87 0.49
C PHE A 100 11.55 -6.68 1.39
N PHE A 101 10.33 -6.63 1.84
CA PHE A 101 9.90 -5.51 2.72
C PHE A 101 10.69 -5.53 4.03
N GLY A 102 11.40 -4.46 4.32
CA GLY A 102 12.18 -4.41 5.59
C GLY A 102 11.34 -3.73 6.67
N PRO A 103 12.00 -3.32 7.74
CA PRO A 103 11.29 -2.66 8.86
C PRO A 103 10.61 -1.37 8.37
N GLY A 104 9.87 -0.72 9.23
CA GLY A 104 9.18 0.54 8.82
C GLY A 104 8.99 1.44 10.04
N THR A 105 8.36 2.56 9.86
CA THR A 105 8.15 3.49 11.01
C THR A 105 6.72 4.05 10.97
N ARG A 106 6.09 4.16 12.12
CA ARG A 106 4.71 4.72 12.15
C ARG A 106 4.65 5.86 13.18
N LEU A 107 4.38 7.05 12.73
CA LEU A 107 4.31 8.19 13.69
C LEU A 107 3.14 9.11 13.36
N THR A 108 2.73 9.91 14.31
CA THR A 108 1.59 10.84 14.08
C THR A 108 2.07 12.28 14.24
N VAL A 109 1.34 13.22 13.70
CA VAL A 109 1.75 14.65 13.83
C VAL A 109 0.72 15.46 14.60
N LEU A 110 0.99 15.74 15.85
CA LEU A 110 0.03 16.53 16.68
C LEU A 110 0.64 16.88 18.04
N GLY A 111 0.10 17.87 18.70
CA GLY A 111 0.65 18.27 20.03
C GLY A 111 0.94 19.77 20.04
N SER A 112 0.25 20.51 20.86
CA SER A 112 0.49 21.98 20.92
C SER A 112 0.92 22.39 22.33
N ASP A 113 0.04 22.29 23.29
CA ASP A 113 0.40 22.68 24.67
C ASP A 113 1.29 21.61 25.31
N TYR A 114 1.51 21.69 26.60
CA TYR A 114 2.37 20.67 27.28
C TYR A 114 1.58 19.38 27.50
N LYS A 115 2.11 18.46 28.27
CA LYS A 115 1.39 17.19 28.52
C LYS A 115 0.29 17.39 29.56
N ASP A 116 -0.86 16.81 29.34
CA ASP A 116 -1.98 16.98 30.32
C ASP A 116 -2.91 15.76 30.28
N ASP A 117 -3.10 15.13 31.40
CA ASP A 117 -4.00 13.92 31.43
C ASP A 117 -5.47 14.37 31.47
N ASP A 118 -5.80 15.28 32.35
CA ASP A 118 -7.22 15.76 32.44
C ASP A 118 -7.42 16.97 31.54
N ASP A 119 -8.60 17.54 31.54
CA ASP A 119 -8.86 18.74 30.69
C ASP A 119 -9.61 19.80 31.49
N LYS A 120 -8.95 20.87 31.85
CA LYS A 120 -9.63 21.95 32.63
C LYS A 120 -9.51 23.29 31.90
N ARG A 121 -8.30 23.73 31.64
CA ARG A 121 -8.11 25.02 30.93
C ARG A 121 -6.72 25.09 30.31
N SER A 122 -6.62 24.88 29.03
CA SER A 122 -5.29 24.94 28.36
C SER A 122 -5.37 25.72 27.05
N GLY A 123 -6.17 25.26 26.12
CA GLY A 123 -6.30 25.98 24.82
C GLY A 123 -7.29 25.24 23.92
N GLY A 124 -6.87 24.88 22.74
CA GLY A 124 -7.78 24.15 21.82
C GLY A 124 -6.97 23.19 20.94
N GLY A 125 -7.55 22.71 19.87
CA GLY A 125 -6.81 21.77 18.97
C GLY A 125 -6.43 22.50 17.68
N GLY A 126 -7.22 23.46 17.27
CA GLY A 126 -6.91 24.21 16.02
C GLY A 126 -8.16 24.29 15.15
N SER A 127 -9.09 23.39 15.32
CA SER A 127 -10.33 23.41 14.50
C SER A 127 -10.00 23.41 13.00
N GLY A 128 -10.00 22.26 12.39
CA GLY A 128 -9.68 22.20 10.94
C GLY A 128 -8.18 21.92 10.76
N GLY A 129 -7.49 22.75 10.02
CA GLY A 129 -6.03 22.54 9.81
C GLY A 129 -5.81 21.70 8.55
N GLY A 130 -6.51 20.60 8.42
CA GLY A 130 -6.34 19.74 7.22
C GLY A 130 -7.32 20.19 6.13
N GLY A 131 -6.86 20.97 5.19
CA GLY A 131 -7.76 21.45 4.11
C GLY A 131 -7.61 20.54 2.88
N SER A 132 -8.25 19.40 2.88
CA SER A 132 -8.15 18.47 1.73
C SER A 132 -9.09 18.92 0.60
N GLY A 133 -8.78 18.55 -0.61
CA GLY A 133 -9.66 18.95 -1.76
C GLY A 133 -8.81 19.12 -3.02
N GLY A 134 -7.62 19.64 -2.87
CA GLY A 134 -6.74 19.83 -4.05
C GLY A 134 -5.74 18.68 -4.15
N SER A 135 -6.20 17.47 -3.97
CA SER A 135 -5.29 16.30 -4.06
C SER A 135 -5.65 15.42 -5.25
N GLY A 136 -4.76 15.31 -6.21
CA GLY A 136 -5.06 14.47 -7.41
C GLY A 136 -5.21 13.00 -6.98
N ALA A 137 -6.37 12.45 -7.15
CA ALA A 137 -6.59 11.02 -6.75
C ALA A 137 -7.80 10.44 -7.50
N GLN A 138 -7.71 9.20 -7.92
CA GLN A 138 -8.86 8.58 -8.65
C GLN A 138 -9.29 7.29 -7.95
N GLN A 139 -8.35 6.51 -7.47
CA GLN A 139 -8.70 5.24 -6.77
C GLN A 139 -9.54 4.34 -7.70
N GLN A 140 -8.92 3.36 -8.30
CA GLN A 140 -9.67 2.45 -9.22
C GLN A 140 -9.85 1.08 -8.54
N VAL A 141 -8.77 0.44 -8.22
CA VAL A 141 -8.87 -0.90 -7.55
C VAL A 141 -9.69 -0.78 -6.26
N ARG A 142 -10.45 -1.79 -5.95
CA ARG A 142 -11.27 -1.75 -4.70
C ARG A 142 -11.87 -3.13 -4.42
N GLN A 143 -11.65 -3.65 -3.25
CA GLN A 143 -12.22 -5.00 -2.92
C GLN A 143 -13.71 -4.88 -2.61
N SER A 144 -14.45 -5.91 -2.90
CA SER A 144 -15.92 -5.87 -2.64
C SER A 144 -16.23 -6.31 -1.19
N PRO A 145 -15.76 -7.47 -0.78
CA PRO A 145 -16.04 -7.96 0.58
C PRO A 145 -15.44 -7.01 1.63
N GLN A 146 -14.28 -6.45 1.35
CA GLN A 146 -13.64 -5.52 2.32
C GLN A 146 -13.43 -6.23 3.66
N SER A 147 -12.28 -6.79 3.87
CA SER A 147 -11.99 -7.51 5.14
C SER A 147 -12.95 -8.69 5.32
N LEU A 148 -12.55 -9.69 6.05
CA LEU A 148 -13.44 -10.87 6.26
C LEU A 148 -12.84 -11.81 7.32
N THR A 149 -13.67 -12.56 7.99
CA THR A 149 -13.16 -13.50 9.04
C THR A 149 -13.56 -14.93 8.70
N VAL A 150 -12.65 -15.71 8.16
CA VAL A 150 -12.99 -17.12 7.80
C VAL A 150 -13.25 -17.95 9.06
N TRP A 151 -13.79 -19.12 8.91
CA TRP A 151 -14.07 -19.99 10.09
C TRP A 151 -12.92 -20.99 10.30
N GLU A 152 -11.78 -20.72 9.74
CA GLU A 152 -10.61 -21.65 9.89
C GLU A 152 -10.99 -23.05 9.39
N GLY A 153 -10.58 -23.39 8.20
CA GLY A 153 -10.90 -24.74 7.65
C GLY A 153 -11.81 -24.59 6.43
N GLU A 154 -12.79 -23.74 6.50
CA GLU A 154 -13.71 -23.54 5.34
C GLU A 154 -12.98 -22.80 4.21
N THR A 155 -13.66 -22.48 3.14
CA THR A 155 -13.01 -21.75 2.02
C THR A 155 -13.36 -20.27 2.08
N THR A 156 -12.78 -19.48 1.21
CA THR A 156 -13.08 -18.02 1.20
C THR A 156 -13.18 -17.50 -0.23
N ILE A 157 -13.81 -16.37 -0.42
CA ILE A 157 -13.95 -15.80 -1.80
C ILE A 157 -13.71 -14.29 -1.77
N LEU A 158 -12.68 -13.83 -2.44
CA LEU A 158 -12.41 -12.36 -2.47
C LEU A 158 -12.76 -11.79 -3.84
N ASN A 159 -12.87 -10.50 -3.95
CA ASN A 159 -13.21 -9.88 -5.27
C ASN A 159 -12.58 -8.49 -5.41
N CYS A 160 -12.02 -8.20 -6.55
CA CYS A 160 -11.39 -6.86 -6.77
C CYS A 160 -12.00 -6.20 -8.01
N SER A 161 -11.90 -4.91 -8.13
CA SER A 161 -12.47 -4.23 -9.34
C SER A 161 -11.75 -2.92 -9.60
N TYR A 162 -11.63 -2.54 -10.86
CA TYR A 162 -10.94 -1.28 -11.21
C TYR A 162 -11.75 -0.49 -12.22
N GLU A 163 -11.19 0.55 -12.79
CA GLU A 163 -11.93 1.36 -13.79
C GLU A 163 -11.05 1.66 -15.01
N ASP A 164 -9.95 0.95 -15.15
CA ASP A 164 -9.06 1.20 -16.32
C ASP A 164 -8.95 -0.07 -17.18
N SER A 165 -8.45 0.05 -18.37
CA SER A 165 -8.32 -1.15 -19.25
C SER A 165 -6.91 -1.21 -19.85
N THR A 166 -5.94 -0.65 -19.17
CA THR A 166 -4.55 -0.67 -19.69
C THR A 166 -3.63 -1.39 -18.70
N PHE A 167 -4.19 -2.24 -17.88
CA PHE A 167 -3.36 -2.97 -16.88
C PHE A 167 -2.96 -4.34 -17.43
N ASP A 168 -1.74 -4.74 -17.25
CA ASP A 168 -1.30 -6.08 -17.76
C ASP A 168 -1.71 -7.18 -16.79
N TYR A 169 -1.40 -7.04 -15.54
CA TYR A 169 -1.77 -8.09 -14.54
C TYR A 169 -1.98 -7.46 -13.16
N PHE A 170 -2.27 -8.27 -12.17
CA PHE A 170 -2.48 -7.72 -10.80
C PHE A 170 -1.71 -8.55 -9.77
N PRO A 171 -0.53 -8.10 -9.41
CA PRO A 171 0.30 -8.84 -8.42
C PRO A 171 -0.44 -8.94 -7.08
N TRP A 172 -1.06 -10.05 -6.81
CA TRP A 172 -1.79 -10.21 -5.52
C TRP A 172 -0.79 -10.17 -4.35
N TYR A 173 -0.39 -9.00 -3.95
CA TYR A 173 0.58 -8.87 -2.82
C TYR A 173 -0.06 -9.26 -1.49
N ARG A 174 0.68 -9.18 -0.42
CA ARG A 174 0.12 -9.54 0.91
C ARG A 174 0.78 -8.69 2.01
N GLN A 175 0.03 -8.30 3.00
CA GLN A 175 0.61 -7.48 4.10
C GLN A 175 0.18 -8.03 5.47
N PHE A 176 1.12 -8.31 6.33
CA PHE A 176 0.77 -8.85 7.67
C PHE A 176 0.66 -7.71 8.70
N PRO A 177 -0.10 -7.93 9.73
CA PRO A 177 -0.28 -6.90 10.79
C PRO A 177 1.05 -6.61 11.49
N GLY A 178 1.91 -7.59 11.59
CA GLY A 178 3.21 -7.39 12.26
C GLY A 178 4.34 -7.92 11.37
N LYS A 179 4.17 -9.10 10.82
CA LYS A 179 5.22 -9.67 9.94
C LYS A 179 5.50 -8.73 8.75
N SER A 180 6.24 -9.18 7.78
CA SER A 180 6.54 -8.32 6.61
C SER A 180 5.71 -8.77 5.40
N PRO A 181 5.26 -7.82 4.62
CA PRO A 181 4.44 -8.15 3.42
C PRO A 181 5.27 -8.98 2.43
N ALA A 182 4.64 -9.57 1.45
CA ALA A 182 5.37 -10.38 0.45
C ALA A 182 4.53 -10.60 -0.80
N LEU A 183 5.14 -10.66 -1.95
CA LEU A 183 4.37 -10.87 -3.21
C LEU A 183 3.91 -12.33 -3.31
N LEU A 184 2.65 -12.56 -3.58
CA LEU A 184 2.15 -13.95 -3.69
C LEU A 184 2.24 -14.44 -5.14
N ILE A 185 1.44 -13.89 -6.01
CA ILE A 185 1.48 -14.32 -7.44
C ILE A 185 1.09 -13.16 -8.36
N ALA A 186 0.73 -13.47 -9.58
CA ALA A 186 0.33 -12.40 -10.53
C ALA A 186 -0.64 -12.97 -11.57
N ILE A 187 -1.85 -12.46 -11.60
CA ILE A 187 -2.86 -12.97 -12.57
C ILE A 187 -2.76 -12.19 -13.90
N SER A 188 -3.86 -12.05 -14.59
CA SER A 188 -3.84 -11.29 -15.89
C SER A 188 -5.26 -11.09 -16.39
N LEU A 189 -6.19 -11.70 -15.75
CA LEU A 189 -7.62 -11.60 -16.14
C LEU A 189 -7.79 -11.94 -17.62
N VAL A 190 -7.44 -13.14 -18.02
CA VAL A 190 -7.57 -13.53 -19.44
C VAL A 190 -8.31 -14.88 -19.56
N SER A 191 -8.27 -15.68 -18.53
CA SER A 191 -8.96 -17.00 -18.59
C SER A 191 -10.11 -17.04 -17.58
N ASN A 192 -11.11 -17.85 -17.84
CA ASN A 192 -12.27 -17.92 -16.89
C ASN A 192 -11.78 -18.32 -15.49
N LYS A 193 -10.67 -18.99 -15.41
CA LYS A 193 -10.14 -19.40 -14.08
C LYS A 193 -8.64 -19.67 -14.16
N LYS A 194 -7.88 -19.18 -13.22
CA LYS A 194 -6.40 -19.40 -13.24
C LYS A 194 -5.91 -19.81 -11.84
N GLU A 195 -5.20 -20.90 -11.74
CA GLU A 195 -4.68 -21.35 -10.42
C GLU A 195 -3.17 -21.19 -10.36
N ASP A 196 -2.67 -20.51 -9.36
CA ASP A 196 -1.20 -20.32 -9.24
C ASP A 196 -0.68 -20.91 -7.93
N GLY A 197 -0.79 -22.22 -7.77
CA GLY A 197 -0.32 -22.86 -6.51
C GLY A 197 -1.50 -23.44 -5.75
N ARG A 198 -2.52 -22.65 -5.53
CA ARG A 198 -3.70 -23.16 -4.78
C ARG A 198 -4.92 -22.24 -5.02
N PHE A 199 -4.69 -20.95 -5.01
CA PHE A 199 -5.82 -19.99 -5.22
C PHE A 199 -6.22 -19.97 -6.70
N THR A 200 -7.49 -20.05 -6.99
CA THR A 200 -7.93 -20.04 -8.42
C THR A 200 -8.71 -18.76 -8.71
N ILE A 201 -8.07 -17.79 -9.32
CA ILE A 201 -8.75 -16.51 -9.62
C ILE A 201 -9.68 -16.69 -10.83
N PHE A 202 -10.80 -16.01 -10.83
CA PHE A 202 -11.75 -16.14 -11.97
C PHE A 202 -11.95 -14.79 -12.65
N PHE A 203 -12.49 -14.78 -13.84
CA PHE A 203 -12.72 -13.50 -14.56
C PHE A 203 -14.21 -13.25 -14.78
N ASN A 204 -14.71 -12.13 -14.32
CA ASN A 204 -16.16 -11.83 -14.50
C ASN A 204 -16.33 -10.65 -15.45
N LYS A 205 -16.73 -10.91 -16.67
CA LYS A 205 -16.93 -9.80 -17.66
C LYS A 205 -18.25 -9.08 -17.37
N ARG A 206 -19.30 -9.82 -17.21
CA ARG A 206 -20.63 -9.19 -16.93
C ARG A 206 -20.53 -8.27 -15.70
N GLU A 207 -19.62 -8.54 -14.82
CA GLU A 207 -19.48 -7.69 -13.60
C GLU A 207 -18.17 -6.90 -13.66
N LYS A 208 -17.34 -7.16 -14.63
CA LYS A 208 -16.04 -6.41 -14.74
C LYS A 208 -15.27 -6.48 -13.42
N LYS A 209 -14.98 -7.67 -12.96
CA LYS A 209 -14.22 -7.80 -11.67
C LYS A 209 -13.59 -9.20 -11.58
N LEU A 210 -12.61 -9.35 -10.73
CA LEU A 210 -11.94 -10.68 -10.59
C LEU A 210 -12.24 -11.27 -9.21
N SER A 211 -12.43 -12.57 -9.15
CA SER A 211 -12.72 -13.21 -7.84
C SER A 211 -11.79 -14.40 -7.61
N LEU A 212 -11.10 -14.42 -6.50
CA LEU A 212 -10.17 -15.56 -6.22
C LEU A 212 -10.78 -16.47 -5.16
N HIS A 213 -10.49 -17.74 -5.22
CA HIS A 213 -11.07 -18.69 -4.22
C HIS A 213 -9.97 -19.43 -3.47
N ILE A 214 -10.28 -19.99 -2.33
CA ILE A 214 -9.27 -20.74 -1.54
C ILE A 214 -9.94 -21.85 -0.73
N THR A 215 -9.99 -23.04 -1.26
CA THR A 215 -10.62 -24.17 -0.54
C THR A 215 -9.69 -24.70 0.56
N ASP A 216 -10.24 -25.29 1.58
CA ASP A 216 -9.40 -25.83 2.68
C ASP A 216 -8.44 -24.75 3.20
N SER A 217 -8.97 -23.72 3.80
CA SER A 217 -8.09 -22.63 4.33
C SER A 217 -7.78 -22.88 5.81
N GLN A 218 -6.77 -22.23 6.33
CA GLN A 218 -6.41 -22.41 7.77
C GLN A 218 -5.23 -21.50 8.14
N PRO A 219 -4.11 -21.65 7.44
CA PRO A 219 -2.94 -20.80 7.74
C PRO A 219 -3.27 -19.32 7.51
N GLY A 220 -2.33 -18.45 7.70
CA GLY A 220 -2.60 -17.00 7.48
C GLY A 220 -2.17 -16.20 8.72
N ASP A 221 -2.65 -16.58 9.88
CA ASP A 221 -2.28 -15.84 11.12
C ASP A 221 -2.55 -14.35 10.93
N SER A 222 -3.72 -14.02 10.44
CA SER A 222 -4.08 -12.58 10.22
C SER A 222 -3.19 -11.98 9.13
N ALA A 223 -3.75 -11.69 7.98
CA ALA A 223 -2.96 -11.10 6.87
C ALA A 223 -3.90 -10.46 5.84
N THR A 224 -3.44 -9.44 5.18
CA THR A 224 -4.30 -8.76 4.17
C THR A 224 -3.78 -9.01 2.76
N TYR A 225 -4.66 -9.28 1.83
CA TYR A 225 -4.22 -9.53 0.43
C TYR A 225 -4.28 -8.23 -0.38
N PHE A 226 -3.15 -7.65 -0.69
CA PHE A 226 -3.14 -6.37 -1.47
C PHE A 226 -3.52 -6.63 -2.93
N CYS A 227 -4.41 -5.83 -3.46
CA CYS A 227 -4.83 -6.01 -4.87
C CYS A 227 -4.43 -4.78 -5.69
N ALA A 228 -3.43 -4.91 -6.53
CA ALA A 228 -2.99 -3.75 -7.35
C ALA A 228 -2.91 -4.13 -8.84
N ALA A 229 -2.61 -3.18 -9.69
CA ALA A 229 -2.51 -3.49 -11.15
C ALA A 229 -1.36 -2.71 -11.78
N THR A 230 -0.76 -3.25 -12.80
CA THR A 230 0.37 -2.54 -13.47
C THR A 230 -0.08 -1.97 -14.81
N GLY A 231 0.80 -1.90 -15.78
CA GLY A 231 0.41 -1.35 -17.11
C GLY A 231 1.58 -0.57 -17.69
N SER A 232 2.14 0.33 -16.93
CA SER A 232 3.30 1.12 -17.42
C SER A 232 4.59 0.65 -16.75
N PHE A 233 5.60 1.47 -16.74
CA PHE A 233 6.89 1.06 -16.10
C PHE A 233 6.95 1.59 -14.66
N ASN A 234 7.37 0.77 -13.73
CA ASN A 234 7.46 1.22 -12.30
C ASN A 234 6.16 1.91 -11.86
N LYS A 235 5.04 1.28 -12.06
CA LYS A 235 3.75 1.89 -11.67
C LYS A 235 2.74 0.83 -11.25
N LEU A 236 2.16 0.96 -10.09
CA LEU A 236 1.16 -0.05 -9.62
C LEU A 236 0.04 0.65 -8.85
N THR A 237 -1.17 0.55 -9.32
CA THR A 237 -2.31 1.21 -8.62
C THR A 237 -2.92 0.27 -7.58
N PHE A 238 -2.89 0.66 -6.33
CA PHE A 238 -3.47 -0.21 -5.26
C PHE A 238 -4.92 0.18 -5.00
N GLY A 239 -5.68 -0.66 -4.34
CA GLY A 239 -7.10 -0.32 -4.05
C GLY A 239 -7.52 -0.95 -2.72
N ALA A 240 -6.72 -0.79 -1.70
CA ALA A 240 -7.06 -1.36 -0.38
C ALA A 240 -7.31 -2.87 -0.50
N GLY A 241 -6.31 -3.67 -0.24
CA GLY A 241 -6.50 -5.15 -0.34
C GLY A 241 -7.58 -5.60 0.63
N THR A 242 -7.70 -6.88 0.85
CA THR A 242 -8.74 -7.39 1.78
C THR A 242 -8.09 -7.96 3.04
N ARG A 243 -8.62 -7.63 4.19
CA ARG A 243 -8.03 -8.15 5.46
C ARG A 243 -8.60 -9.53 5.78
N LEU A 244 -7.77 -10.53 5.82
CA LEU A 244 -8.25 -11.91 6.13
C LEU A 244 -7.77 -12.34 7.51
N ALA A 245 -8.63 -12.92 8.30
CA ALA A 245 -8.22 -13.37 9.67
C ALA A 245 -8.77 -14.77 9.95
N VAL A 246 -8.01 -15.59 10.62
CA VAL A 246 -8.48 -16.98 10.94
C VAL A 246 -8.99 -17.04 12.37
N SER A 247 -10.23 -17.40 12.56
CA SER A 247 -10.79 -17.49 13.94
C SER A 247 -10.43 -18.85 14.57
N PRO A 248 -10.02 -18.83 15.81
CA PRO A 248 -9.66 -20.09 16.51
C PRO A 248 -10.88 -21.01 16.63
N TYR A 249 -12.05 -20.43 16.81
CA TYR A 249 -13.28 -21.27 16.94
C TYR A 249 -14.50 -20.44 16.55
N ALA A 1 21.56 -4.50 5.18
CA ALA A 1 20.30 -5.14 4.73
C ALA A 1 19.21 -4.09 4.54
N VAL A 2 18.22 -4.36 3.73
CA VAL A 2 17.12 -3.37 3.52
C VAL A 2 16.50 -2.99 4.87
N THR A 3 16.70 -1.78 5.30
CA THR A 3 16.14 -1.38 6.63
C THR A 3 15.38 -0.06 6.53
N GLN A 4 14.99 0.46 7.66
CA GLN A 4 14.25 1.75 7.69
C GLN A 4 14.46 2.44 9.04
N SER A 5 14.13 3.70 9.14
CA SER A 5 14.34 4.42 10.43
C SER A 5 13.72 3.63 11.60
N PRO A 6 14.27 3.80 12.78
CA PRO A 6 13.75 3.08 13.96
C PRO A 6 12.30 3.48 14.25
N ARG A 7 11.86 3.33 15.47
CA ARG A 7 10.47 3.69 15.82
C ARG A 7 10.45 4.54 17.09
N ASN A 8 9.35 4.55 17.81
CA ASN A 8 9.27 5.36 19.07
C ASN A 8 9.62 6.82 18.77
N LYS A 9 9.30 7.29 17.60
CA LYS A 9 9.61 8.71 17.25
C LYS A 9 8.33 9.44 16.83
N VAL A 10 8.04 10.55 17.46
CA VAL A 10 6.80 11.31 17.09
C VAL A 10 7.16 12.76 16.75
N ALA A 11 6.28 13.45 16.07
CA ALA A 11 6.56 14.86 15.71
C ALA A 11 5.40 15.75 16.19
N VAL A 12 5.62 17.04 16.21
CA VAL A 12 4.54 17.97 16.66
C VAL A 12 4.06 18.79 15.46
N THR A 13 3.20 19.74 15.68
CA THR A 13 2.69 20.58 14.55
C THR A 13 3.85 21.04 13.67
N GLY A 14 3.92 20.55 12.47
CA GLY A 14 5.03 20.95 11.55
C GLY A 14 6.38 20.64 12.22
N GLY A 15 6.57 19.41 12.64
CA GLY A 15 7.85 19.05 13.31
C GLY A 15 8.86 18.61 12.25
N LYS A 16 8.92 17.33 11.98
CA LYS A 16 9.89 16.82 10.96
C LYS A 16 9.69 15.31 10.76
N VAL A 17 10.14 14.79 9.65
CA VAL A 17 9.98 13.32 9.40
C VAL A 17 11.32 12.72 8.99
N THR A 18 11.89 11.90 9.82
CA THR A 18 13.20 11.29 9.48
C THR A 18 13.00 9.84 9.02
N LEU A 19 13.38 9.53 7.81
CA LEU A 19 13.20 8.14 7.30
C LEU A 19 14.51 7.63 6.69
N SER A 20 15.21 6.79 7.39
CA SER A 20 16.49 6.24 6.85
C SER A 20 16.30 4.78 6.43
N CYS A 21 16.45 4.50 5.17
CA CYS A 21 16.27 3.10 4.68
C CYS A 21 17.51 2.66 3.90
N ASN A 22 18.03 1.49 4.21
CA ASN A 22 19.24 1.00 3.48
C ASN A 22 18.81 0.01 2.39
N GLN A 23 19.68 -0.29 1.47
CA GLN A 23 19.32 -1.24 0.38
C GLN A 23 20.49 -2.18 0.07
N THR A 24 20.24 -3.46 0.06
CA THR A 24 21.32 -4.44 -0.25
C THR A 24 20.75 -5.86 -0.22
N ASN A 25 19.70 -6.09 -0.94
CA ASN A 25 19.09 -7.45 -0.98
C ASN A 25 18.94 -7.88 -2.44
N ASN A 26 19.83 -7.42 -3.29
CA ASN A 26 19.76 -7.77 -4.75
C ASN A 26 18.53 -7.13 -5.38
N HIS A 27 18.27 -5.90 -5.03
CA HIS A 27 17.09 -5.19 -5.62
C HIS A 27 17.52 -3.84 -6.19
N ASN A 28 17.43 -3.69 -7.49
CA ASN A 28 17.85 -2.39 -8.11
C ASN A 28 16.65 -1.45 -8.21
N ASN A 29 15.63 -1.67 -7.42
CA ASN A 29 14.43 -0.77 -7.47
C ASN A 29 13.81 -0.64 -6.08
N MET A 30 13.48 0.56 -5.68
CA MET A 30 12.87 0.75 -4.33
C MET A 30 11.55 1.51 -4.45
N TYR A 31 10.58 1.17 -3.63
CA TYR A 31 9.26 1.86 -3.70
C TYR A 31 8.91 2.46 -2.33
N TRP A 32 8.21 3.56 -2.32
CA TRP A 32 7.84 4.20 -1.03
C TRP A 32 6.31 4.24 -0.88
N TYR A 33 5.78 3.63 0.14
CA TYR A 33 4.31 3.64 0.34
C TYR A 33 3.96 4.19 1.72
N ARG A 34 2.70 4.46 1.96
CA ARG A 34 2.28 4.99 3.29
C ARG A 34 1.00 4.30 3.76
N GLN A 35 0.75 4.29 5.05
CA GLN A 35 -0.48 3.62 5.57
C GLN A 35 -1.40 4.65 6.23
N ASP A 36 -2.68 4.47 6.14
CA ASP A 36 -3.63 5.43 6.78
C ASP A 36 -4.76 4.67 7.49
N THR A 37 -5.73 4.19 6.75
CA THR A 37 -6.85 3.43 7.38
C THR A 37 -6.47 1.95 7.53
N GLY A 38 -7.45 1.10 7.71
CA GLY A 38 -7.13 -0.36 7.85
C GLY A 38 -6.28 -0.82 6.68
N HIS A 39 -6.44 -0.20 5.54
CA HIS A 39 -5.63 -0.58 4.35
C HIS A 39 -4.85 0.64 3.85
N GLY A 40 -5.55 1.70 3.55
CA GLY A 40 -4.88 2.94 3.05
C GLY A 40 -3.93 2.61 1.91
N LEU A 41 -2.65 2.54 2.18
CA LEU A 41 -1.66 2.22 1.11
C LEU A 41 -1.70 3.29 0.02
N ARG A 42 -0.64 4.04 -0.12
CA ARG A 42 -0.60 5.10 -1.17
C ARG A 42 0.84 5.41 -1.56
N LEU A 43 1.16 5.30 -2.82
CA LEU A 43 2.56 5.59 -3.26
C LEU A 43 2.82 7.10 -3.25
N ILE A 44 3.97 7.51 -2.79
CA ILE A 44 4.28 8.96 -2.75
C ILE A 44 5.72 9.20 -3.21
N HIS A 45 6.60 8.30 -2.87
CA HIS A 45 8.03 8.46 -3.28
C HIS A 45 8.46 7.30 -4.19
N TYR A 46 9.52 7.49 -4.94
CA TYR A 46 10.01 6.42 -5.86
C TYR A 46 11.51 6.55 -6.05
N SER A 47 12.22 5.45 -6.19
CA SER A 47 13.69 5.53 -6.39
C SER A 47 14.26 4.16 -6.79
N TYR A 48 15.52 4.13 -7.16
CA TYR A 48 16.14 2.84 -7.56
C TYR A 48 17.50 2.69 -6.89
N GLY A 49 18.38 3.64 -7.09
CA GLY A 49 19.73 3.56 -6.45
C GLY A 49 20.71 4.52 -7.12
N ALA A 50 21.65 5.02 -6.37
CA ALA A 50 22.67 5.97 -6.93
C ALA A 50 22.01 7.16 -7.64
N GLY A 51 21.79 8.23 -6.92
CA GLY A 51 21.18 9.45 -7.53
C GLY A 51 19.98 9.06 -8.39
N SER A 52 18.96 8.52 -7.79
CA SER A 52 17.76 8.12 -8.58
C SER A 52 16.49 8.44 -7.81
N THR A 53 16.45 9.57 -7.15
CA THR A 53 15.22 9.96 -6.39
C THR A 53 14.10 10.34 -7.35
N GLU A 54 12.91 9.86 -7.10
CA GLU A 54 11.77 10.18 -8.00
C GLU A 54 10.49 10.35 -7.17
N LYS A 55 9.55 11.10 -7.67
CA LYS A 55 8.27 11.30 -6.93
C LYS A 55 7.29 10.18 -7.24
N GLY A 56 6.33 9.96 -6.39
CA GLY A 56 5.34 8.87 -6.63
C GLY A 56 4.11 9.44 -7.33
N ASP A 57 3.15 9.90 -6.57
CA ASP A 57 1.92 10.47 -7.19
C ASP A 57 1.62 11.85 -6.59
N ILE A 58 1.25 11.90 -5.34
CA ILE A 58 0.94 13.21 -4.70
C ILE A 58 1.93 13.51 -3.56
N PRO A 59 3.07 14.07 -3.92
CA PRO A 59 4.10 14.41 -2.92
C PRO A 59 3.55 15.42 -1.91
N ASP A 60 4.34 15.78 -0.92
CA ASP A 60 3.86 16.74 0.10
C ASP A 60 5.05 17.39 0.83
N GLY A 61 5.84 18.15 0.12
CA GLY A 61 7.01 18.82 0.77
C GLY A 61 7.96 17.74 1.32
N TYR A 62 8.19 16.69 0.58
CA TYR A 62 9.10 15.62 1.06
C TYR A 62 10.44 15.71 0.34
N LYS A 63 11.52 15.54 1.05
CA LYS A 63 12.86 15.61 0.41
C LYS A 63 13.54 14.25 0.48
N ALA A 64 14.08 13.77 -0.60
CA ALA A 64 14.74 12.43 -0.59
C ALA A 64 16.14 12.52 -1.22
N SER A 65 17.05 11.73 -0.74
CA SER A 65 18.43 11.76 -1.30
C SER A 65 18.97 10.33 -1.48
N ARG A 66 19.75 10.12 -2.51
CA ARG A 66 20.32 8.76 -2.74
C ARG A 66 21.82 8.87 -3.01
N PRO A 67 22.58 9.02 -1.96
CA PRO A 67 24.05 9.13 -2.08
C PRO A 67 24.61 7.89 -2.76
N SER A 68 24.10 6.74 -2.40
CA SER A 68 24.60 5.47 -3.01
C SER A 68 23.46 4.47 -3.18
N GLN A 69 23.61 3.51 -4.05
CA GLN A 69 22.54 2.49 -4.26
C GLN A 69 22.19 1.81 -2.94
N GLU A 70 23.12 1.74 -2.03
CA GLU A 70 22.84 1.06 -0.72
C GLU A 70 22.27 2.06 0.28
N ASN A 71 22.65 3.30 0.18
CA ASN A 71 22.14 4.32 1.15
C ASN A 71 21.01 5.13 0.51
N PHE A 72 19.88 5.21 1.16
CA PHE A 72 18.74 5.98 0.59
C PHE A 72 17.80 6.42 1.71
N SER A 73 17.70 7.70 1.95
CA SER A 73 16.81 8.20 3.04
C SER A 73 16.11 9.49 2.60
N LEU A 74 15.02 9.83 3.23
CA LEU A 74 14.30 11.08 2.86
C LEU A 74 13.57 11.64 4.10
N ILE A 75 13.18 12.88 4.07
CA ILE A 75 12.48 13.48 5.25
C ILE A 75 11.49 14.54 4.80
N LEU A 76 10.77 15.12 5.75
CA LEU A 76 9.79 16.18 5.41
C LEU A 76 9.97 17.33 6.40
N GLU A 77 9.46 18.50 6.08
CA GLU A 77 9.62 19.66 7.01
C GLU A 77 8.28 20.37 7.22
N LEU A 78 7.22 19.86 6.66
CA LEU A 78 5.89 20.52 6.84
C LEU A 78 4.83 19.48 7.20
N ALA A 79 4.85 19.00 8.42
CA ALA A 79 3.84 17.98 8.84
C ALA A 79 2.62 18.65 9.47
N THR A 80 1.45 18.19 9.16
CA THR A 80 0.21 18.80 9.75
C THR A 80 -0.59 17.73 10.49
N PRO A 81 -1.52 18.16 11.31
CA PRO A 81 -2.37 17.22 12.10
C PRO A 81 -3.31 16.42 11.18
N SER A 82 -2.82 15.92 10.07
CA SER A 82 -3.67 15.13 9.15
C SER A 82 -2.85 14.66 7.94
N GLN A 83 -1.58 14.42 8.13
CA GLN A 83 -0.72 13.97 6.99
C GLN A 83 0.28 12.90 7.46
N THR A 84 0.74 13.00 8.67
CA THR A 84 1.72 11.99 9.18
C THR A 84 1.18 10.57 9.00
N SER A 85 1.98 9.57 9.24
CA SER A 85 1.52 8.15 9.07
C SER A 85 2.71 7.20 9.17
N VAL A 86 2.57 6.00 8.65
CA VAL A 86 3.70 5.03 8.70
C VAL A 86 4.35 4.92 7.32
N TYR A 87 5.63 5.23 7.23
CA TYR A 87 6.33 5.16 5.92
C TYR A 87 6.92 3.75 5.73
N PHE A 88 6.83 3.22 4.54
CA PHE A 88 7.39 1.86 4.28
C PHE A 88 8.42 1.91 3.14
N CYS A 89 9.52 1.23 3.31
CA CYS A 89 10.56 1.23 2.25
C CYS A 89 10.82 -0.21 1.77
N ALA A 90 10.28 -0.57 0.64
CA ALA A 90 10.48 -1.97 0.14
C ALA A 90 11.23 -1.96 -1.20
N SER A 91 12.08 -2.93 -1.42
CA SER A 91 12.84 -2.99 -2.70
C SER A 91 12.79 -4.41 -3.28
N GLY A 92 12.52 -4.55 -4.54
CA GLY A 92 12.46 -5.91 -5.15
C GLY A 92 13.50 -6.02 -6.27
N GLY A 93 13.71 -7.19 -6.79
CA GLY A 93 14.70 -7.37 -7.88
C GLY A 93 14.02 -7.16 -9.24
N GLN A 94 14.56 -7.74 -10.27
CA GLN A 94 13.95 -7.57 -11.63
C GLN A 94 13.33 -8.89 -12.10
N GLY A 95 12.18 -8.83 -12.71
CA GLY A 95 11.52 -10.09 -13.19
C GLY A 95 10.31 -10.39 -12.32
N ARG A 96 9.48 -9.42 -12.07
CA ARG A 96 8.27 -9.65 -11.22
C ARG A 96 8.67 -10.29 -9.88
N ALA A 97 9.08 -9.50 -8.94
CA ALA A 97 9.48 -10.07 -7.62
C ALA A 97 8.78 -9.32 -6.47
N GLU A 98 8.56 -9.97 -5.37
CA GLU A 98 7.87 -9.30 -4.22
C GLU A 98 8.83 -8.31 -3.55
N GLN A 99 8.31 -7.29 -2.92
CA GLN A 99 9.18 -6.28 -2.24
C GLN A 99 9.60 -6.80 -0.87
N PHE A 100 10.75 -6.38 -0.39
CA PHE A 100 11.23 -6.86 0.93
C PHE A 100 11.56 -5.69 1.87
N PHE A 101 10.60 -4.86 2.18
CA PHE A 101 10.89 -3.71 3.10
C PHE A 101 11.25 -4.22 4.49
N GLY A 102 12.01 -3.46 5.23
CA GLY A 102 12.38 -3.88 6.61
C GLY A 102 11.49 -3.15 7.63
N PRO A 103 11.98 -3.00 8.84
CA PRO A 103 11.21 -2.30 9.89
C PRO A 103 10.91 -0.86 9.47
N GLY A 104 9.81 -0.65 8.79
CA GLY A 104 9.44 0.73 8.35
C GLY A 104 9.36 1.66 9.55
N THR A 105 8.94 2.88 9.33
CA THR A 105 8.82 3.86 10.45
C THR A 105 7.36 4.30 10.62
N ARG A 106 6.99 4.68 11.82
CA ARG A 106 5.59 5.13 12.06
C ARG A 106 5.58 6.33 13.02
N LEU A 107 5.18 7.48 12.54
CA LEU A 107 5.14 8.68 13.43
C LEU A 107 3.90 9.53 13.16
N THR A 108 3.39 10.17 14.17
CA THR A 108 2.18 11.03 14.01
C THR A 108 2.49 12.46 14.47
N VAL A 109 2.03 13.44 13.75
CA VAL A 109 2.30 14.85 14.15
C VAL A 109 1.13 15.41 14.97
N LEU A 110 1.44 16.06 16.07
CA LEU A 110 0.35 16.63 16.92
C LEU A 110 -0.14 17.95 16.33
N GLY A 111 -0.76 18.78 17.14
CA GLY A 111 -1.26 20.09 16.64
C GLY A 111 -2.77 20.18 16.86
N SER A 112 -3.24 21.30 17.34
CA SER A 112 -4.70 21.46 17.59
C SER A 112 -5.34 22.33 16.50
N ASP A 113 -6.46 21.91 15.97
CA ASP A 113 -7.13 22.71 14.91
C ASP A 113 -8.15 23.68 15.54
N TYR A 114 -8.19 24.90 15.07
CA TYR A 114 -9.15 25.89 15.65
C TYR A 114 -10.58 25.49 15.27
N LYS A 115 -11.44 25.31 16.24
CA LYS A 115 -12.85 24.94 15.95
C LYS A 115 -13.77 26.14 16.19
N ASP A 116 -15.02 26.03 15.80
CA ASP A 116 -15.97 27.16 16.00
C ASP A 116 -17.36 26.62 16.35
N ASP A 117 -18.24 27.48 16.79
CA ASP A 117 -19.62 27.02 17.14
C ASP A 117 -20.57 28.22 17.24
N ASP A 118 -21.74 28.02 17.79
CA ASP A 118 -22.70 29.15 17.90
C ASP A 118 -23.03 29.41 19.37
N ASP A 119 -23.81 30.43 19.64
CA ASP A 119 -24.17 30.74 21.05
C ASP A 119 -25.69 30.83 21.22
N LYS A 120 -26.40 29.93 20.59
CA LYS A 120 -27.89 29.95 20.70
C LYS A 120 -28.40 28.61 21.23
N ARG A 121 -29.68 28.48 21.40
CA ARG A 121 -30.24 27.19 21.91
C ARG A 121 -31.24 26.61 20.90
N SER A 122 -30.89 26.60 19.65
CA SER A 122 -31.81 26.05 18.62
C SER A 122 -31.92 24.53 18.75
N GLY A 123 -30.86 23.89 19.19
CA GLY A 123 -30.90 22.41 19.35
C GLY A 123 -29.65 21.94 20.11
N GLY A 124 -28.91 21.02 19.55
CA GLY A 124 -27.69 20.53 20.23
C GLY A 124 -26.93 19.57 19.30
N GLY A 125 -26.07 20.10 18.48
CA GLY A 125 -25.30 19.22 17.55
C GLY A 125 -24.63 20.09 16.48
N GLY A 126 -23.37 19.83 16.19
CA GLY A 126 -22.66 20.63 15.16
C GLY A 126 -22.22 19.73 14.01
N SER A 127 -22.70 18.51 13.96
CA SER A 127 -22.30 17.57 12.86
C SER A 127 -20.77 17.51 12.74
N GLY A 128 -20.27 17.12 11.60
CA GLY A 128 -18.79 17.03 11.41
C GLY A 128 -18.48 16.06 10.28
N GLY A 129 -18.89 16.37 9.08
CA GLY A 129 -18.61 15.46 7.93
C GLY A 129 -18.99 16.15 6.62
N GLY A 130 -19.59 15.42 5.71
CA GLY A 130 -19.99 16.03 4.41
C GLY A 130 -21.46 15.71 4.13
N GLY A 131 -21.91 15.98 2.94
CA GLY A 131 -23.34 15.68 2.60
C GLY A 131 -23.43 14.31 1.93
N SER A 132 -23.96 14.26 0.73
CA SER A 132 -24.08 12.95 0.03
C SER A 132 -22.75 12.60 -0.64
N GLY A 133 -22.70 11.49 -1.35
CA GLY A 133 -21.45 11.08 -2.02
C GLY A 133 -21.61 9.68 -2.62
N GLY A 134 -20.53 8.96 -2.78
CA GLY A 134 -20.62 7.59 -3.35
C GLY A 134 -19.50 7.38 -4.36
N SER A 135 -19.21 8.39 -5.15
CA SER A 135 -18.13 8.26 -6.17
C SER A 135 -17.28 9.53 -6.20
N GLY A 136 -16.58 9.77 -7.28
CA GLY A 136 -15.73 10.98 -7.37
C GLY A 136 -14.26 10.58 -7.40
N ALA A 137 -13.80 9.92 -6.35
CA ALA A 137 -12.37 9.49 -6.32
C ALA A 137 -12.08 8.48 -7.43
N GLN A 138 -10.83 8.26 -7.73
CA GLN A 138 -10.49 7.29 -8.80
C GLN A 138 -10.13 5.92 -8.19
N GLN A 139 -10.80 5.56 -7.13
CA GLN A 139 -10.49 4.24 -6.49
C GLN A 139 -11.17 3.10 -7.26
N GLN A 140 -10.74 2.87 -8.47
CA GLN A 140 -11.35 1.78 -9.29
C GLN A 140 -11.31 0.44 -8.55
N VAL A 141 -10.15 0.06 -8.06
CA VAL A 141 -10.04 -1.24 -7.32
C VAL A 141 -11.07 -1.30 -6.19
N ARG A 142 -11.99 -2.22 -6.27
CA ARG A 142 -13.03 -2.34 -5.21
C ARG A 142 -12.97 -3.73 -4.58
N GLN A 143 -12.39 -3.84 -3.41
CA GLN A 143 -12.30 -5.17 -2.74
C GLN A 143 -13.69 -5.77 -2.53
N SER A 144 -13.77 -7.06 -2.33
CA SER A 144 -15.10 -7.71 -2.12
C SER A 144 -15.90 -6.95 -1.04
N PRO A 145 -17.13 -6.59 -1.37
CA PRO A 145 -17.98 -5.85 -0.42
C PRO A 145 -18.26 -6.69 0.84
N GLN A 146 -18.40 -6.05 1.97
CA GLN A 146 -18.67 -6.78 3.25
C GLN A 146 -17.54 -7.76 3.57
N SER A 147 -16.40 -7.61 2.94
CA SER A 147 -15.25 -8.53 3.21
C SER A 147 -15.72 -9.99 3.26
N LEU A 148 -14.98 -10.83 3.93
CA LEU A 148 -15.37 -12.27 4.02
C LEU A 148 -14.47 -13.00 5.02
N THR A 149 -14.90 -14.12 5.53
CA THR A 149 -14.07 -14.89 6.50
C THR A 149 -13.86 -16.32 6.00
N VAL A 150 -12.73 -16.91 6.32
CA VAL A 150 -12.47 -18.30 5.86
C VAL A 150 -12.92 -19.31 6.92
N TRP A 151 -13.35 -18.84 8.07
CA TRP A 151 -13.81 -19.77 9.15
C TRP A 151 -12.68 -20.71 9.57
N GLU A 152 -11.46 -20.41 9.22
CA GLU A 152 -10.31 -21.28 9.60
C GLU A 152 -10.60 -22.74 9.22
N GLY A 153 -10.19 -23.16 8.04
CA GLY A 153 -10.43 -24.56 7.63
C GLY A 153 -11.18 -24.58 6.29
N GLU A 154 -12.28 -23.86 6.22
CA GLU A 154 -13.06 -23.83 4.95
C GLU A 154 -12.27 -23.14 3.84
N THR A 155 -12.73 -23.21 2.63
CA THR A 155 -12.00 -22.55 1.50
C THR A 155 -12.22 -21.03 1.55
N THR A 156 -11.57 -20.30 0.68
CA THR A 156 -11.74 -18.82 0.68
C THR A 156 -11.99 -18.32 -0.75
N ILE A 157 -12.86 -17.36 -0.90
CA ILE A 157 -13.14 -16.82 -2.27
C ILE A 157 -13.11 -15.29 -2.23
N LEU A 158 -12.04 -14.69 -2.66
CA LEU A 158 -11.95 -13.20 -2.66
C LEU A 158 -12.52 -12.63 -3.96
N ASN A 159 -12.85 -11.37 -3.95
CA ASN A 159 -13.42 -10.75 -5.19
C ASN A 159 -13.00 -9.28 -5.30
N CYS A 160 -12.07 -8.98 -6.16
CA CYS A 160 -11.63 -7.56 -6.32
C CYS A 160 -12.31 -6.93 -7.54
N SER A 161 -12.26 -5.62 -7.65
CA SER A 161 -12.91 -4.96 -8.82
C SER A 161 -11.96 -3.94 -9.45
N TYR A 162 -12.39 -3.27 -10.49
CA TYR A 162 -11.51 -2.26 -11.15
C TYR A 162 -12.31 -1.47 -12.20
N GLU A 163 -11.68 -0.55 -12.86
CA GLU A 163 -12.40 0.25 -13.90
C GLU A 163 -11.39 0.90 -14.86
N ASP A 164 -10.27 0.28 -15.06
CA ASP A 164 -9.25 0.86 -15.99
C ASP A 164 -8.49 -0.27 -16.70
N SER A 165 -7.77 0.07 -17.75
CA SER A 165 -7.00 -0.97 -18.49
C SER A 165 -5.65 -0.41 -18.93
N THR A 166 -5.15 0.56 -18.21
CA THR A 166 -3.83 1.16 -18.57
C THR A 166 -2.72 0.58 -17.69
N PHE A 167 -2.93 -0.61 -17.18
CA PHE A 167 -1.91 -1.25 -16.30
C PHE A 167 -1.40 -2.53 -16.93
N ASP A 168 -0.34 -3.10 -16.40
CA ASP A 168 0.20 -4.37 -16.98
C ASP A 168 -0.14 -5.55 -16.06
N TYR A 169 -0.06 -5.36 -14.77
CA TYR A 169 -0.39 -6.47 -13.82
C TYR A 169 -0.94 -5.91 -12.52
N PHE A 170 -1.27 -6.75 -11.58
CA PHE A 170 -1.82 -6.26 -10.29
C PHE A 170 -1.11 -6.94 -9.11
N PRO A 171 -0.14 -6.27 -8.53
CA PRO A 171 0.59 -6.84 -7.37
C PRO A 171 -0.37 -7.11 -6.22
N TRP A 172 -0.79 -8.34 -6.06
CA TRP A 172 -1.74 -8.67 -4.95
C TRP A 172 -1.00 -8.65 -3.61
N TYR A 173 -0.75 -7.50 -3.07
CA TYR A 173 -0.04 -7.41 -1.76
C TYR A 173 -0.87 -8.10 -0.67
N ARG A 174 -0.31 -8.23 0.51
CA ARG A 174 -1.06 -8.89 1.62
C ARG A 174 -0.67 -8.26 2.96
N GLN A 175 -1.35 -7.22 3.36
CA GLN A 175 -1.01 -6.55 4.65
C GLN A 175 -1.64 -7.34 5.82
N PHE A 176 -0.85 -7.67 6.80
CA PHE A 176 -1.40 -8.43 7.96
C PHE A 176 -1.69 -7.48 9.13
N PRO A 177 -2.45 -7.94 10.09
CA PRO A 177 -2.80 -7.12 11.27
C PRO A 177 -1.53 -6.76 12.05
N GLY A 178 -0.53 -7.61 12.00
CA GLY A 178 0.73 -7.32 12.73
C GLY A 178 1.52 -6.25 11.96
N LYS A 179 2.78 -6.49 11.74
CA LYS A 179 3.61 -5.49 10.98
C LYS A 179 4.61 -6.20 10.08
N SER A 180 4.13 -6.92 9.09
CA SER A 180 5.07 -7.63 8.17
C SER A 180 4.37 -7.96 6.83
N PRO A 181 3.91 -6.94 6.16
CA PRO A 181 3.23 -7.14 4.85
C PRO A 181 4.18 -7.78 3.84
N ALA A 182 3.72 -8.01 2.64
CA ALA A 182 4.60 -8.63 1.59
C ALA A 182 3.77 -8.97 0.35
N LEU A 183 4.34 -8.82 -0.83
CA LEU A 183 3.58 -9.13 -2.07
C LEU A 183 3.41 -10.64 -2.20
N LEU A 184 2.36 -11.07 -2.86
CA LEU A 184 2.14 -12.54 -3.04
C LEU A 184 2.43 -12.94 -4.49
N ILE A 185 1.66 -12.45 -5.43
CA ILE A 185 1.91 -12.79 -6.85
C ILE A 185 1.45 -11.65 -7.76
N ALA A 186 1.21 -11.94 -9.00
CA ALA A 186 0.76 -10.89 -9.95
C ALA A 186 0.17 -11.54 -11.21
N ILE A 187 -0.65 -10.82 -11.94
CA ILE A 187 -1.26 -11.40 -13.17
C ILE A 187 -1.35 -10.31 -14.25
N SER A 188 -2.36 -10.40 -15.09
CA SER A 188 -2.51 -9.37 -16.17
C SER A 188 -3.96 -9.31 -16.63
N LEU A 189 -4.75 -10.18 -16.10
CA LEU A 189 -6.19 -10.24 -16.45
C LEU A 189 -6.35 -10.43 -17.95
N VAL A 190 -5.73 -11.44 -18.51
CA VAL A 190 -5.84 -11.70 -19.97
C VAL A 190 -6.19 -13.15 -20.23
N SER A 191 -6.71 -13.84 -19.24
CA SER A 191 -7.08 -15.27 -19.43
C SER A 191 -8.30 -15.62 -18.58
N ASN A 192 -9.06 -16.61 -18.97
CA ASN A 192 -10.26 -16.99 -18.18
C ASN A 192 -9.87 -17.36 -16.75
N LYS A 193 -8.64 -17.78 -16.55
CA LYS A 193 -8.19 -18.15 -15.18
C LYS A 193 -6.66 -18.12 -15.09
N LYS A 194 -6.13 -17.82 -13.94
CA LYS A 194 -4.65 -17.79 -13.78
C LYS A 194 -4.25 -18.45 -12.46
N GLU A 195 -3.12 -19.10 -12.43
CA GLU A 195 -2.68 -19.78 -11.18
C GLU A 195 -1.26 -19.36 -10.82
N ASP A 196 -1.02 -19.05 -9.57
CA ASP A 196 0.34 -18.63 -9.15
C ASP A 196 0.72 -19.29 -7.82
N GLY A 197 0.87 -20.59 -7.81
CA GLY A 197 1.23 -21.29 -6.55
C GLY A 197 0.18 -22.36 -6.24
N ARG A 198 -0.71 -22.09 -5.32
CA ARG A 198 -1.76 -23.09 -4.97
C ARG A 198 -3.16 -22.52 -5.22
N PHE A 199 -3.27 -21.23 -5.40
CA PHE A 199 -4.61 -20.61 -5.64
C PHE A 199 -4.68 -20.05 -7.07
N THR A 200 -5.86 -19.89 -7.59
CA THR A 200 -6.01 -19.34 -8.97
C THR A 200 -7.02 -18.20 -9.00
N ILE A 201 -7.01 -17.41 -10.03
CA ILE A 201 -7.99 -16.28 -10.13
C ILE A 201 -8.98 -16.54 -11.25
N PHE A 202 -10.09 -15.84 -11.24
CA PHE A 202 -11.11 -16.03 -12.30
C PHE A 202 -11.44 -14.68 -12.96
N PHE A 203 -11.90 -14.71 -14.18
CA PHE A 203 -12.24 -13.44 -14.87
C PHE A 203 -13.76 -13.35 -15.11
N ASN A 204 -14.42 -12.45 -14.43
CA ASN A 204 -15.88 -12.30 -14.60
C ASN A 204 -16.17 -11.24 -15.67
N LYS A 205 -16.62 -11.65 -16.82
CA LYS A 205 -16.92 -10.67 -17.91
C LYS A 205 -18.28 -10.01 -17.65
N ARG A 206 -19.24 -10.79 -17.22
CA ARG A 206 -20.60 -10.24 -16.96
C ARG A 206 -20.55 -9.25 -15.78
N GLU A 207 -19.74 -9.53 -14.79
CA GLU A 207 -19.65 -8.61 -13.61
C GLU A 207 -18.35 -7.80 -13.65
N LYS A 208 -17.44 -8.15 -14.53
CA LYS A 208 -16.15 -7.40 -14.62
C LYS A 208 -15.46 -7.35 -13.25
N LYS A 209 -15.04 -8.47 -12.74
CA LYS A 209 -14.36 -8.48 -11.41
C LYS A 209 -13.41 -9.68 -11.32
N LEU A 210 -12.46 -9.64 -10.42
CA LEU A 210 -11.50 -10.78 -10.28
C LEU A 210 -11.83 -11.61 -9.04
N SER A 211 -11.84 -12.91 -9.16
CA SER A 211 -12.15 -13.76 -7.97
C SER A 211 -11.14 -14.92 -7.88
N LEU A 212 -10.54 -15.12 -6.74
CA LEU A 212 -9.55 -16.22 -6.60
C LEU A 212 -10.05 -17.27 -5.58
N HIS A 213 -9.56 -18.47 -5.69
CA HIS A 213 -9.99 -19.55 -4.75
C HIS A 213 -8.85 -19.94 -3.79
N ILE A 214 -9.18 -20.57 -2.70
CA ILE A 214 -8.13 -20.98 -1.72
C ILE A 214 -8.68 -22.10 -0.83
N THR A 215 -8.08 -23.26 -0.88
CA THR A 215 -8.58 -24.39 -0.02
C THR A 215 -7.51 -24.78 1.00
N ASP A 216 -7.89 -25.55 2.00
CA ASP A 216 -6.91 -25.98 3.04
C ASP A 216 -6.20 -24.75 3.62
N SER A 217 -6.86 -24.01 4.47
CA SER A 217 -6.21 -22.81 5.06
C SER A 217 -6.19 -22.91 6.59
N GLN A 218 -5.16 -22.39 7.21
CA GLN A 218 -5.07 -22.45 8.70
C GLN A 218 -5.27 -21.05 9.29
N PRO A 219 -5.37 -20.98 10.59
CA PRO A 219 -5.56 -19.67 11.27
C PRO A 219 -4.39 -18.74 10.96
N GLY A 220 -4.61 -17.46 10.98
CA GLY A 220 -3.51 -16.49 10.68
C GLY A 220 -3.92 -15.10 11.12
N ASP A 221 -4.70 -14.98 12.17
CA ASP A 221 -5.14 -13.64 12.63
C ASP A 221 -5.73 -12.83 11.47
N SER A 222 -6.31 -13.51 10.52
CA SER A 222 -6.91 -12.81 9.34
C SER A 222 -5.83 -12.16 8.47
N ALA A 223 -6.20 -11.67 7.33
CA ALA A 223 -5.20 -11.03 6.42
C ALA A 223 -5.94 -10.19 5.37
N THR A 224 -5.33 -9.15 4.88
CA THR A 224 -6.01 -8.30 3.87
C THR A 224 -5.34 -8.45 2.50
N TYR A 225 -6.10 -8.82 1.51
CA TYR A 225 -5.52 -8.97 0.13
C TYR A 225 -5.54 -7.62 -0.58
N PHE A 226 -4.40 -7.00 -0.68
CA PHE A 226 -4.32 -5.67 -1.36
C PHE A 226 -4.39 -5.82 -2.88
N CYS A 227 -5.41 -5.28 -3.49
CA CYS A 227 -5.53 -5.38 -4.98
C CYS A 227 -5.10 -4.06 -5.63
N ALA A 228 -4.02 -4.07 -6.35
CA ALA A 228 -3.55 -2.82 -7.00
C ALA A 228 -3.22 -3.07 -8.48
N ALA A 229 -3.00 -2.03 -9.24
CA ALA A 229 -2.68 -2.21 -10.69
C ALA A 229 -1.56 -1.25 -11.10
N THR A 230 -0.68 -1.70 -11.96
CA THR A 230 0.45 -0.82 -12.41
C THR A 230 1.16 -1.46 -13.61
N GLY A 231 2.26 -0.89 -14.03
CA GLY A 231 3.00 -1.47 -15.19
C GLY A 231 3.27 -0.37 -16.22
N SER A 232 2.52 0.70 -16.18
CA SER A 232 2.73 1.80 -17.17
C SER A 232 3.46 2.96 -16.48
N PHE A 233 2.81 4.09 -16.30
CA PHE A 233 3.48 5.24 -15.63
C PHE A 233 3.86 4.84 -14.20
N ASN A 234 4.05 5.79 -13.32
CA ASN A 234 4.44 5.43 -11.93
C ASN A 234 3.32 5.81 -10.95
N LYS A 235 2.21 5.12 -11.03
CA LYS A 235 1.08 5.42 -10.10
C LYS A 235 0.29 4.15 -9.82
N LEU A 236 0.61 3.47 -8.75
CA LEU A 236 -0.12 2.21 -8.41
C LEU A 236 -1.50 2.52 -7.83
N THR A 237 -2.54 2.08 -8.48
CA THR A 237 -3.92 2.35 -7.97
C THR A 237 -4.34 1.26 -6.97
N PHE A 238 -4.48 1.62 -5.72
CA PHE A 238 -4.89 0.62 -4.69
C PHE A 238 -6.37 0.78 -4.35
N GLY A 239 -7.01 -0.26 -3.92
CA GLY A 239 -8.46 -0.15 -3.58
C GLY A 239 -8.73 -0.78 -2.21
N ALA A 240 -7.89 -0.50 -1.25
CA ALA A 240 -8.08 -1.07 0.12
C ALA A 240 -8.27 -2.58 0.04
N GLY A 241 -7.21 -3.32 0.18
CA GLY A 241 -7.29 -4.81 0.11
C GLY A 241 -8.44 -5.32 0.96
N THR A 242 -9.17 -6.28 0.46
CA THR A 242 -10.33 -6.84 1.21
C THR A 242 -9.88 -7.29 2.61
N ARG A 243 -10.80 -7.43 3.53
CA ARG A 243 -10.42 -7.86 4.90
C ARG A 243 -10.84 -9.31 5.14
N LEU A 244 -9.96 -10.24 4.89
CA LEU A 244 -10.31 -11.67 5.10
C LEU A 244 -10.08 -12.07 6.56
N ALA A 245 -11.11 -12.51 7.24
CA ALA A 245 -10.94 -12.91 8.67
C ALA A 245 -10.22 -14.26 8.76
N VAL A 246 -9.38 -14.43 9.74
CA VAL A 246 -8.64 -15.71 9.89
C VAL A 246 -7.89 -16.04 8.58
N SER A 247 -8.48 -16.81 7.71
CA SER A 247 -7.81 -17.16 6.42
C SER A 247 -6.44 -17.81 6.68
N PRO A 248 -5.85 -18.35 5.64
CA PRO A 248 -4.53 -19.01 5.77
C PRO A 248 -3.47 -18.01 6.21
N TYR A 249 -2.38 -18.47 6.77
CA TYR A 249 -1.31 -17.54 7.21
C TYR A 249 -0.45 -17.12 6.01
N ALA A 1 21.32 -4.26 4.00
CA ALA A 1 20.04 -4.95 3.69
C ALA A 1 18.87 -3.95 3.75
N VAL A 2 17.76 -4.28 3.16
CA VAL A 2 16.59 -3.35 3.20
C VAL A 2 16.25 -3.00 4.64
N THR A 3 16.50 -1.78 5.04
CA THR A 3 16.21 -1.38 6.44
C THR A 3 15.40 -0.09 6.48
N GLN A 4 15.14 0.39 7.67
CA GLN A 4 14.36 1.65 7.81
C GLN A 4 14.64 2.27 9.19
N SER A 5 14.37 3.54 9.35
CA SER A 5 14.63 4.21 10.66
C SER A 5 13.91 3.45 11.79
N PRO A 6 14.34 3.71 13.01
CA PRO A 6 13.72 3.04 14.18
C PRO A 6 12.24 3.42 14.30
N ARG A 7 11.56 2.88 15.28
CA ARG A 7 10.12 3.20 15.45
C ARG A 7 9.85 3.68 16.88
N ASN A 8 8.64 3.54 17.35
CA ASN A 8 8.32 3.98 18.75
C ASN A 8 8.61 5.48 18.90
N LYS A 9 8.45 6.24 17.86
CA LYS A 9 8.72 7.70 17.94
C LYS A 9 7.48 8.50 17.52
N VAL A 10 7.19 9.57 18.19
CA VAL A 10 5.99 10.38 17.83
C VAL A 10 6.38 11.83 17.57
N ALA A 11 5.55 12.56 16.88
CA ALA A 11 5.86 13.99 16.61
C ALA A 11 4.74 14.87 17.15
N VAL A 12 5.00 16.14 17.26
CA VAL A 12 3.97 17.08 17.77
C VAL A 12 3.60 18.07 16.66
N THR A 13 2.79 19.05 16.96
CA THR A 13 2.40 20.04 15.91
C THR A 13 3.64 20.54 15.18
N GLY A 14 3.79 20.17 13.93
CA GLY A 14 4.98 20.61 13.16
C GLY A 14 6.25 20.06 13.83
N GLY A 15 6.29 18.79 14.11
CA GLY A 15 7.49 18.21 14.78
C GLY A 15 8.54 17.86 13.72
N LYS A 16 8.57 16.64 13.28
CA LYS A 16 9.57 16.22 12.25
C LYS A 16 9.44 14.73 11.96
N VAL A 17 10.00 14.27 10.87
CA VAL A 17 9.90 12.82 10.54
C VAL A 17 11.23 12.32 9.99
N THR A 18 11.83 11.37 10.65
CA THR A 18 13.13 10.82 10.15
C THR A 18 12.90 9.43 9.56
N LEU A 19 13.13 9.27 8.28
CA LEU A 19 12.93 7.94 7.65
C LEU A 19 14.15 7.52 6.84
N SER A 20 15.02 6.74 7.43
CA SER A 20 16.23 6.28 6.70
C SER A 20 16.05 4.82 6.30
N CYS A 21 15.90 4.56 5.03
CA CYS A 21 15.70 3.17 4.56
C CYS A 21 16.68 2.86 3.42
N ASN A 22 17.35 1.74 3.50
CA ASN A 22 18.32 1.37 2.43
C ASN A 22 18.33 -0.14 2.26
N GLN A 23 18.50 -0.62 1.05
CA GLN A 23 18.49 -2.09 0.83
C GLN A 23 19.63 -2.51 -0.09
N THR A 24 19.80 -3.79 -0.28
CA THR A 24 20.88 -4.30 -1.18
C THR A 24 20.65 -5.79 -1.43
N ASN A 25 19.46 -6.15 -1.83
CA ASN A 25 19.18 -7.58 -2.12
C ASN A 25 19.14 -7.79 -3.63
N ASN A 26 19.81 -6.93 -4.36
CA ASN A 26 19.83 -7.05 -5.85
C ASN A 26 18.43 -6.75 -6.41
N HIS A 27 17.79 -5.73 -5.91
CA HIS A 27 16.42 -5.38 -6.41
C HIS A 27 16.53 -4.49 -7.65
N ASN A 28 15.82 -4.82 -8.69
CA ASN A 28 15.86 -3.98 -9.92
C ASN A 28 14.88 -2.81 -9.80
N ASN A 29 14.21 -2.69 -8.68
CA ASN A 29 13.23 -1.57 -8.51
C ASN A 29 12.82 -1.44 -7.04
N MET A 30 12.75 -0.24 -6.54
CA MET A 30 12.35 -0.04 -5.12
C MET A 30 11.05 0.77 -5.05
N TYR A 31 10.16 0.42 -4.15
CA TYR A 31 8.87 1.16 -4.05
C TYR A 31 8.75 1.83 -2.67
N TRP A 32 8.03 2.91 -2.60
CA TRP A 32 7.86 3.62 -1.29
C TRP A 32 6.39 3.99 -1.10
N TYR A 33 5.76 3.46 -0.08
CA TYR A 33 4.32 3.77 0.14
C TYR A 33 4.08 4.24 1.58
N ARG A 34 2.89 4.70 1.85
CA ARG A 34 2.54 5.17 3.24
C ARG A 34 1.10 4.79 3.57
N GLN A 35 0.86 4.36 4.78
CA GLN A 35 -0.53 3.98 5.18
C GLN A 35 -1.21 5.13 5.92
N ASP A 36 -2.30 5.63 5.39
CA ASP A 36 -3.01 6.75 6.07
C ASP A 36 -4.52 6.62 5.86
N THR A 37 -5.00 5.40 5.75
CA THR A 37 -6.46 5.17 5.55
C THR A 37 -7.01 6.11 4.47
N GLY A 38 -8.30 6.35 4.48
CA GLY A 38 -8.89 7.24 3.44
C GLY A 38 -8.85 6.49 2.12
N HIS A 39 -7.68 6.16 1.69
CA HIS A 39 -7.52 5.39 0.43
C HIS A 39 -6.66 4.14 0.72
N GLY A 40 -6.37 3.88 1.97
CA GLY A 40 -5.55 2.68 2.33
C GLY A 40 -4.06 3.02 2.20
N LEU A 41 -3.53 3.02 1.01
CA LEU A 41 -2.08 3.33 0.84
C LEU A 41 -1.88 4.50 -0.13
N ARG A 42 -0.69 5.01 -0.22
CA ARG A 42 -0.42 6.15 -1.15
C ARG A 42 1.07 6.18 -1.51
N LEU A 43 1.37 6.17 -2.78
CA LEU A 43 2.80 6.20 -3.21
C LEU A 43 3.36 7.62 -3.10
N ILE A 44 4.60 7.76 -2.75
CA ILE A 44 5.20 9.12 -2.65
C ILE A 44 6.62 9.11 -3.20
N HIS A 45 7.33 8.03 -3.01
CA HIS A 45 8.72 7.93 -3.51
C HIS A 45 8.94 6.58 -4.20
N TYR A 46 9.98 6.48 -5.00
CA TYR A 46 10.28 5.18 -5.69
C TYR A 46 11.58 5.32 -6.49
N SER A 47 12.51 4.42 -6.28
CA SER A 47 13.80 4.50 -7.03
C SER A 47 14.17 3.13 -7.60
N TYR A 48 14.40 3.07 -8.90
CA TYR A 48 14.75 1.77 -9.53
C TYR A 48 16.10 1.87 -10.23
N GLY A 49 16.57 3.05 -10.53
CA GLY A 49 17.88 3.20 -11.22
C GLY A 49 18.62 4.42 -10.67
N ALA A 50 18.59 4.62 -9.38
CA ALA A 50 19.30 5.79 -8.77
C ALA A 50 18.80 7.10 -9.41
N GLY A 51 19.18 8.22 -8.85
CA GLY A 51 18.74 9.53 -9.40
C GLY A 51 17.21 9.54 -9.52
N SER A 52 16.54 8.81 -8.67
CA SER A 52 15.04 8.76 -8.74
C SER A 52 14.45 8.88 -7.32
N THR A 53 13.75 9.95 -7.05
CA THR A 53 13.16 10.11 -5.69
C THR A 53 12.18 11.30 -5.67
N GLU A 54 11.52 11.50 -4.56
CA GLU A 54 10.53 12.60 -4.41
C GLU A 54 9.73 12.81 -5.70
N LYS A 55 9.00 11.81 -6.11
CA LYS A 55 8.18 11.95 -7.34
C LYS A 55 7.00 10.96 -7.32
N GLY A 56 6.45 10.67 -6.17
CA GLY A 56 5.32 9.70 -6.11
C GLY A 56 4.13 10.25 -6.90
N ASP A 57 3.06 10.60 -6.22
CA ASP A 57 1.86 11.12 -6.94
C ASP A 57 1.72 12.63 -6.70
N ILE A 58 1.51 13.04 -5.48
CA ILE A 58 1.35 14.50 -5.20
C ILE A 58 2.10 14.88 -3.91
N PRO A 59 3.40 14.67 -3.89
CA PRO A 59 4.21 15.02 -2.70
C PRO A 59 4.14 16.53 -2.44
N ASP A 60 4.36 16.94 -1.21
CA ASP A 60 4.31 18.40 -0.90
C ASP A 60 4.84 18.66 0.51
N GLY A 61 5.68 19.66 0.67
CA GLY A 61 6.24 19.97 2.01
C GLY A 61 7.01 18.77 2.55
N TYR A 62 8.06 18.38 1.89
CA TYR A 62 8.85 17.20 2.36
C TYR A 62 10.29 17.30 1.85
N LYS A 63 11.15 16.39 2.26
CA LYS A 63 12.57 16.44 1.80
C LYS A 63 13.12 15.03 1.62
N ALA A 64 13.60 14.70 0.46
CA ALA A 64 14.14 13.34 0.22
C ALA A 64 15.37 13.40 -0.70
N SER A 65 16.17 12.37 -0.69
CA SER A 65 17.39 12.37 -1.57
C SER A 65 17.81 10.93 -1.88
N ARG A 66 18.31 10.69 -3.06
CA ARG A 66 18.74 9.31 -3.43
C ARG A 66 20.16 9.35 -4.02
N PRO A 67 21.13 9.61 -3.17
CA PRO A 67 22.54 9.68 -3.62
C PRO A 67 22.96 8.34 -4.23
N SER A 68 22.56 7.26 -3.61
CA SER A 68 22.94 5.92 -4.15
C SER A 68 21.68 5.13 -4.53
N GLN A 69 21.81 4.21 -5.46
CA GLN A 69 20.61 3.41 -5.87
C GLN A 69 20.17 2.48 -4.75
N GLU A 70 21.01 2.25 -3.78
CA GLU A 70 20.63 1.35 -2.64
C GLU A 70 20.30 2.17 -1.39
N ASN A 71 20.79 3.38 -1.32
CA ASN A 71 20.50 4.22 -0.13
C ASN A 71 19.47 5.30 -0.47
N PHE A 72 18.44 5.42 0.32
CA PHE A 72 17.39 6.44 0.06
C PHE A 72 16.81 6.94 1.38
N SER A 73 16.87 8.23 1.63
CA SER A 73 16.34 8.76 2.92
C SER A 73 15.58 10.07 2.69
N LEU A 74 14.64 10.37 3.54
CA LEU A 74 13.85 11.62 3.40
C LEU A 74 13.16 11.95 4.72
N ILE A 75 12.86 13.20 4.97
CA ILE A 75 12.19 13.57 6.25
C ILE A 75 11.01 14.50 5.99
N LEU A 76 10.23 14.79 7.01
CA LEU A 76 9.07 15.71 6.84
C LEU A 76 9.09 16.77 7.94
N GLU A 77 9.28 18.01 7.57
CA GLU A 77 9.30 19.09 8.60
C GLU A 77 7.89 19.64 8.83
N LEU A 78 6.99 19.37 7.92
CA LEU A 78 5.60 19.88 8.08
C LEU A 78 4.70 18.77 8.64
N ALA A 79 4.83 18.47 9.90
CA ALA A 79 4.00 17.39 10.51
C ALA A 79 2.76 17.99 11.17
N THR A 80 1.63 17.94 10.51
CA THR A 80 0.38 18.49 11.10
C THR A 80 -0.51 17.37 11.62
N PRO A 81 -1.45 17.70 12.48
CA PRO A 81 -2.36 16.69 13.06
C PRO A 81 -3.32 16.13 11.99
N SER A 82 -2.81 15.75 10.85
CA SER A 82 -3.71 15.20 9.78
C SER A 82 -2.90 14.74 8.56
N GLN A 83 -1.64 14.42 8.74
CA GLN A 83 -0.81 13.97 7.59
C GLN A 83 0.14 12.83 8.01
N THR A 84 0.53 12.78 9.26
CA THR A 84 1.45 11.70 9.71
C THR A 84 0.89 10.33 9.33
N SER A 85 1.63 9.28 9.54
CA SER A 85 1.12 7.91 9.16
C SER A 85 2.24 6.87 9.32
N VAL A 86 2.14 5.77 8.60
CA VAL A 86 3.19 4.72 8.70
C VAL A 86 4.03 4.70 7.42
N TYR A 87 5.32 4.93 7.54
CA TYR A 87 6.19 4.94 6.33
C TYR A 87 6.84 3.56 6.13
N PHE A 88 6.61 2.95 4.99
CA PHE A 88 7.21 1.61 4.74
C PHE A 88 7.95 1.61 3.38
N CYS A 89 9.06 0.91 3.31
CA CYS A 89 9.81 0.86 2.02
C CYS A 89 10.22 -0.58 1.72
N ALA A 90 10.08 -1.02 0.50
CA ALA A 90 10.47 -2.41 0.15
C ALA A 90 11.15 -2.45 -1.22
N SER A 91 11.94 -3.47 -1.46
CA SER A 91 12.63 -3.58 -2.79
C SER A 91 12.68 -5.05 -3.22
N GLY A 92 12.30 -5.33 -4.44
CA GLY A 92 12.32 -6.74 -4.93
C GLY A 92 12.83 -6.77 -6.38
N GLY A 93 12.90 -7.93 -6.96
CA GLY A 93 13.39 -8.03 -8.37
C GLY A 93 12.19 -7.94 -9.32
N GLN A 94 12.38 -8.32 -10.55
CA GLN A 94 11.26 -8.26 -11.53
C GLN A 94 10.82 -9.66 -11.95
N GLY A 95 9.62 -9.80 -12.44
CA GLY A 95 9.13 -11.15 -12.85
C GLY A 95 8.56 -11.88 -11.64
N ARG A 96 9.35 -12.71 -11.02
CA ARG A 96 8.85 -13.47 -9.82
C ARG A 96 9.74 -13.19 -8.61
N ALA A 97 9.39 -12.20 -7.83
CA ALA A 97 10.21 -11.88 -6.63
C ALA A 97 9.34 -11.28 -5.52
N GLU A 98 9.69 -11.51 -4.29
CA GLU A 98 8.88 -10.96 -3.16
C GLU A 98 9.43 -9.60 -2.72
N GLN A 99 8.62 -8.80 -2.09
CA GLN A 99 9.11 -7.46 -1.63
C GLN A 99 9.82 -7.58 -0.28
N PHE A 100 11.11 -7.38 -0.26
CA PHE A 100 11.87 -7.48 1.02
C PHE A 100 11.54 -6.29 1.93
N PHE A 101 10.37 -6.29 2.49
CA PHE A 101 9.97 -5.15 3.38
C PHE A 101 10.85 -5.10 4.63
N GLY A 102 11.30 -3.94 5.01
CA GLY A 102 12.15 -3.80 6.22
C GLY A 102 11.30 -3.27 7.38
N PRO A 103 11.93 -3.04 8.50
CA PRO A 103 11.21 -2.52 9.69
C PRO A 103 10.62 -1.13 9.40
N GLY A 104 9.51 -1.08 8.70
CA GLY A 104 8.88 0.24 8.38
C GLY A 104 8.70 1.06 9.65
N THR A 105 8.48 2.35 9.50
CA THR A 105 8.30 3.23 10.68
C THR A 105 6.86 3.74 10.76
N ARG A 106 6.38 4.03 11.94
CA ARG A 106 4.99 4.53 12.08
C ARG A 106 4.92 5.61 13.16
N LEU A 107 4.62 6.82 12.79
CA LEU A 107 4.54 7.91 13.81
C LEU A 107 3.32 8.81 13.56
N THR A 108 2.78 9.38 14.60
CA THR A 108 1.60 10.27 14.45
C THR A 108 1.91 11.64 15.07
N VAL A 109 1.51 12.71 14.42
CA VAL A 109 1.79 14.06 14.96
C VAL A 109 0.59 14.56 15.79
N LEU A 110 0.85 15.10 16.95
CA LEU A 110 -0.27 15.62 17.80
C LEU A 110 -0.52 17.10 17.51
N GLY A 111 -1.29 17.75 18.35
CA GLY A 111 -1.58 19.19 18.14
C GLY A 111 -1.17 19.98 19.38
N SER A 112 -1.40 21.27 19.38
CA SER A 112 -1.02 22.10 20.56
C SER A 112 -2.18 23.02 20.95
N ASP A 113 -2.52 23.95 20.10
CA ASP A 113 -3.64 24.88 20.41
C ASP A 113 -4.77 24.72 19.39
N TYR A 114 -5.52 25.75 19.13
CA TYR A 114 -6.64 25.66 18.14
C TYR A 114 -7.61 24.55 18.56
N LYS A 115 -8.60 24.88 19.35
CA LYS A 115 -9.58 23.83 19.79
C LYS A 115 -11.01 24.33 19.56
N ASP A 116 -11.46 25.28 20.33
CA ASP A 116 -12.85 25.80 20.16
C ASP A 116 -12.89 26.81 19.02
N ASP A 117 -12.29 27.96 19.20
CA ASP A 117 -12.30 28.99 18.12
C ASP A 117 -11.36 28.58 16.98
N ASP A 118 -11.88 28.02 15.93
CA ASP A 118 -11.02 27.60 14.79
C ASP A 118 -11.53 28.21 13.49
N ASP A 119 -12.66 27.76 13.01
CA ASP A 119 -13.21 28.31 11.74
C ASP A 119 -14.67 27.91 11.57
N LYS A 120 -15.57 28.58 12.23
CA LYS A 120 -17.01 28.23 12.11
C LYS A 120 -17.80 29.44 11.59
N ARG A 121 -17.27 30.14 10.61
CA ARG A 121 -17.99 31.32 10.07
C ARG A 121 -17.38 31.73 8.72
N SER A 122 -16.07 31.74 8.64
CA SER A 122 -15.41 32.14 7.37
C SER A 122 -15.42 30.98 6.37
N GLY A 123 -16.41 30.91 5.53
CA GLY A 123 -16.47 29.80 4.53
C GLY A 123 -16.03 30.31 3.16
N GLY A 124 -16.17 29.50 2.14
CA GLY A 124 -15.75 29.94 0.78
C GLY A 124 -14.28 29.58 0.55
N GLY A 125 -13.82 29.69 -0.67
CA GLY A 125 -12.40 29.36 -0.96
C GLY A 125 -12.29 27.87 -1.33
N GLY A 126 -13.15 27.40 -2.19
CA GLY A 126 -13.10 25.96 -2.60
C GLY A 126 -12.46 25.85 -3.98
N SER A 127 -11.90 24.71 -4.29
CA SER A 127 -11.26 24.53 -5.62
C SER A 127 -12.32 24.28 -6.69
N GLY A 128 -12.58 25.24 -7.53
CA GLY A 128 -13.61 25.08 -8.59
C GLY A 128 -15.00 25.12 -7.97
N GLY A 129 -15.90 24.30 -8.43
CA GLY A 129 -17.29 24.30 -7.87
C GLY A 129 -17.47 23.06 -6.99
N GLY A 130 -17.09 21.91 -7.48
CA GLY A 130 -17.26 20.66 -6.68
C GLY A 130 -15.97 20.38 -5.91
N GLY A 131 -15.98 20.57 -4.61
CA GLY A 131 -14.75 20.31 -3.80
C GLY A 131 -15.14 20.19 -2.33
N SER A 132 -15.23 21.30 -1.64
CA SER A 132 -15.60 21.26 -0.19
C SER A 132 -14.70 20.28 0.56
N GLY A 133 -13.43 20.56 0.63
CA GLY A 133 -12.48 19.65 1.35
C GLY A 133 -12.00 18.56 0.40
N GLY A 134 -12.82 17.58 0.13
CA GLY A 134 -12.41 16.48 -0.79
C GLY A 134 -13.64 15.66 -1.20
N SER A 135 -13.81 15.42 -2.47
CA SER A 135 -14.99 14.63 -2.92
C SER A 135 -14.69 14.00 -4.28
N GLY A 136 -15.13 12.78 -4.49
CA GLY A 136 -14.88 12.09 -5.80
C GLY A 136 -13.82 11.02 -5.60
N ALA A 137 -14.19 9.78 -5.79
CA ALA A 137 -13.20 8.67 -5.61
C ALA A 137 -12.39 8.49 -6.90
N GLN A 138 -11.16 8.91 -6.90
CA GLN A 138 -10.31 8.76 -8.12
C GLN A 138 -9.65 7.37 -8.13
N GLN A 139 -9.48 6.78 -7.00
CA GLN A 139 -8.84 5.43 -6.94
C GLN A 139 -9.65 4.42 -7.76
N GLN A 140 -8.99 3.51 -8.42
CA GLN A 140 -9.72 2.50 -9.26
C GLN A 140 -9.59 1.12 -8.61
N VAL A 141 -8.40 0.70 -8.30
CA VAL A 141 -8.20 -0.63 -7.66
C VAL A 141 -8.99 -0.72 -6.36
N ARG A 142 -9.96 -1.58 -6.31
CA ARG A 142 -10.78 -1.73 -5.07
C ARG A 142 -10.86 -3.20 -4.65
N GLN A 143 -10.46 -3.49 -3.44
CA GLN A 143 -10.49 -4.91 -2.97
C GLN A 143 -11.66 -5.12 -2.00
N SER A 144 -12.65 -5.89 -2.39
CA SER A 144 -13.83 -6.13 -1.49
C SER A 144 -14.48 -4.81 -1.09
N PRO A 145 -15.65 -4.89 -0.50
CA PRO A 145 -16.39 -3.69 -0.07
C PRO A 145 -15.58 -2.92 0.99
N GLN A 146 -15.00 -3.62 1.93
CA GLN A 146 -14.21 -2.94 3.00
C GLN A 146 -13.71 -3.97 4.02
N SER A 147 -12.46 -4.36 3.92
CA SER A 147 -11.90 -5.37 4.88
C SER A 147 -12.77 -6.63 4.89
N LEU A 148 -12.39 -7.61 5.66
CA LEU A 148 -13.18 -8.88 5.72
C LEU A 148 -12.66 -9.78 6.85
N THR A 149 -13.51 -10.57 7.44
CA THR A 149 -13.06 -11.47 8.54
C THR A 149 -12.95 -12.90 8.03
N VAL A 150 -12.36 -13.77 8.80
CA VAL A 150 -12.21 -15.19 8.37
C VAL A 150 -12.56 -16.13 9.53
N TRP A 151 -13.03 -17.31 9.23
CA TRP A 151 -13.40 -18.27 10.31
C TRP A 151 -12.23 -19.24 10.60
N GLU A 152 -11.05 -18.91 10.14
CA GLU A 152 -9.86 -19.80 10.36
C GLU A 152 -10.12 -21.19 9.80
N GLY A 153 -9.26 -21.64 8.90
CA GLY A 153 -9.45 -22.99 8.30
C GLY A 153 -10.77 -23.04 7.54
N GLU A 154 -11.23 -21.92 7.03
CA GLU A 154 -12.52 -21.90 6.29
C GLU A 154 -12.29 -21.43 4.85
N THR A 155 -13.34 -21.23 4.10
CA THR A 155 -13.19 -20.78 2.69
C THR A 155 -13.45 -19.27 2.59
N THR A 156 -12.75 -18.60 1.71
CA THR A 156 -12.96 -17.13 1.56
C THR A 156 -12.90 -16.74 0.08
N ILE A 157 -13.49 -15.64 -0.28
CA ILE A 157 -13.47 -15.21 -1.71
C ILE A 157 -13.09 -13.74 -1.83
N LEU A 158 -11.87 -13.46 -2.23
CA LEU A 158 -11.44 -12.05 -2.37
C LEU A 158 -11.92 -11.48 -3.72
N ASN A 159 -11.89 -10.19 -3.89
CA ASN A 159 -12.35 -9.60 -5.18
C ASN A 159 -11.64 -8.27 -5.45
N CYS A 160 -11.16 -8.08 -6.66
CA CYS A 160 -10.46 -6.82 -7.01
C CYS A 160 -11.18 -6.14 -8.19
N SER A 161 -11.00 -4.86 -8.36
CA SER A 161 -11.68 -4.16 -9.50
C SER A 161 -10.81 -3.02 -10.02
N TYR A 162 -10.92 -2.71 -11.29
CA TYR A 162 -10.09 -1.60 -11.85
C TYR A 162 -10.89 -0.81 -12.88
N GLU A 163 -10.43 0.38 -13.22
CA GLU A 163 -11.15 1.21 -14.22
C GLU A 163 -10.17 1.71 -15.29
N ASP A 164 -9.10 0.99 -15.51
CA ASP A 164 -8.10 1.42 -16.53
C ASP A 164 -8.04 0.41 -17.67
N SER A 165 -7.43 0.77 -18.77
CA SER A 165 -7.33 -0.17 -19.92
C SER A 165 -5.88 -0.28 -20.38
N THR A 166 -4.95 -0.09 -19.50
CA THR A 166 -3.51 -0.18 -19.88
C THR A 166 -2.72 -0.92 -18.80
N PHE A 167 -3.37 -1.77 -18.06
CA PHE A 167 -2.66 -2.53 -16.98
C PHE A 167 -2.14 -3.85 -17.54
N ASP A 168 -0.98 -4.27 -17.12
CA ASP A 168 -0.41 -5.55 -17.62
C ASP A 168 -0.91 -6.72 -16.75
N TYR A 169 -0.64 -6.67 -15.48
CA TYR A 169 -1.10 -7.77 -14.58
C TYR A 169 -1.34 -7.25 -13.16
N PHE A 170 -1.73 -8.11 -12.25
CA PHE A 170 -1.98 -7.66 -10.85
C PHE A 170 -1.19 -8.53 -9.87
N PRO A 171 0.00 -8.08 -9.51
CA PRO A 171 0.85 -8.85 -8.57
C PRO A 171 0.15 -8.99 -7.21
N TRP A 172 -0.45 -10.12 -6.95
CA TRP A 172 -1.13 -10.32 -5.63
C TRP A 172 -0.07 -10.57 -4.55
N TYR A 173 0.03 -9.70 -3.58
CA TYR A 173 1.05 -9.90 -2.51
C TYR A 173 0.38 -9.80 -1.13
N ARG A 174 1.10 -10.09 -0.08
CA ARG A 174 0.48 -10.02 1.28
C ARG A 174 1.23 -9.01 2.16
N GLN A 175 0.51 -8.09 2.75
CA GLN A 175 1.19 -7.08 3.62
C GLN A 175 0.96 -7.42 5.10
N PHE A 176 2.00 -7.46 5.88
CA PHE A 176 1.85 -7.79 7.33
C PHE A 176 2.08 -6.53 8.17
N PRO A 177 1.59 -6.55 9.39
CA PRO A 177 1.76 -5.38 10.30
C PRO A 177 3.24 -5.14 10.58
N GLY A 178 4.03 -6.18 10.55
CA GLY A 178 5.49 -6.03 10.81
C GLY A 178 6.12 -7.41 11.02
N LYS A 179 5.74 -8.37 10.22
CA LYS A 179 6.32 -9.74 10.38
C LYS A 179 7.23 -10.06 9.19
N SER A 180 6.66 -10.38 8.06
CA SER A 180 7.50 -10.71 6.87
C SER A 180 6.63 -10.75 5.60
N PRO A 181 6.16 -9.59 5.19
CA PRO A 181 5.32 -9.52 3.97
C PRO A 181 6.11 -9.99 2.74
N ALA A 182 5.44 -10.32 1.68
CA ALA A 182 6.16 -10.79 0.46
C ALA A 182 5.16 -11.07 -0.67
N LEU A 183 5.63 -11.04 -1.88
CA LEU A 183 4.72 -11.30 -3.03
C LEU A 183 4.41 -12.79 -3.17
N LEU A 184 3.16 -13.15 -3.18
CA LEU A 184 2.79 -14.59 -3.30
C LEU A 184 2.76 -15.01 -4.77
N ILE A 185 1.94 -14.36 -5.57
CA ILE A 185 1.87 -14.72 -7.01
C ILE A 185 1.51 -13.49 -7.86
N ALA A 186 1.11 -13.73 -9.07
CA ALA A 186 0.73 -12.61 -9.97
C ALA A 186 -0.12 -13.15 -11.13
N ILE A 187 -1.29 -12.58 -11.32
CA ILE A 187 -2.17 -13.06 -12.42
C ILE A 187 -1.87 -12.29 -13.71
N SER A 188 -2.86 -12.09 -14.55
CA SER A 188 -2.64 -11.34 -15.82
C SER A 188 -3.97 -11.07 -16.52
N LEU A 189 -5.00 -11.64 -16.00
CA LEU A 189 -6.35 -11.47 -16.58
C LEU A 189 -6.35 -11.89 -18.05
N VAL A 190 -5.94 -13.10 -18.34
CA VAL A 190 -5.92 -13.57 -19.75
C VAL A 190 -6.59 -14.95 -19.86
N SER A 191 -7.41 -15.29 -18.90
CA SER A 191 -8.10 -16.62 -18.95
C SER A 191 -9.34 -16.59 -18.06
N ASN A 192 -10.31 -17.41 -18.37
CA ASN A 192 -11.56 -17.43 -17.54
C ASN A 192 -11.21 -17.67 -16.07
N LYS A 193 -10.12 -18.34 -15.82
CA LYS A 193 -9.73 -18.60 -14.40
C LYS A 193 -8.24 -18.95 -14.32
N LYS A 194 -7.61 -18.66 -13.21
CA LYS A 194 -6.15 -18.96 -13.06
C LYS A 194 -5.89 -19.56 -11.68
N GLU A 195 -4.73 -20.14 -11.49
CA GLU A 195 -4.41 -20.74 -10.16
C GLU A 195 -2.92 -20.57 -9.84
N ASP A 196 -2.57 -20.45 -8.59
CA ASP A 196 -1.14 -20.29 -8.22
C ASP A 196 -0.94 -20.66 -6.75
N GLY A 197 -0.83 -21.94 -6.46
CA GLY A 197 -0.63 -22.36 -5.05
C GLY A 197 -1.84 -23.16 -4.58
N ARG A 198 -2.70 -22.55 -3.80
CA ARG A 198 -3.91 -23.26 -3.31
C ARG A 198 -5.18 -22.45 -3.60
N PHE A 199 -5.04 -21.32 -4.25
CA PHE A 199 -6.24 -20.48 -4.56
C PHE A 199 -6.33 -20.21 -6.06
N THR A 200 -7.50 -19.95 -6.55
CA THR A 200 -7.66 -19.66 -8.01
C THR A 200 -8.34 -18.31 -8.22
N ILE A 201 -8.29 -17.78 -9.41
CA ILE A 201 -8.94 -16.46 -9.68
C ILE A 201 -10.03 -16.63 -10.74
N PHE A 202 -11.02 -15.78 -10.73
CA PHE A 202 -12.11 -15.88 -11.74
C PHE A 202 -12.28 -14.55 -12.47
N PHE A 203 -12.83 -14.58 -13.66
CA PHE A 203 -13.04 -13.32 -14.43
C PHE A 203 -14.53 -13.00 -14.53
N ASN A 204 -14.98 -11.96 -13.87
CA ASN A 204 -16.41 -11.60 -13.94
C ASN A 204 -16.64 -10.50 -14.98
N LYS A 205 -17.20 -10.86 -16.11
CA LYS A 205 -17.45 -9.83 -17.16
C LYS A 205 -18.69 -9.01 -16.81
N ARG A 206 -19.72 -9.67 -16.36
CA ARG A 206 -20.98 -8.96 -15.98
C ARG A 206 -20.69 -7.92 -14.90
N GLU A 207 -19.76 -8.20 -14.02
CA GLU A 207 -19.43 -7.24 -12.93
C GLU A 207 -18.05 -6.61 -13.17
N LYS A 208 -17.33 -7.06 -14.17
CA LYS A 208 -15.99 -6.48 -14.46
C LYS A 208 -15.11 -6.51 -13.20
N LYS A 209 -14.77 -7.66 -12.72
CA LYS A 209 -13.92 -7.75 -11.49
C LYS A 209 -13.22 -9.11 -11.44
N LEU A 210 -12.31 -9.28 -10.51
CA LEU A 210 -11.59 -10.58 -10.40
C LEU A 210 -11.82 -11.20 -9.02
N SER A 211 -12.50 -12.31 -8.96
CA SER A 211 -12.77 -12.97 -7.64
C SER A 211 -11.93 -14.25 -7.51
N LEU A 212 -11.27 -14.42 -6.41
CA LEU A 212 -10.43 -15.66 -6.22
C LEU A 212 -10.96 -16.46 -5.03
N HIS A 213 -10.67 -17.74 -4.99
CA HIS A 213 -11.16 -18.59 -3.87
C HIS A 213 -9.98 -19.13 -3.05
N ILE A 214 -10.23 -19.51 -1.83
CA ILE A 214 -9.14 -20.06 -0.97
C ILE A 214 -9.73 -20.89 0.17
N THR A 215 -9.58 -22.18 0.13
CA THR A 215 -10.13 -23.04 1.21
C THR A 215 -8.99 -23.72 1.99
N ASP A 216 -9.30 -24.28 3.14
CA ASP A 216 -8.24 -24.96 3.94
C ASP A 216 -7.05 -24.02 4.16
N SER A 217 -7.31 -22.78 4.45
CA SER A 217 -6.20 -21.80 4.67
C SER A 217 -5.58 -22.00 6.05
N GLN A 218 -4.53 -21.29 6.34
CA GLN A 218 -3.85 -21.42 7.66
C GLN A 218 -4.15 -20.18 8.52
N PRO A 219 -3.69 -20.18 9.74
CA PRO A 219 -3.91 -19.03 10.65
C PRO A 219 -3.30 -17.76 10.05
N GLY A 220 -3.87 -16.62 10.33
CA GLY A 220 -3.34 -15.36 9.77
C GLY A 220 -2.88 -14.44 10.91
N ASP A 221 -3.51 -14.55 12.06
CA ASP A 221 -3.13 -13.67 13.20
C ASP A 221 -3.13 -12.21 12.76
N SER A 222 -4.16 -11.80 12.07
CA SER A 222 -4.26 -10.39 11.57
C SER A 222 -3.27 -10.16 10.43
N ALA A 223 -3.72 -10.31 9.21
CA ALA A 223 -2.82 -10.11 8.04
C ALA A 223 -3.60 -9.39 6.94
N THR A 224 -2.98 -8.47 6.27
CA THR A 224 -3.70 -7.71 5.20
C THR A 224 -3.18 -8.09 3.81
N TYR A 225 -4.05 -8.42 2.91
CA TYR A 225 -3.63 -8.77 1.52
C TYR A 225 -3.72 -7.53 0.63
N PHE A 226 -2.89 -7.44 -0.39
CA PHE A 226 -2.94 -6.24 -1.27
C PHE A 226 -3.13 -6.65 -2.74
N CYS A 227 -3.92 -5.89 -3.46
CA CYS A 227 -4.15 -6.19 -4.90
C CYS A 227 -3.98 -4.92 -5.73
N ALA A 228 -2.93 -4.85 -6.52
CA ALA A 228 -2.71 -3.62 -7.34
C ALA A 228 -2.55 -3.98 -8.82
N ALA A 229 -2.31 -2.99 -9.65
CA ALA A 229 -2.15 -3.26 -11.11
C ALA A 229 -1.03 -2.38 -11.66
N THR A 230 -0.24 -2.91 -12.57
CA THR A 230 0.87 -2.11 -13.16
C THR A 230 0.59 -1.83 -14.64
N GLY A 231 1.28 -0.87 -15.21
CA GLY A 231 1.06 -0.55 -16.64
C GLY A 231 0.32 0.79 -16.77
N SER A 232 -0.38 1.19 -15.73
CA SER A 232 -1.11 2.49 -15.79
C SER A 232 -0.14 3.65 -16.02
N PHE A 233 0.58 4.02 -15.01
CA PHE A 233 1.56 5.15 -15.15
C PHE A 233 2.98 4.66 -14.83
N ASN A 234 3.24 3.41 -15.09
CA ASN A 234 4.60 2.84 -14.82
C ASN A 234 4.89 2.80 -13.32
N LYS A 235 4.07 2.09 -12.57
CA LYS A 235 4.31 2.00 -11.10
C LYS A 235 3.47 0.84 -10.52
N LEU A 236 2.33 1.13 -9.94
CA LEU A 236 1.48 0.05 -9.37
C LEU A 236 0.27 0.65 -8.63
N THR A 237 -0.89 0.62 -9.23
CA THR A 237 -2.10 1.19 -8.55
C THR A 237 -2.49 0.29 -7.38
N PHE A 238 -2.39 0.78 -6.18
CA PHE A 238 -2.74 -0.04 -4.99
C PHE A 238 -4.27 -0.08 -4.79
N GLY A 239 -4.74 -1.08 -4.08
CA GLY A 239 -6.21 -1.18 -3.83
C GLY A 239 -6.47 -0.86 -2.37
N ALA A 240 -5.84 0.16 -1.87
CA ALA A 240 -6.03 0.56 -0.44
C ALA A 240 -5.76 -0.62 0.50
N GLY A 241 -5.05 -1.61 0.05
CA GLY A 241 -4.76 -2.79 0.92
C GLY A 241 -6.06 -3.42 1.40
N THR A 242 -5.99 -4.57 2.00
CA THR A 242 -7.22 -5.24 2.50
C THR A 242 -6.96 -5.89 3.87
N ARG A 243 -7.73 -5.55 4.86
CA ARG A 243 -7.52 -6.13 6.22
C ARG A 243 -8.24 -7.49 6.34
N LEU A 244 -7.53 -8.48 6.81
CA LEU A 244 -8.16 -9.84 6.96
C LEU A 244 -7.93 -10.36 8.39
N ALA A 245 -8.95 -10.34 9.21
CA ALA A 245 -8.79 -10.83 10.60
C ALA A 245 -9.18 -12.32 10.68
N VAL A 246 -8.39 -13.11 11.34
CA VAL A 246 -8.73 -14.57 11.46
C VAL A 246 -9.54 -14.82 12.73
N SER A 247 -10.69 -15.44 12.61
CA SER A 247 -11.53 -15.72 13.81
C SER A 247 -11.89 -14.42 14.53
N PRO A 248 -12.86 -14.50 15.41
CA PRO A 248 -13.30 -13.29 16.16
C PRO A 248 -12.15 -12.74 17.01
N TYR A 249 -11.70 -11.55 16.70
CA TYR A 249 -10.58 -10.93 17.48
C TYR A 249 -9.39 -11.90 17.54
N ALA A 1 21.92 -3.75 4.92
CA ALA A 1 20.80 -4.36 4.15
C ALA A 1 19.59 -3.41 4.13
N VAL A 2 18.58 -3.74 3.37
CA VAL A 2 17.37 -2.86 3.30
C VAL A 2 16.76 -2.65 4.70
N THR A 3 16.53 -1.42 5.07
CA THR A 3 15.91 -1.13 6.41
C THR A 3 15.61 0.36 6.54
N GLN A 4 15.32 0.79 7.74
CA GLN A 4 15.00 2.22 7.97
C GLN A 4 15.60 2.71 9.30
N SER A 5 15.65 3.99 9.51
CA SER A 5 16.24 4.53 10.78
C SER A 5 15.61 3.82 12.00
N PRO A 6 16.41 3.07 12.71
CA PRO A 6 15.90 2.34 13.90
C PRO A 6 15.33 3.33 14.93
N ARG A 7 15.12 2.88 16.15
CA ARG A 7 14.57 3.78 17.20
C ARG A 7 13.30 4.47 16.70
N ASN A 8 12.17 3.83 16.88
CA ASN A 8 10.88 4.44 16.42
C ASN A 8 10.67 5.80 17.08
N LYS A 9 9.89 6.67 16.47
CA LYS A 9 9.65 8.00 17.07
C LYS A 9 8.26 8.51 16.67
N VAL A 10 7.58 9.18 17.57
CA VAL A 10 6.22 9.70 17.24
C VAL A 10 6.28 11.22 17.02
N ALA A 11 5.28 11.78 16.39
CA ALA A 11 5.29 13.24 16.16
C ALA A 11 3.96 13.84 16.62
N VAL A 12 3.83 15.13 16.52
CA VAL A 12 2.57 15.81 16.93
C VAL A 12 1.99 16.55 15.73
N THR A 13 0.93 17.30 15.92
CA THR A 13 0.33 18.05 14.78
C THR A 13 1.41 18.79 14.00
N GLY A 14 1.70 18.37 12.81
CA GLY A 14 2.76 19.05 12.01
C GLY A 14 4.05 19.06 12.81
N GLY A 15 4.40 17.93 13.41
CA GLY A 15 5.64 17.88 14.23
C GLY A 15 6.86 17.81 13.32
N LYS A 16 7.35 16.63 13.05
CA LYS A 16 8.56 16.47 12.18
C LYS A 16 9.09 15.03 12.28
N VAL A 17 9.34 14.38 11.18
CA VAL A 17 9.85 12.98 11.27
C VAL A 17 10.79 12.68 10.09
N THR A 18 11.89 12.03 10.35
CA THR A 18 12.85 11.70 9.26
C THR A 18 13.15 10.19 9.28
N LEU A 19 13.04 9.55 8.15
CA LEU A 19 13.33 8.08 8.10
C LEU A 19 14.38 7.78 7.03
N SER A 20 15.57 7.43 7.42
CA SER A 20 16.63 7.12 6.42
C SER A 20 16.59 5.63 6.05
N CYS A 21 16.34 5.33 4.81
CA CYS A 21 16.28 3.90 4.39
C CYS A 21 17.56 3.53 3.63
N ASN A 22 18.13 2.40 3.94
CA ASN A 22 19.38 1.97 3.24
C ASN A 22 19.30 0.49 2.89
N GLN A 23 19.82 0.10 1.76
CA GLN A 23 19.76 -1.34 1.37
C GLN A 23 21.07 -1.79 0.70
N THR A 24 21.31 -3.06 0.68
CA THR A 24 22.54 -3.60 0.04
C THR A 24 22.28 -5.05 -0.40
N ASN A 25 21.20 -5.27 -1.10
CA ASN A 25 20.88 -6.64 -1.58
C ASN A 25 21.04 -6.69 -3.10
N ASN A 26 21.77 -5.75 -3.64
CA ASN A 26 21.98 -5.71 -5.13
C ASN A 26 20.65 -5.45 -5.83
N HIS A 27 19.81 -4.62 -5.25
CA HIS A 27 18.50 -4.32 -5.89
C HIS A 27 18.65 -3.19 -6.92
N ASN A 28 18.24 -3.42 -8.12
CA ASN A 28 18.35 -2.37 -9.18
C ASN A 28 17.10 -1.47 -9.17
N ASN A 29 16.24 -1.64 -8.20
CA ASN A 29 15.01 -0.81 -8.14
C ASN A 29 14.47 -0.73 -6.71
N MET A 30 14.14 0.44 -6.24
CA MET A 30 13.61 0.58 -4.85
C MET A 30 12.22 1.22 -4.89
N TYR A 31 11.37 0.86 -3.96
CA TYR A 31 10.00 1.46 -3.93
C TYR A 31 9.68 1.98 -2.52
N TRP A 32 8.88 3.00 -2.43
CA TRP A 32 8.53 3.57 -1.09
C TRP A 32 7.01 3.75 -0.97
N TYR A 33 6.41 3.17 0.03
CA TYR A 33 4.94 3.31 0.20
C TYR A 33 4.61 3.85 1.60
N ARG A 34 3.36 4.12 1.86
CA ARG A 34 2.96 4.65 3.20
C ARG A 34 1.53 4.23 3.51
N GLN A 35 1.26 3.82 4.72
CA GLN A 35 -0.12 3.39 5.09
C GLN A 35 -1.03 4.62 5.22
N ASP A 36 -2.32 4.40 5.26
CA ASP A 36 -3.27 5.55 5.40
C ASP A 36 -4.46 5.12 6.26
N THR A 37 -5.35 4.35 5.71
CA THR A 37 -6.53 3.88 6.49
C THR A 37 -6.22 2.53 7.14
N GLY A 38 -7.22 1.80 7.55
CA GLY A 38 -6.97 0.47 8.19
C GLY A 38 -6.04 -0.36 7.29
N HIS A 39 -6.19 -0.23 6.00
CA HIS A 39 -5.33 -0.99 5.06
C HIS A 39 -5.12 -0.22 3.75
N GLY A 40 -5.35 1.07 3.78
CA GLY A 40 -5.18 1.88 2.55
C GLY A 40 -3.70 2.21 2.33
N LEU A 41 -3.13 1.72 1.26
CA LEU A 41 -1.69 2.01 0.98
C LEU A 41 -1.56 3.20 0.03
N ARG A 42 -0.38 3.71 -0.16
CA ARG A 42 -0.20 4.87 -1.08
C ARG A 42 1.28 5.09 -1.40
N LEU A 43 1.62 5.08 -2.67
CA LEU A 43 3.04 5.30 -3.05
C LEU A 43 3.37 6.79 -3.02
N ILE A 44 4.60 7.14 -2.73
CA ILE A 44 4.97 8.59 -2.70
C ILE A 44 6.36 8.77 -3.29
N HIS A 45 7.25 7.84 -3.02
CA HIS A 45 8.63 7.95 -3.55
C HIS A 45 9.04 6.61 -4.19
N TYR A 46 9.76 6.65 -5.28
CA TYR A 46 10.19 5.39 -5.95
C TYR A 46 11.15 5.70 -7.10
N SER A 47 12.12 4.85 -7.33
CA SER A 47 13.08 5.11 -8.44
C SER A 47 14.09 3.96 -8.53
N TYR A 48 14.77 3.86 -9.65
CA TYR A 48 15.77 2.77 -9.82
C TYR A 48 17.16 3.35 -10.11
N GLY A 49 17.23 4.63 -10.42
CA GLY A 49 18.55 5.25 -10.72
C GLY A 49 19.05 6.01 -9.49
N ALA A 50 19.98 6.90 -9.68
CA ALA A 50 20.52 7.69 -8.52
C ALA A 50 20.05 9.14 -8.60
N GLY A 51 19.51 9.65 -7.53
CA GLY A 51 19.03 11.06 -7.54
C GLY A 51 17.55 11.13 -7.91
N SER A 52 16.95 10.01 -8.25
CA SER A 52 15.50 10.02 -8.62
C SER A 52 14.63 9.87 -7.36
N THR A 53 13.95 10.90 -6.96
CA THR A 53 13.10 10.81 -5.74
C THR A 53 11.85 11.69 -5.86
N GLU A 54 10.98 11.60 -4.88
CA GLU A 54 9.74 12.43 -4.88
C GLU A 54 9.01 12.29 -6.21
N LYS A 55 8.40 11.14 -6.44
CA LYS A 55 7.66 10.96 -7.72
C LYS A 55 6.55 9.92 -7.55
N GLY A 56 5.94 9.84 -6.40
CA GLY A 56 4.86 8.85 -6.19
C GLY A 56 3.57 9.33 -6.85
N ASP A 57 2.56 9.62 -6.07
CA ASP A 57 1.27 10.10 -6.66
C ASP A 57 0.96 11.51 -6.15
N ILE A 58 1.24 11.79 -4.90
CA ILE A 58 0.96 13.13 -4.35
C ILE A 58 2.20 13.75 -3.68
N PRO A 59 3.27 13.90 -4.44
CA PRO A 59 4.52 14.49 -3.89
C PRO A 59 4.26 15.89 -3.33
N ASP A 60 3.89 15.98 -2.07
CA ASP A 60 3.63 17.33 -1.47
C ASP A 60 3.39 17.19 0.04
N GLY A 61 4.41 17.43 0.83
CA GLY A 61 4.24 17.32 2.31
C GLY A 61 5.49 16.67 2.93
N TYR A 62 6.22 15.91 2.15
CA TYR A 62 7.44 15.25 2.70
C TYR A 62 8.63 15.50 1.76
N LYS A 63 9.82 15.11 2.17
CA LYS A 63 11.01 15.31 1.29
C LYS A 63 11.84 14.03 1.27
N ALA A 64 12.84 13.97 0.45
CA ALA A 64 13.68 12.73 0.40
C ALA A 64 14.95 12.98 -0.41
N SER A 65 15.82 12.00 -0.45
CA SER A 65 17.08 12.16 -1.22
C SER A 65 17.65 10.80 -1.61
N ARG A 66 18.38 10.73 -2.69
CA ARG A 66 18.96 9.42 -3.12
C ARG A 66 20.39 9.62 -3.62
N PRO A 67 21.31 9.77 -2.70
CA PRO A 67 22.74 9.96 -3.05
C PRO A 67 23.22 8.78 -3.90
N SER A 68 22.84 7.59 -3.50
CA SER A 68 23.26 6.38 -4.26
C SER A 68 22.02 5.52 -4.57
N GLN A 69 22.04 4.79 -5.65
CA GLN A 69 20.87 3.94 -6.00
C GLN A 69 20.47 3.05 -4.83
N GLU A 70 21.38 2.78 -3.92
CA GLU A 70 21.04 1.92 -2.75
C GLU A 70 20.61 2.79 -1.56
N ASN A 71 21.07 4.01 -1.50
CA ASN A 71 20.68 4.90 -0.36
C ASN A 71 19.35 5.60 -0.66
N PHE A 72 18.60 5.91 0.37
CA PHE A 72 17.28 6.60 0.15
C PHE A 72 16.71 7.06 1.48
N SER A 73 16.47 8.34 1.64
CA SER A 73 15.88 8.85 2.91
C SER A 73 14.57 9.59 2.62
N LEU A 74 13.61 9.45 3.50
CA LEU A 74 12.29 10.13 3.28
C LEU A 74 11.96 11.03 4.47
N ILE A 75 11.10 12.01 4.27
CA ILE A 75 10.72 12.93 5.38
C ILE A 75 9.20 13.00 5.51
N LEU A 76 8.73 13.70 6.51
CA LEU A 76 7.26 13.85 6.73
C LEU A 76 7.03 14.64 8.01
N GLU A 77 6.87 15.93 7.91
CA GLU A 77 6.68 16.77 9.13
C GLU A 77 5.28 17.38 9.12
N LEU A 78 4.80 17.77 7.97
CA LEU A 78 3.43 18.39 7.91
C LEU A 78 2.37 17.31 8.08
N ALA A 79 2.33 16.67 9.22
CA ALA A 79 1.31 15.60 9.46
C ALA A 79 0.13 16.17 10.25
N THR A 80 -1.05 15.70 9.97
CA THR A 80 -2.25 16.20 10.70
C THR A 80 -2.76 15.12 11.67
N PRO A 81 -3.69 15.47 12.52
CA PRO A 81 -4.25 14.50 13.50
C PRO A 81 -5.06 13.41 12.80
N SER A 82 -4.62 12.94 11.65
CA SER A 82 -5.36 11.86 10.94
C SER A 82 -4.69 11.57 9.58
N GLN A 83 -3.39 11.73 9.50
CA GLN A 83 -2.69 11.47 8.21
C GLN A 83 -1.44 10.63 8.42
N THR A 84 -0.91 10.61 9.62
CA THR A 84 0.32 9.80 9.89
C THR A 84 0.09 8.34 9.49
N SER A 85 1.05 7.48 9.71
CA SER A 85 0.88 6.04 9.32
C SER A 85 2.21 5.30 9.47
N VAL A 86 2.40 4.24 8.73
CA VAL A 86 3.68 3.48 8.83
C VAL A 86 4.47 3.59 7.53
N TYR A 87 5.66 4.13 7.60
CA TYR A 87 6.48 4.29 6.36
C TYR A 87 7.19 2.97 6.04
N PHE A 88 6.83 2.35 4.95
CA PHE A 88 7.48 1.06 4.57
C PHE A 88 8.50 1.28 3.46
N CYS A 89 9.63 0.64 3.56
CA CYS A 89 10.69 0.81 2.51
C CYS A 89 11.08 -0.57 1.97
N ALA A 90 10.71 -0.88 0.76
CA ALA A 90 11.06 -2.21 0.19
C ALA A 90 11.51 -2.08 -1.27
N SER A 91 12.42 -2.90 -1.69
CA SER A 91 12.89 -2.83 -3.11
C SER A 91 12.49 -4.10 -3.86
N GLY A 92 13.18 -4.42 -4.92
CA GLY A 92 12.84 -5.65 -5.70
C GLY A 92 14.05 -6.10 -6.52
N GLY A 93 13.87 -7.03 -7.41
CA GLY A 93 15.01 -7.51 -8.24
C GLY A 93 14.53 -7.76 -9.67
N GLN A 94 15.18 -7.15 -10.63
CA GLN A 94 14.76 -7.35 -12.05
C GLN A 94 15.04 -8.79 -12.49
N GLY A 95 14.01 -9.52 -12.85
CA GLY A 95 14.22 -10.94 -13.28
C GLY A 95 13.62 -11.87 -12.23
N ARG A 96 12.32 -11.87 -12.08
CA ARG A 96 11.66 -12.76 -11.08
C ARG A 96 12.29 -12.55 -9.69
N ALA A 97 11.75 -11.65 -8.92
CA ALA A 97 12.31 -11.40 -7.55
C ALA A 97 11.20 -10.98 -6.58
N GLU A 98 11.30 -11.38 -5.35
CA GLU A 98 10.25 -11.01 -4.35
C GLU A 98 10.59 -9.67 -3.71
N GLN A 99 9.60 -8.95 -3.23
CA GLN A 99 9.88 -7.63 -2.60
C GLN A 99 10.70 -7.80 -1.32
N PHE A 100 11.87 -7.25 -1.28
CA PHE A 100 12.73 -7.38 -0.06
C PHE A 100 12.20 -6.46 1.04
N PHE A 101 11.04 -6.74 1.57
CA PHE A 101 10.46 -5.89 2.64
C PHE A 101 11.32 -5.97 3.91
N GLY A 102 11.92 -4.87 4.30
CA GLY A 102 12.76 -4.88 5.53
C GLY A 102 11.99 -4.19 6.67
N PRO A 103 12.69 -3.87 7.73
CA PRO A 103 12.04 -3.19 8.88
C PRO A 103 11.46 -1.84 8.45
N GLY A 104 10.28 -1.52 8.93
CA GLY A 104 9.65 -0.22 8.55
C GLY A 104 9.49 0.66 9.80
N THR A 105 8.69 1.69 9.71
CA THR A 105 8.49 2.58 10.87
C THR A 105 7.01 2.97 11.00
N ARG A 106 6.53 3.15 12.21
CA ARG A 106 5.10 3.53 12.39
C ARG A 106 4.99 4.69 13.39
N LEU A 107 4.61 5.84 12.92
CA LEU A 107 4.49 7.01 13.84
C LEU A 107 3.12 7.69 13.68
N THR A 108 2.65 8.32 14.72
CA THR A 108 1.32 9.00 14.65
C THR A 108 1.46 10.47 15.05
N VAL A 109 0.83 11.36 14.33
CA VAL A 109 0.91 12.81 14.67
C VAL A 109 -0.42 13.25 15.31
N LEU A 110 -0.40 13.57 16.57
CA LEU A 110 -1.66 13.99 17.27
C LEU A 110 -2.06 15.41 16.86
N GLY A 111 -3.13 15.91 17.42
CA GLY A 111 -3.59 17.28 17.08
C GLY A 111 -5.10 17.39 17.32
N SER A 112 -5.49 17.77 18.51
CA SER A 112 -6.95 17.90 18.81
C SER A 112 -7.19 19.06 19.77
N ASP A 113 -8.41 19.26 20.19
CA ASP A 113 -8.72 20.38 21.12
C ASP A 113 -9.72 19.93 22.18
N TYR A 114 -9.98 20.76 23.16
CA TYR A 114 -10.95 20.38 24.23
C TYR A 114 -11.88 21.56 24.55
N LYS A 115 -12.15 22.39 23.57
CA LYS A 115 -13.05 23.55 23.82
C LYS A 115 -13.49 24.16 22.48
N ASP A 116 -12.55 24.52 21.64
CA ASP A 116 -12.92 25.11 20.32
C ASP A 116 -12.72 24.09 19.21
N ASP A 117 -13.72 23.86 18.40
CA ASP A 117 -13.58 22.88 17.29
C ASP A 117 -13.74 23.57 15.94
N ASP A 118 -12.90 23.25 15.00
CA ASP A 118 -13.00 23.90 13.65
C ASP A 118 -13.96 23.10 12.75
N ASP A 119 -15.04 23.69 12.36
CA ASP A 119 -16.01 22.97 11.48
C ASP A 119 -15.39 22.70 10.10
N LYS A 120 -15.94 21.79 9.36
CA LYS A 120 -15.38 21.48 8.01
C LYS A 120 -16.49 21.00 7.07
N ARG A 121 -16.34 21.23 5.79
CA ARG A 121 -17.38 20.78 4.83
C ARG A 121 -16.83 20.82 3.40
N SER A 122 -15.57 20.49 3.23
CA SER A 122 -14.98 20.50 1.86
C SER A 122 -13.74 19.59 1.81
N GLY A 123 -13.11 19.50 0.68
CA GLY A 123 -11.90 18.62 0.57
C GLY A 123 -11.24 18.84 -0.81
N GLY A 124 -10.80 20.03 -1.09
CA GLY A 124 -10.15 20.29 -2.39
C GLY A 124 -8.64 20.11 -2.27
N GLY A 125 -7.89 21.17 -2.40
CA GLY A 125 -6.41 21.05 -2.29
C GLY A 125 -5.84 22.38 -1.77
N GLY A 126 -4.60 22.67 -2.10
CA GLY A 126 -3.99 23.94 -1.64
C GLY A 126 -2.67 24.17 -2.40
N SER A 127 -2.61 23.78 -3.64
CA SER A 127 -1.35 23.98 -4.43
C SER A 127 -1.66 23.88 -5.93
N GLY A 128 -2.78 24.39 -6.36
CA GLY A 128 -3.13 24.33 -7.80
C GLY A 128 -2.90 25.70 -8.44
N GLY A 129 -1.83 26.36 -8.07
CA GLY A 129 -1.54 27.70 -8.66
C GLY A 129 -0.63 27.54 -9.88
N GLY A 130 -1.04 26.76 -10.84
CA GLY A 130 -0.19 26.57 -12.05
C GLY A 130 -0.43 25.16 -12.62
N GLY A 131 -0.59 25.06 -13.91
CA GLY A 131 -0.84 23.73 -14.53
C GLY A 131 -2.16 23.74 -15.28
N SER A 132 -2.87 22.64 -15.27
CA SER A 132 -4.19 22.59 -15.99
C SER A 132 -5.02 21.41 -15.48
N GLY A 133 -4.41 20.26 -15.33
CA GLY A 133 -5.15 19.08 -14.84
C GLY A 133 -5.44 19.23 -13.34
N GLY A 134 -6.36 18.45 -12.83
CA GLY A 134 -6.68 18.56 -11.37
C GLY A 134 -7.61 17.39 -10.97
N SER A 135 -7.06 16.25 -10.70
CA SER A 135 -7.90 15.09 -10.30
C SER A 135 -7.95 14.96 -8.78
N GLY A 136 -9.12 14.81 -8.23
CA GLY A 136 -9.24 14.69 -6.75
C GLY A 136 -8.73 13.31 -6.31
N ALA A 137 -9.10 12.88 -5.13
CA ALA A 137 -8.63 11.55 -4.64
C ALA A 137 -9.48 10.44 -5.28
N GLN A 138 -8.85 9.58 -6.04
CA GLN A 138 -9.62 8.47 -6.70
C GLN A 138 -8.68 7.30 -7.02
N GLN A 139 -8.67 6.29 -6.20
CA GLN A 139 -7.79 5.12 -6.46
C GLN A 139 -8.38 4.24 -7.56
N GLN A 140 -7.57 3.42 -8.17
CA GLN A 140 -8.08 2.52 -9.25
C GLN A 140 -8.43 1.15 -8.68
N VAL A 141 -7.57 0.60 -7.86
CA VAL A 141 -7.84 -0.74 -7.26
C VAL A 141 -9.02 -0.64 -6.27
N ARG A 142 -10.12 -1.26 -6.60
CA ARG A 142 -11.30 -1.22 -5.68
C ARG A 142 -11.53 -2.58 -5.04
N GLN A 143 -11.05 -2.76 -3.84
CA GLN A 143 -11.24 -4.06 -3.15
C GLN A 143 -12.58 -4.07 -2.40
N SER A 144 -13.33 -5.14 -2.51
CA SER A 144 -14.66 -5.21 -1.82
C SER A 144 -14.51 -4.84 -0.33
N PRO A 145 -15.01 -3.68 0.04
CA PRO A 145 -14.93 -3.23 1.45
C PRO A 145 -15.70 -4.18 2.38
N GLN A 146 -15.00 -5.09 3.01
CA GLN A 146 -15.69 -6.06 3.93
C GLN A 146 -14.68 -7.08 4.47
N SER A 147 -13.75 -6.64 5.27
CA SER A 147 -12.75 -7.58 5.83
C SER A 147 -13.38 -8.43 6.94
N LEU A 148 -12.82 -9.58 7.23
CA LEU A 148 -13.41 -10.44 8.31
C LEU A 148 -12.46 -11.60 8.63
N THR A 149 -12.93 -12.55 9.39
CA THR A 149 -12.07 -13.72 9.76
C THR A 149 -12.80 -15.03 9.44
N VAL A 150 -12.46 -15.67 8.36
CA VAL A 150 -13.13 -16.95 7.99
C VAL A 150 -12.76 -18.04 9.01
N TRP A 151 -13.64 -19.00 9.21
CA TRP A 151 -13.35 -20.09 10.17
C TRP A 151 -12.25 -21.01 9.64
N GLU A 152 -11.38 -21.48 10.49
CA GLU A 152 -10.29 -22.39 10.03
C GLU A 152 -10.88 -23.65 9.41
N GLY A 153 -11.13 -23.64 8.12
CA GLY A 153 -11.70 -24.84 7.45
C GLY A 153 -12.72 -24.40 6.39
N GLU A 154 -13.36 -23.28 6.61
CA GLU A 154 -14.36 -22.80 5.62
C GLU A 154 -13.65 -22.19 4.40
N THR A 155 -14.36 -21.47 3.59
CA THR A 155 -13.73 -20.84 2.39
C THR A 155 -13.84 -19.32 2.45
N THR A 156 -13.26 -18.63 1.51
CA THR A 156 -13.33 -17.14 1.50
C THR A 156 -13.22 -16.62 0.07
N ILE A 157 -13.78 -15.46 -0.20
CA ILE A 157 -13.71 -14.90 -1.57
C ILE A 157 -13.32 -13.41 -1.53
N LEU A 158 -12.24 -13.07 -2.17
CA LEU A 158 -11.80 -11.64 -2.19
C LEU A 158 -12.13 -11.02 -3.54
N ASN A 159 -12.36 -9.73 -3.58
CA ASN A 159 -12.70 -9.07 -4.87
C ASN A 159 -11.83 -7.84 -5.10
N CYS A 160 -11.44 -7.60 -6.32
CA CYS A 160 -10.58 -6.42 -6.62
C CYS A 160 -11.02 -5.77 -7.94
N SER A 161 -10.83 -4.49 -8.08
CA SER A 161 -11.25 -3.81 -9.35
C SER A 161 -10.10 -2.95 -9.88
N TYR A 162 -10.31 -2.30 -11.00
CA TYR A 162 -9.23 -1.45 -11.58
C TYR A 162 -9.83 -0.44 -12.57
N GLU A 163 -9.12 0.63 -12.84
CA GLU A 163 -9.65 1.65 -13.79
C GLU A 163 -8.52 2.21 -14.66
N ASP A 164 -7.49 1.43 -14.89
CA ASP A 164 -6.37 1.90 -15.74
C ASP A 164 -6.67 1.65 -17.21
N SER A 165 -6.06 2.40 -18.09
CA SER A 165 -6.31 2.21 -19.55
C SER A 165 -5.13 1.49 -20.20
N THR A 166 -4.39 0.72 -19.44
CA THR A 166 -3.22 -0.01 -20.01
C THR A 166 -2.63 -0.97 -18.97
N PHE A 167 -3.45 -1.51 -18.11
CA PHE A 167 -2.92 -2.44 -17.07
C PHE A 167 -2.54 -3.78 -17.70
N ASP A 168 -1.50 -4.41 -17.23
CA ASP A 168 -1.08 -5.72 -17.80
C ASP A 168 -1.48 -6.86 -16.85
N TYR A 169 -1.06 -6.77 -15.62
CA TYR A 169 -1.41 -7.85 -14.64
C TYR A 169 -1.52 -7.26 -13.23
N PHE A 170 -1.85 -8.07 -12.26
CA PHE A 170 -2.00 -7.55 -10.87
C PHE A 170 -1.27 -8.47 -9.88
N PRO A 171 -0.08 -8.08 -9.47
CA PRO A 171 0.71 -8.89 -8.52
C PRO A 171 -0.03 -8.99 -7.18
N TRP A 172 -0.73 -10.06 -6.95
CA TRP A 172 -1.46 -10.21 -5.66
C TRP A 172 -0.47 -10.23 -4.49
N TYR A 173 -0.10 -9.08 -4.00
CA TYR A 173 0.88 -9.03 -2.86
C TYR A 173 0.22 -9.42 -1.54
N ARG A 174 0.94 -9.33 -0.46
CA ARG A 174 0.36 -9.68 0.87
C ARG A 174 1.01 -8.85 1.98
N GLN A 175 0.21 -8.26 2.83
CA GLN A 175 0.78 -7.45 3.94
C GLN A 175 0.45 -8.10 5.29
N PHE A 176 1.46 -8.35 6.09
CA PHE A 176 1.22 -9.00 7.41
C PHE A 176 0.85 -7.94 8.46
N PRO A 177 0.14 -8.35 9.49
CA PRO A 177 -0.27 -7.42 10.56
C PRO A 177 0.96 -6.84 11.27
N GLY A 178 2.02 -7.60 11.32
CA GLY A 178 3.26 -7.10 11.99
C GLY A 178 4.06 -6.23 11.02
N LYS A 179 5.02 -6.81 10.34
CA LYS A 179 5.83 -6.01 9.38
C LYS A 179 6.66 -6.93 8.48
N SER A 180 6.03 -7.92 7.89
CA SER A 180 6.78 -8.85 7.00
C SER A 180 5.94 -9.19 5.75
N PRO A 181 5.61 -8.19 4.98
CA PRO A 181 4.81 -8.41 3.76
C PRO A 181 5.57 -9.32 2.77
N ALA A 182 4.91 -9.76 1.73
CA ALA A 182 5.59 -10.65 0.75
C ALA A 182 4.72 -10.83 -0.50
N LEU A 183 5.34 -11.04 -1.64
CA LEU A 183 4.55 -11.23 -2.89
C LEU A 183 4.02 -12.67 -2.97
N LEU A 184 2.86 -12.85 -3.54
CA LEU A 184 2.28 -14.22 -3.66
C LEU A 184 2.31 -14.70 -5.11
N ILE A 185 1.56 -14.07 -5.97
CA ILE A 185 1.55 -14.49 -7.40
C ILE A 185 1.22 -13.29 -8.30
N ALA A 186 0.81 -13.54 -9.50
CA ALA A 186 0.47 -12.43 -10.44
C ALA A 186 -0.52 -12.93 -11.50
N ILE A 187 -1.67 -12.33 -11.57
CA ILE A 187 -2.68 -12.79 -12.58
C ILE A 187 -2.49 -12.02 -13.90
N SER A 188 -3.56 -11.82 -14.64
CA SER A 188 -3.44 -11.08 -15.94
C SER A 188 -4.82 -10.83 -16.52
N LEU A 189 -5.80 -11.42 -15.93
CA LEU A 189 -7.20 -11.26 -16.39
C LEU A 189 -7.33 -11.69 -17.85
N VAL A 190 -6.92 -12.89 -18.17
CA VAL A 190 -7.02 -13.36 -19.58
C VAL A 190 -7.68 -14.75 -19.63
N SER A 191 -8.27 -15.19 -18.54
CA SER A 191 -8.93 -16.52 -18.54
C SER A 191 -10.12 -16.51 -17.57
N ASN A 192 -11.11 -17.31 -17.83
CA ASN A 192 -12.31 -17.35 -16.93
C ASN A 192 -11.89 -17.76 -15.51
N LYS A 193 -10.80 -18.48 -15.39
CA LYS A 193 -10.34 -18.92 -14.04
C LYS A 193 -8.86 -19.30 -14.08
N LYS A 194 -8.18 -19.19 -12.97
CA LYS A 194 -6.73 -19.55 -12.93
C LYS A 194 -6.30 -19.86 -11.49
N GLU A 195 -5.57 -20.93 -11.31
CA GLU A 195 -5.13 -21.30 -9.93
C GLU A 195 -3.61 -21.14 -9.80
N ASP A 196 -3.16 -20.41 -8.82
CA ASP A 196 -1.69 -20.22 -8.64
C ASP A 196 -1.29 -20.59 -7.20
N GLY A 197 -1.44 -21.84 -6.84
CA GLY A 197 -1.07 -22.26 -5.46
C GLY A 197 -2.22 -23.07 -4.84
N ARG A 198 -3.03 -22.43 -4.03
CA ARG A 198 -4.17 -23.16 -3.39
C ARG A 198 -5.49 -22.43 -3.67
N PHE A 199 -5.45 -21.34 -4.40
CA PHE A 199 -6.71 -20.59 -4.70
C PHE A 199 -6.87 -20.42 -6.22
N THR A 200 -8.08 -20.19 -6.66
CA THR A 200 -8.30 -20.00 -8.13
C THR A 200 -9.00 -18.67 -8.40
N ILE A 201 -8.30 -17.73 -8.96
CA ILE A 201 -8.92 -16.40 -9.25
C ILE A 201 -9.86 -16.50 -10.46
N PHE A 202 -11.03 -15.91 -10.37
CA PHE A 202 -11.98 -15.97 -11.50
C PHE A 202 -12.09 -14.61 -12.19
N PHE A 203 -12.68 -14.57 -13.36
CA PHE A 203 -12.81 -13.27 -14.08
C PHE A 203 -14.29 -12.99 -14.39
N ASN A 204 -14.85 -11.98 -13.79
CA ASN A 204 -16.28 -11.66 -14.04
C ASN A 204 -16.39 -10.49 -15.02
N LYS A 205 -16.42 -10.76 -16.30
CA LYS A 205 -16.53 -9.66 -17.30
C LYS A 205 -17.73 -8.76 -17.00
N ARG A 206 -18.88 -9.35 -16.77
CA ARG A 206 -20.10 -8.54 -16.48
C ARG A 206 -19.87 -7.64 -15.26
N GLU A 207 -18.93 -7.99 -14.41
CA GLU A 207 -18.67 -7.16 -13.20
C GLU A 207 -17.31 -6.45 -13.31
N LYS A 208 -16.50 -6.83 -14.27
CA LYS A 208 -15.17 -6.18 -14.42
C LYS A 208 -14.38 -6.27 -13.11
N LYS A 209 -14.52 -7.36 -12.40
CA LYS A 209 -13.78 -7.51 -11.11
C LYS A 209 -13.19 -8.92 -11.00
N LEU A 210 -12.14 -9.08 -10.25
CA LEU A 210 -11.52 -10.43 -10.10
C LEU A 210 -11.91 -11.04 -8.74
N SER A 211 -12.44 -12.24 -8.76
CA SER A 211 -12.84 -12.89 -7.48
C SER A 211 -12.01 -14.15 -7.24
N LEU A 212 -11.24 -14.18 -6.19
CA LEU A 212 -10.41 -15.38 -5.90
C LEU A 212 -11.10 -16.27 -4.86
N HIS A 213 -10.95 -17.56 -4.98
CA HIS A 213 -11.61 -18.48 -4.01
C HIS A 213 -10.55 -19.27 -3.22
N ILE A 214 -10.85 -19.62 -2.00
CA ILE A 214 -9.88 -20.40 -1.18
C ILE A 214 -10.62 -21.33 -0.22
N THR A 215 -10.67 -22.60 -0.53
CA THR A 215 -11.38 -23.56 0.37
C THR A 215 -10.38 -24.55 0.97
N ASP A 216 -10.79 -25.28 1.97
CA ASP A 216 -9.87 -26.28 2.61
C ASP A 216 -8.60 -25.57 3.10
N SER A 217 -8.70 -24.32 3.43
CA SER A 217 -7.50 -23.56 3.91
C SER A 217 -7.26 -23.85 5.39
N GLN A 218 -6.23 -23.28 5.95
CA GLN A 218 -5.93 -23.51 7.39
C GLN A 218 -4.84 -22.54 7.87
N PRO A 219 -3.68 -22.56 7.24
CA PRO A 219 -2.58 -21.63 7.66
C PRO A 219 -3.03 -20.17 7.49
N GLY A 220 -2.09 -19.27 7.38
CA GLY A 220 -2.47 -17.84 7.20
C GLY A 220 -2.05 -17.05 8.43
N ASP A 221 -2.48 -17.46 9.60
CA ASP A 221 -2.11 -16.73 10.84
C ASP A 221 -2.42 -15.24 10.70
N SER A 222 -3.59 -14.91 10.21
CA SER A 222 -3.97 -13.47 10.02
C SER A 222 -3.06 -12.83 8.97
N ALA A 223 -3.62 -12.28 7.94
CA ALA A 223 -2.80 -11.63 6.87
C ALA A 223 -3.71 -10.87 5.91
N THR A 224 -3.18 -9.85 5.28
CA THR A 224 -4.00 -9.05 4.34
C THR A 224 -3.53 -9.28 2.89
N TYR A 225 -4.43 -9.22 1.95
CA TYR A 225 -4.02 -9.43 0.53
C TYR A 225 -4.21 -8.14 -0.29
N PHE A 226 -3.31 -7.87 -1.18
CA PHE A 226 -3.42 -6.64 -2.01
C PHE A 226 -3.42 -7.00 -3.50
N CYS A 227 -3.99 -6.16 -4.33
CA CYS A 227 -4.02 -6.47 -5.80
C CYS A 227 -3.73 -5.20 -6.62
N ALA A 228 -2.49 -4.79 -6.66
CA ALA A 228 -2.13 -3.57 -7.44
C ALA A 228 -2.16 -3.87 -8.95
N ALA A 229 -1.97 -2.87 -9.77
CA ALA A 229 -2.00 -3.11 -11.24
C ALA A 229 -0.82 -2.40 -11.91
N THR A 230 -0.21 -3.04 -12.88
CA THR A 230 0.94 -2.40 -13.59
C THR A 230 0.46 -1.78 -14.90
N GLY A 231 1.30 -1.73 -15.89
CA GLY A 231 0.88 -1.12 -17.19
C GLY A 231 2.12 -0.61 -17.93
N SER A 232 3.14 -0.26 -17.21
CA SER A 232 4.39 0.25 -17.85
C SER A 232 5.60 -0.03 -16.95
N PHE A 233 6.79 0.20 -17.42
CA PHE A 233 8.00 -0.05 -16.58
C PHE A 233 7.95 0.83 -15.33
N ASN A 234 8.31 0.28 -14.19
CA ASN A 234 8.30 1.09 -12.93
C ASN A 234 6.95 1.80 -12.76
N LYS A 235 5.87 1.08 -12.81
CA LYS A 235 4.53 1.72 -12.64
C LYS A 235 3.53 0.73 -12.04
N LEU A 236 3.30 0.80 -10.77
CA LEU A 236 2.34 -0.15 -10.12
C LEU A 236 1.38 0.59 -9.19
N THR A 237 0.10 0.51 -9.45
CA THR A 237 -0.88 1.22 -8.58
C THR A 237 -1.37 0.27 -7.49
N PHE A 238 -1.08 0.57 -6.25
CA PHE A 238 -1.52 -0.31 -5.14
C PHE A 238 -2.84 0.19 -4.55
N GLY A 239 -3.65 -0.70 -4.05
CA GLY A 239 -4.95 -0.28 -3.45
C GLY A 239 -4.98 -0.68 -1.98
N ALA A 240 -6.06 -0.38 -1.30
CA ALA A 240 -6.13 -0.73 0.15
C ALA A 240 -6.11 -2.26 0.33
N GLY A 241 -6.50 -2.99 -0.68
CA GLY A 241 -6.51 -4.48 -0.56
C GLY A 241 -7.49 -4.91 0.52
N THR A 242 -7.84 -6.17 0.56
CA THR A 242 -8.80 -6.66 1.59
C THR A 242 -8.05 -7.40 2.71
N ARG A 243 -8.69 -7.61 3.82
CA ARG A 243 -8.03 -8.31 4.95
C ARG A 243 -8.77 -9.59 5.28
N LEU A 244 -8.10 -10.55 5.87
CA LEU A 244 -8.77 -11.84 6.20
C LEU A 244 -7.91 -12.65 7.19
N ALA A 245 -8.54 -13.32 8.11
CA ALA A 245 -7.78 -14.14 9.10
C ALA A 245 -8.40 -15.54 9.22
N VAL A 246 -7.63 -16.51 9.63
CA VAL A 246 -8.17 -17.89 9.76
C VAL A 246 -8.10 -18.35 11.22
N SER A 247 -9.08 -18.01 12.01
CA SER A 247 -9.06 -18.43 13.44
C SER A 247 -10.50 -18.49 14.00
N PRO A 248 -10.72 -19.36 14.95
CA PRO A 248 -12.08 -19.50 15.55
C PRO A 248 -12.48 -18.20 16.26
N TYR A 249 -11.52 -17.40 16.66
CA TYR A 249 -11.84 -16.12 17.37
C TYR A 249 -12.66 -16.40 18.63
N ALA A 1 22.00 -3.86 4.23
CA ALA A 1 20.82 -4.49 3.60
C ALA A 1 19.65 -3.50 3.55
N VAL A 2 18.63 -3.79 2.78
CA VAL A 2 17.46 -2.87 2.69
C VAL A 2 16.90 -2.63 4.09
N THR A 3 17.02 -1.43 4.59
CA THR A 3 16.50 -1.15 5.97
C THR A 3 15.62 0.09 5.98
N GLN A 4 15.33 0.57 7.16
CA GLN A 4 14.48 1.79 7.30
C GLN A 4 14.76 2.47 8.65
N SER A 5 14.34 3.69 8.82
CA SER A 5 14.57 4.43 10.10
C SER A 5 14.34 3.49 11.31
N PRO A 6 15.42 3.01 11.89
CA PRO A 6 15.31 2.10 13.06
C PRO A 6 14.66 2.82 14.25
N ARG A 7 14.91 4.09 14.40
CA ARG A 7 14.31 4.84 15.54
C ARG A 7 12.78 4.78 15.49
N ASN A 8 12.14 4.94 16.61
CA ASN A 8 10.65 4.89 16.64
C ASN A 8 10.11 5.94 17.62
N LYS A 9 9.27 6.81 17.15
CA LYS A 9 8.70 7.86 18.05
C LYS A 9 7.45 8.49 17.43
N VAL A 10 6.67 9.17 18.20
CA VAL A 10 5.43 9.81 17.65
C VAL A 10 5.63 11.32 17.54
N ALA A 11 5.00 11.94 16.57
CA ALA A 11 5.15 13.41 16.41
C ALA A 11 3.84 14.12 16.75
N VAL A 12 3.84 15.42 16.70
CA VAL A 12 2.61 16.20 17.01
C VAL A 12 2.21 17.02 15.79
N THR A 13 1.21 17.86 15.92
CA THR A 13 0.77 18.68 14.76
C THR A 13 1.97 19.31 14.05
N GLY A 14 2.25 18.88 12.84
CA GLY A 14 3.40 19.43 12.10
C GLY A 14 4.69 19.20 12.89
N GLY A 15 4.86 18.03 13.44
CA GLY A 15 6.10 17.75 14.22
C GLY A 15 7.26 17.47 13.27
N LYS A 16 7.47 16.22 12.94
CA LYS A 16 8.58 15.86 12.01
C LYS A 16 8.54 14.37 11.69
N VAL A 17 9.24 13.95 10.67
CA VAL A 17 9.23 12.49 10.31
C VAL A 17 10.62 12.06 9.86
N THR A 18 11.30 11.26 10.65
CA THR A 18 12.65 10.80 10.26
C THR A 18 12.55 9.41 9.61
N LEU A 19 12.90 9.29 8.36
CA LEU A 19 12.81 7.97 7.67
C LEU A 19 14.09 7.71 6.86
N SER A 20 14.87 6.75 7.26
CA SER A 20 16.12 6.44 6.52
C SER A 20 16.10 4.98 6.06
N CYS A 21 16.10 4.75 4.77
CA CYS A 21 16.09 3.35 4.25
C CYS A 21 17.37 3.07 3.45
N ASN A 22 17.97 1.94 3.67
CA ASN A 22 19.21 1.60 2.91
C ASN A 22 18.88 0.63 1.78
N GLN A 23 19.80 0.42 0.87
CA GLN A 23 19.52 -0.51 -0.26
C GLN A 23 20.79 -1.27 -0.65
N THR A 24 20.76 -2.57 -0.57
CA THR A 24 21.94 -3.40 -0.94
C THR A 24 21.59 -4.88 -0.81
N ASN A 25 20.51 -5.27 -1.43
CA ASN A 25 20.10 -6.71 -1.36
C ASN A 25 20.13 -7.30 -2.77
N ASN A 26 21.05 -6.82 -3.58
CA ASN A 26 21.17 -7.32 -4.99
C ASN A 26 19.99 -6.83 -5.82
N HIS A 27 19.57 -5.61 -5.60
CA HIS A 27 18.43 -5.05 -6.38
C HIS A 27 18.72 -3.61 -6.78
N ASN A 28 18.75 -3.34 -8.06
CA ASN A 28 19.04 -1.95 -8.52
C ASN A 28 17.77 -1.10 -8.54
N ASN A 29 16.63 -1.70 -8.28
CA ASN A 29 15.37 -0.91 -8.29
C ASN A 29 14.62 -1.08 -6.96
N MET A 30 14.47 -0.02 -6.21
CA MET A 30 13.75 -0.12 -4.91
C MET A 30 12.57 0.84 -4.89
N TYR A 31 11.49 0.46 -4.25
CA TYR A 31 10.30 1.35 -4.21
C TYR A 31 10.03 1.82 -2.78
N TRP A 32 9.23 2.84 -2.61
CA TRP A 32 8.92 3.35 -1.25
C TRP A 32 7.40 3.50 -1.08
N TYR A 33 6.84 2.85 -0.09
CA TYR A 33 5.36 2.94 0.11
C TYR A 33 5.04 3.40 1.54
N ARG A 34 3.79 3.70 1.80
CA ARG A 34 3.38 4.14 3.16
C ARG A 34 1.90 3.83 3.38
N GLN A 35 1.52 3.62 4.61
CA GLN A 35 0.09 3.30 4.90
C GLN A 35 -0.72 4.59 5.04
N ASP A 36 -1.99 4.55 4.73
CA ASP A 36 -2.83 5.77 4.83
C ASP A 36 -4.21 5.40 5.39
N THR A 37 -4.95 4.59 4.70
CA THR A 37 -6.30 4.19 5.18
C THR A 37 -6.20 2.86 5.92
N GLY A 38 -7.32 2.29 6.30
CA GLY A 38 -7.29 0.99 7.03
C GLY A 38 -6.61 -0.07 6.16
N HIS A 39 -6.80 -0.01 4.87
CA HIS A 39 -6.17 -1.02 3.97
C HIS A 39 -5.76 -0.38 2.64
N GLY A 40 -5.70 0.92 2.57
CA GLY A 40 -5.31 1.58 1.29
C GLY A 40 -3.85 2.03 1.38
N LEU A 41 -3.01 1.50 0.52
CA LEU A 41 -1.57 1.88 0.54
C LEU A 41 -1.38 3.25 -0.11
N ARG A 42 -0.17 3.70 -0.26
CA ARG A 42 0.08 5.03 -0.90
C ARG A 42 1.57 5.22 -1.20
N LEU A 43 1.96 5.03 -2.42
CA LEU A 43 3.40 5.22 -2.79
C LEU A 43 3.78 6.69 -2.66
N ILE A 44 5.01 6.97 -2.34
CA ILE A 44 5.43 8.41 -2.19
C ILE A 44 6.80 8.60 -2.84
N HIS A 45 7.66 7.63 -2.73
CA HIS A 45 9.02 7.76 -3.33
C HIS A 45 9.45 6.45 -4.00
N TYR A 46 10.42 6.51 -4.87
CA TYR A 46 10.90 5.27 -5.56
C TYR A 46 12.15 5.60 -6.38
N SER A 47 13.25 4.98 -6.08
CA SER A 47 14.50 5.27 -6.85
C SER A 47 15.27 3.97 -7.13
N TYR A 48 15.98 3.91 -8.23
CA TYR A 48 16.75 2.69 -8.56
C TYR A 48 18.24 3.01 -8.65
N GLY A 49 18.58 4.23 -9.03
CA GLY A 49 20.02 4.60 -9.15
C GLY A 49 20.37 5.63 -8.08
N ALA A 50 21.55 6.19 -8.14
CA ALA A 50 21.96 7.20 -7.13
C ALA A 50 21.64 8.61 -7.65
N GLY A 51 21.29 9.50 -6.76
CA GLY A 51 20.96 10.90 -7.19
C GLY A 51 19.74 10.88 -8.11
N SER A 52 18.72 10.15 -7.74
CA SER A 52 17.49 10.08 -8.59
C SER A 52 16.24 10.01 -7.71
N THR A 53 15.77 11.14 -7.25
CA THR A 53 14.55 11.15 -6.40
C THR A 53 13.33 11.60 -7.21
N GLU A 54 12.19 11.00 -6.94
CA GLU A 54 10.96 11.39 -7.70
C GLU A 54 9.74 11.32 -6.78
N LYS A 55 8.70 12.05 -7.10
CA LYS A 55 7.48 12.04 -6.25
C LYS A 55 6.58 10.86 -6.65
N GLY A 56 5.97 10.21 -5.69
CA GLY A 56 5.08 9.07 -6.02
C GLY A 56 3.65 9.56 -6.25
N ASP A 57 2.77 9.32 -5.32
CA ASP A 57 1.35 9.78 -5.49
C ASP A 57 1.21 11.23 -5.03
N ILE A 58 1.93 11.61 -4.01
CA ILE A 58 1.84 13.02 -3.51
C ILE A 58 2.77 13.93 -4.33
N PRO A 59 2.43 15.20 -4.39
CA PRO A 59 3.26 16.17 -5.15
C PRO A 59 4.67 16.28 -4.55
N ASP A 60 4.81 16.99 -3.47
CA ASP A 60 6.16 17.13 -2.84
C ASP A 60 6.06 17.93 -1.53
N GLY A 61 5.53 17.32 -0.50
CA GLY A 61 5.39 18.05 0.80
C GLY A 61 6.41 17.50 1.80
N TYR A 62 7.55 17.06 1.32
CA TYR A 62 8.60 16.51 2.24
C TYR A 62 10.00 16.77 1.69
N LYS A 63 11.01 16.43 2.44
CA LYS A 63 12.40 16.65 1.97
C LYS A 63 13.12 15.30 1.83
N ALA A 64 13.42 14.89 0.63
CA ALA A 64 14.11 13.58 0.44
C ALA A 64 15.33 13.74 -0.45
N SER A 65 16.27 12.83 -0.34
CA SER A 65 17.50 12.92 -1.18
C SER A 65 18.14 11.54 -1.33
N ARG A 66 18.88 11.34 -2.39
CA ARG A 66 19.56 10.02 -2.61
C ARG A 66 21.03 10.24 -2.95
N PRO A 67 21.81 10.57 -1.96
CA PRO A 67 23.26 10.81 -2.15
C PRO A 67 23.92 9.55 -2.73
N SER A 68 23.55 8.41 -2.22
CA SER A 68 24.14 7.13 -2.72
C SER A 68 23.03 6.11 -2.99
N GLN A 69 23.24 5.24 -3.94
CA GLN A 69 22.20 4.22 -4.25
C GLN A 69 21.96 3.31 -3.04
N GLU A 70 22.89 3.27 -2.12
CA GLU A 70 22.72 2.41 -0.91
C GLU A 70 22.18 3.23 0.26
N ASN A 71 22.46 4.50 0.28
CA ASN A 71 21.98 5.36 1.40
C ASN A 71 20.87 6.30 0.92
N PHE A 72 19.72 6.23 1.53
CA PHE A 72 18.61 7.13 1.11
C PHE A 72 17.97 7.79 2.34
N SER A 73 17.98 9.09 2.40
CA SER A 73 17.37 9.78 3.58
C SER A 73 16.20 10.66 3.13
N LEU A 74 15.17 10.74 3.93
CA LEU A 74 14.00 11.57 3.57
C LEU A 74 13.17 11.84 4.83
N ILE A 75 12.72 13.05 5.01
CA ILE A 75 11.92 13.39 6.23
C ILE A 75 10.85 14.43 5.91
N LEU A 76 10.00 14.71 6.86
CA LEU A 76 8.93 15.73 6.63
C LEU A 76 9.00 16.81 7.70
N GLU A 77 8.36 17.93 7.48
CA GLU A 77 8.40 19.03 8.49
C GLU A 77 6.98 19.56 8.75
N LEU A 78 5.97 18.87 8.30
CA LEU A 78 4.58 19.33 8.53
C LEU A 78 3.61 18.15 8.36
N ALA A 79 3.58 17.26 9.33
CA ALA A 79 2.68 16.09 9.23
C ALA A 79 1.28 16.44 9.77
N THR A 80 0.26 15.84 9.21
CA THR A 80 -1.13 16.12 9.68
C THR A 80 -1.80 14.82 10.12
N PRO A 81 -2.92 14.93 10.79
CA PRO A 81 -3.65 13.73 11.27
C PRO A 81 -4.22 12.92 10.08
N SER A 82 -3.38 12.60 9.12
CA SER A 82 -3.85 11.81 7.94
C SER A 82 -2.72 11.68 6.91
N GLN A 83 -1.49 11.69 7.36
CA GLN A 83 -0.34 11.58 6.40
C GLN A 83 0.76 10.68 6.98
N THR A 84 0.97 10.75 8.27
CA THR A 84 2.04 9.90 8.90
C THR A 84 1.81 8.41 8.59
N SER A 85 1.46 7.63 9.59
CA SER A 85 1.23 6.16 9.38
C SER A 85 2.57 5.41 9.39
N VAL A 86 2.72 4.40 8.57
CA VAL A 86 4.00 3.65 8.57
C VAL A 86 4.78 3.88 7.29
N TYR A 87 6.05 4.15 7.41
CA TYR A 87 6.89 4.40 6.20
C TYR A 87 7.90 3.26 6.02
N PHE A 88 7.81 2.52 4.94
CA PHE A 88 8.77 1.39 4.72
C PHE A 88 9.27 1.40 3.27
N CYS A 89 10.18 0.51 2.94
CA CYS A 89 10.72 0.47 1.55
C CYS A 89 11.11 -0.95 1.17
N ALA A 90 10.69 -1.40 0.01
CA ALA A 90 11.04 -2.79 -0.43
C ALA A 90 11.79 -2.76 -1.77
N SER A 91 12.71 -3.67 -1.96
CA SER A 91 13.47 -3.70 -3.24
C SER A 91 13.44 -5.11 -3.83
N GLY A 92 13.34 -5.21 -5.14
CA GLY A 92 13.32 -6.56 -5.78
C GLY A 92 14.12 -6.53 -7.08
N GLY A 93 14.31 -7.67 -7.69
CA GLY A 93 15.10 -7.70 -8.96
C GLY A 93 14.23 -7.17 -10.10
N GLN A 94 14.68 -7.34 -11.32
CA GLN A 94 13.87 -6.84 -12.48
C GLN A 94 13.09 -7.99 -13.12
N GLY A 95 11.82 -7.80 -13.37
CA GLY A 95 11.01 -8.88 -13.98
C GLY A 95 9.95 -9.35 -12.98
N ARG A 96 9.87 -10.62 -12.73
CA ARG A 96 8.86 -11.15 -11.76
C ARG A 96 9.54 -11.53 -10.45
N ALA A 97 9.55 -10.64 -9.49
CA ALA A 97 10.19 -10.94 -8.18
C ALA A 97 9.45 -10.22 -7.04
N GLU A 98 9.33 -10.85 -5.91
CA GLU A 98 8.62 -10.22 -4.77
C GLU A 98 9.50 -9.13 -4.14
N GLN A 99 8.94 -8.31 -3.28
CA GLN A 99 9.73 -7.24 -2.63
C GLN A 99 10.26 -7.71 -1.27
N PHE A 100 11.39 -7.21 -0.84
CA PHE A 100 11.94 -7.65 0.48
C PHE A 100 12.22 -6.44 1.38
N PHE A 101 11.22 -5.66 1.69
CA PHE A 101 11.45 -4.47 2.58
C PHE A 101 11.85 -4.95 3.98
N GLY A 102 12.49 -4.10 4.74
CA GLY A 102 12.92 -4.50 6.11
C GLY A 102 11.84 -4.09 7.13
N PRO A 103 12.26 -3.57 8.26
CA PRO A 103 11.29 -3.14 9.30
C PRO A 103 10.38 -2.04 8.76
N GLY A 104 9.85 -1.21 9.61
CA GLY A 104 8.96 -0.12 9.14
C GLY A 104 8.68 0.86 10.28
N THR A 105 8.81 2.14 10.03
CA THR A 105 8.54 3.14 11.10
C THR A 105 7.07 3.54 11.09
N ARG A 106 6.37 3.32 12.16
CA ARG A 106 4.92 3.70 12.21
C ARG A 106 4.67 4.67 13.35
N LEU A 107 4.38 5.91 13.04
CA LEU A 107 4.12 6.90 14.11
C LEU A 107 2.82 7.66 13.86
N THR A 108 2.39 8.45 14.82
CA THR A 108 1.14 9.23 14.64
C THR A 108 1.42 10.71 14.90
N VAL A 109 0.69 11.58 14.27
CA VAL A 109 0.93 13.04 14.48
C VAL A 109 -0.35 13.71 15.01
N LEU A 110 -0.30 14.22 16.22
CA LEU A 110 -1.51 14.88 16.80
C LEU A 110 -1.83 16.15 16.00
N GLY A 111 -3.01 16.68 16.18
CA GLY A 111 -3.39 17.92 15.43
C GLY A 111 -4.89 17.92 15.16
N SER A 112 -5.37 18.87 14.42
CA SER A 112 -6.83 18.93 14.13
C SER A 112 -7.11 19.90 12.98
N ASP A 113 -8.34 20.01 12.56
CA ASP A 113 -8.68 20.93 11.43
C ASP A 113 -8.42 22.39 11.87
N TYR A 114 -7.44 23.02 11.28
CA TYR A 114 -7.14 24.44 11.65
C TYR A 114 -8.11 25.40 10.94
N LYS A 115 -9.01 25.98 11.67
CA LYS A 115 -9.99 26.92 11.06
C LYS A 115 -10.44 27.97 12.07
N ASP A 116 -10.92 29.10 11.61
CA ASP A 116 -11.37 30.16 12.55
C ASP A 116 -12.61 29.68 13.33
N ASP A 117 -12.48 29.47 14.60
CA ASP A 117 -13.64 29.01 15.41
C ASP A 117 -14.74 30.08 15.42
N ASP A 118 -15.62 30.03 14.46
CA ASP A 118 -16.72 31.04 14.41
C ASP A 118 -17.82 30.57 13.46
N ASP A 119 -18.98 31.18 13.53
CA ASP A 119 -20.10 30.77 12.64
C ASP A 119 -21.18 31.86 12.60
N LYS A 120 -20.85 33.00 12.04
CA LYS A 120 -21.85 34.11 11.97
C LYS A 120 -22.42 34.23 10.56
N ARG A 121 -23.45 35.00 10.38
CA ARG A 121 -24.05 35.16 9.02
C ARG A 121 -23.41 36.35 8.29
N SER A 122 -22.24 36.16 7.74
CA SER A 122 -21.57 37.28 7.02
C SER A 122 -20.50 36.72 6.07
N GLY A 123 -20.07 37.52 5.12
CA GLY A 123 -19.03 37.03 4.16
C GLY A 123 -19.64 35.96 3.25
N GLY A 124 -18.88 35.49 2.30
CA GLY A 124 -19.41 34.44 1.37
C GLY A 124 -18.55 33.19 1.49
N GLY A 125 -18.92 32.13 0.81
CA GLY A 125 -18.14 30.88 0.88
C GLY A 125 -18.76 29.83 -0.05
N GLY A 126 -18.02 28.81 -0.39
CA GLY A 126 -18.56 27.76 -1.29
C GLY A 126 -18.83 26.48 -0.50
N SER A 127 -18.17 25.40 -0.85
CA SER A 127 -18.39 24.12 -0.11
C SER A 127 -17.10 23.30 -0.08
N GLY A 128 -16.04 23.86 0.42
CA GLY A 128 -14.75 23.11 0.47
C GLY A 128 -14.02 23.27 -0.87
N GLY A 129 -14.21 22.35 -1.77
CA GLY A 129 -13.53 22.44 -3.09
C GLY A 129 -12.74 21.16 -3.35
N GLY A 130 -12.14 20.60 -2.33
CA GLY A 130 -11.35 19.34 -2.52
C GLY A 130 -11.89 18.26 -1.60
N GLY A 131 -13.18 17.98 -1.69
CA GLY A 131 -13.77 16.92 -0.82
C GLY A 131 -15.07 16.41 -1.44
N SER A 132 -16.18 16.99 -1.07
CA SER A 132 -17.50 16.54 -1.64
C SER A 132 -17.65 15.02 -1.49
N GLY A 133 -17.12 14.46 -0.43
CA GLY A 133 -17.24 12.99 -0.24
C GLY A 133 -16.31 12.27 -1.21
N GLY A 134 -15.21 11.75 -0.72
CA GLY A 134 -14.26 11.02 -1.62
C GLY A 134 -12.84 11.54 -1.37
N SER A 135 -11.94 10.66 -1.04
CA SER A 135 -10.53 11.09 -0.79
C SER A 135 -9.55 10.24 -1.60
N GLY A 136 -8.87 10.84 -2.54
CA GLY A 136 -7.91 10.06 -3.37
C GLY A 136 -8.01 10.53 -4.83
N ALA A 137 -7.37 9.82 -5.73
CA ALA A 137 -7.42 10.22 -7.16
C ALA A 137 -7.32 8.98 -8.06
N GLN A 138 -8.00 8.98 -9.17
CA GLN A 138 -7.95 7.81 -10.10
C GLN A 138 -8.28 6.52 -9.34
N GLN A 139 -9.54 6.17 -9.27
CA GLN A 139 -9.92 4.92 -8.55
C GLN A 139 -10.27 3.81 -9.54
N GLN A 140 -9.35 2.91 -9.78
CA GLN A 140 -9.62 1.80 -10.75
C GLN A 140 -9.80 0.50 -9.97
N VAL A 141 -8.80 0.08 -9.24
CA VAL A 141 -8.92 -1.18 -8.45
C VAL A 141 -10.05 -1.07 -7.44
N ARG A 142 -10.99 -1.97 -7.48
CA ARG A 142 -12.12 -1.92 -6.52
C ARG A 142 -12.24 -3.26 -5.78
N GLN A 143 -11.66 -3.36 -4.62
CA GLN A 143 -11.73 -4.63 -3.84
C GLN A 143 -12.99 -4.63 -2.97
N SER A 144 -13.67 -5.75 -2.90
CA SER A 144 -14.91 -5.83 -2.06
C SER A 144 -14.66 -5.25 -0.65
N PRO A 145 -15.19 -4.08 -0.40
CA PRO A 145 -15.01 -3.44 0.92
C PRO A 145 -15.63 -4.28 2.04
N GLN A 146 -15.89 -3.69 3.17
CA GLN A 146 -16.52 -4.46 4.30
C GLN A 146 -15.70 -5.72 4.61
N SER A 147 -14.75 -5.63 5.48
CA SER A 147 -13.93 -6.83 5.82
C SER A 147 -14.75 -7.81 6.66
N LEU A 148 -14.17 -8.91 7.05
CA LEU A 148 -14.93 -9.91 7.86
C LEU A 148 -13.98 -10.96 8.44
N THR A 149 -14.47 -11.78 9.33
CA THR A 149 -13.61 -12.85 9.94
C THR A 149 -13.87 -14.19 9.25
N VAL A 150 -13.12 -15.20 9.62
CA VAL A 150 -13.33 -16.54 8.99
C VAL A 150 -13.88 -17.53 10.01
N TRP A 151 -14.35 -18.66 9.57
CA TRP A 151 -14.91 -19.68 10.52
C TRP A 151 -13.82 -20.66 10.96
N GLU A 152 -12.57 -20.31 10.76
CA GLU A 152 -11.46 -21.22 11.17
C GLU A 152 -11.63 -22.60 10.50
N GLY A 153 -11.08 -22.76 9.33
CA GLY A 153 -11.21 -24.07 8.62
C GLY A 153 -12.11 -23.91 7.40
N GLU A 154 -12.95 -22.91 7.39
CA GLU A 154 -13.87 -22.70 6.22
C GLU A 154 -13.08 -22.15 5.04
N THR A 155 -13.77 -21.67 4.04
CA THR A 155 -13.06 -21.11 2.84
C THR A 155 -13.31 -19.61 2.74
N THR A 156 -12.69 -18.95 1.79
CA THR A 156 -12.89 -17.47 1.65
C THR A 156 -12.89 -17.09 0.16
N ILE A 157 -13.60 -16.05 -0.18
CA ILE A 157 -13.64 -15.62 -1.61
C ILE A 157 -13.48 -14.09 -1.70
N LEU A 158 -12.35 -13.63 -2.16
CA LEU A 158 -12.12 -12.17 -2.28
C LEU A 158 -12.57 -11.66 -3.65
N ASN A 159 -12.72 -10.36 -3.79
CA ASN A 159 -13.15 -9.81 -5.11
C ASN A 159 -12.38 -8.52 -5.42
N CYS A 160 -12.01 -8.33 -6.66
CA CYS A 160 -11.25 -7.10 -7.04
C CYS A 160 -11.74 -6.57 -8.39
N SER A 161 -11.55 -5.31 -8.66
CA SER A 161 -12.01 -4.74 -9.95
C SER A 161 -10.89 -3.91 -10.58
N TYR A 162 -11.13 -3.34 -11.73
CA TYR A 162 -10.07 -2.51 -12.39
C TYR A 162 -10.68 -1.66 -13.51
N GLU A 163 -10.03 -0.60 -13.89
CA GLU A 163 -10.58 0.28 -14.97
C GLU A 163 -9.45 0.78 -15.87
N ASP A 164 -8.37 0.06 -15.95
CA ASP A 164 -7.23 0.49 -16.81
C ASP A 164 -7.35 -0.17 -18.19
N SER A 165 -6.70 0.39 -19.18
CA SER A 165 -6.78 -0.20 -20.55
C SER A 165 -5.38 -0.56 -21.05
N THR A 166 -4.49 -0.90 -20.16
CA THR A 166 -3.10 -1.26 -20.59
C THR A 166 -2.34 -1.90 -19.43
N PHE A 167 -3.01 -2.59 -18.55
CA PHE A 167 -2.32 -3.23 -17.40
C PHE A 167 -1.72 -4.57 -17.82
N ASP A 168 -0.60 -4.94 -17.27
CA ASP A 168 0.04 -6.24 -17.63
C ASP A 168 -0.50 -7.34 -16.72
N TYR A 169 -0.39 -7.15 -15.43
CA TYR A 169 -0.90 -8.19 -14.48
C TYR A 169 -1.34 -7.52 -13.18
N PHE A 170 -1.84 -8.28 -12.24
CA PHE A 170 -2.30 -7.69 -10.96
C PHE A 170 -1.53 -8.31 -9.77
N PRO A 171 -0.46 -7.65 -9.37
CA PRO A 171 0.35 -8.15 -8.23
C PRO A 171 -0.50 -8.25 -6.96
N TRP A 172 -1.03 -9.41 -6.67
CA TRP A 172 -1.87 -9.56 -5.44
C TRP A 172 -0.98 -9.51 -4.20
N TYR A 173 -0.59 -8.33 -3.79
CA TYR A 173 0.28 -8.20 -2.59
C TYR A 173 -0.48 -8.62 -1.32
N ARG A 174 0.20 -8.68 -0.21
CA ARG A 174 -0.48 -9.07 1.06
C ARG A 174 0.01 -8.17 2.21
N GLN A 175 -0.87 -7.36 2.75
CA GLN A 175 -0.46 -6.47 3.87
C GLN A 175 -0.91 -7.06 5.22
N PHE A 176 0.02 -7.32 6.09
CA PHE A 176 -0.34 -7.89 7.42
C PHE A 176 -0.60 -6.76 8.42
N PRO A 177 -1.21 -7.10 9.54
CA PRO A 177 -1.50 -6.09 10.58
C PRO A 177 -0.19 -5.48 11.11
N GLY A 178 0.87 -6.23 11.07
CA GLY A 178 2.17 -5.70 11.57
C GLY A 178 3.14 -6.87 11.76
N LYS A 179 3.43 -7.61 10.71
CA LYS A 179 4.36 -8.76 10.84
C LYS A 179 5.39 -8.74 9.71
N SER A 180 5.01 -9.16 8.53
CA SER A 180 5.97 -9.17 7.38
C SER A 180 5.22 -9.34 6.06
N PRO A 181 4.70 -8.25 5.54
CA PRO A 181 3.96 -8.29 4.26
C PRO A 181 4.87 -8.80 3.14
N ALA A 182 4.32 -8.96 1.96
CA ALA A 182 5.13 -9.45 0.79
C ALA A 182 4.22 -9.73 -0.40
N LEU A 183 4.78 -9.88 -1.57
CA LEU A 183 3.94 -10.15 -2.78
C LEU A 183 3.52 -11.63 -2.80
N LEU A 184 2.34 -11.90 -3.30
CA LEU A 184 1.87 -13.32 -3.35
C LEU A 184 2.09 -13.89 -4.75
N ILE A 185 1.31 -13.47 -5.71
CA ILE A 185 1.46 -13.97 -7.11
C ILE A 185 1.01 -12.92 -8.11
N ALA A 186 0.65 -13.34 -9.29
CA ALA A 186 0.19 -12.36 -10.33
C ALA A 186 -0.48 -13.11 -11.48
N ILE A 187 -1.33 -12.46 -12.23
CA ILE A 187 -2.00 -13.13 -13.38
C ILE A 187 -2.14 -12.16 -14.56
N SER A 188 -3.18 -12.30 -15.34
CA SER A 188 -3.37 -11.39 -16.51
C SER A 188 -4.84 -11.28 -16.86
N LEU A 189 -5.63 -12.03 -16.17
CA LEU A 189 -7.10 -12.04 -16.40
C LEU A 189 -7.42 -12.35 -17.86
N VAL A 190 -6.92 -13.45 -18.36
CA VAL A 190 -7.20 -13.82 -19.78
C VAL A 190 -7.70 -15.26 -19.86
N SER A 191 -8.12 -15.82 -18.77
CA SER A 191 -8.63 -17.22 -18.77
C SER A 191 -9.82 -17.35 -17.82
N ASN A 192 -10.74 -18.23 -18.11
CA ASN A 192 -11.93 -18.39 -17.22
C ASN A 192 -11.48 -18.65 -15.78
N LYS A 193 -10.31 -19.20 -15.60
CA LYS A 193 -9.83 -19.49 -14.21
C LYS A 193 -8.30 -19.61 -14.20
N LYS A 194 -7.68 -19.22 -13.12
CA LYS A 194 -6.19 -19.32 -13.03
C LYS A 194 -5.79 -19.75 -11.61
N GLU A 195 -4.68 -20.42 -11.46
CA GLU A 195 -4.24 -20.85 -10.11
C GLU A 195 -2.77 -20.51 -9.88
N ASP A 196 -2.44 -20.02 -8.71
CA ASP A 196 -1.02 -19.67 -8.43
C ASP A 196 -0.57 -20.30 -7.11
N GLY A 197 -0.34 -21.59 -7.11
CA GLY A 197 0.10 -22.27 -5.86
C GLY A 197 -1.06 -23.13 -5.33
N ARG A 198 -2.12 -22.50 -4.89
CA ARG A 198 -3.28 -23.27 -4.36
C ARG A 198 -4.59 -22.56 -4.70
N PHE A 199 -4.74 -21.34 -4.25
CA PHE A 199 -6.00 -20.59 -4.55
C PHE A 199 -6.11 -20.31 -6.05
N THR A 200 -7.32 -20.10 -6.53
CA THR A 200 -7.49 -19.81 -7.99
C THR A 200 -8.38 -18.58 -8.18
N ILE A 201 -8.33 -17.99 -9.34
CA ILE A 201 -9.17 -16.77 -9.59
C ILE A 201 -10.28 -17.10 -10.59
N PHE A 202 -11.34 -16.33 -10.60
CA PHE A 202 -12.45 -16.58 -11.56
C PHE A 202 -12.74 -15.31 -12.36
N PHE A 203 -13.15 -15.45 -13.59
CA PHE A 203 -13.46 -14.25 -14.43
C PHE A 203 -14.90 -13.78 -14.17
N ASN A 204 -15.06 -12.56 -13.73
CA ASN A 204 -16.43 -12.03 -13.46
C ASN A 204 -16.85 -11.07 -14.57
N LYS A 205 -17.70 -11.50 -15.45
CA LYS A 205 -18.17 -10.61 -16.56
C LYS A 205 -19.31 -9.72 -16.07
N ARG A 206 -20.07 -10.20 -15.13
CA ARG A 206 -21.21 -9.40 -14.60
C ARG A 206 -20.75 -8.00 -14.21
N GLU A 207 -19.49 -7.84 -13.89
CA GLU A 207 -18.98 -6.49 -13.50
C GLU A 207 -17.49 -6.36 -13.83
N LYS A 208 -17.00 -7.15 -14.76
CA LYS A 208 -15.56 -7.07 -15.14
C LYS A 208 -14.67 -7.15 -13.89
N LYS A 209 -15.07 -7.93 -12.91
CA LYS A 209 -14.25 -8.05 -11.67
C LYS A 209 -13.60 -9.44 -11.60
N LEU A 210 -12.76 -9.66 -10.62
CA LEU A 210 -12.10 -11.00 -10.50
C LEU A 210 -12.21 -11.50 -9.05
N SER A 211 -12.55 -12.74 -8.87
CA SER A 211 -12.67 -13.29 -7.49
C SER A 211 -11.81 -14.55 -7.33
N LEU A 212 -11.16 -14.70 -6.21
CA LEU A 212 -10.30 -15.90 -6.01
C LEU A 212 -10.84 -16.74 -4.84
N HIS A 213 -10.54 -18.01 -4.81
CA HIS A 213 -11.04 -18.88 -3.71
C HIS A 213 -9.89 -19.42 -2.87
N ILE A 214 -10.18 -19.85 -1.67
CA ILE A 214 -9.10 -20.40 -0.78
C ILE A 214 -9.74 -21.30 0.29
N THR A 215 -9.75 -22.59 0.06
CA THR A 215 -10.35 -23.52 1.04
C THR A 215 -9.26 -24.25 1.84
N ASP A 216 -9.62 -24.89 2.92
CA ASP A 216 -8.61 -25.62 3.74
C ASP A 216 -7.56 -24.64 4.28
N SER A 217 -8.00 -23.62 4.97
CA SER A 217 -7.04 -22.62 5.52
C SER A 217 -7.15 -22.56 7.04
N GLN A 218 -6.27 -21.84 7.69
CA GLN A 218 -6.31 -21.73 9.18
C GLN A 218 -5.24 -20.75 9.67
N PRO A 219 -3.99 -21.00 9.34
CA PRO A 219 -2.91 -20.09 9.77
C PRO A 219 -3.12 -18.69 9.18
N GLY A 220 -2.07 -17.92 9.05
CA GLY A 220 -2.22 -16.55 8.47
C GLY A 220 -2.30 -15.53 9.60
N ASP A 221 -2.91 -15.88 10.70
CA ASP A 221 -3.03 -14.92 11.83
C ASP A 221 -3.64 -13.60 11.35
N SER A 222 -4.69 -13.69 10.58
CA SER A 222 -5.35 -12.45 10.04
C SER A 222 -4.44 -11.75 9.05
N ALA A 223 -4.98 -11.32 7.93
CA ALA A 223 -4.15 -10.62 6.91
C ALA A 223 -5.06 -10.01 5.84
N THR A 224 -4.61 -8.95 5.22
CA THR A 224 -5.46 -8.30 4.18
C THR A 224 -4.86 -8.51 2.78
N TYR A 225 -5.62 -9.06 1.88
CA TYR A 225 -5.09 -9.29 0.49
C TYR A 225 -5.15 -7.99 -0.30
N PHE A 226 -4.01 -7.48 -0.70
CA PHE A 226 -3.99 -6.21 -1.48
C PHE A 226 -4.04 -6.50 -2.98
N CYS A 227 -4.97 -5.89 -3.67
CA CYS A 227 -5.09 -6.12 -5.14
C CYS A 227 -4.67 -4.85 -5.91
N ALA A 228 -3.83 -5.00 -6.89
CA ALA A 228 -3.37 -3.81 -7.66
C ALA A 228 -3.06 -4.21 -9.12
N ALA A 229 -2.56 -3.28 -9.89
CA ALA A 229 -2.24 -3.59 -11.32
C ALA A 229 -1.07 -2.74 -11.80
N THR A 230 -0.42 -3.15 -12.86
CA THR A 230 0.74 -2.35 -13.38
C THR A 230 1.06 -2.79 -14.81
N GLY A 231 1.82 -2.00 -15.53
CA GLY A 231 2.18 -2.37 -16.93
C GLY A 231 2.20 -1.12 -17.80
N SER A 232 2.94 -0.12 -17.40
CA SER A 232 3.00 1.14 -18.21
C SER A 232 4.14 2.03 -17.70
N PHE A 233 4.07 2.43 -16.47
CA PHE A 233 5.15 3.31 -15.90
C PHE A 233 5.79 2.62 -14.71
N ASN A 234 5.74 1.32 -14.66
CA ASN A 234 6.35 0.56 -13.52
C ASN A 234 5.67 0.96 -12.21
N LYS A 235 4.41 1.30 -12.26
CA LYS A 235 3.68 1.70 -11.02
C LYS A 235 2.56 0.70 -10.72
N LEU A 236 2.37 0.35 -9.48
CA LEU A 236 1.29 -0.61 -9.12
C LEU A 236 0.04 0.14 -8.64
N THR A 237 -1.02 0.09 -9.39
CA THR A 237 -2.26 0.80 -8.97
C THR A 237 -3.09 -0.10 -8.06
N PHE A 238 -3.18 0.24 -6.79
CA PHE A 238 -3.97 -0.60 -5.84
C PHE A 238 -5.31 0.07 -5.52
N GLY A 239 -6.23 -0.67 -4.96
CA GLY A 239 -7.56 -0.07 -4.61
C GLY A 239 -7.96 -0.51 -3.21
N ALA A 240 -7.07 -0.41 -2.25
CA ALA A 240 -7.39 -0.82 -0.86
C ALA A 240 -7.96 -2.24 -0.84
N GLY A 241 -7.12 -3.22 -0.68
CA GLY A 241 -7.59 -4.64 -0.65
C GLY A 241 -8.56 -4.83 0.52
N THR A 242 -8.83 -6.05 0.90
CA THR A 242 -9.77 -6.30 2.03
C THR A 242 -9.02 -6.94 3.20
N ARG A 243 -9.63 -6.95 4.36
CA ARG A 243 -8.96 -7.55 5.55
C ARG A 243 -9.66 -8.85 5.95
N LEU A 244 -8.92 -9.91 6.12
CA LEU A 244 -9.54 -11.21 6.52
C LEU A 244 -8.92 -11.72 7.82
N ALA A 245 -9.71 -11.83 8.86
CA ALA A 245 -9.16 -12.32 10.15
C ALA A 245 -9.54 -13.79 10.36
N VAL A 246 -8.60 -14.59 10.79
CA VAL A 246 -8.91 -16.04 11.01
C VAL A 246 -9.12 -16.30 12.50
N SER A 247 -10.20 -16.95 12.86
CA SER A 247 -10.47 -17.25 14.29
C SER A 247 -9.28 -17.98 14.92
N PRO A 248 -9.17 -17.90 16.23
CA PRO A 248 -8.06 -18.56 16.96
C PRO A 248 -8.13 -20.08 16.76
N TYR A 249 -7.48 -20.83 17.61
CA TYR A 249 -7.49 -22.31 17.48
C TYR A 249 -7.01 -22.97 18.78
#